data_3JZU
#
_entry.id   3JZU
#
_cell.length_a   163.855
_cell.length_b   163.855
_cell.length_c   318.684
_cell.angle_alpha   90.00
_cell.angle_beta   90.00
_cell.angle_gamma   120.00
#
_symmetry.space_group_name_H-M   'H 3'
#
loop_
_entity.id
_entity.type
_entity.pdbx_description
1 polymer 'Dipeptide Epimerase'
2 non-polymer LEUCINE
3 non-polymer TYROSINE
4 non-polymer 'MAGNESIUM ION'
5 water water
#
_entity_poly.entity_id   1
_entity_poly.type   'polypeptide(L)'
_entity_poly.pdbx_seq_one_letter_code
;MKIKQVHVRASKIKLKETFTIALGTIESADSAIVEIETEEGLVGYGEGGPGIFITGETLAGTLETIELFGQAIIGLNPFN
IEKIHEVMDKISAFAPAAKAAIDIACYDLMGQKAQLPLYQLLGGYDNQVITDITLGIDEPNVMAQKAVEKVKLGFDTLKI
KVGTGIEADIARVKAIREAVGFDIKLRLDANQAWTPKDAVKAIQALADYQIELVEQPVKRRDLEGLKYVTSQVNTTIMAD
ESCFDAQDALELVKKGTVDVINIKLMKCGGIHEALKINQICETAGIECMIGCMAEETTIGITAAAHLAAAQKNITRADLD
ATFGLETAPVTGGVSLEAKPLLELGEAAGLGISH
;
_entity_poly.pdbx_strand_id   A,B,C,D,E,F,G,H
#
loop_
_chem_comp.id
_chem_comp.type
_chem_comp.name
_chem_comp.formula
MG non-polymer 'MAGNESIUM ION' 'Mg 2'
#
# COMPACT_ATOMS: atom_id res chain seq x y z
N MET A 1 -21.58 26.47 39.24
CA MET A 1 -21.18 27.90 39.12
C MET A 1 -21.52 28.41 37.72
N LYS A 2 -21.54 29.72 37.55
CA LYS A 2 -21.89 30.28 36.24
C LYS A 2 -21.02 31.47 35.91
N ILE A 3 -20.62 31.56 34.64
CA ILE A 3 -19.80 32.67 34.18
C ILE A 3 -20.71 33.90 34.17
N LYS A 4 -20.25 34.97 34.80
CA LYS A 4 -20.98 36.22 34.90
C LYS A 4 -20.60 37.20 33.80
N GLN A 5 -19.30 37.40 33.62
CA GLN A 5 -18.78 38.28 32.59
C GLN A 5 -17.38 37.86 32.16
N VAL A 6 -16.98 38.31 30.97
CA VAL A 6 -15.67 37.99 30.42
C VAL A 6 -15.00 39.28 29.96
N HIS A 7 -13.83 39.56 30.50
CA HIS A 7 -13.09 40.77 30.14
C HIS A 7 -11.75 40.41 29.51
N VAL A 8 -11.33 41.18 28.52
CA VAL A 8 -10.06 40.91 27.87
C VAL A 8 -9.33 42.22 27.67
N ARG A 9 -8.00 42.17 27.70
CA ARG A 9 -7.19 43.36 27.50
C ARG A 9 -5.90 43.00 26.76
N ALA A 10 -5.35 43.96 26.02
CA ALA A 10 -4.12 43.75 25.28
C ALA A 10 -2.94 43.97 26.20
N SER A 11 -1.90 43.18 26.00
CA SER A 11 -0.69 43.29 26.78
C SER A 11 0.49 43.28 25.81
N LYS A 12 1.31 44.33 25.83
CA LYS A 12 2.47 44.40 24.95
C LYS A 12 3.72 44.51 25.80
N ILE A 13 4.54 43.47 25.81
CA ILE A 13 5.75 43.45 26.61
C ILE A 13 7.01 43.26 25.77
N LYS A 14 7.96 44.17 25.94
CA LYS A 14 9.21 44.09 25.19
C LYS A 14 10.04 42.92 25.69
N LEU A 15 10.82 42.31 24.81
CA LEU A 15 11.68 41.21 25.20
C LEU A 15 13.05 41.81 25.47
N LYS A 16 13.80 41.22 26.38
CA LYS A 16 15.12 41.73 26.72
C LYS A 16 16.05 41.70 25.50
N GLU A 17 15.75 40.82 24.55
CA GLU A 17 16.55 40.73 23.33
C GLU A 17 15.81 40.05 22.19
N THR A 18 15.95 40.61 21.00
CA THR A 18 15.29 40.06 19.82
C THR A 18 15.71 38.60 19.69
N PHE A 19 14.74 37.74 19.37
CA PHE A 19 15.01 36.32 19.23
C PHE A 19 14.90 35.94 17.77
N THR A 20 15.96 35.33 17.24
CA THR A 20 15.94 34.92 15.86
C THR A 20 15.83 33.41 15.68
N ILE A 21 14.87 32.99 14.86
CA ILE A 21 14.70 31.58 14.54
C ILE A 21 14.67 31.55 13.02
N ALA A 22 14.60 30.36 12.43
CA ALA A 22 14.61 30.24 10.98
C ALA A 22 13.47 31.00 10.29
N LEU A 23 12.33 31.11 10.98
CA LEU A 23 11.13 31.79 10.46
C LEU A 23 11.13 33.31 10.51
N GLY A 24 11.97 33.89 11.37
CA GLY A 24 12.01 35.33 11.50
C GLY A 24 12.44 35.75 12.89
N THR A 25 12.08 36.97 13.27
CA THR A 25 12.45 37.47 14.59
C THR A 25 11.23 37.84 15.40
N ILE A 26 11.42 37.92 16.72
CA ILE A 26 10.36 38.31 17.63
C ILE A 26 11.05 39.25 18.62
N GLU A 27 10.42 40.38 18.90
CA GLU A 27 11.03 41.35 19.80
C GLU A 27 10.06 41.86 20.85
N SER A 28 8.80 41.46 20.73
CA SER A 28 7.78 41.90 21.67
C SER A 28 6.75 40.80 21.92
N ALA A 29 6.43 40.57 23.18
CA ALA A 29 5.44 39.57 23.54
C ALA A 29 4.10 40.30 23.65
N ASP A 30 3.32 40.24 22.58
CA ASP A 30 2.01 40.91 22.56
C ASP A 30 0.93 39.85 22.70
N SER A 31 0.23 39.86 23.83
CA SER A 31 -0.80 38.86 24.08
C SER A 31 -2.12 39.45 24.54
N ALA A 32 -3.14 38.60 24.55
CA ALA A 32 -4.47 38.97 25.02
C ALA A 32 -4.68 38.27 26.35
N ILE A 33 -4.97 39.04 27.39
CA ILE A 33 -5.17 38.49 28.72
C ILE A 33 -6.66 38.61 29.06
N VAL A 34 -7.26 37.47 29.37
CA VAL A 34 -8.68 37.39 29.69
C VAL A 34 -8.92 37.09 31.17
N GLU A 35 -10.03 37.63 31.69
CA GLU A 35 -10.45 37.39 33.07
C GLU A 35 -11.91 36.98 33.02
N ILE A 36 -12.20 35.76 33.44
CA ILE A 36 -13.58 35.26 33.46
C ILE A 36 -14.07 35.28 34.89
N GLU A 37 -15.18 35.97 35.13
CA GLU A 37 -15.71 36.06 36.49
C GLU A 37 -17.03 35.31 36.58
N THR A 38 -17.21 34.61 37.69
CA THR A 38 -18.44 33.85 37.93
C THR A 38 -19.36 34.69 38.81
N GLU A 39 -20.63 34.33 38.85
CA GLU A 39 -21.58 35.08 39.66
C GLU A 39 -21.18 35.11 41.13
N GLU A 40 -20.61 34.01 41.61
CA GLU A 40 -20.19 33.90 43.02
C GLU A 40 -18.97 34.77 43.31
N GLY A 41 -18.29 35.24 42.27
CA GLY A 41 -17.14 36.09 42.48
C GLY A 41 -15.77 35.54 42.16
N LEU A 42 -15.68 34.26 41.79
CA LEU A 42 -14.37 33.68 41.45
C LEU A 42 -13.89 34.26 40.12
N VAL A 43 -12.59 34.47 40.00
CA VAL A 43 -12.03 35.01 38.77
C VAL A 43 -10.97 34.09 38.20
N GLY A 44 -11.07 33.82 36.89
CA GLY A 44 -10.11 32.97 36.23
C GLY A 44 -9.31 33.77 35.23
N TYR A 45 -8.02 33.44 35.08
CA TYR A 45 -7.16 34.16 34.17
C TYR A 45 -6.72 33.28 33.00
N GLY A 46 -6.76 33.86 31.82
CA GLY A 46 -6.36 33.14 30.62
C GLY A 46 -5.56 34.06 29.72
N GLU A 47 -4.91 33.49 28.73
CA GLU A 47 -4.10 34.28 27.81
C GLU A 47 -4.03 33.67 26.42
N GLY A 48 -3.98 34.55 25.43
CA GLY A 48 -3.86 34.15 24.05
C GLY A 48 -2.61 34.83 23.53
N GLY A 49 -1.56 34.06 23.30
CA GLY A 49 -0.31 34.62 22.79
C GLY A 49 -0.02 34.07 21.41
N PRO A 50 -0.47 34.77 20.35
CA PRO A 50 -0.28 34.33 18.97
C PRO A 50 1.10 34.55 18.34
N GLY A 51 1.57 33.54 17.61
CA GLY A 51 2.83 33.64 16.89
C GLY A 51 2.46 33.70 15.42
N ILE A 52 2.54 34.89 14.84
CA ILE A 52 2.17 35.10 13.45
C ILE A 52 2.89 34.19 12.44
N PHE A 53 4.19 33.97 12.61
CA PHE A 53 4.84 33.11 11.64
C PHE A 53 4.67 31.62 11.93
N ILE A 54 3.76 31.31 12.84
CA ILE A 54 3.47 29.91 13.16
C ILE A 54 2.02 29.59 12.79
N THR A 55 1.09 30.39 13.30
CA THR A 55 -0.34 30.20 13.06
C THR A 55 -1.00 31.32 12.26
N GLY A 56 -0.28 32.43 12.08
CA GLY A 56 -0.83 33.55 11.35
C GLY A 56 -1.73 34.44 12.19
N GLU A 57 -1.96 34.04 13.44
CA GLU A 57 -2.82 34.83 14.32
C GLU A 57 -2.14 36.13 14.72
N THR A 58 -2.97 37.14 14.96
CA THR A 58 -2.50 38.47 15.34
C THR A 58 -3.17 38.89 16.64
N LEU A 59 -2.59 39.88 17.32
CA LEU A 59 -3.21 40.32 18.56
C LEU A 59 -4.59 40.90 18.31
N ALA A 60 -4.74 41.71 17.26
CA ALA A 60 -6.03 42.31 16.98
C ALA A 60 -7.11 41.26 16.65
N GLY A 61 -6.71 40.25 15.87
CA GLY A 61 -7.65 39.20 15.52
C GLY A 61 -8.02 38.37 16.72
N THR A 62 -7.03 38.09 17.57
CA THR A 62 -7.26 37.31 18.79
C THR A 62 -8.18 38.06 19.75
N LEU A 63 -7.99 39.37 19.91
CA LEU A 63 -8.84 40.18 20.79
C LEU A 63 -10.29 40.15 20.31
N GLU A 64 -10.51 40.34 19.02
CA GLU A 64 -11.87 40.32 18.47
C GLU A 64 -12.52 38.95 18.71
N THR A 65 -11.79 37.88 18.43
CA THR A 65 -12.34 36.54 18.60
C THR A 65 -12.69 36.20 20.06
N ILE A 66 -11.83 36.59 20.98
CA ILE A 66 -12.07 36.34 22.39
C ILE A 66 -13.37 37.05 22.84
N GLU A 67 -13.57 38.28 22.36
CA GLU A 67 -14.78 39.02 22.70
C GLU A 67 -16.02 38.27 22.19
N LEU A 68 -15.92 37.70 21.01
CA LEU A 68 -17.04 36.94 20.43
C LEU A 68 -17.31 35.70 21.30
N PHE A 69 -16.23 35.02 21.69
CA PHE A 69 -16.34 33.84 22.54
C PHE A 69 -16.95 34.22 23.89
N GLY A 70 -16.43 35.29 24.48
CA GLY A 70 -16.90 35.76 25.78
C GLY A 70 -18.39 36.04 25.83
N GLN A 71 -18.88 36.75 24.82
CA GLN A 71 -20.29 37.07 24.78
C GLN A 71 -21.17 35.87 24.51
N ALA A 72 -20.55 34.74 24.15
CA ALA A 72 -21.33 33.52 23.89
C ALA A 72 -21.32 32.48 25.01
N ILE A 73 -20.50 32.68 26.03
CA ILE A 73 -20.44 31.70 27.12
C ILE A 73 -21.01 32.20 28.44
N ILE A 74 -21.65 33.36 28.42
CA ILE A 74 -22.26 33.92 29.61
C ILE A 74 -23.29 32.94 30.16
N GLY A 75 -23.18 32.61 31.45
CA GLY A 75 -24.13 31.69 32.05
C GLY A 75 -23.71 30.23 32.07
N LEU A 76 -22.63 29.91 31.36
CA LEU A 76 -22.15 28.54 31.31
C LEU A 76 -21.32 28.16 32.52
N ASN A 77 -21.24 26.87 32.82
CA ASN A 77 -20.44 26.39 33.94
C ASN A 77 -19.03 26.15 33.39
N PRO A 78 -18.00 26.72 34.02
CA PRO A 78 -16.60 26.57 33.62
C PRO A 78 -16.19 25.09 33.49
N PHE A 79 -16.83 24.24 34.29
CA PHE A 79 -16.54 22.80 34.27
C PHE A 79 -17.09 22.15 33.01
N ASN A 80 -18.03 22.80 32.34
CA ASN A 80 -18.58 22.25 31.11
C ASN A 80 -17.63 22.65 29.97
N ILE A 81 -16.38 22.23 30.10
CA ILE A 81 -15.34 22.56 29.13
C ILE A 81 -15.71 21.95 27.78
N GLU A 82 -16.50 20.89 27.82
CA GLU A 82 -16.95 20.24 26.59
C GLU A 82 -17.82 21.22 25.78
N LYS A 83 -18.83 21.82 26.41
CA LYS A 83 -19.68 22.76 25.70
C LYS A 83 -18.94 24.07 25.34
N ILE A 84 -18.06 24.52 26.22
CA ILE A 84 -17.32 25.75 25.96
C ILE A 84 -16.49 25.61 24.68
N HIS A 85 -15.83 24.47 24.48
CA HIS A 85 -15.10 24.31 23.23
C HIS A 85 -16.07 24.11 22.05
N GLU A 86 -17.21 23.46 22.28
CA GLU A 86 -18.18 23.26 21.19
C GLU A 86 -18.65 24.64 20.69
N VAL A 87 -18.98 25.51 21.63
CA VAL A 87 -19.44 26.85 21.30
C VAL A 87 -18.39 27.63 20.52
N MET A 88 -17.14 27.61 21.00
CA MET A 88 -16.08 28.31 20.31
C MET A 88 -15.81 27.73 18.92
N ASP A 89 -15.85 26.40 18.82
CA ASP A 89 -15.58 25.75 17.54
C ASP A 89 -16.66 26.07 16.50
N LYS A 90 -17.89 26.31 16.95
CA LYS A 90 -18.97 26.66 16.04
C LYS A 90 -18.84 28.13 15.62
N ILE A 91 -18.24 28.94 16.49
CA ILE A 91 -18.04 30.36 16.21
C ILE A 91 -16.87 30.56 15.23
N SER A 92 -15.74 29.92 15.51
CA SER A 92 -14.54 30.05 14.68
C SER A 92 -13.92 28.72 14.27
N ALA A 93 -13.66 28.58 12.97
CA ALA A 93 -13.05 27.38 12.44
C ALA A 93 -11.57 27.28 12.80
N PHE A 94 -10.96 28.40 13.20
CA PHE A 94 -9.54 28.39 13.55
C PHE A 94 -9.09 29.62 14.31
N ALA A 95 -8.80 29.46 15.59
CA ALA A 95 -8.33 30.58 16.43
C ALA A 95 -7.77 29.97 17.71
N PRO A 96 -6.68 29.20 17.59
CA PRO A 96 -6.09 28.56 18.77
C PRO A 96 -5.70 29.43 19.96
N ALA A 97 -5.23 30.65 19.70
CA ALA A 97 -4.84 31.53 20.81
C ALA A 97 -6.06 32.05 21.54
N ALA A 98 -7.11 32.40 20.81
CA ALA A 98 -8.31 32.92 21.45
C ALA A 98 -8.98 31.81 22.24
N LYS A 99 -9.03 30.62 21.64
CA LYS A 99 -9.65 29.49 22.31
C LYS A 99 -8.87 29.11 23.56
N ALA A 100 -7.53 29.13 23.48
CA ALA A 100 -6.68 28.82 24.62
C ALA A 100 -6.90 29.82 25.74
N ALA A 101 -7.05 31.09 25.37
CA ALA A 101 -7.27 32.15 26.35
C ALA A 101 -8.51 31.84 27.20
N ILE A 102 -9.61 31.50 26.54
CA ILE A 102 -10.85 31.18 27.24
C ILE A 102 -10.69 29.89 28.04
N ASP A 103 -10.17 28.85 27.36
CA ASP A 103 -9.95 27.53 27.95
C ASP A 103 -9.10 27.63 29.22
N ILE A 104 -7.97 28.33 29.16
CA ILE A 104 -7.10 28.45 30.33
C ILE A 104 -7.82 29.10 31.51
N ALA A 105 -8.54 30.19 31.25
CA ALA A 105 -9.29 30.87 32.31
C ALA A 105 -10.29 29.90 32.95
N CYS A 106 -10.95 29.07 32.15
CA CYS A 106 -11.91 28.12 32.68
C CYS A 106 -11.24 27.11 33.59
N TYR A 107 -10.08 26.61 33.18
CA TYR A 107 -9.39 25.65 34.02
C TYR A 107 -8.91 26.32 35.30
N ASP A 108 -8.57 27.61 35.23
CA ASP A 108 -8.13 28.34 36.41
C ASP A 108 -9.32 28.38 37.38
N LEU A 109 -10.51 28.64 36.84
CA LEU A 109 -11.73 28.68 37.65
C LEU A 109 -12.06 27.30 38.25
N MET A 110 -11.90 26.24 37.46
CA MET A 110 -12.16 24.89 37.94
C MET A 110 -11.30 24.65 39.17
N GLY A 111 -10.02 24.96 39.05
CA GLY A 111 -9.11 24.78 40.15
C GLY A 111 -9.49 25.58 41.37
N GLN A 112 -9.85 26.85 41.18
CA GLN A 112 -10.25 27.70 42.30
C GLN A 112 -11.50 27.15 42.97
N LYS A 113 -12.46 26.72 42.17
CA LYS A 113 -13.71 26.18 42.70
C LYS A 113 -13.46 24.89 43.49
N ALA A 114 -12.58 24.04 42.95
CA ALA A 114 -12.24 22.77 43.59
C ALA A 114 -11.27 22.97 44.74
N GLN A 115 -10.63 24.13 44.79
CA GLN A 115 -9.64 24.44 45.82
C GLN A 115 -8.45 23.47 45.69
N LEU A 116 -7.98 23.34 44.46
CA LEU A 116 -6.86 22.46 44.15
C LEU A 116 -5.96 23.04 43.08
N PRO A 117 -4.64 22.76 43.16
CA PRO A 117 -3.71 23.26 42.16
C PRO A 117 -4.14 22.61 40.85
N LEU A 118 -4.03 23.33 39.75
CA LEU A 118 -4.44 22.78 38.47
C LEU A 118 -3.75 21.44 38.13
N TYR A 119 -2.48 21.29 38.47
CA TYR A 119 -1.78 20.04 38.16
C TYR A 119 -2.40 18.80 38.83
N GLN A 120 -3.17 19.00 39.91
CA GLN A 120 -3.83 17.87 40.57
C GLN A 120 -5.05 17.46 39.78
N LEU A 121 -5.78 18.45 39.29
CA LEU A 121 -6.98 18.18 38.49
C LEU A 121 -6.65 17.54 37.15
N LEU A 122 -5.50 17.88 36.58
CA LEU A 122 -5.11 17.37 35.27
C LEU A 122 -4.35 16.04 35.20
N GLY A 123 -4.11 15.39 36.35
CA GLY A 123 -3.40 14.12 36.32
C GLY A 123 -2.56 13.85 37.56
N GLY A 124 -2.10 14.91 38.20
CA GLY A 124 -1.32 14.80 39.42
C GLY A 124 -0.02 13.99 39.44
N TYR A 125 0.61 13.77 38.28
CA TYR A 125 1.85 12.99 38.28
C TYR A 125 2.99 13.67 39.02
N ASP A 126 3.07 15.00 38.96
CA ASP A 126 4.13 15.74 39.63
C ASP A 126 3.63 17.17 39.90
N ASN A 127 4.40 17.94 40.67
CA ASN A 127 4.04 19.33 41.00
C ASN A 127 5.09 20.33 40.51
N GLN A 128 5.87 19.93 39.52
CA GLN A 128 6.90 20.80 38.99
C GLN A 128 7.36 20.29 37.66
N VAL A 129 8.07 21.14 36.93
CA VAL A 129 8.62 20.76 35.64
C VAL A 129 9.98 21.40 35.46
N ILE A 130 10.88 20.67 34.81
CA ILE A 130 12.22 21.16 34.54
C ILE A 130 12.24 21.55 33.07
N THR A 131 12.54 22.80 32.79
CA THR A 131 12.56 23.25 31.41
C THR A 131 13.94 23.51 30.85
N ASP A 132 14.05 23.49 29.53
CA ASP A 132 15.32 23.78 28.88
C ASP A 132 15.24 25.28 28.66
N ILE A 133 16.21 25.80 27.93
CA ILE A 133 16.18 27.21 27.58
C ILE A 133 16.71 27.23 26.16
N THR A 134 16.04 28.01 25.32
CA THR A 134 16.40 28.12 23.91
C THR A 134 17.42 29.23 23.64
N LEU A 135 18.37 28.93 22.75
CA LEU A 135 19.39 29.89 22.33
C LEU A 135 18.98 30.28 20.90
N GLY A 136 18.85 31.58 20.64
CA GLY A 136 18.46 32.03 19.31
C GLY A 136 19.59 31.92 18.32
N ILE A 137 19.26 31.94 17.02
CA ILE A 137 20.26 31.84 15.97
C ILE A 137 21.26 32.98 16.02
N ASP A 138 22.54 32.65 15.95
CA ASP A 138 23.60 33.64 15.96
C ASP A 138 24.89 32.98 15.48
N GLU A 139 26.01 33.68 15.57
CA GLU A 139 27.30 33.13 15.15
C GLU A 139 27.70 32.02 16.11
N PRO A 140 28.41 30.99 15.61
CA PRO A 140 28.84 29.88 16.45
C PRO A 140 29.49 30.29 17.78
N ASN A 141 30.54 31.12 17.72
CA ASN A 141 31.19 31.52 18.96
C ASN A 141 30.28 32.27 19.93
N VAL A 142 29.32 33.03 19.39
CA VAL A 142 28.39 33.76 20.23
C VAL A 142 27.44 32.78 20.93
N MET A 143 26.79 31.93 20.15
CA MET A 143 25.87 30.94 20.72
C MET A 143 26.59 30.08 21.76
N ALA A 144 27.82 29.69 21.44
CA ALA A 144 28.61 28.86 22.35
C ALA A 144 28.84 29.58 23.68
N GLN A 145 29.14 30.87 23.59
CA GLN A 145 29.37 31.69 24.79
C GLN A 145 28.10 31.81 25.62
N LYS A 146 26.98 32.05 24.96
CA LYS A 146 25.69 32.16 25.64
C LYS A 146 25.33 30.82 26.24
N ALA A 147 25.77 29.74 25.59
CA ALA A 147 25.47 28.41 26.10
C ALA A 147 26.17 28.25 27.43
N VAL A 148 27.41 28.71 27.51
CA VAL A 148 28.16 28.62 28.76
C VAL A 148 27.42 29.40 29.84
N GLU A 149 26.94 30.59 29.48
CA GLU A 149 26.20 31.42 30.42
C GLU A 149 24.98 30.67 30.98
N LYS A 150 24.13 30.16 30.09
CA LYS A 150 22.93 29.45 30.52
C LYS A 150 23.22 28.23 31.41
N VAL A 151 24.28 27.50 31.10
CA VAL A 151 24.64 26.34 31.91
C VAL A 151 25.04 26.79 33.31
N LYS A 152 25.65 27.96 33.41
CA LYS A 152 26.07 28.48 34.72
C LYS A 152 24.82 28.85 35.52
N LEU A 153 23.73 29.16 34.83
CA LEU A 153 22.48 29.51 35.49
C LEU A 153 21.82 28.24 36.00
N GLY A 154 22.41 27.10 35.67
CA GLY A 154 21.87 25.82 36.12
C GLY A 154 21.14 24.97 35.09
N PHE A 155 21.09 25.41 33.84
CA PHE A 155 20.41 24.64 32.80
C PHE A 155 21.25 23.46 32.33
N ASP A 156 20.66 22.26 32.34
CA ASP A 156 21.34 21.06 31.89
C ASP A 156 20.88 20.62 30.50
N THR A 157 19.88 21.30 29.96
CA THR A 157 19.40 21.01 28.61
C THR A 157 19.22 22.31 27.86
N LEU A 158 19.87 22.40 26.70
CA LEU A 158 19.79 23.61 25.87
C LEU A 158 19.10 23.32 24.54
N LYS A 159 18.22 24.20 24.11
CA LYS A 159 17.54 24.05 22.83
C LYS A 159 18.23 24.99 21.87
N ILE A 160 18.87 24.42 20.85
CA ILE A 160 19.63 25.19 19.85
C ILE A 160 18.83 25.46 18.58
N LYS A 161 18.68 26.74 18.26
CA LYS A 161 17.99 27.11 17.04
C LYS A 161 19.00 27.07 15.91
N VAL A 162 18.59 26.52 14.77
CA VAL A 162 19.45 26.45 13.61
C VAL A 162 18.60 26.69 12.38
N GLY A 163 19.22 26.83 11.21
CA GLY A 163 18.44 27.02 10.00
C GLY A 163 18.82 28.08 8.99
N THR A 164 20.11 28.42 8.88
CA THR A 164 20.53 29.41 7.89
C THR A 164 21.30 28.70 6.79
N GLY A 165 21.56 27.42 7.01
CA GLY A 165 22.31 26.60 6.06
C GLY A 165 23.02 25.52 6.86
N ILE A 166 22.95 24.28 6.41
CA ILE A 166 23.58 23.19 7.17
C ILE A 166 25.05 23.43 7.47
N GLU A 167 25.75 24.10 6.57
CA GLU A 167 27.17 24.38 6.77
C GLU A 167 27.33 25.16 8.08
N ALA A 168 26.67 26.31 8.17
CA ALA A 168 26.74 27.15 9.37
C ALA A 168 26.04 26.51 10.56
N ASP A 169 24.93 25.82 10.32
CA ASP A 169 24.18 25.18 11.40
C ASP A 169 25.03 24.13 12.10
N ILE A 170 25.82 23.40 11.32
CA ILE A 170 26.68 22.35 11.86
C ILE A 170 27.78 23.00 12.72
N ALA A 171 28.30 24.13 12.25
CA ALA A 171 29.34 24.85 12.96
C ALA A 171 28.82 25.39 14.30
N ARG A 172 27.56 25.81 14.31
CA ARG A 172 26.97 26.33 15.54
C ARG A 172 26.95 25.24 16.61
N VAL A 173 26.45 24.05 16.25
CA VAL A 173 26.37 22.94 17.19
C VAL A 173 27.74 22.45 17.69
N LYS A 174 28.70 22.31 16.78
CA LYS A 174 30.04 21.86 17.17
C LYS A 174 30.63 22.81 18.20
N ALA A 175 30.56 24.10 17.91
CA ALA A 175 31.09 25.11 18.80
C ALA A 175 30.38 25.02 20.16
N ILE A 176 29.06 24.87 20.14
CA ILE A 176 28.34 24.78 21.41
C ILE A 176 28.73 23.55 22.22
N ARG A 177 28.78 22.39 21.57
CA ARG A 177 29.14 21.17 22.29
C ARG A 177 30.55 21.31 22.86
N GLU A 178 31.46 21.81 22.05
CA GLU A 178 32.84 22.00 22.43
C GLU A 178 32.98 22.90 23.66
N ALA A 179 32.14 23.93 23.73
CA ALA A 179 32.19 24.87 24.83
C ALA A 179 31.60 24.37 26.15
N VAL A 180 30.49 23.65 26.08
CA VAL A 180 29.85 23.17 27.30
C VAL A 180 30.18 21.73 27.69
N GLY A 181 30.77 20.97 26.79
CA GLY A 181 31.10 19.58 27.09
C GLY A 181 29.90 18.67 26.91
N PHE A 182 30.09 17.38 27.11
CA PHE A 182 29.04 16.38 26.92
C PHE A 182 28.08 16.09 28.08
N ASP A 183 28.20 16.81 29.19
CA ASP A 183 27.32 16.58 30.33
C ASP A 183 25.97 17.28 30.12
N ILE A 184 25.92 18.14 29.11
CA ILE A 184 24.72 18.90 28.80
C ILE A 184 23.92 18.27 27.65
N LYS A 185 22.60 18.24 27.77
CA LYS A 185 21.79 17.69 26.70
C LYS A 185 21.49 18.80 25.71
N LEU A 186 21.72 18.51 24.43
CA LEU A 186 21.48 19.50 23.40
C LEU A 186 20.40 19.03 22.41
N ARG A 187 19.33 19.80 22.30
CA ARG A 187 18.28 19.47 21.34
C ARG A 187 18.30 20.59 20.30
N LEU A 188 18.18 20.20 19.03
CA LEU A 188 18.20 21.17 17.95
C LEU A 188 16.78 21.44 17.44
N ASP A 189 16.56 22.64 16.92
CA ASP A 189 15.27 23.03 16.35
C ASP A 189 15.55 23.81 15.07
N ALA A 190 15.21 23.23 13.93
CA ALA A 190 15.47 23.90 12.65
C ALA A 190 14.32 24.71 12.11
N ASN A 191 13.20 24.73 12.84
CA ASN A 191 12.02 25.45 12.39
C ASN A 191 11.79 25.35 10.88
N GLN A 192 11.73 24.13 10.37
CA GLN A 192 11.45 23.83 8.96
C GLN A 192 12.45 24.28 7.90
N ALA A 193 13.64 24.68 8.32
CA ALA A 193 14.63 25.20 7.38
C ALA A 193 15.34 24.25 6.40
N TRP A 194 15.36 22.95 6.69
CA TRP A 194 16.10 22.03 5.82
C TRP A 194 15.27 21.13 4.91
N THR A 195 15.90 20.70 3.81
CA THR A 195 15.27 19.76 2.89
C THR A 195 15.49 18.41 3.58
N PRO A 196 14.69 17.39 3.23
CA PRO A 196 14.83 16.06 3.84
C PRO A 196 16.25 15.47 3.75
N LYS A 197 16.92 15.67 2.63
CA LYS A 197 18.27 15.13 2.45
C LYS A 197 19.32 15.94 3.21
N ASP A 198 19.19 17.26 3.21
CA ASP A 198 20.14 18.10 3.93
C ASP A 198 20.01 17.79 5.42
N ALA A 199 18.77 17.52 5.84
CA ALA A 199 18.48 17.20 7.24
C ALA A 199 19.27 15.96 7.66
N VAL A 200 19.10 14.88 6.90
CA VAL A 200 19.82 13.65 7.16
C VAL A 200 21.33 13.91 7.16
N LYS A 201 21.79 14.70 6.20
CA LYS A 201 23.20 15.02 6.09
C LYS A 201 23.73 15.77 7.31
N ALA A 202 22.99 16.77 7.77
CA ALA A 202 23.41 17.54 8.93
C ALA A 202 23.41 16.68 10.18
N ILE A 203 22.33 15.94 10.39
CA ILE A 203 22.22 15.07 11.55
C ILE A 203 23.35 14.03 11.59
N GLN A 204 23.70 13.48 10.44
CA GLN A 204 24.78 12.48 10.39
C GLN A 204 26.13 13.12 10.67
N ALA A 205 26.30 14.37 10.22
CA ALA A 205 27.55 15.09 10.42
C ALA A 205 27.74 15.42 11.89
N LEU A 206 26.65 15.38 12.65
CA LEU A 206 26.68 15.68 14.08
C LEU A 206 26.50 14.42 14.91
N ALA A 207 26.78 13.27 14.30
CA ALA A 207 26.62 11.99 15.00
C ALA A 207 27.49 11.89 16.24
N ASP A 208 28.70 12.40 16.16
CA ASP A 208 29.63 12.33 17.28
C ASP A 208 29.50 13.48 18.27
N TYR A 209 28.44 14.28 18.14
CA TYR A 209 28.26 15.40 19.05
C TYR A 209 27.12 15.19 20.03
N GLN A 210 26.63 13.96 20.09
CA GLN A 210 25.58 13.58 21.03
C GLN A 210 24.35 14.49 21.01
N ILE A 211 23.59 14.42 19.93
CA ILE A 211 22.39 15.22 19.77
C ILE A 211 21.18 14.46 20.34
N GLU A 212 20.46 15.08 21.28
CA GLU A 212 19.31 14.43 21.89
C GLU A 212 18.16 14.21 20.90
N LEU A 213 17.79 15.25 20.17
CA LEU A 213 16.71 15.18 19.20
C LEU A 213 16.80 16.41 18.29
N VAL A 214 16.11 16.34 17.16
CA VAL A 214 16.06 17.43 16.20
C VAL A 214 14.60 17.74 15.99
N GLU A 215 14.21 18.98 16.25
CA GLU A 215 12.82 19.41 16.12
C GLU A 215 12.51 19.98 14.72
N GLN A 216 11.37 19.58 14.17
CA GLN A 216 10.88 20.01 12.86
C GLN A 216 11.95 20.37 11.83
N PRO A 217 12.70 19.38 11.35
CA PRO A 217 13.76 19.61 10.36
C PRO A 217 13.31 20.10 9.00
N VAL A 218 12.08 19.74 8.60
CA VAL A 218 11.54 20.12 7.30
C VAL A 218 10.23 20.92 7.36
N LYS A 219 9.81 21.40 6.19
CA LYS A 219 8.59 22.17 6.05
C LYS A 219 7.41 21.47 6.72
N ARG A 220 6.53 22.26 7.34
CA ARG A 220 5.37 21.73 8.04
C ARG A 220 4.50 20.77 7.24
N ARG A 221 4.27 21.06 5.98
CA ARG A 221 3.42 20.21 5.15
C ARG A 221 4.11 19.00 4.55
N ASP A 222 5.43 18.97 4.61
CA ASP A 222 6.19 17.86 4.04
C ASP A 222 6.27 16.65 4.98
N LEU A 223 5.13 16.00 5.20
CA LEU A 223 5.07 14.83 6.08
C LEU A 223 5.83 13.63 5.53
N GLU A 224 5.89 13.50 4.21
CA GLU A 224 6.62 12.40 3.61
C GLU A 224 8.10 12.64 3.86
N GLY A 225 8.49 13.90 3.76
CA GLY A 225 9.87 14.28 3.99
C GLY A 225 10.26 14.20 5.46
N LEU A 226 9.31 14.50 6.34
CA LEU A 226 9.57 14.45 7.77
C LEU A 226 9.78 12.99 8.15
N LYS A 227 8.95 12.11 7.61
CA LYS A 227 9.07 10.68 7.88
C LYS A 227 10.39 10.14 7.32
N TYR A 228 10.80 10.67 6.17
CA TYR A 228 12.05 10.23 5.55
C TYR A 228 13.18 10.44 6.54
N VAL A 229 13.26 11.66 7.09
CA VAL A 229 14.29 12.00 8.05
C VAL A 229 14.23 11.01 9.21
N THR A 230 13.04 10.86 9.79
CA THR A 230 12.81 9.98 10.93
C THR A 230 13.24 8.52 10.70
N SER A 231 12.97 8.01 9.50
CA SER A 231 13.32 6.63 9.20
C SER A 231 14.75 6.48 8.69
N GLN A 232 15.46 7.59 8.56
CA GLN A 232 16.84 7.55 8.07
C GLN A 232 17.91 7.79 9.13
N VAL A 233 17.50 8.23 10.32
CA VAL A 233 18.47 8.49 11.38
C VAL A 233 18.06 7.86 12.69
N ASN A 234 19.04 7.54 13.52
CA ASN A 234 18.78 6.95 14.82
C ASN A 234 18.47 8.06 15.80
N THR A 235 18.74 9.29 15.38
CA THR A 235 18.48 10.46 16.20
C THR A 235 16.96 10.66 16.29
N THR A 236 16.50 10.95 17.51
CA THR A 236 15.08 11.20 17.79
C THR A 236 14.60 12.42 17.02
N ILE A 237 13.47 12.30 16.33
CA ILE A 237 12.90 13.40 15.56
C ILE A 237 11.57 13.87 16.15
N MET A 238 11.45 15.19 16.32
CA MET A 238 10.25 15.77 16.90
C MET A 238 9.51 16.66 15.92
N ALA A 239 8.18 16.58 15.95
CA ALA A 239 7.35 17.40 15.10
C ALA A 239 6.84 18.57 15.92
N ASP A 240 6.84 19.75 15.32
CA ASP A 240 6.32 20.93 16.00
C ASP A 240 5.27 21.55 15.10
N GLU A 241 5.71 22.34 14.12
CA GLU A 241 4.75 22.97 13.22
C GLU A 241 3.89 21.94 12.47
N SER A 242 4.41 20.73 12.28
CA SER A 242 3.63 19.70 11.58
C SER A 242 2.45 19.20 12.42
N CYS A 243 2.46 19.53 13.72
CA CYS A 243 1.38 19.09 14.59
C CYS A 243 0.73 20.19 15.44
N PHE A 244 -0.42 20.68 14.98
CA PHE A 244 -1.16 21.71 15.70
C PHE A 244 -2.15 21.10 16.69
N ASP A 245 -2.98 20.16 16.24
CA ASP A 245 -3.98 19.57 17.11
C ASP A 245 -4.02 18.05 17.14
N ALA A 246 -5.06 17.55 17.79
CA ALA A 246 -5.28 16.11 17.95
C ALA A 246 -5.46 15.45 16.59
N GLN A 247 -6.09 16.16 15.66
CA GLN A 247 -6.29 15.59 14.34
C GLN A 247 -4.94 15.40 13.65
N ASP A 248 -4.05 16.38 13.75
CA ASP A 248 -2.72 16.28 13.15
C ASP A 248 -1.96 15.13 13.80
N ALA A 249 -2.10 15.00 15.12
CA ALA A 249 -1.40 13.97 15.88
C ALA A 249 -1.81 12.58 15.43
N LEU A 250 -3.12 12.39 15.25
CA LEU A 250 -3.63 11.10 14.81
C LEU A 250 -3.04 10.79 13.43
N GLU A 251 -2.91 11.81 12.60
CA GLU A 251 -2.34 11.62 11.28
C GLU A 251 -0.86 11.20 11.35
N LEU A 252 -0.09 11.85 12.22
CA LEU A 252 1.33 11.52 12.37
C LEU A 252 1.53 10.10 12.95
N VAL A 253 0.73 9.75 13.95
CA VAL A 253 0.86 8.42 14.55
C VAL A 253 0.54 7.35 13.51
N LYS A 254 -0.48 7.63 12.70
CA LYS A 254 -0.92 6.72 11.66
C LYS A 254 0.19 6.44 10.65
N LYS A 255 0.94 7.48 10.29
CA LYS A 255 2.01 7.34 9.31
C LYS A 255 3.39 7.06 9.90
N GLY A 256 3.51 7.07 11.23
CA GLY A 256 4.79 6.85 11.88
C GLY A 256 5.76 7.95 11.53
N THR A 257 5.23 9.15 11.29
CA THR A 257 6.04 10.30 10.88
C THR A 257 7.18 10.76 11.79
N VAL A 258 6.97 10.71 13.10
CA VAL A 258 7.99 11.18 14.04
C VAL A 258 8.06 10.37 15.34
N ASP A 259 9.08 10.65 16.16
CA ASP A 259 9.29 9.94 17.42
C ASP A 259 8.73 10.66 18.64
N VAL A 260 8.65 12.00 18.56
CA VAL A 260 8.14 12.82 19.65
C VAL A 260 7.35 14.00 19.09
N ILE A 261 6.41 14.51 19.86
CA ILE A 261 5.62 15.64 19.40
C ILE A 261 5.61 16.83 20.38
N ASN A 262 5.76 18.03 19.83
CA ASN A 262 5.78 19.28 20.59
C ASN A 262 4.35 19.80 20.76
N ILE A 263 3.90 19.93 21.99
CA ILE A 263 2.56 20.44 22.28
C ILE A 263 2.61 21.90 22.73
N LYS A 264 1.76 22.74 22.14
CA LYS A 264 1.68 24.16 22.53
C LYS A 264 0.20 24.50 22.72
N LEU A 265 -0.14 25.10 23.85
CA LEU A 265 -1.54 25.47 24.07
C LEU A 265 -1.98 26.47 23.02
N MET A 266 -1.06 27.31 22.54
CA MET A 266 -1.40 28.30 21.53
C MET A 266 -1.54 27.71 20.13
N LYS A 267 -1.21 26.44 19.98
CA LYS A 267 -1.36 25.79 18.67
C LYS A 267 -2.67 24.99 18.62
N CYS A 268 -3.01 24.35 19.74
CA CYS A 268 -4.19 23.51 19.77
C CYS A 268 -5.48 24.13 20.32
N GLY A 269 -5.37 25.28 20.96
CA GLY A 269 -6.55 25.90 21.50
C GLY A 269 -6.79 25.65 22.98
N GLY A 270 -5.73 25.40 23.75
CA GLY A 270 -5.90 25.21 25.18
C GLY A 270 -5.68 23.83 25.76
N ILE A 271 -5.73 23.77 27.10
CA ILE A 271 -5.55 22.54 27.86
C ILE A 271 -6.46 21.38 27.42
N HIS A 272 -7.75 21.65 27.23
CA HIS A 272 -8.67 20.60 26.82
C HIS A 272 -8.23 19.89 25.54
N GLU A 273 -7.74 20.66 24.58
CA GLU A 273 -7.31 20.09 23.31
C GLU A 273 -5.92 19.45 23.45
N ALA A 274 -5.08 20.07 24.28
CA ALA A 274 -3.74 19.56 24.50
C ALA A 274 -3.77 18.16 25.11
N LEU A 275 -4.69 17.95 26.05
CA LEU A 275 -4.84 16.65 26.69
C LEU A 275 -5.13 15.58 25.64
N LYS A 276 -5.91 15.93 24.61
CA LYS A 276 -6.25 14.98 23.55
C LYS A 276 -4.97 14.54 22.81
N ILE A 277 -4.14 15.52 22.44
CA ILE A 277 -2.91 15.20 21.73
C ILE A 277 -2.04 14.25 22.55
N ASN A 278 -1.91 14.54 23.85
CA ASN A 278 -1.06 13.68 24.69
C ASN A 278 -1.62 12.26 24.84
N GLN A 279 -2.93 12.12 24.96
CA GLN A 279 -3.55 10.80 25.10
C GLN A 279 -3.31 9.97 23.84
N ILE A 280 -3.48 10.59 22.68
CA ILE A 280 -3.27 9.92 21.40
C ILE A 280 -1.81 9.49 21.28
N CYS A 281 -0.90 10.41 21.58
CA CYS A 281 0.54 10.13 21.50
C CYS A 281 0.96 9.02 22.46
N GLU A 282 0.50 9.12 23.70
CA GLU A 282 0.85 8.13 24.72
C GLU A 282 0.41 6.74 24.28
N THR A 283 -0.79 6.65 23.72
CA THR A 283 -1.33 5.38 23.27
C THR A 283 -0.44 4.78 22.17
N ALA A 284 0.11 5.65 21.32
CA ALA A 284 0.98 5.25 20.23
C ALA A 284 2.45 5.13 20.64
N GLY A 285 2.76 5.37 21.90
CA GLY A 285 4.14 5.25 22.35
C GLY A 285 4.99 6.44 21.93
N ILE A 286 4.34 7.57 21.74
CA ILE A 286 5.01 8.79 21.35
C ILE A 286 5.00 9.72 22.56
N GLU A 287 6.18 10.07 23.06
CA GLU A 287 6.28 10.99 24.18
C GLU A 287 6.06 12.41 23.66
N CYS A 288 5.66 13.33 24.53
CA CYS A 288 5.42 14.72 24.15
C CYS A 288 6.26 15.71 24.95
N MET A 289 6.57 16.84 24.32
CA MET A 289 7.29 17.92 24.99
C MET A 289 6.33 19.09 24.98
N ILE A 290 6.23 19.79 26.10
CA ILE A 290 5.35 20.94 26.19
C ILE A 290 6.21 22.13 25.72
N GLY A 291 5.66 22.95 24.84
CA GLY A 291 6.42 24.10 24.34
C GLY A 291 5.67 25.41 24.51
N CYS A 292 6.15 26.45 23.84
CA CYS A 292 5.49 27.76 23.96
C CYS A 292 5.88 28.74 22.86
N MET A 293 5.08 29.79 22.75
CA MET A 293 5.31 30.86 21.79
C MET A 293 6.11 31.90 22.59
N ALA A 294 6.93 32.70 21.91
CA ALA A 294 7.70 33.73 22.61
C ALA A 294 6.75 34.84 23.11
N GLU A 295 5.60 34.95 22.46
CA GLU A 295 4.61 35.97 22.80
C GLU A 295 3.77 35.70 24.07
N GLU A 296 3.99 34.57 24.72
CA GLU A 296 3.23 34.26 25.92
C GLU A 296 3.91 34.77 27.18
N THR A 297 3.13 34.99 28.22
CA THR A 297 3.68 35.44 29.50
C THR A 297 3.35 34.44 30.60
N THR A 298 3.44 34.89 31.85
CA THR A 298 3.19 34.03 33.01
C THR A 298 1.92 33.18 32.93
N ILE A 299 0.83 33.77 32.45
CA ILE A 299 -0.43 33.04 32.37
C ILE A 299 -0.31 31.81 31.48
N GLY A 300 0.08 32.01 30.22
CA GLY A 300 0.23 30.88 29.31
C GLY A 300 1.25 29.85 29.76
N ILE A 301 2.39 30.32 30.24
CA ILE A 301 3.46 29.45 30.70
C ILE A 301 3.06 28.62 31.93
N THR A 302 2.44 29.28 32.91
CA THR A 302 2.02 28.60 34.13
C THR A 302 0.99 27.51 33.77
N ALA A 303 0.06 27.83 32.87
CA ALA A 303 -0.94 26.85 32.47
C ALA A 303 -0.30 25.62 31.83
N ALA A 304 0.66 25.86 30.92
CA ALA A 304 1.37 24.79 30.24
C ALA A 304 2.16 23.93 31.22
N ALA A 305 2.79 24.57 32.19
CA ALA A 305 3.57 23.87 33.20
C ALA A 305 2.71 22.95 34.07
N HIS A 306 1.52 23.42 34.46
CA HIS A 306 0.61 22.61 35.28
C HIS A 306 0.19 21.36 34.49
N LEU A 307 -0.03 21.52 33.18
CA LEU A 307 -0.42 20.39 32.34
C LEU A 307 0.75 19.42 32.19
N ALA A 308 1.94 19.98 31.97
CA ALA A 308 3.13 19.15 31.82
C ALA A 308 3.45 18.42 33.12
N ALA A 309 3.34 19.12 34.25
CA ALA A 309 3.61 18.47 35.53
C ALA A 309 2.64 17.31 35.77
N ALA A 310 1.37 17.56 35.43
CA ALA A 310 0.30 16.58 35.63
C ALA A 310 0.35 15.28 34.83
N GLN A 311 0.80 15.35 33.59
CA GLN A 311 0.82 14.21 32.69
C GLN A 311 2.15 13.47 32.55
N LYS A 312 2.14 12.17 32.84
CA LYS A 312 3.34 11.37 32.73
C LYS A 312 3.99 11.38 31.35
N ASN A 313 3.19 11.28 30.29
CA ASN A 313 3.73 11.24 28.94
C ASN A 313 4.35 12.54 28.42
N ILE A 314 4.14 13.65 29.10
CA ILE A 314 4.76 14.90 28.69
C ILE A 314 6.07 14.90 29.48
N THR A 315 7.08 14.30 28.87
CA THR A 315 8.38 14.09 29.48
C THR A 315 9.43 15.17 29.29
N ARG A 316 9.17 16.10 28.39
CA ARG A 316 10.11 17.18 28.16
C ARG A 316 9.41 18.52 28.24
N ALA A 317 10.18 19.57 28.51
CA ALA A 317 9.58 20.90 28.59
C ALA A 317 10.48 21.98 28.00
N ASP A 318 9.85 22.91 27.31
CA ASP A 318 10.52 24.04 26.69
C ASP A 318 9.58 25.22 26.98
N LEU A 319 9.59 25.67 28.24
CA LEU A 319 8.75 26.78 28.70
C LEU A 319 9.67 27.88 29.21
N ASP A 320 10.22 28.63 28.27
CA ASP A 320 11.18 29.69 28.56
C ASP A 320 10.74 31.08 28.10
N ALA A 321 9.47 31.25 27.78
CA ALA A 321 9.01 32.56 27.34
C ALA A 321 9.17 33.66 28.39
N THR A 322 8.94 33.34 29.66
CA THR A 322 9.03 34.36 30.71
C THR A 322 10.45 34.85 30.95
N PHE A 323 11.44 34.03 30.63
CA PHE A 323 12.83 34.42 30.86
C PHE A 323 13.24 35.65 30.04
N GLY A 324 12.52 35.90 28.94
CA GLY A 324 12.85 37.03 28.10
C GLY A 324 11.97 38.25 28.28
N LEU A 325 11.00 38.18 29.20
CA LEU A 325 10.10 39.30 29.42
C LEU A 325 10.67 40.43 30.29
N GLU A 326 10.43 41.67 29.88
CA GLU A 326 10.91 42.81 30.64
C GLU A 326 10.12 42.95 31.95
N THR A 327 8.83 42.61 31.86
CA THR A 327 7.92 42.72 33.00
C THR A 327 6.94 41.55 33.04
N ALA A 328 6.26 41.39 34.17
CA ALA A 328 5.25 40.35 34.35
C ALA A 328 3.90 41.07 34.48
N PRO A 329 2.89 40.63 33.70
CA PRO A 329 1.56 41.23 33.69
C PRO A 329 0.68 40.96 34.92
N VAL A 330 0.99 39.91 35.65
CA VAL A 330 0.21 39.56 36.84
C VAL A 330 1.19 39.00 37.88
N THR A 331 0.72 38.84 39.12
CA THR A 331 1.58 38.28 40.17
C THR A 331 1.32 36.78 40.19
N GLY A 332 2.20 36.04 40.85
CA GLY A 332 2.06 34.59 40.95
C GLY A 332 2.52 33.84 39.71
N GLY A 333 2.30 32.52 39.70
CA GLY A 333 2.69 31.70 38.55
C GLY A 333 4.19 31.57 38.37
N VAL A 334 4.60 31.12 37.19
CA VAL A 334 6.03 30.98 36.88
C VAL A 334 6.63 32.39 36.79
N SER A 335 7.73 32.62 37.50
CA SER A 335 8.36 33.93 37.49
C SER A 335 9.25 34.23 36.29
N LEU A 336 9.71 35.48 36.23
CA LEU A 336 10.55 35.92 35.13
C LEU A 336 11.96 35.39 35.24
N GLU A 337 12.31 34.87 36.41
CA GLU A 337 13.65 34.36 36.64
C GLU A 337 14.05 33.23 35.70
N ALA A 338 15.22 33.35 35.10
CA ALA A 338 15.74 32.32 34.20
C ALA A 338 16.29 31.19 35.05
N LYS A 339 15.52 30.12 35.18
CA LYS A 339 15.92 28.96 35.98
C LYS A 339 15.25 27.72 35.40
N PRO A 340 15.94 26.58 35.41
CA PRO A 340 15.36 25.35 34.86
C PRO A 340 14.18 24.77 35.64
N LEU A 341 14.17 24.99 36.95
CA LEU A 341 13.11 24.44 37.79
C LEU A 341 11.89 25.34 37.98
N LEU A 342 10.73 24.84 37.54
CA LEU A 342 9.48 25.54 37.68
C LEU A 342 8.65 24.76 38.70
N GLU A 343 8.69 25.23 39.95
CA GLU A 343 7.95 24.59 41.02
C GLU A 343 6.56 25.20 41.13
N LEU A 344 5.53 24.35 41.03
CA LEU A 344 4.16 24.82 41.13
C LEU A 344 3.78 24.68 42.60
N GLY A 345 3.14 25.70 43.15
CA GLY A 345 2.77 25.66 44.56
C GLY A 345 1.49 24.92 44.89
N GLU A 346 0.92 25.25 46.05
CA GLU A 346 -0.30 24.64 46.54
C GLU A 346 -1.51 25.53 46.26
N ALA A 347 -1.26 26.72 45.74
CA ALA A 347 -2.35 27.64 45.44
C ALA A 347 -3.32 27.00 44.46
N ALA A 348 -4.61 27.28 44.63
CA ALA A 348 -5.65 26.73 43.76
C ALA A 348 -5.51 27.24 42.33
N GLY A 349 -5.97 26.43 41.37
CA GLY A 349 -5.90 26.80 39.97
C GLY A 349 -4.50 27.05 39.47
N LEU A 350 -4.30 28.20 38.82
CA LEU A 350 -2.98 28.55 38.29
C LEU A 350 -2.09 29.17 39.37
N GLY A 351 -2.70 29.62 40.47
CA GLY A 351 -1.92 30.23 41.52
C GLY A 351 -1.45 31.62 41.07
N ILE A 352 -2.27 32.25 40.24
CA ILE A 352 -1.97 33.56 39.71
C ILE A 352 -2.89 34.64 40.27
N SER A 353 -2.33 35.83 40.50
CA SER A 353 -3.07 36.97 41.01
C SER A 353 -3.85 36.63 42.27
N MET B 1 -3.94 15.00 49.91
CA MET B 1 -4.85 13.83 50.11
C MET B 1 -4.05 12.54 49.95
N LYS B 2 -4.25 11.58 50.85
CA LYS B 2 -3.52 10.32 50.80
C LYS B 2 -4.37 9.09 51.13
N ILE B 3 -4.20 8.03 50.35
CA ILE B 3 -4.93 6.78 50.59
C ILE B 3 -4.36 6.10 51.83
N LYS B 4 -5.24 5.74 52.76
CA LYS B 4 -4.80 5.11 54.01
C LYS B 4 -4.99 3.60 53.99
N GLN B 5 -6.15 3.15 53.52
CA GLN B 5 -6.40 1.72 53.46
C GLN B 5 -7.33 1.38 52.32
N VAL B 6 -7.21 0.15 51.83
CA VAL B 6 -8.04 -0.33 50.75
C VAL B 6 -8.66 -1.65 51.16
N HIS B 7 -9.99 -1.73 51.10
CA HIS B 7 -10.70 -2.95 51.46
C HIS B 7 -11.49 -3.43 50.26
N VAL B 8 -11.53 -4.74 50.04
CA VAL B 8 -12.31 -5.25 48.94
C VAL B 8 -13.17 -6.38 49.47
N ARG B 9 -14.35 -6.54 48.90
CA ARG B 9 -15.26 -7.60 49.31
C ARG B 9 -15.94 -8.21 48.10
N ALA B 10 -16.41 -9.44 48.26
CA ALA B 10 -17.12 -10.09 47.19
C ALA B 10 -18.55 -9.57 47.30
N SER B 11 -19.24 -9.54 46.18
CA SER B 11 -20.62 -9.09 46.16
C SER B 11 -21.40 -10.05 45.28
N LYS B 12 -22.44 -10.66 45.84
CA LYS B 12 -23.27 -11.59 45.11
C LYS B 12 -24.71 -11.11 45.16
N ILE B 13 -25.23 -10.71 44.00
CA ILE B 13 -26.59 -10.22 43.86
C ILE B 13 -27.32 -11.10 42.86
N LYS B 14 -28.44 -11.67 43.27
CA LYS B 14 -29.21 -12.53 42.38
C LYS B 14 -29.93 -11.71 41.32
N LEU B 15 -29.97 -12.24 40.10
CA LEU B 15 -30.67 -11.55 39.02
C LEU B 15 -32.14 -11.97 39.00
N LYS B 16 -33.01 -11.03 38.66
CA LYS B 16 -34.44 -11.34 38.58
C LYS B 16 -34.72 -12.35 37.47
N GLU B 17 -33.86 -12.37 36.45
CA GLU B 17 -34.00 -13.30 35.34
C GLU B 17 -32.62 -13.68 34.80
N THR B 18 -32.51 -14.88 34.24
CA THR B 18 -31.25 -15.33 33.67
C THR B 18 -31.15 -14.70 32.27
N PHE B 19 -30.05 -14.03 31.99
CA PHE B 19 -29.88 -13.41 30.68
C PHE B 19 -29.06 -14.28 29.75
N THR B 20 -29.45 -14.31 28.47
CA THR B 20 -28.78 -15.11 27.47
C THR B 20 -28.34 -14.29 26.27
N ILE B 21 -27.12 -14.56 25.80
CA ILE B 21 -26.57 -13.91 24.64
C ILE B 21 -25.81 -14.97 23.89
N ALA B 22 -25.30 -14.64 22.71
CA ALA B 22 -24.57 -15.59 21.89
C ALA B 22 -23.44 -16.32 22.63
N LEU B 23 -22.75 -15.60 23.51
CA LEU B 23 -21.62 -16.14 24.26
C LEU B 23 -21.91 -17.02 25.46
N GLY B 24 -23.13 -16.97 25.99
CA GLY B 24 -23.46 -17.78 27.14
C GLY B 24 -24.57 -17.15 27.95
N THR B 25 -24.78 -17.66 29.17
CA THR B 25 -25.83 -17.15 30.03
C THR B 25 -25.29 -16.70 31.38
N ILE B 26 -26.11 -15.95 32.13
CA ILE B 26 -25.74 -15.46 33.45
C ILE B 26 -26.97 -15.42 34.35
N GLU B 27 -26.81 -15.77 35.62
CA GLU B 27 -27.95 -15.75 36.53
C GLU B 27 -27.72 -14.95 37.81
N SER B 28 -26.49 -14.52 38.04
CA SER B 28 -26.19 -13.75 39.25
C SER B 28 -25.08 -12.74 39.01
N ALA B 29 -25.21 -11.57 39.62
CA ALA B 29 -24.22 -10.52 39.48
C ALA B 29 -23.21 -10.61 40.61
N ASP B 30 -22.11 -11.32 40.36
CA ASP B 30 -21.06 -11.49 41.34
C ASP B 30 -19.91 -10.57 40.96
N SER B 31 -19.62 -9.61 41.82
CA SER B 31 -18.56 -8.66 41.53
C SER B 31 -17.73 -8.35 42.77
N ALA B 32 -16.66 -7.61 42.56
CA ALA B 32 -15.77 -7.22 43.65
C ALA B 32 -16.04 -5.76 43.93
N ILE B 33 -16.27 -5.42 45.19
CA ILE B 33 -16.54 -4.04 45.56
C ILE B 33 -15.41 -3.57 46.45
N VAL B 34 -14.86 -2.41 46.09
CA VAL B 34 -13.76 -1.81 46.82
C VAL B 34 -14.14 -0.50 47.49
N GLU B 35 -13.52 -0.27 48.66
CA GLU B 35 -13.71 0.94 49.44
C GLU B 35 -12.31 1.44 49.74
N ILE B 36 -12.03 2.67 49.33
CA ILE B 36 -10.72 3.26 49.56
C ILE B 36 -10.91 4.42 50.51
N GLU B 37 -10.23 4.37 51.66
CA GLU B 37 -10.35 5.44 52.63
C GLU B 37 -9.05 6.23 52.71
N THR B 38 -9.18 7.55 52.81
CA THR B 38 -8.03 8.43 52.90
C THR B 38 -7.67 8.64 54.36
N GLU B 39 -6.52 9.27 54.59
CA GLU B 39 -6.07 9.53 55.95
C GLU B 39 -7.02 10.49 56.66
N GLU B 40 -7.77 11.26 55.88
CA GLU B 40 -8.71 12.24 56.44
C GLU B 40 -10.09 11.63 56.70
N GLY B 41 -10.33 10.41 56.24
CA GLY B 41 -11.61 9.78 56.48
C GLY B 41 -12.58 9.67 55.32
N LEU B 42 -12.24 10.21 54.16
CA LEU B 42 -13.13 10.11 53.00
C LEU B 42 -13.09 8.68 52.48
N VAL B 43 -14.21 8.18 51.99
CA VAL B 43 -14.27 6.82 51.46
C VAL B 43 -14.84 6.79 50.05
N GLY B 44 -14.04 6.28 49.11
CA GLY B 44 -14.45 6.17 47.73
C GLY B 44 -14.81 4.73 47.40
N TYR B 45 -15.82 4.57 46.56
CA TYR B 45 -16.30 3.24 46.19
C TYR B 45 -15.96 2.90 44.75
N GLY B 46 -15.60 1.63 44.53
CA GLY B 46 -15.27 1.17 43.20
C GLY B 46 -15.76 -0.26 43.05
N GLU B 47 -15.91 -0.71 41.81
CA GLU B 47 -16.36 -2.07 41.57
C GLU B 47 -15.61 -2.73 40.41
N GLY B 48 -15.50 -4.04 40.49
CA GLY B 48 -14.84 -4.80 39.45
C GLY B 48 -15.82 -5.89 39.04
N GLY B 49 -16.37 -5.79 37.85
CA GLY B 49 -17.32 -6.78 37.36
C GLY B 49 -16.61 -7.66 36.35
N PRO B 50 -16.28 -8.91 36.73
CA PRO B 50 -15.57 -9.80 35.80
C PRO B 50 -16.49 -10.61 34.89
N GLY B 51 -16.37 -10.38 33.58
CA GLY B 51 -17.18 -11.13 32.61
C GLY B 51 -16.32 -12.21 31.99
N ILE B 52 -16.36 -13.40 32.58
CA ILE B 52 -15.54 -14.50 32.13
C ILE B 52 -15.60 -14.81 30.62
N PHE B 53 -16.77 -14.71 30.00
CA PHE B 53 -16.82 -15.00 28.57
C PHE B 53 -16.58 -13.78 27.67
N ILE B 54 -16.24 -12.65 28.27
CA ILE B 54 -15.93 -11.44 27.53
C ILE B 54 -14.43 -11.15 27.67
N THR B 55 -13.97 -11.07 28.92
CA THR B 55 -12.57 -10.77 29.22
C THR B 55 -11.76 -11.90 29.84
N GLY B 56 -12.42 -12.99 30.22
CA GLY B 56 -11.72 -14.11 30.84
C GLY B 56 -11.46 -13.91 32.33
N GLU B 57 -11.83 -12.73 32.84
CA GLU B 57 -11.64 -12.42 34.24
C GLU B 57 -12.65 -13.13 35.14
N THR B 58 -12.20 -13.43 36.34
CA THR B 58 -13.04 -14.11 37.32
C THR B 58 -13.13 -13.31 38.60
N LEU B 59 -14.08 -13.66 39.45
CA LEU B 59 -14.22 -12.97 40.71
C LEU B 59 -12.99 -13.24 41.58
N ALA B 60 -12.57 -14.51 41.65
CA ALA B 60 -11.42 -14.89 42.47
C ALA B 60 -10.14 -14.18 42.04
N GLY B 61 -9.90 -14.14 40.74
CA GLY B 61 -8.71 -13.49 40.25
C GLY B 61 -8.80 -11.98 40.44
N THR B 62 -10.01 -11.44 40.29
CA THR B 62 -10.20 -9.99 40.44
C THR B 62 -9.95 -9.56 41.88
N LEU B 63 -10.41 -10.37 42.84
CA LEU B 63 -10.23 -10.07 44.26
C LEU B 63 -8.74 -10.15 44.60
N GLU B 64 -8.03 -11.15 44.08
CA GLU B 64 -6.61 -11.27 44.38
C GLU B 64 -5.86 -10.04 43.85
N THR B 65 -6.10 -9.70 42.59
CA THR B 65 -5.45 -8.57 41.95
C THR B 65 -5.75 -7.26 42.66
N ILE B 66 -7.02 -7.03 43.01
CA ILE B 66 -7.39 -5.80 43.69
C ILE B 66 -6.59 -5.67 45.00
N GLU B 67 -6.48 -6.75 45.75
CA GLU B 67 -5.74 -6.73 47.01
C GLU B 67 -4.28 -6.33 46.78
N LEU B 68 -3.69 -6.80 45.68
CA LEU B 68 -2.31 -6.46 45.36
C LEU B 68 -2.21 -4.96 45.06
N PHE B 69 -3.19 -4.46 44.31
CA PHE B 69 -3.23 -3.04 43.96
C PHE B 69 -3.36 -2.19 45.21
N GLY B 70 -4.32 -2.56 46.06
CA GLY B 70 -4.56 -1.83 47.29
C GLY B 70 -3.31 -1.54 48.11
N GLN B 71 -2.53 -2.58 48.38
CA GLN B 71 -1.32 -2.41 49.15
C GLN B 71 -0.27 -1.59 48.42
N ALA B 72 -0.32 -1.59 47.09
CA ALA B 72 0.64 -0.83 46.30
C ALA B 72 0.33 0.66 46.22
N ILE B 73 -0.93 1.04 46.45
CA ILE B 73 -1.25 2.46 46.33
C ILE B 73 -1.42 3.21 47.66
N ILE B 74 -1.25 2.52 48.77
CA ILE B 74 -1.35 3.17 50.08
C ILE B 74 -0.39 4.34 50.12
N GLY B 75 -0.86 5.51 50.52
CA GLY B 75 0.02 6.66 50.59
C GLY B 75 0.02 7.54 49.36
N LEU B 76 -0.64 7.12 48.28
CA LEU B 76 -0.69 7.95 47.06
C LEU B 76 -1.90 8.87 47.09
N ASN B 77 -1.84 9.94 46.30
CA ASN B 77 -2.97 10.85 46.24
C ASN B 77 -3.88 10.32 45.14
N PRO B 78 -5.19 10.20 45.44
CA PRO B 78 -6.18 9.71 44.47
C PRO B 78 -6.16 10.53 43.19
N PHE B 79 -5.82 11.82 43.30
CA PHE B 79 -5.76 12.70 42.14
C PHE B 79 -4.61 12.32 41.20
N ASN B 80 -3.62 11.61 41.72
CA ASN B 80 -2.48 11.18 40.91
C ASN B 80 -2.91 9.89 40.21
N ILE B 81 -3.97 9.99 39.43
CA ILE B 81 -4.53 8.86 38.70
C ILE B 81 -3.50 8.34 37.70
N GLU B 82 -2.58 9.23 37.29
CA GLU B 82 -1.53 8.88 36.36
C GLU B 82 -0.61 7.83 36.98
N LYS B 83 -0.14 8.08 38.20
CA LYS B 83 0.76 7.13 38.83
C LYS B 83 0.03 5.86 39.23
N ILE B 84 -1.22 6.02 39.67
CA ILE B 84 -2.03 4.90 40.08
C ILE B 84 -2.16 3.88 38.96
N HIS B 85 -2.45 4.33 37.73
CA HIS B 85 -2.55 3.37 36.65
C HIS B 85 -1.16 2.84 36.32
N GLU B 86 -0.16 3.69 36.43
CA GLU B 86 1.22 3.26 36.17
C GLU B 86 1.56 2.09 37.12
N VAL B 87 1.23 2.26 38.39
CA VAL B 87 1.50 1.25 39.41
C VAL B 87 0.74 -0.05 39.13
N MET B 88 -0.54 0.05 38.79
CA MET B 88 -1.32 -1.18 38.50
C MET B 88 -0.83 -1.87 37.24
N ASP B 89 -0.47 -1.08 36.23
CA ASP B 89 0.01 -1.67 34.99
C ASP B 89 1.33 -2.40 35.15
N LYS B 90 2.14 -1.99 36.13
CA LYS B 90 3.41 -2.66 36.33
C LYS B 90 3.18 -3.97 37.09
N ILE B 91 2.18 -3.99 37.95
CA ILE B 91 1.85 -5.18 38.72
C ILE B 91 1.19 -6.23 37.84
N SER B 92 0.20 -5.82 37.07
CA SER B 92 -0.52 -6.74 36.19
C SER B 92 -0.59 -6.30 34.74
N ALA B 93 -0.26 -7.21 33.83
CA ALA B 93 -0.29 -6.91 32.40
C ALA B 93 -1.72 -6.90 31.85
N PHE B 94 -2.67 -7.43 32.60
CA PHE B 94 -4.07 -7.46 32.15
C PHE B 94 -5.03 -7.85 33.26
N ALA B 95 -5.85 -6.89 33.69
CA ALA B 95 -6.85 -7.09 34.73
C ALA B 95 -7.79 -5.87 34.72
N PRO B 96 -8.50 -5.64 33.61
CA PRO B 96 -9.39 -4.49 33.53
C PRO B 96 -10.42 -4.36 34.64
N ALA B 97 -10.96 -5.49 35.10
CA ALA B 97 -11.96 -5.44 36.15
C ALA B 97 -11.34 -4.95 37.46
N ALA B 98 -10.16 -5.46 37.79
CA ALA B 98 -9.49 -5.03 39.02
C ALA B 98 -9.06 -3.58 38.91
N LYS B 99 -8.47 -3.23 37.77
CA LYS B 99 -8.00 -1.86 37.57
C LYS B 99 -9.17 -0.87 37.62
N ALA B 100 -10.29 -1.24 37.02
CA ALA B 100 -11.46 -0.38 37.02
C ALA B 100 -11.95 -0.15 38.45
N ALA B 101 -11.93 -1.20 39.27
CA ALA B 101 -12.39 -1.08 40.64
C ALA B 101 -11.60 -0.02 41.41
N ILE B 102 -10.29 -0.03 41.24
CA ILE B 102 -9.42 0.92 41.92
C ILE B 102 -9.65 2.29 41.29
N ASP B 103 -9.63 2.33 39.96
CA ASP B 103 -9.83 3.56 39.22
C ASP B 103 -11.12 4.25 39.65
N ILE B 104 -12.23 3.52 39.60
CA ILE B 104 -13.52 4.11 39.97
C ILE B 104 -13.58 4.71 41.38
N ALA B 105 -12.96 4.06 42.36
CA ALA B 105 -12.97 4.60 43.73
C ALA B 105 -12.12 5.86 43.85
N CYS B 106 -11.04 5.92 43.08
CA CYS B 106 -10.17 7.10 43.12
C CYS B 106 -10.90 8.31 42.55
N TYR B 107 -11.64 8.11 41.46
CA TYR B 107 -12.40 9.22 40.88
C TYR B 107 -13.52 9.63 41.84
N ASP B 108 -14.08 8.65 42.55
CA ASP B 108 -15.13 8.94 43.52
C ASP B 108 -14.50 9.86 44.57
N LEU B 109 -13.30 9.48 45.04
CA LEU B 109 -12.59 10.27 46.02
C LEU B 109 -12.25 11.67 45.50
N MET B 110 -11.91 11.78 44.22
CA MET B 110 -11.58 13.08 43.65
C MET B 110 -12.80 14.00 43.76
N GLY B 111 -13.96 13.48 43.39
CA GLY B 111 -15.18 14.28 43.46
C GLY B 111 -15.49 14.70 44.88
N GLN B 112 -15.36 13.76 45.81
CA GLN B 112 -15.62 14.08 47.21
C GLN B 112 -14.68 15.14 47.73
N LYS B 113 -13.40 15.08 47.31
CA LYS B 113 -12.44 16.08 47.78
C LYS B 113 -12.71 17.46 47.16
N ALA B 114 -13.01 17.47 45.87
CA ALA B 114 -13.30 18.73 45.19
C ALA B 114 -14.71 19.19 45.49
N GLN B 115 -15.49 18.32 46.12
CA GLN B 115 -16.88 18.62 46.46
C GLN B 115 -17.68 18.94 45.21
N LEU B 116 -17.63 18.02 44.26
CA LEU B 116 -18.33 18.16 42.99
C LEU B 116 -18.82 16.82 42.50
N PRO B 117 -19.99 16.79 41.84
CA PRO B 117 -20.46 15.50 41.35
C PRO B 117 -19.40 15.07 40.32
N LEU B 118 -19.19 13.78 40.16
CA LEU B 118 -18.15 13.31 39.25
C LEU B 118 -18.30 13.78 37.79
N TYR B 119 -19.52 13.85 37.28
CA TYR B 119 -19.72 14.27 35.90
C TYR B 119 -19.17 15.68 35.64
N GLN B 120 -19.02 16.47 36.68
CA GLN B 120 -18.47 17.83 36.54
C GLN B 120 -16.97 17.77 36.31
N LEU B 121 -16.29 16.89 37.04
CA LEU B 121 -14.84 16.76 36.89
C LEU B 121 -14.46 16.17 35.55
N LEU B 122 -15.32 15.30 35.03
CA LEU B 122 -15.06 14.60 33.77
C LEU B 122 -15.45 15.29 32.46
N GLY B 123 -15.97 16.50 32.50
CA GLY B 123 -16.33 17.16 31.25
C GLY B 123 -17.53 18.08 31.33
N GLY B 124 -18.43 17.78 32.28
CA GLY B 124 -19.61 18.59 32.51
C GLY B 124 -20.60 18.84 31.37
N TYR B 125 -20.53 18.06 30.30
CA TYR B 125 -21.44 18.28 29.17
C TYR B 125 -22.93 18.12 29.51
N ASP B 126 -23.25 17.25 30.45
CA ASP B 126 -24.63 17.03 30.84
C ASP B 126 -24.66 16.44 32.26
N ASN B 127 -25.83 16.38 32.89
CA ASN B 127 -25.96 15.82 34.23
C ASN B 127 -26.90 14.64 34.28
N GLN B 128 -27.12 14.01 33.12
CA GLN B 128 -28.02 12.87 33.02
C GLN B 128 -27.71 12.09 31.76
N VAL B 129 -28.17 10.85 31.71
CA VAL B 129 -27.97 10.01 30.54
C VAL B 129 -29.19 9.14 30.30
N ILE B 130 -29.55 8.97 29.03
CA ILE B 130 -30.69 8.14 28.66
C ILE B 130 -30.16 6.81 28.18
N THR B 131 -30.61 5.73 28.81
CA THR B 131 -30.13 4.41 28.41
C THR B 131 -31.20 3.56 27.76
N ASP B 132 -30.76 2.65 26.90
CA ASP B 132 -31.64 1.72 26.25
C ASP B 132 -31.81 0.61 27.28
N ILE B 133 -32.46 -0.47 26.88
CA ILE B 133 -32.59 -1.62 27.75
C ILE B 133 -32.41 -2.81 26.83
N THR B 134 -31.74 -3.83 27.33
CA THR B 134 -31.45 -5.01 26.56
C THR B 134 -32.48 -6.12 26.71
N LEU B 135 -32.67 -6.85 25.62
CA LEU B 135 -33.59 -7.98 25.59
C LEU B 135 -32.72 -9.18 25.24
N GLY B 136 -32.67 -10.14 26.16
CA GLY B 136 -31.86 -11.32 25.94
C GLY B 136 -32.45 -12.26 24.91
N ILE B 137 -31.57 -12.99 24.21
CA ILE B 137 -32.00 -13.92 23.18
C ILE B 137 -33.16 -14.78 23.68
N ASP B 138 -34.18 -14.94 22.85
CA ASP B 138 -35.35 -15.73 23.19
C ASP B 138 -36.22 -15.90 21.92
N GLU B 139 -37.43 -16.41 22.09
CA GLU B 139 -38.33 -16.62 20.96
C GLU B 139 -38.85 -15.28 20.46
N PRO B 140 -39.04 -15.15 19.13
CA PRO B 140 -39.53 -13.90 18.54
C PRO B 140 -40.76 -13.35 19.26
N ASN B 141 -41.70 -14.22 19.60
CA ASN B 141 -42.90 -13.81 20.31
C ASN B 141 -42.63 -13.37 21.74
N VAL B 142 -41.68 -14.03 22.39
CA VAL B 142 -41.32 -13.70 23.76
C VAL B 142 -40.60 -12.35 23.82
N MET B 143 -39.66 -12.14 22.89
CA MET B 143 -38.92 -10.89 22.82
C MET B 143 -39.83 -9.73 22.44
N ALA B 144 -40.64 -9.93 21.39
CA ALA B 144 -41.56 -8.91 20.94
C ALA B 144 -42.53 -8.58 22.08
N GLN B 145 -42.81 -9.58 22.90
CA GLN B 145 -43.69 -9.41 24.05
C GLN B 145 -43.03 -8.49 25.07
N LYS B 146 -41.77 -8.78 25.38
CA LYS B 146 -41.03 -7.97 26.34
C LYS B 146 -40.76 -6.58 25.78
N ALA B 147 -40.59 -6.52 24.46
CA ALA B 147 -40.34 -5.26 23.79
C ALA B 147 -41.41 -4.25 24.15
N VAL B 148 -42.67 -4.68 24.07
CA VAL B 148 -43.80 -3.82 24.40
C VAL B 148 -43.78 -3.41 25.86
N GLU B 149 -43.37 -4.32 26.73
CA GLU B 149 -43.32 -4.05 28.17
C GLU B 149 -42.37 -2.90 28.47
N LYS B 150 -41.15 -3.01 27.98
CA LYS B 150 -40.13 -1.98 28.21
C LYS B 150 -40.53 -0.67 27.55
N VAL B 151 -41.16 -0.75 26.39
CA VAL B 151 -41.59 0.45 25.70
C VAL B 151 -42.59 1.17 26.59
N LYS B 152 -43.46 0.40 27.24
CA LYS B 152 -44.47 0.98 28.13
C LYS B 152 -43.81 1.60 29.36
N LEU B 153 -42.57 1.22 29.63
CA LEU B 153 -41.85 1.78 30.77
C LEU B 153 -41.21 3.13 30.41
N GLY B 154 -41.31 3.50 29.13
CA GLY B 154 -40.75 4.77 28.69
C GLY B 154 -39.52 4.65 27.81
N PHE B 155 -39.04 3.43 27.62
CA PHE B 155 -37.85 3.20 26.81
C PHE B 155 -38.09 3.43 25.32
N ASP B 156 -37.35 4.37 24.74
CA ASP B 156 -37.47 4.68 23.32
C ASP B 156 -36.47 3.89 22.48
N THR B 157 -35.49 3.27 23.13
CA THR B 157 -34.50 2.48 22.41
C THR B 157 -34.35 1.10 23.04
N LEU B 158 -34.24 0.08 22.20
CA LEU B 158 -34.13 -1.28 22.69
C LEU B 158 -32.93 -1.97 22.07
N LYS B 159 -32.17 -2.68 22.90
CA LYS B 159 -31.01 -3.42 22.43
C LYS B 159 -31.44 -4.87 22.27
N ILE B 160 -31.38 -5.37 21.06
CA ILE B 160 -31.81 -6.74 20.77
C ILE B 160 -30.66 -7.70 20.56
N LYS B 161 -30.62 -8.75 21.38
CA LYS B 161 -29.58 -9.76 21.28
C LYS B 161 -29.97 -10.81 20.24
N VAL B 162 -29.02 -11.16 19.39
CA VAL B 162 -29.24 -12.16 18.35
C VAL B 162 -28.00 -13.02 18.23
N GLY B 163 -28.09 -14.14 17.52
CA GLY B 163 -26.93 -14.98 17.35
C GLY B 163 -27.10 -16.48 17.60
N THR B 164 -27.98 -17.10 16.83
CA THR B 164 -28.23 -18.55 16.95
C THR B 164 -28.48 -19.06 15.54
N GLY B 165 -28.34 -18.16 14.56
CA GLY B 165 -28.54 -18.49 13.17
C GLY B 165 -29.26 -17.33 12.49
N ILE B 166 -28.60 -16.75 11.48
CA ILE B 166 -29.17 -15.61 10.76
C ILE B 166 -30.67 -15.78 10.51
N GLU B 167 -31.09 -17.03 10.32
CA GLU B 167 -32.49 -17.34 10.09
C GLU B 167 -33.41 -16.88 11.22
N ALA B 168 -33.27 -17.52 12.38
CA ALA B 168 -34.09 -17.19 13.55
C ALA B 168 -33.89 -15.76 14.04
N ASP B 169 -32.72 -15.19 13.77
CA ASP B 169 -32.46 -13.82 14.21
C ASP B 169 -33.34 -12.84 13.45
N ILE B 170 -33.28 -12.90 12.12
CA ILE B 170 -34.09 -12.02 11.29
C ILE B 170 -35.55 -12.10 11.73
N ALA B 171 -36.01 -13.31 12.02
CA ALA B 171 -37.38 -13.52 12.46
C ALA B 171 -37.62 -12.75 13.77
N ARG B 172 -36.63 -12.81 14.66
CA ARG B 172 -36.71 -12.12 15.95
C ARG B 172 -36.85 -10.60 15.75
N VAL B 173 -35.91 -10.04 14.99
CA VAL B 173 -35.88 -8.61 14.74
C VAL B 173 -37.18 -8.09 14.13
N LYS B 174 -37.55 -8.62 12.97
CA LYS B 174 -38.78 -8.19 12.30
C LYS B 174 -40.01 -8.42 13.17
N ALA B 175 -39.99 -9.47 13.98
CA ALA B 175 -41.12 -9.77 14.86
C ALA B 175 -41.30 -8.61 15.84
N ILE B 176 -40.22 -8.27 16.54
CA ILE B 176 -40.23 -7.19 17.52
C ILE B 176 -40.64 -5.86 16.90
N ARG B 177 -40.04 -5.55 15.74
CA ARG B 177 -40.33 -4.30 15.04
C ARG B 177 -41.82 -4.04 14.89
N GLU B 178 -42.48 -4.88 14.10
CA GLU B 178 -43.91 -4.74 13.87
C GLU B 178 -44.71 -5.21 15.08
N ALA B 179 -44.27 -4.79 16.25
CA ALA B 179 -44.91 -5.14 17.51
C ALA B 179 -44.93 -3.94 18.45
N VAL B 180 -43.92 -3.09 18.31
CA VAL B 180 -43.80 -1.88 19.14
C VAL B 180 -43.96 -0.62 18.30
N GLY B 181 -43.72 -0.75 17.00
CA GLY B 181 -43.84 0.38 16.11
C GLY B 181 -42.55 0.69 15.37
N PHE B 182 -42.47 1.89 14.80
CA PHE B 182 -41.28 2.30 14.07
C PHE B 182 -40.65 3.54 14.70
N ASP B 183 -41.28 4.05 15.76
CA ASP B 183 -40.74 5.21 16.46
C ASP B 183 -39.72 4.74 17.48
N ILE B 184 -39.72 3.43 17.73
CA ILE B 184 -38.79 2.84 18.69
C ILE B 184 -37.49 2.49 17.97
N LYS B 185 -36.37 2.98 18.49
CA LYS B 185 -35.08 2.68 17.88
C LYS B 185 -34.64 1.29 18.33
N LEU B 186 -34.18 0.48 17.39
CA LEU B 186 -33.73 -0.86 17.71
C LEU B 186 -32.29 -1.05 17.29
N ARG B 187 -31.44 -1.40 18.24
CA ARG B 187 -30.04 -1.67 17.93
C ARG B 187 -29.83 -3.16 18.16
N LEU B 188 -29.07 -3.80 17.26
CA LEU B 188 -28.82 -5.22 17.39
C LEU B 188 -27.40 -5.50 17.85
N ASP B 189 -27.21 -6.66 18.45
CA ASP B 189 -25.91 -7.08 18.96
C ASP B 189 -25.84 -8.60 18.81
N ALA B 190 -24.97 -9.08 17.92
CA ALA B 190 -24.83 -10.51 17.68
C ALA B 190 -23.68 -11.16 18.43
N ASN B 191 -23.05 -10.41 19.33
CA ASN B 191 -21.93 -10.92 20.10
C ASN B 191 -21.05 -11.93 19.33
N GLN B 192 -20.47 -11.48 18.22
CA GLN B 192 -19.55 -12.26 17.39
C GLN B 192 -20.11 -13.51 16.70
N ALA B 193 -21.43 -13.65 16.68
CA ALA B 193 -22.08 -14.83 16.12
C ALA B 193 -22.00 -15.15 14.62
N TRP B 194 -21.80 -14.16 13.76
CA TRP B 194 -21.78 -14.43 12.32
C TRP B 194 -20.43 -14.36 11.60
N THR B 195 -20.42 -14.89 10.38
CA THR B 195 -19.23 -14.85 9.53
C THR B 195 -19.42 -13.56 8.74
N PRO B 196 -18.34 -13.01 8.16
CA PRO B 196 -18.48 -11.77 7.40
C PRO B 196 -19.63 -11.75 6.40
N LYS B 197 -19.59 -12.66 5.43
CA LYS B 197 -20.65 -12.70 4.42
C LYS B 197 -22.03 -13.05 4.97
N ASP B 198 -22.09 -13.86 6.01
CA ASP B 198 -23.38 -14.21 6.62
C ASP B 198 -23.93 -12.99 7.35
N ALA B 199 -23.03 -12.16 7.85
CA ALA B 199 -23.42 -10.95 8.57
C ALA B 199 -23.99 -9.92 7.61
N VAL B 200 -23.35 -9.78 6.44
CA VAL B 200 -23.81 -8.84 5.43
C VAL B 200 -25.19 -9.26 4.93
N LYS B 201 -25.40 -10.56 4.80
CA LYS B 201 -26.67 -11.09 4.33
C LYS B 201 -27.76 -10.81 5.37
N ALA B 202 -27.49 -11.15 6.62
CA ALA B 202 -28.43 -10.94 7.70
C ALA B 202 -28.76 -9.46 7.92
N ILE B 203 -27.78 -8.59 7.70
CA ILE B 203 -27.99 -7.16 7.90
C ILE B 203 -28.79 -6.56 6.75
N GLN B 204 -28.50 -6.99 5.52
CA GLN B 204 -29.20 -6.47 4.36
C GLN B 204 -30.63 -7.02 4.29
N ALA B 205 -30.92 -8.02 5.10
CA ALA B 205 -32.25 -8.61 5.12
C ALA B 205 -33.19 -7.72 5.92
N LEU B 206 -32.63 -7.02 6.91
CA LEU B 206 -33.40 -6.11 7.75
C LEU B 206 -33.40 -4.69 7.20
N ALA B 207 -33.06 -4.58 5.91
CA ALA B 207 -33.00 -3.30 5.22
C ALA B 207 -34.28 -2.48 5.40
N ASP B 208 -35.44 -3.15 5.30
CA ASP B 208 -36.71 -2.48 5.45
C ASP B 208 -37.27 -2.59 6.87
N TYR B 209 -36.40 -2.75 7.86
CA TYR B 209 -36.85 -2.87 9.24
C TYR B 209 -36.27 -1.80 10.14
N GLN B 210 -35.62 -0.83 9.52
CA GLN B 210 -35.05 0.32 10.21
C GLN B 210 -34.17 -0.03 11.42
N ILE B 211 -32.99 -0.58 11.15
CA ILE B 211 -32.08 -0.93 12.24
C ILE B 211 -31.11 0.22 12.50
N GLU B 212 -31.03 0.63 13.76
CA GLU B 212 -30.15 1.73 14.13
C GLU B 212 -28.68 1.37 13.93
N LEU B 213 -28.29 0.21 14.42
CA LEU B 213 -26.90 -0.23 14.28
C LEU B 213 -26.75 -1.68 14.66
N VAL B 214 -25.64 -2.30 14.25
CA VAL B 214 -25.38 -3.68 14.58
C VAL B 214 -24.02 -3.76 15.31
N GLU B 215 -24.06 -4.32 16.51
CA GLU B 215 -22.91 -4.46 17.38
C GLU B 215 -22.15 -5.78 17.18
N GLN B 216 -20.83 -5.69 17.04
CA GLN B 216 -19.93 -6.84 16.87
C GLN B 216 -20.58 -8.03 16.16
N PRO B 217 -20.72 -7.95 14.83
CA PRO B 217 -21.32 -9.04 14.06
C PRO B 217 -20.41 -10.26 13.86
N VAL B 218 -19.10 -10.06 13.94
CA VAL B 218 -18.15 -11.16 13.75
C VAL B 218 -17.20 -11.37 14.93
N LYS B 219 -16.37 -12.41 14.84
CA LYS B 219 -15.39 -12.73 15.89
C LYS B 219 -14.55 -11.52 16.24
N ARG B 220 -14.28 -11.32 17.54
CA ARG B 220 -13.48 -10.18 17.99
C ARG B 220 -12.13 -10.06 17.35
N ARG B 221 -11.51 -11.20 17.04
CA ARG B 221 -10.19 -11.19 16.43
C ARG B 221 -10.21 -11.04 14.91
N ASP B 222 -11.38 -11.21 14.31
CA ASP B 222 -11.50 -11.10 12.85
C ASP B 222 -11.73 -9.64 12.46
N LEU B 223 -10.68 -8.83 12.58
CA LEU B 223 -10.77 -7.41 12.25
C LEU B 223 -10.99 -7.14 10.77
N GLU B 224 -10.42 -7.96 9.90
CA GLU B 224 -10.60 -7.77 8.47
C GLU B 224 -12.06 -8.08 8.13
N GLY B 225 -12.61 -9.10 8.79
CA GLY B 225 -13.99 -9.48 8.54
C GLY B 225 -14.96 -8.42 9.04
N LEU B 226 -14.65 -7.81 10.19
CA LEU B 226 -15.49 -6.78 10.75
C LEU B 226 -15.52 -5.57 9.81
N LYS B 227 -14.36 -5.23 9.26
CA LYS B 227 -14.25 -4.11 8.34
C LYS B 227 -14.99 -4.42 7.03
N TYR B 228 -14.98 -5.71 6.66
CA TYR B 228 -15.68 -6.15 5.46
C TYR B 228 -17.15 -5.78 5.63
N VAL B 229 -17.74 -6.22 6.73
CA VAL B 229 -19.14 -5.93 7.00
C VAL B 229 -19.38 -4.42 6.94
N THR B 230 -18.64 -3.65 7.72
CA THR B 230 -18.78 -2.20 7.74
C THR B 230 -18.74 -1.59 6.34
N SER B 231 -17.84 -2.11 5.50
CA SER B 231 -17.68 -1.60 4.14
C SER B 231 -18.58 -2.27 3.10
N GLN B 232 -19.63 -2.94 3.56
CA GLN B 232 -20.55 -3.62 2.65
C GLN B 232 -21.99 -3.20 2.89
N VAL B 233 -22.28 -2.72 4.09
CA VAL B 233 -23.62 -2.28 4.43
C VAL B 233 -23.59 -0.80 4.80
N ASN B 234 -24.69 -0.10 4.54
CA ASN B 234 -24.76 1.32 4.87
C ASN B 234 -25.15 1.46 6.33
N THR B 235 -25.55 0.34 6.94
CA THR B 235 -25.94 0.33 8.34
C THR B 235 -24.73 0.64 9.23
N THR B 236 -25.00 1.20 10.40
CA THR B 236 -23.94 1.55 11.33
C THR B 236 -23.48 0.31 12.12
N ILE B 237 -22.20 -0.01 12.00
CA ILE B 237 -21.61 -1.14 12.69
C ILE B 237 -20.76 -0.66 13.86
N MET B 238 -20.98 -1.26 15.02
CA MET B 238 -20.28 -0.90 16.24
C MET B 238 -19.37 -2.03 16.70
N ALA B 239 -18.20 -1.67 17.21
CA ALA B 239 -17.25 -2.66 17.71
C ALA B 239 -17.36 -2.72 19.22
N ASP B 240 -17.44 -3.93 19.78
CA ASP B 240 -17.52 -4.11 21.21
C ASP B 240 -16.34 -4.97 21.67
N GLU B 241 -16.49 -6.30 21.58
CA GLU B 241 -15.42 -7.19 22.00
C GLU B 241 -14.12 -6.97 21.24
N SER B 242 -14.20 -6.36 20.06
CA SER B 242 -13.01 -6.09 19.25
C SER B 242 -12.23 -4.88 19.80
N CYS B 243 -12.82 -4.17 20.75
CA CYS B 243 -12.16 -3.00 21.32
C CYS B 243 -12.21 -2.95 22.85
N PHE B 244 -11.09 -3.27 23.48
CA PHE B 244 -10.99 -3.26 24.94
C PHE B 244 -10.40 -1.96 25.48
N ASP B 245 -9.25 -1.57 24.93
CA ASP B 245 -8.56 -0.37 25.40
C ASP B 245 -8.27 0.65 24.31
N ALA B 246 -7.51 1.68 24.69
CA ALA B 246 -7.15 2.76 23.78
C ALA B 246 -6.30 2.29 22.61
N GLN B 247 -5.42 1.34 22.85
CA GLN B 247 -4.58 0.82 21.77
C GLN B 247 -5.43 0.09 20.73
N ASP B 248 -6.48 -0.58 21.18
CA ASP B 248 -7.37 -1.28 20.26
C ASP B 248 -8.11 -0.24 19.43
N ALA B 249 -8.61 0.79 20.09
CA ALA B 249 -9.33 1.87 19.42
C ALA B 249 -8.45 2.51 18.35
N LEU B 250 -7.19 2.75 18.69
CA LEU B 250 -6.27 3.35 17.75
C LEU B 250 -6.12 2.46 16.49
N GLU B 251 -6.06 1.15 16.70
CA GLU B 251 -5.94 0.23 15.58
C GLU B 251 -7.19 0.28 14.70
N LEU B 252 -8.36 0.35 15.32
CA LEU B 252 -9.60 0.39 14.58
C LEU B 252 -9.75 1.68 13.77
N VAL B 253 -9.40 2.82 14.37
CA VAL B 253 -9.50 4.08 13.63
C VAL B 253 -8.52 4.07 12.47
N LYS B 254 -7.34 3.47 12.66
CA LYS B 254 -6.35 3.41 11.59
C LYS B 254 -6.84 2.61 10.39
N LYS B 255 -7.43 1.45 10.66
CA LYS B 255 -7.94 0.57 9.61
C LYS B 255 -9.33 0.97 9.12
N GLY B 256 -10.03 1.80 9.90
CA GLY B 256 -11.37 2.21 9.52
C GLY B 256 -12.31 1.01 9.60
N THR B 257 -12.09 0.19 10.63
CA THR B 257 -12.85 -1.03 10.86
C THR B 257 -14.35 -0.93 11.16
N VAL B 258 -14.75 0.10 11.90
CA VAL B 258 -16.16 0.30 12.26
C VAL B 258 -16.59 1.76 12.27
N ASP B 259 -17.87 1.97 12.52
CA ASP B 259 -18.48 3.30 12.57
C ASP B 259 -18.62 3.84 13.98
N VAL B 260 -18.86 2.97 14.94
CA VAL B 260 -19.06 3.37 16.33
C VAL B 260 -18.36 2.37 17.27
N ILE B 261 -17.98 2.83 18.47
CA ILE B 261 -17.29 1.94 19.41
C ILE B 261 -17.96 1.92 20.80
N ASN B 262 -18.11 0.70 21.33
CA ASN B 262 -18.70 0.46 22.65
C ASN B 262 -17.59 0.50 23.70
N ILE B 263 -17.71 1.41 24.65
CA ILE B 263 -16.73 1.53 25.73
C ILE B 263 -17.32 0.91 27.00
N LYS B 264 -16.54 0.09 27.69
CA LYS B 264 -16.96 -0.52 28.95
C LYS B 264 -15.80 -0.33 29.94
N LEU B 265 -16.09 0.21 31.12
CA LEU B 265 -15.05 0.40 32.12
C LEU B 265 -14.38 -0.94 32.48
N MET B 266 -15.17 -2.01 32.48
CA MET B 266 -14.64 -3.34 32.82
C MET B 266 -13.84 -3.98 31.70
N LYS B 267 -13.73 -3.30 30.57
CA LYS B 267 -12.94 -3.80 29.44
C LYS B 267 -11.62 -3.05 29.35
N CYS B 268 -11.68 -1.74 29.61
CA CYS B 268 -10.50 -0.89 29.50
C CYS B 268 -9.72 -0.62 30.78
N GLY B 269 -10.31 -0.91 31.94
CA GLY B 269 -9.60 -0.66 33.18
C GLY B 269 -9.98 0.64 33.88
N GLY B 270 -11.20 1.11 33.68
CA GLY B 270 -11.62 2.32 34.36
C GLY B 270 -11.76 3.59 33.55
N ILE B 271 -12.25 4.62 34.23
CA ILE B 271 -12.48 5.94 33.65
C ILE B 271 -11.26 6.55 32.95
N HIS B 272 -10.10 6.49 33.60
CA HIS B 272 -8.88 7.04 33.02
C HIS B 272 -8.59 6.52 31.63
N GLU B 273 -8.84 5.23 31.41
CA GLU B 273 -8.61 4.61 30.12
C GLU B 273 -9.80 4.85 29.17
N ALA B 274 -11.02 4.90 29.72
CA ALA B 274 -12.21 5.14 28.90
C ALA B 274 -12.09 6.53 28.26
N LEU B 275 -11.58 7.48 29.03
CA LEU B 275 -11.39 8.84 28.51
C LEU B 275 -10.49 8.81 27.29
N LYS B 276 -9.43 7.98 27.32
CA LYS B 276 -8.52 7.89 26.19
C LYS B 276 -9.26 7.37 24.96
N ILE B 277 -9.95 6.24 25.11
CA ILE B 277 -10.70 5.66 24.00
C ILE B 277 -11.64 6.68 23.34
N ASN B 278 -12.41 7.38 24.17
CA ASN B 278 -13.36 8.36 23.66
C ASN B 278 -12.67 9.50 22.90
N GLN B 279 -11.53 9.94 23.41
CA GLN B 279 -10.77 11.01 22.76
C GLN B 279 -10.23 10.59 21.41
N ILE B 280 -9.71 9.36 21.34
CA ILE B 280 -9.18 8.85 20.10
C ILE B 280 -10.33 8.78 19.09
N CYS B 281 -11.48 8.29 19.53
CA CYS B 281 -12.65 8.16 18.69
C CYS B 281 -13.20 9.52 18.22
N GLU B 282 -13.42 10.42 19.17
CA GLU B 282 -13.92 11.74 18.83
C GLU B 282 -13.03 12.37 17.76
N THR B 283 -11.72 12.31 17.96
CA THR B 283 -10.78 12.89 17.01
C THR B 283 -10.93 12.27 15.62
N ALA B 284 -11.23 10.97 15.57
CA ALA B 284 -11.39 10.27 14.29
C ALA B 284 -12.82 10.30 13.75
N GLY B 285 -13.71 11.01 14.43
CA GLY B 285 -15.09 11.11 13.97
C GLY B 285 -15.95 9.88 14.23
N ILE B 286 -15.58 9.12 15.26
CA ILE B 286 -16.29 7.91 15.65
C ILE B 286 -16.94 8.16 17.01
N GLU B 287 -18.26 8.11 17.08
CA GLU B 287 -18.93 8.32 18.37
C GLU B 287 -18.79 7.06 19.21
N CYS B 288 -19.11 7.16 20.50
CA CYS B 288 -18.99 6.04 21.42
C CYS B 288 -20.26 5.79 22.21
N MET B 289 -20.47 4.52 22.55
CA MET B 289 -21.61 4.14 23.36
C MET B 289 -20.98 3.58 24.63
N ILE B 290 -21.55 3.90 25.79
CA ILE B 290 -21.04 3.40 27.05
C ILE B 290 -21.86 2.15 27.37
N GLY B 291 -21.17 1.05 27.67
CA GLY B 291 -21.85 -0.20 27.97
C GLY B 291 -21.58 -0.71 29.38
N CYS B 292 -21.94 -1.96 29.63
CA CYS B 292 -21.74 -2.55 30.95
C CYS B 292 -21.72 -4.06 30.87
N MET B 293 -21.23 -4.69 31.95
CA MET B 293 -21.18 -6.14 32.03
C MET B 293 -22.41 -6.51 32.86
N ALA B 294 -22.96 -7.69 32.64
CA ALA B 294 -24.12 -8.10 33.42
C ALA B 294 -23.71 -8.30 34.88
N GLU B 295 -22.43 -8.57 35.11
CA GLU B 295 -21.92 -8.79 36.46
C GLU B 295 -21.71 -7.55 37.31
N GLU B 296 -21.74 -6.36 36.73
CA GLU B 296 -21.54 -5.19 37.57
C GLU B 296 -22.85 -4.69 38.12
N THR B 297 -22.78 -3.81 39.10
CA THR B 297 -23.99 -3.30 39.73
C THR B 297 -23.99 -1.79 39.87
N THR B 298 -24.64 -1.32 40.94
CA THR B 298 -24.77 0.10 41.21
C THR B 298 -23.52 0.96 41.02
N ILE B 299 -22.41 0.55 41.62
CA ILE B 299 -21.17 1.34 41.52
C ILE B 299 -20.66 1.46 40.09
N GLY B 300 -20.52 0.33 39.40
CA GLY B 300 -20.02 0.35 38.04
C GLY B 300 -20.90 1.16 37.11
N ILE B 301 -22.20 1.00 37.27
CA ILE B 301 -23.16 1.71 36.44
C ILE B 301 -23.14 3.21 36.72
N THR B 302 -23.08 3.58 37.99
CA THR B 302 -23.06 4.99 38.34
C THR B 302 -21.83 5.69 37.80
N ALA B 303 -20.67 5.06 37.91
CA ALA B 303 -19.44 5.64 37.39
C ALA B 303 -19.58 5.83 35.88
N ALA B 304 -20.07 4.79 35.20
CA ALA B 304 -20.24 4.86 33.76
C ALA B 304 -21.17 6.00 33.35
N ALA B 305 -22.23 6.20 34.11
CA ALA B 305 -23.22 7.25 33.80
C ALA B 305 -22.64 8.65 33.95
N HIS B 306 -21.76 8.84 34.91
CA HIS B 306 -21.16 10.15 35.12
C HIS B 306 -20.22 10.42 33.95
N LEU B 307 -19.52 9.38 33.51
CA LEU B 307 -18.61 9.54 32.39
C LEU B 307 -19.38 9.85 31.11
N ALA B 308 -20.46 9.10 30.88
CA ALA B 308 -21.27 9.30 29.69
C ALA B 308 -21.91 10.70 29.67
N ALA B 309 -22.47 11.10 30.79
CA ALA B 309 -23.09 12.41 30.90
C ALA B 309 -22.09 13.52 30.62
N ALA B 310 -20.89 13.38 31.18
CA ALA B 310 -19.86 14.39 31.05
C ALA B 310 -19.23 14.59 29.68
N GLN B 311 -19.15 13.51 28.90
CA GLN B 311 -18.50 13.56 27.58
C GLN B 311 -19.44 13.65 26.37
N LYS B 312 -19.24 14.69 25.56
CA LYS B 312 -20.07 14.90 24.39
C LYS B 312 -20.12 13.78 23.37
N ASN B 313 -18.97 13.17 23.09
CA ASN B 313 -18.88 12.12 22.10
C ASN B 313 -19.42 10.75 22.54
N ILE B 314 -19.81 10.62 23.81
CA ILE B 314 -20.41 9.37 24.26
C ILE B 314 -21.90 9.68 24.08
N THR B 315 -22.40 9.42 22.87
CA THR B 315 -23.77 9.72 22.49
C THR B 315 -24.86 8.68 22.68
N ARG B 316 -24.47 7.49 23.14
CA ARG B 316 -25.43 6.41 23.37
C ARG B 316 -25.05 5.73 24.69
N ALA B 317 -26.02 5.12 25.34
CA ALA B 317 -25.73 4.44 26.59
C ALA B 317 -26.51 3.14 26.71
N ASP B 318 -25.82 2.12 27.21
CA ASP B 318 -26.41 0.80 27.42
C ASP B 318 -26.02 0.41 28.85
N LEU B 319 -26.62 1.12 29.81
CA LEU B 319 -26.37 0.95 31.23
C LEU B 319 -27.62 0.42 31.92
N ASP B 320 -27.90 -0.86 31.75
CA ASP B 320 -29.10 -1.47 32.30
C ASP B 320 -28.85 -2.64 33.25
N ALA B 321 -27.61 -2.77 33.72
CA ALA B 321 -27.26 -3.86 34.63
C ALA B 321 -27.97 -3.79 35.99
N THR B 322 -28.41 -2.61 36.40
CA THR B 322 -29.09 -2.50 37.70
C THR B 322 -30.56 -2.90 37.64
N PHE B 323 -31.14 -2.89 36.44
CA PHE B 323 -32.54 -3.22 36.26
C PHE B 323 -32.89 -4.66 36.60
N GLY B 324 -31.90 -5.55 36.52
CA GLY B 324 -32.15 -6.94 36.82
C GLY B 324 -31.77 -7.39 38.22
N LEU B 325 -31.20 -6.49 39.03
CA LEU B 325 -30.79 -6.85 40.38
C LEU B 325 -31.94 -7.07 41.37
N GLU B 326 -31.85 -8.15 42.15
CA GLU B 326 -32.88 -8.46 43.14
C GLU B 326 -32.83 -7.51 44.32
N THR B 327 -31.65 -6.99 44.63
CA THR B 327 -31.48 -6.05 45.74
C THR B 327 -30.25 -5.18 45.49
N ALA B 328 -30.20 -4.02 46.15
CA ALA B 328 -29.10 -3.09 45.99
C ALA B 328 -27.92 -3.39 46.92
N PRO B 329 -26.72 -3.59 46.36
CA PRO B 329 -25.52 -3.88 47.13
C PRO B 329 -25.02 -2.67 47.91
N VAL B 330 -25.48 -1.50 47.51
CA VAL B 330 -25.06 -0.27 48.15
C VAL B 330 -26.20 0.74 48.22
N THR B 331 -25.95 1.86 48.89
CA THR B 331 -26.94 2.93 49.04
C THR B 331 -26.62 4.09 48.09
N GLY B 332 -27.65 4.62 47.44
CA GLY B 332 -27.44 5.73 46.52
C GLY B 332 -27.00 5.32 45.12
N GLY B 333 -26.57 6.29 44.33
CA GLY B 333 -26.13 6.03 42.98
C GLY B 333 -27.31 5.74 42.07
N VAL B 334 -27.05 5.11 40.92
CA VAL B 334 -28.11 4.79 39.98
C VAL B 334 -29.04 3.71 40.54
N SER B 335 -30.33 4.03 40.55
CA SER B 335 -31.38 3.15 41.07
C SER B 335 -31.55 1.86 40.30
N LEU B 336 -32.24 0.89 40.91
CA LEU B 336 -32.50 -0.38 40.24
C LEU B 336 -33.79 -0.27 39.43
N GLU B 337 -34.51 0.83 39.61
CA GLU B 337 -35.76 1.05 38.88
C GLU B 337 -35.46 1.00 37.40
N ALA B 338 -36.20 0.19 36.67
CA ALA B 338 -36.02 0.08 35.22
C ALA B 338 -36.62 1.30 34.55
N LYS B 339 -35.77 2.24 34.19
CA LYS B 339 -36.18 3.47 33.53
C LYS B 339 -35.05 3.92 32.61
N PRO B 340 -35.38 4.62 31.52
CA PRO B 340 -34.38 5.09 30.56
C PRO B 340 -33.58 6.30 31.05
N LEU B 341 -34.20 7.14 31.86
CA LEU B 341 -33.50 8.32 32.35
C LEU B 341 -32.71 8.09 33.62
N LEU B 342 -31.39 8.30 33.50
CA LEU B 342 -30.51 8.16 34.64
C LEU B 342 -30.06 9.58 34.95
N GLU B 343 -30.69 10.18 35.95
CA GLU B 343 -30.36 11.53 36.34
C GLU B 343 -29.35 11.50 37.47
N LEU B 344 -28.30 12.29 37.33
CA LEU B 344 -27.26 12.35 38.33
C LEU B 344 -27.54 13.57 39.20
N GLY B 345 -27.39 13.40 40.51
CA GLY B 345 -27.66 14.50 41.41
C GLY B 345 -26.44 15.35 41.68
N GLU B 346 -26.55 16.24 42.65
CA GLU B 346 -25.48 17.14 43.03
C GLU B 346 -24.53 16.55 44.07
N ALA B 347 -24.80 15.32 44.49
CA ALA B 347 -23.96 14.67 45.48
C ALA B 347 -22.52 14.60 44.94
N ALA B 348 -21.54 14.88 45.79
CA ALA B 348 -20.12 14.85 45.39
C ALA B 348 -19.69 13.42 45.04
N GLY B 349 -18.79 13.30 44.07
CA GLY B 349 -18.34 11.97 43.68
C GLY B 349 -19.44 11.16 43.02
N LEU B 350 -19.63 9.92 43.48
CA LEU B 350 -20.67 9.03 42.93
C LEU B 350 -21.97 9.12 43.73
N GLY B 351 -21.90 9.69 44.93
CA GLY B 351 -23.08 9.82 45.77
C GLY B 351 -23.48 8.48 46.37
N ILE B 352 -22.52 7.56 46.45
CA ILE B 352 -22.74 6.22 46.97
C ILE B 352 -22.16 6.02 48.36
N SER B 353 -22.83 5.20 49.17
CA SER B 353 -22.36 4.93 50.53
C SER B 353 -22.75 3.50 50.92
N HIS B 354 -22.29 3.03 52.08
CA HIS B 354 -22.56 1.67 52.54
C HIS B 354 -23.99 1.18 52.35
N MET C 1 4.60 -28.40 -44.01
CA MET C 1 5.46 -29.20 -43.10
C MET C 1 4.64 -29.81 -41.97
N LYS C 2 4.77 -31.12 -41.77
CA LYS C 2 4.03 -31.82 -40.73
C LYS C 2 4.87 -32.84 -39.96
N ILE C 3 4.49 -33.06 -38.69
CA ILE C 3 5.18 -34.01 -37.84
C ILE C 3 4.67 -35.42 -38.13
N LYS C 4 5.59 -36.31 -38.49
CA LYS C 4 5.26 -37.69 -38.82
C LYS C 4 5.23 -38.56 -37.56
N GLN C 5 6.37 -38.62 -36.86
CA GLN C 5 6.49 -39.42 -35.65
C GLN C 5 7.41 -38.75 -34.64
N VAL C 6 7.16 -39.04 -33.38
CA VAL C 6 7.97 -38.49 -32.29
C VAL C 6 8.68 -39.65 -31.58
N HIS C 7 10.00 -39.62 -31.60
CA HIS C 7 10.80 -40.65 -30.97
C HIS C 7 11.53 -40.09 -29.77
N VAL C 8 11.51 -40.84 -28.66
CA VAL C 8 12.17 -40.41 -27.43
C VAL C 8 12.83 -41.58 -26.72
N ARG C 9 14.12 -41.42 -26.40
CA ARG C 9 14.87 -42.45 -25.70
C ARG C 9 15.45 -41.89 -24.41
N ALA C 10 16.56 -42.45 -23.94
CA ALA C 10 17.17 -41.98 -22.70
C ALA C 10 18.69 -42.04 -22.73
N SER C 11 19.33 -40.93 -22.42
CA SER C 11 20.79 -40.86 -22.40
C SER C 11 21.30 -40.88 -20.97
N LYS C 12 22.53 -41.37 -20.79
CA LYS C 12 23.13 -41.45 -19.47
C LYS C 12 24.65 -41.35 -19.60
N ILE C 13 25.20 -40.21 -19.22
CA ILE C 13 26.63 -39.97 -19.33
C ILE C 13 27.23 -39.59 -17.97
N LYS C 14 28.14 -40.43 -17.49
CA LYS C 14 28.79 -40.18 -16.21
C LYS C 14 29.68 -38.94 -16.31
N LEU C 15 29.82 -38.22 -15.20
CA LEU C 15 30.65 -37.02 -15.18
C LEU C 15 32.08 -37.37 -14.75
N LYS C 16 33.03 -36.55 -15.19
CA LYS C 16 34.44 -36.76 -14.84
C LYS C 16 34.49 -36.97 -13.33
N GLU C 17 33.73 -36.15 -12.62
CA GLU C 17 33.64 -36.20 -11.16
C GLU C 17 32.33 -35.56 -10.72
N THR C 18 31.75 -36.09 -9.66
CA THR C 18 30.48 -35.58 -9.13
C THR C 18 30.56 -34.13 -8.71
N PHE C 19 29.47 -33.39 -8.92
CA PHE C 19 29.39 -31.99 -8.56
C PHE C 19 28.52 -31.81 -7.31
N THR C 20 28.99 -30.98 -6.39
CA THR C 20 28.26 -30.72 -5.16
C THR C 20 27.59 -29.35 -5.14
N ILE C 21 26.29 -29.36 -4.88
CA ILE C 21 25.48 -28.14 -4.80
C ILE C 21 24.82 -28.14 -3.42
N ALA C 22 24.36 -26.98 -2.97
CA ALA C 22 23.72 -26.90 -1.67
C ALA C 22 22.54 -27.88 -1.59
N LEU C 23 21.89 -28.09 -2.72
CA LEU C 23 20.75 -29.00 -2.80
C LEU C 23 21.16 -30.47 -2.82
N GLY C 24 22.46 -30.70 -2.97
CA GLY C 24 22.97 -32.07 -3.01
C GLY C 24 24.07 -32.23 -4.03
N THR C 25 24.27 -33.47 -4.49
CA THR C 25 25.31 -33.74 -5.49
C THR C 25 24.73 -34.58 -6.63
N ILE C 26 25.52 -34.75 -7.68
CA ILE C 26 25.10 -35.53 -8.83
C ILE C 26 26.33 -36.16 -9.51
N GLU C 27 26.25 -37.47 -9.73
CA GLU C 27 27.35 -38.21 -10.35
C GLU C 27 27.27 -38.29 -11.87
N SER C 28 26.17 -38.82 -12.37
CA SER C 28 25.96 -38.96 -13.80
C SER C 28 25.23 -37.75 -14.38
N ALA C 29 24.51 -37.99 -15.46
CA ALA C 29 23.73 -36.95 -16.14
C ALA C 29 22.79 -37.69 -17.07
N ASP C 30 21.58 -37.94 -16.59
CA ASP C 30 20.59 -38.66 -17.38
C ASP C 30 19.51 -37.73 -17.91
N SER C 31 19.35 -37.72 -19.22
CA SER C 31 18.35 -36.88 -19.87
C SER C 31 17.66 -37.65 -20.99
N ALA C 32 16.41 -37.29 -21.25
CA ALA C 32 15.64 -37.94 -22.30
C ALA C 32 15.92 -37.23 -23.63
N ILE C 33 16.31 -37.99 -24.64
CA ILE C 33 16.59 -37.41 -25.95
C ILE C 33 15.42 -37.62 -26.92
N VAL C 34 15.02 -36.53 -27.58
CA VAL C 34 13.90 -36.57 -28.51
C VAL C 34 14.31 -36.31 -29.96
N GLU C 35 13.55 -36.90 -30.87
CA GLU C 35 13.79 -36.74 -32.30
C GLU C 35 12.44 -36.68 -33.01
N ILE C 36 12.11 -35.52 -33.57
CA ILE C 36 10.85 -35.36 -34.28
C ILE C 36 11.09 -35.50 -35.77
N GLU C 37 10.36 -36.44 -36.38
CA GLU C 37 10.49 -36.71 -37.81
C GLU C 37 9.31 -36.17 -38.60
N THR C 38 9.58 -35.25 -39.51
CA THR C 38 8.52 -34.68 -40.34
C THR C 38 8.30 -35.67 -41.47
N GLU C 39 7.06 -35.82 -41.89
CA GLU C 39 6.75 -36.77 -42.96
C GLU C 39 7.48 -36.46 -44.26
N GLU C 40 8.38 -35.48 -44.23
CA GLU C 40 9.15 -35.13 -45.42
C GLU C 40 10.62 -35.51 -45.26
N GLY C 41 10.96 -36.11 -44.12
CA GLY C 41 12.34 -36.53 -43.89
C GLY C 41 13.16 -35.78 -42.85
N LEU C 42 12.80 -34.54 -42.58
CA LEU C 42 13.53 -33.72 -41.61
C LEU C 42 13.48 -34.28 -40.17
N VAL C 43 14.59 -34.11 -39.44
CA VAL C 43 14.69 -34.59 -38.07
C VAL C 43 15.14 -33.47 -37.13
N GLY C 44 14.42 -33.29 -36.03
CA GLY C 44 14.77 -32.26 -35.07
C GLY C 44 15.22 -32.87 -33.75
N TYR C 45 16.34 -32.38 -33.22
CA TYR C 45 16.87 -32.88 -31.96
C TYR C 45 16.49 -32.04 -30.75
N GLY C 46 16.01 -32.72 -29.71
CA GLY C 46 15.62 -32.05 -28.49
C GLY C 46 16.13 -32.83 -27.28
N GLU C 47 16.07 -32.22 -26.10
CA GLU C 47 16.52 -32.88 -24.88
C GLU C 47 15.78 -32.40 -23.65
N GLY C 48 15.70 -33.27 -22.65
CA GLY C 48 15.02 -32.92 -21.41
C GLY C 48 15.79 -33.44 -20.21
N GLY C 49 16.50 -32.54 -19.53
CA GLY C 49 17.27 -32.92 -18.36
C GLY C 49 16.57 -32.51 -17.08
N PRO C 50 15.76 -33.40 -16.50
CA PRO C 50 15.02 -33.12 -15.25
C PRO C 50 15.88 -33.12 -13.99
N GLY C 51 15.79 -32.04 -13.22
CA GLY C 51 16.52 -31.94 -11.97
C GLY C 51 15.52 -32.20 -10.86
N ILE C 52 15.47 -33.44 -10.40
CA ILE C 52 14.54 -33.84 -9.36
C ILE C 52 14.52 -32.93 -8.13
N PHE C 53 15.67 -32.43 -7.72
CA PHE C 53 15.70 -31.57 -6.55
C PHE C 53 15.53 -30.10 -6.91
N ILE C 54 14.90 -29.87 -8.07
CA ILE C 54 14.65 -28.51 -8.55
C ILE C 54 13.19 -28.42 -8.99
N THR C 55 12.80 -29.30 -9.91
CA THR C 55 11.44 -29.30 -10.41
C THR C 55 10.67 -30.54 -9.97
N GLY C 56 11.39 -31.50 -9.38
CA GLY C 56 10.75 -32.72 -8.93
C GLY C 56 10.45 -33.68 -10.07
N GLU C 57 10.96 -33.36 -11.25
CA GLU C 57 10.72 -34.20 -12.42
C GLU C 57 11.65 -35.40 -12.47
N THR C 58 11.06 -36.57 -12.73
CA THR C 58 11.83 -37.80 -12.82
C THR C 58 12.03 -38.16 -14.30
N LEU C 59 13.06 -38.94 -14.59
CA LEU C 59 13.31 -39.34 -15.97
C LEU C 59 12.17 -40.21 -16.45
N ALA C 60 11.66 -41.07 -15.58
CA ALA C 60 10.56 -41.96 -15.91
C ALA C 60 9.28 -41.17 -16.18
N GLY C 61 9.07 -40.12 -15.40
CA GLY C 61 7.88 -39.30 -15.58
C GLY C 61 8.02 -38.47 -16.85
N THR C 62 9.23 -37.97 -17.10
CA THR C 62 9.50 -37.16 -18.26
C THR C 62 9.24 -37.96 -19.53
N LEU C 63 9.64 -39.23 -19.53
CA LEU C 63 9.43 -40.10 -20.67
C LEU C 63 7.94 -40.33 -20.95
N GLU C 64 7.20 -40.73 -19.92
CA GLU C 64 5.76 -40.97 -20.09
C GLU C 64 5.03 -39.70 -20.56
N THR C 65 5.59 -38.54 -20.25
CA THR C 65 4.99 -37.28 -20.67
C THR C 65 5.38 -36.99 -22.11
N ILE C 66 6.69 -36.96 -22.37
CA ILE C 66 7.20 -36.71 -23.71
C ILE C 66 6.54 -37.63 -24.74
N GLU C 67 6.10 -38.78 -24.27
CA GLU C 67 5.44 -39.76 -25.13
C GLU C 67 3.99 -39.35 -25.32
N LEU C 68 3.37 -38.85 -24.26
CA LEU C 68 1.99 -38.41 -24.33
C LEU C 68 1.88 -37.18 -25.24
N PHE C 69 2.92 -36.36 -25.24
CA PHE C 69 2.94 -35.15 -26.06
C PHE C 69 3.19 -35.51 -27.52
N GLY C 70 4.25 -36.27 -27.75
CA GLY C 70 4.59 -36.67 -29.12
C GLY C 70 3.42 -37.19 -29.92
N GLN C 71 2.51 -37.90 -29.25
CA GLN C 71 1.35 -38.46 -29.92
C GLN C 71 0.25 -37.44 -30.15
N ALA C 72 0.25 -36.38 -29.34
CA ALA C 72 -0.76 -35.35 -29.46
C ALA C 72 -0.40 -34.35 -30.57
N ILE C 73 0.88 -34.27 -30.90
CA ILE C 73 1.33 -33.33 -31.93
C ILE C 73 1.65 -33.96 -33.29
N ILE C 74 1.06 -35.12 -33.57
CA ILE C 74 1.30 -35.78 -34.85
C ILE C 74 0.47 -35.09 -35.92
N GLY C 75 1.14 -34.60 -36.96
CA GLY C 75 0.43 -33.92 -38.04
C GLY C 75 0.50 -32.41 -37.95
N LEU C 76 0.81 -31.89 -36.77
CA LEU C 76 0.90 -30.44 -36.59
C LEU C 76 2.16 -29.88 -37.25
N ASN C 77 2.14 -28.60 -37.58
CA ASN C 77 3.27 -27.95 -38.21
C ASN C 77 4.24 -27.53 -37.10
N PRO C 78 5.54 -27.82 -37.28
CA PRO C 78 6.56 -27.46 -36.29
C PRO C 78 6.64 -25.95 -36.05
N PHE C 79 6.18 -25.17 -37.02
CA PHE C 79 6.18 -23.72 -36.92
C PHE C 79 5.01 -23.19 -36.09
N ASN C 80 4.01 -24.03 -35.89
CA ASN C 80 2.86 -23.64 -35.09
C ASN C 80 3.27 -23.94 -33.64
N ILE C 81 4.33 -23.28 -33.19
CA ILE C 81 4.83 -23.49 -31.85
C ILE C 81 3.80 -23.00 -30.83
N GLU C 82 2.85 -22.20 -31.32
CA GLU C 82 1.78 -21.68 -30.49
C GLU C 82 0.85 -22.83 -30.09
N LYS C 83 0.29 -23.51 -31.08
CA LYS C 83 -0.63 -24.62 -30.78
C LYS C 83 0.05 -25.77 -30.06
N ILE C 84 1.30 -26.07 -30.43
CA ILE C 84 2.04 -27.16 -29.80
C ILE C 84 2.13 -26.98 -28.29
N HIS C 85 2.44 -25.76 -27.86
CA HIS C 85 2.54 -25.46 -26.43
C HIS C 85 1.15 -25.47 -25.79
N GLU C 86 0.14 -25.09 -26.56
CA GLU C 86 -1.23 -25.08 -26.06
C GLU C 86 -1.65 -26.52 -25.82
N VAL C 87 -1.27 -27.39 -26.76
CA VAL C 87 -1.62 -28.80 -26.66
C VAL C 87 -0.91 -29.45 -25.47
N MET C 88 0.40 -29.19 -25.34
CA MET C 88 1.14 -29.75 -24.22
C MET C 88 0.57 -29.28 -22.88
N ASP C 89 0.37 -27.98 -22.73
CA ASP C 89 -0.19 -27.43 -21.49
C ASP C 89 -1.58 -27.99 -21.21
N LYS C 90 -2.27 -28.38 -22.26
CA LYS C 90 -3.62 -28.93 -22.14
C LYS C 90 -3.54 -30.33 -21.54
N ILE C 91 -2.39 -30.98 -21.71
CA ILE C 91 -2.17 -32.33 -21.21
C ILE C 91 -1.66 -32.38 -19.77
N SER C 92 -0.53 -31.75 -19.49
CA SER C 92 0.02 -31.74 -18.12
C SER C 92 0.19 -30.32 -17.59
N ALA C 93 -0.29 -30.11 -16.37
CA ALA C 93 -0.22 -28.80 -15.72
C ALA C 93 1.20 -28.41 -15.30
N PHE C 94 2.12 -29.38 -15.33
CA PHE C 94 3.50 -29.10 -14.96
C PHE C 94 4.44 -30.20 -15.41
N ALA C 95 5.39 -29.83 -16.27
CA ALA C 95 6.38 -30.77 -16.80
C ALA C 95 7.28 -30.00 -17.78
N PRO C 96 8.09 -29.06 -17.27
CA PRO C 96 9.02 -28.23 -18.04
C PRO C 96 10.13 -28.95 -18.81
N ALA C 97 10.61 -30.08 -18.31
CA ALA C 97 11.66 -30.81 -19.01
C ALA C 97 11.09 -31.51 -20.24
N ALA C 98 9.90 -32.10 -20.08
CA ALA C 98 9.24 -32.79 -21.17
C ALA C 98 8.90 -31.82 -22.30
N LYS C 99 8.37 -30.66 -21.92
CA LYS C 99 8.00 -29.65 -22.89
C LYS C 99 9.20 -29.02 -23.58
N ALA C 100 10.28 -28.81 -22.81
CA ALA C 100 11.49 -28.24 -23.36
C ALA C 100 12.09 -29.15 -24.43
N ALA C 101 12.00 -30.45 -24.17
CA ALA C 101 12.52 -31.45 -25.11
C ALA C 101 11.83 -31.30 -26.45
N ILE C 102 10.50 -31.31 -26.41
CA ILE C 102 9.70 -31.17 -27.63
C ILE C 102 9.96 -29.80 -28.25
N ASP C 103 9.74 -28.76 -27.46
CA ASP C 103 9.95 -27.38 -27.90
C ASP C 103 11.25 -27.24 -28.68
N ILE C 104 12.37 -27.61 -28.05
CA ILE C 104 13.68 -27.50 -28.69
C ILE C 104 13.75 -28.18 -30.04
N ALA C 105 13.16 -29.37 -30.16
CA ALA C 105 13.19 -30.09 -31.42
C ALA C 105 12.51 -29.27 -32.51
N CYS C 106 11.35 -28.72 -32.18
CA CYS C 106 10.59 -27.92 -33.13
C CYS C 106 11.41 -26.74 -33.63
N TYR C 107 12.10 -26.05 -32.73
CA TYR C 107 12.92 -24.93 -33.15
C TYR C 107 14.06 -25.41 -34.04
N ASP C 108 14.60 -26.57 -33.71
CA ASP C 108 15.70 -27.13 -34.52
C ASP C 108 15.16 -27.39 -35.93
N LEU C 109 13.93 -27.88 -36.00
CA LEU C 109 13.30 -28.15 -37.29
C LEU C 109 13.06 -26.85 -38.05
N MET C 110 12.56 -25.84 -37.33
CA MET C 110 12.31 -24.54 -37.94
C MET C 110 13.58 -24.05 -38.60
N GLY C 111 14.68 -24.16 -37.88
CA GLY C 111 15.97 -23.71 -38.41
C GLY C 111 16.37 -24.49 -39.65
N GLN C 112 15.99 -25.76 -39.69
CA GLN C 112 16.31 -26.63 -40.81
C GLN C 112 15.44 -26.30 -42.02
N LYS C 113 14.13 -26.26 -41.81
CA LYS C 113 13.17 -25.95 -42.87
C LYS C 113 13.41 -24.58 -43.52
N ALA C 114 14.00 -23.67 -42.76
CA ALA C 114 14.28 -22.32 -43.27
C ALA C 114 15.74 -22.18 -43.63
N GLN C 115 16.50 -23.24 -43.38
CA GLN C 115 17.93 -23.25 -43.68
C GLN C 115 18.68 -22.06 -43.10
N LEU C 116 18.61 -21.92 -41.78
CA LEU C 116 19.28 -20.83 -41.07
C LEU C 116 19.63 -21.33 -39.68
N PRO C 117 20.78 -20.90 -39.14
CA PRO C 117 21.09 -21.38 -37.78
C PRO C 117 20.02 -20.82 -36.84
N LEU C 118 19.68 -21.60 -35.81
CA LEU C 118 18.64 -21.19 -34.85
C LEU C 118 18.78 -19.76 -34.32
N TYR C 119 19.99 -19.35 -33.97
CA TYR C 119 20.18 -18.01 -33.43
C TYR C 119 19.69 -16.89 -34.38
N GLN C 120 19.56 -17.21 -35.67
CA GLN C 120 19.11 -16.24 -36.65
C GLN C 120 17.60 -16.03 -36.57
N LEU C 121 16.87 -17.13 -36.38
CA LEU C 121 15.41 -17.04 -36.27
C LEU C 121 14.97 -16.48 -34.93
N LEU C 122 15.85 -16.53 -33.93
CA LEU C 122 15.50 -16.05 -32.61
C LEU C 122 15.97 -14.64 -32.26
N GLY C 123 16.53 -13.91 -33.23
CA GLY C 123 16.98 -12.56 -32.94
C GLY C 123 18.22 -12.10 -33.66
N GLY C 124 19.17 -13.02 -33.87
CA GLY C 124 20.40 -12.70 -34.57
C GLY C 124 21.32 -11.64 -33.98
N TYR C 125 21.19 -11.36 -32.70
CA TYR C 125 22.03 -10.33 -32.09
C TYR C 125 23.52 -10.68 -32.11
N ASP C 126 23.82 -11.98 -32.04
CA ASP C 126 25.22 -12.43 -32.04
C ASP C 126 25.24 -13.89 -32.47
N ASN C 127 26.44 -14.41 -32.77
CA ASN C 127 26.58 -15.79 -33.20
C ASN C 127 27.46 -16.62 -32.26
N GLN C 128 27.78 -16.05 -31.11
CA GLN C 128 28.60 -16.72 -30.12
C GLN C 128 28.25 -16.22 -28.74
N VAL C 129 28.68 -16.95 -27.72
CA VAL C 129 28.40 -16.58 -26.34
C VAL C 129 29.53 -17.03 -25.43
N ILE C 130 29.98 -16.14 -24.55
CA ILE C 130 31.06 -16.44 -23.62
C ILE C 130 30.46 -16.91 -22.28
N THR C 131 30.73 -18.16 -21.92
CA THR C 131 30.21 -18.72 -20.69
C THR C 131 31.22 -18.74 -19.55
N ASP C 132 30.72 -19.06 -18.36
CA ASP C 132 31.55 -19.18 -17.17
C ASP C 132 31.64 -20.67 -16.86
N ILE C 133 32.40 -21.01 -15.83
CA ILE C 133 32.54 -22.40 -15.44
C ILE C 133 32.15 -22.50 -13.95
N THR C 134 31.29 -23.46 -13.63
CA THR C 134 30.80 -23.66 -12.27
C THR C 134 31.65 -24.55 -11.36
N LEU C 135 32.25 -23.95 -10.34
CA LEU C 135 33.07 -24.70 -9.39
C LEU C 135 32.19 -25.32 -8.30
N GLY C 136 32.11 -26.64 -8.29
CA GLY C 136 31.31 -27.34 -7.30
C GLY C 136 31.77 -27.07 -5.88
N ILE C 137 30.93 -27.42 -4.91
CA ILE C 137 31.26 -27.20 -3.50
C ILE C 137 32.34 -28.14 -2.98
N ASP C 138 33.32 -27.55 -2.29
CA ASP C 138 34.42 -28.31 -1.72
C ASP C 138 35.22 -27.41 -0.77
N GLU C 139 36.41 -27.84 -0.39
CA GLU C 139 37.25 -27.08 0.53
C GLU C 139 37.83 -25.83 -0.14
N PRO C 140 38.04 -24.76 0.65
CA PRO C 140 38.58 -23.49 0.16
C PRO C 140 39.92 -23.60 -0.58
N ASN C 141 40.73 -24.57 -0.17
CA ASN C 141 42.03 -24.77 -0.80
C ASN C 141 41.88 -25.59 -2.08
N VAL C 142 40.86 -26.44 -2.10
CA VAL C 142 40.58 -27.28 -3.27
C VAL C 142 39.91 -26.46 -4.37
N MET C 143 38.95 -25.62 -3.99
CA MET C 143 38.25 -24.78 -4.94
C MET C 143 39.20 -23.76 -5.55
N ALA C 144 40.04 -23.16 -4.71
CA ALA C 144 41.00 -22.17 -5.17
C ALA C 144 41.98 -22.84 -6.13
N GLN C 145 42.02 -24.17 -6.07
CA GLN C 145 42.90 -24.95 -6.92
C GLN C 145 42.34 -24.98 -8.33
N LYS C 146 41.08 -25.41 -8.45
CA LYS C 146 40.43 -25.48 -9.76
C LYS C 146 40.27 -24.08 -10.34
N ALA C 147 40.27 -23.07 -9.47
CA ALA C 147 40.14 -21.68 -9.92
C ALA C 147 41.31 -21.33 -10.82
N VAL C 148 42.52 -21.40 -10.28
CA VAL C 148 43.72 -21.10 -11.05
C VAL C 148 43.78 -22.05 -12.26
N GLU C 149 43.21 -23.23 -12.07
CA GLU C 149 43.17 -24.26 -13.11
C GLU C 149 42.29 -23.82 -14.28
N LYS C 150 41.02 -23.56 -14.00
CA LYS C 150 40.07 -23.15 -15.03
C LYS C 150 40.46 -21.83 -15.68
N VAL C 151 41.08 -20.94 -14.91
CA VAL C 151 41.50 -19.65 -15.44
C VAL C 151 42.51 -19.85 -16.56
N LYS C 152 43.32 -20.90 -16.46
CA LYS C 152 44.32 -21.20 -17.49
C LYS C 152 43.63 -21.72 -18.74
N LEU C 153 42.40 -22.21 -18.57
CA LEU C 153 41.63 -22.75 -19.68
C LEU C 153 40.95 -21.64 -20.48
N GLY C 154 41.30 -20.40 -20.17
CA GLY C 154 40.72 -19.26 -20.88
C GLY C 154 39.59 -18.57 -20.15
N PHE C 155 38.99 -19.27 -19.19
CA PHE C 155 37.87 -18.74 -18.41
C PHE C 155 38.23 -17.49 -17.61
N ASP C 156 37.42 -16.45 -17.76
CA ASP C 156 37.63 -15.20 -17.06
C ASP C 156 36.53 -14.98 -16.02
N THR C 157 35.56 -15.89 -16.01
CA THR C 157 34.44 -15.80 -15.07
C THR C 157 34.16 -17.14 -14.41
N LEU C 158 34.21 -17.16 -13.09
CA LEU C 158 33.98 -18.38 -12.33
C LEU C 158 32.70 -18.31 -11.50
N LYS C 159 31.92 -19.39 -11.54
CA LYS C 159 30.67 -19.49 -10.79
C LYS C 159 30.90 -20.36 -9.55
N ILE C 160 31.23 -19.71 -8.44
CA ILE C 160 31.51 -20.39 -7.18
C ILE C 160 30.27 -20.85 -6.42
N LYS C 161 30.18 -22.14 -6.17
CA LYS C 161 29.05 -22.70 -5.43
C LYS C 161 29.30 -22.65 -3.92
N VAL C 162 28.27 -22.30 -3.16
CA VAL C 162 28.37 -22.24 -1.70
C VAL C 162 27.09 -22.83 -1.15
N GLY C 163 27.11 -23.28 0.10
CA GLY C 163 25.90 -23.86 0.66
C GLY C 163 25.94 -24.23 2.13
N THR C 164 27.14 -24.41 2.69
CA THR C 164 27.25 -24.75 4.10
C THR C 164 27.06 -23.50 4.95
N GLY C 165 27.92 -23.32 5.95
CA GLY C 165 27.80 -22.15 6.80
C GLY C 165 28.51 -20.96 6.16
N ILE C 166 27.93 -19.77 6.31
CA ILE C 166 28.54 -18.57 5.74
C ILE C 166 29.98 -18.45 6.23
N GLU C 167 30.30 -19.20 7.29
CA GLU C 167 31.65 -19.19 7.84
C GLU C 167 32.59 -19.75 6.78
N ALA C 168 32.34 -20.99 6.38
CA ALA C 168 33.15 -21.68 5.39
C ALA C 168 33.01 -21.04 4.00
N ASP C 169 31.78 -20.72 3.62
CA ASP C 169 31.53 -20.11 2.32
C ASP C 169 32.43 -18.90 2.12
N ILE C 170 32.45 -18.02 3.11
CA ILE C 170 33.28 -16.83 3.03
C ILE C 170 34.74 -17.26 2.87
N ALA C 171 35.10 -18.37 3.53
CA ALA C 171 36.46 -18.89 3.45
C ALA C 171 36.82 -19.28 2.02
N ARG C 172 35.91 -19.99 1.36
CA ARG C 172 36.13 -20.43 -0.02
C ARG C 172 36.43 -19.24 -0.93
N VAL C 173 35.45 -18.35 -1.06
CA VAL C 173 35.58 -17.17 -1.91
C VAL C 173 36.92 -16.48 -1.72
N LYS C 174 37.25 -16.15 -0.49
CA LYS C 174 38.51 -15.48 -0.18
C LYS C 174 39.71 -16.22 -0.76
N ALA C 175 39.77 -17.52 -0.53
CA ALA C 175 40.88 -18.34 -1.02
C ALA C 175 41.02 -18.18 -2.54
N ILE C 176 39.88 -18.30 -3.23
CA ILE C 176 39.87 -18.20 -4.68
C ILE C 176 40.34 -16.84 -5.18
N ARG C 177 39.83 -15.77 -4.58
CA ARG C 177 40.23 -14.42 -4.98
C ARG C 177 41.74 -14.23 -4.80
N GLU C 178 42.25 -14.77 -3.71
CA GLU C 178 43.68 -14.67 -3.40
C GLU C 178 44.48 -15.46 -4.44
N ALA C 179 43.92 -16.58 -4.86
CA ALA C 179 44.57 -17.46 -5.83
C ALA C 179 44.51 -17.00 -7.29
N VAL C 180 43.39 -16.43 -7.72
CA VAL C 180 43.25 -15.99 -9.11
C VAL C 180 43.37 -14.50 -9.36
N GLY C 181 43.47 -13.71 -8.30
CA GLY C 181 43.59 -12.27 -8.47
C GLY C 181 42.28 -11.59 -8.82
N PHE C 182 42.28 -10.26 -8.75
CA PHE C 182 41.10 -9.45 -9.01
C PHE C 182 40.76 -9.22 -10.49
N ASP C 183 41.54 -9.83 -11.39
CA ASP C 183 41.29 -9.66 -12.82
C ASP C 183 40.14 -10.55 -13.29
N ILE C 184 39.87 -11.61 -12.53
CA ILE C 184 38.81 -12.55 -12.88
C ILE C 184 37.49 -12.24 -12.20
N LYS C 185 36.38 -12.37 -12.95
CA LYS C 185 35.06 -12.13 -12.39
C LYS C 185 34.57 -13.34 -11.63
N LEU C 186 33.99 -13.09 -10.46
CA LEU C 186 33.48 -14.16 -9.62
C LEU C 186 32.03 -13.90 -9.22
N ARG C 187 31.18 -14.87 -9.49
CA ARG C 187 29.77 -14.78 -9.13
C ARG C 187 29.46 -15.96 -8.21
N LEU C 188 28.68 -15.70 -7.16
CA LEU C 188 28.33 -16.73 -6.19
C LEU C 188 26.92 -17.27 -6.38
N ASP C 189 26.73 -18.54 -6.02
CA ASP C 189 25.43 -19.18 -6.12
C ASP C 189 25.22 -20.03 -4.88
N ALA C 190 24.35 -19.57 -3.98
CA ALA C 190 24.09 -20.27 -2.73
C ALA C 190 23.02 -21.35 -2.85
N ASN C 191 22.22 -21.28 -3.90
CA ASN C 191 21.16 -22.25 -4.11
C ASN C 191 20.17 -22.35 -2.96
N GLN C 192 19.79 -21.19 -2.40
CA GLN C 192 18.82 -21.11 -1.30
C GLN C 192 19.35 -21.52 0.07
N ALA C 193 20.67 -21.53 0.22
CA ALA C 193 21.27 -21.96 1.48
C ALA C 193 21.25 -20.96 2.64
N TRP C 194 21.21 -19.67 2.35
CA TRP C 194 21.23 -18.68 3.41
C TRP C 194 19.92 -18.03 3.79
N THR C 195 19.91 -17.49 5.01
CA THR C 195 18.75 -16.78 5.54
C THR C 195 18.96 -15.37 5.00
N PRO C 196 17.88 -14.56 4.95
CA PRO C 196 18.06 -13.20 4.44
C PRO C 196 19.15 -12.40 5.17
N LYS C 197 19.14 -12.44 6.49
CA LYS C 197 20.15 -11.70 7.24
C LYS C 197 21.52 -12.33 7.11
N ASP C 198 21.56 -13.65 6.93
CA ASP C 198 22.85 -14.32 6.77
C ASP C 198 23.43 -13.92 5.42
N ALA C 199 22.58 -13.85 4.41
CA ALA C 199 23.02 -13.47 3.06
C ALA C 199 23.66 -12.09 3.07
N VAL C 200 22.97 -11.12 3.65
CA VAL C 200 23.50 -9.76 3.71
C VAL C 200 24.82 -9.73 4.48
N LYS C 201 24.85 -10.41 5.62
CA LYS C 201 26.03 -10.47 6.47
C LYS C 201 27.23 -11.00 5.68
N ALA C 202 27.01 -12.09 4.95
CA ALA C 202 28.06 -12.70 4.15
C ALA C 202 28.51 -11.78 3.01
N ILE C 203 27.56 -11.21 2.28
CA ILE C 203 27.88 -10.33 1.16
C ILE C 203 28.72 -9.13 1.58
N GLN C 204 28.40 -8.55 2.72
CA GLN C 204 29.15 -7.39 3.19
C GLN C 204 30.54 -7.82 3.63
N ALA C 205 30.71 -9.09 3.97
CA ALA C 205 31.99 -9.63 4.39
C ALA C 205 32.91 -9.79 3.19
N LEU C 206 32.32 -10.15 2.05
CA LEU C 206 33.07 -10.34 0.82
C LEU C 206 33.17 -9.02 0.05
N ALA C 207 32.82 -7.92 0.73
CA ALA C 207 32.83 -6.59 0.15
C ALA C 207 34.06 -6.28 -0.69
N ASP C 208 35.21 -6.17 -0.05
CA ASP C 208 36.46 -5.86 -0.76
C ASP C 208 36.98 -7.03 -1.61
N TYR C 209 36.18 -8.07 -1.77
CA TYR C 209 36.57 -9.23 -2.55
C TYR C 209 35.98 -9.18 -3.96
N GLN C 210 35.50 -8.00 -4.33
CA GLN C 210 34.91 -7.78 -5.65
C GLN C 210 34.05 -8.95 -6.15
N ILE C 211 32.81 -9.02 -5.69
CA ILE C 211 31.90 -10.07 -6.12
C ILE C 211 30.97 -9.43 -7.15
N GLU C 212 30.76 -10.11 -8.27
CA GLU C 212 29.89 -9.58 -9.31
C GLU C 212 28.43 -9.68 -8.90
N LEU C 213 27.97 -10.89 -8.63
CA LEU C 213 26.59 -11.12 -8.25
C LEU C 213 26.43 -12.37 -7.41
N VAL C 214 25.30 -12.46 -6.71
CA VAL C 214 25.00 -13.62 -5.87
C VAL C 214 23.67 -14.20 -6.33
N GLU C 215 23.69 -15.48 -6.66
CA GLU C 215 22.50 -16.17 -7.15
C GLU C 215 21.68 -16.80 -6.01
N GLN C 216 20.36 -16.72 -6.14
CA GLN C 216 19.39 -17.28 -5.21
C GLN C 216 19.91 -17.53 -3.79
N PRO C 217 20.25 -16.47 -3.06
CA PRO C 217 20.76 -16.62 -1.69
C PRO C 217 19.79 -17.20 -0.66
N VAL C 218 18.49 -17.05 -0.92
CA VAL C 218 17.47 -17.52 0.01
C VAL C 218 16.49 -18.50 -0.62
N LYS C 219 15.66 -19.12 0.23
CA LYS C 219 14.65 -20.07 -0.24
C LYS C 219 13.82 -19.48 -1.37
N ARG C 220 13.44 -20.32 -2.33
CA ARG C 220 12.68 -19.89 -3.50
C ARG C 220 11.30 -19.28 -3.25
N ARG C 221 10.60 -19.77 -2.23
CA ARG C 221 9.28 -19.22 -1.93
C ARG C 221 9.38 -17.98 -1.06
N ASP C 222 10.58 -17.69 -0.55
CA ASP C 222 10.77 -16.50 0.29
C ASP C 222 11.09 -15.27 -0.53
N LEU C 223 10.11 -14.80 -1.29
CA LEU C 223 10.30 -13.64 -2.14
C LEU C 223 10.55 -12.36 -1.35
N GLU C 224 9.93 -12.24 -0.18
CA GLU C 224 10.14 -11.06 0.65
C GLU C 224 11.56 -11.02 1.15
N GLY C 225 12.08 -12.18 1.52
CA GLY C 225 13.44 -12.25 2.02
C GLY C 225 14.43 -11.98 0.89
N LEU C 226 14.06 -12.38 -0.33
CA LEU C 226 14.92 -12.18 -1.49
C LEU C 226 15.02 -10.70 -1.80
N LYS C 227 13.87 -10.03 -1.77
CA LYS C 227 13.82 -8.60 -2.04
C LYS C 227 14.65 -7.89 -0.97
N TYR C 228 14.61 -8.42 0.25
CA TYR C 228 15.37 -7.85 1.37
C TYR C 228 16.85 -7.79 1.00
N VAL C 229 17.41 -8.93 0.60
CA VAL C 229 18.81 -9.00 0.22
C VAL C 229 19.12 -8.02 -0.91
N THR C 230 18.28 -8.03 -1.93
CA THR C 230 18.46 -7.15 -3.08
C THR C 230 18.52 -5.68 -2.69
N SER C 231 17.64 -5.27 -1.78
CA SER C 231 17.58 -3.88 -1.35
C SER C 231 18.56 -3.53 -0.23
N GLN C 232 19.21 -4.54 0.33
CA GLN C 232 20.15 -4.32 1.42
C GLN C 232 21.59 -4.16 0.95
N VAL C 233 21.92 -4.71 -0.21
CA VAL C 233 23.27 -4.62 -0.72
C VAL C 233 23.35 -3.97 -2.11
N ASN C 234 24.51 -3.41 -2.42
CA ASN C 234 24.71 -2.78 -3.72
C ASN C 234 25.05 -3.90 -4.72
N THR C 235 25.47 -5.03 -4.17
CA THR C 235 25.82 -6.21 -4.98
C THR C 235 24.61 -6.64 -5.80
N THR C 236 24.87 -7.11 -7.02
CA THR C 236 23.81 -7.57 -7.90
C THR C 236 23.28 -8.91 -7.39
N ILE C 237 21.95 -9.04 -7.33
CA ILE C 237 21.31 -10.27 -6.87
C ILE C 237 20.51 -10.88 -8.02
N MET C 238 20.65 -12.19 -8.20
CA MET C 238 19.96 -12.88 -9.27
C MET C 238 19.02 -13.94 -8.72
N ALA C 239 17.88 -14.10 -9.38
CA ALA C 239 16.89 -15.09 -8.98
C ALA C 239 17.03 -16.31 -9.89
N ASP C 240 16.94 -17.50 -9.31
CA ASP C 240 17.03 -18.71 -10.11
C ASP C 240 15.82 -19.60 -9.83
N GLU C 241 15.83 -20.30 -8.70
CA GLU C 241 14.72 -21.17 -8.37
C GLU C 241 13.43 -20.39 -8.08
N SER C 242 13.58 -19.10 -7.75
CA SER C 242 12.42 -18.26 -7.47
C SER C 242 11.69 -17.89 -8.76
N CYS C 243 12.28 -18.26 -9.90
CA CYS C 243 11.65 -17.95 -11.18
C CYS C 243 11.72 -19.09 -12.17
N PHE C 244 10.58 -19.73 -12.41
CA PHE C 244 10.49 -20.83 -13.35
C PHE C 244 9.99 -20.36 -14.72
N ASP C 245 8.80 -19.76 -14.73
CA ASP C 245 8.19 -19.30 -15.97
C ASP C 245 7.99 -17.78 -16.09
N ALA C 246 7.29 -17.39 -17.14
CA ALA C 246 7.03 -15.98 -17.41
C ALA C 246 6.18 -15.37 -16.31
N GLN C 247 5.22 -16.14 -15.81
CA GLN C 247 4.35 -15.67 -14.73
C GLN C 247 5.20 -15.34 -13.51
N ASP C 248 6.12 -16.23 -13.16
CA ASP C 248 6.98 -15.97 -12.00
C ASP C 248 7.76 -14.69 -12.24
N ALA C 249 8.24 -14.52 -13.48
CA ALA C 249 9.03 -13.35 -13.84
C ALA C 249 8.18 -12.10 -13.65
N LEU C 250 6.92 -12.17 -14.07
CA LEU C 250 6.01 -11.05 -13.95
C LEU C 250 5.87 -10.66 -12.47
N GLU C 251 5.73 -11.65 -11.61
CA GLU C 251 5.61 -11.36 -10.18
C GLU C 251 6.88 -10.71 -9.65
N LEU C 252 8.04 -11.21 -10.09
CA LEU C 252 9.33 -10.67 -9.65
C LEU C 252 9.55 -9.24 -10.12
N VAL C 253 9.11 -8.92 -11.34
CA VAL C 253 9.28 -7.55 -11.83
C VAL C 253 8.35 -6.59 -11.09
N LYS C 254 7.14 -7.04 -10.78
CA LYS C 254 6.18 -6.21 -10.06
C LYS C 254 6.69 -5.84 -8.66
N LYS C 255 7.28 -6.81 -7.95
CA LYS C 255 7.79 -6.59 -6.60
C LYS C 255 9.22 -6.05 -6.56
N GLY C 256 9.87 -5.94 -7.72
CA GLY C 256 11.25 -5.48 -7.75
C GLY C 256 12.11 -6.38 -6.87
N THR C 257 11.83 -7.68 -6.91
CA THR C 257 12.53 -8.67 -6.09
C THR C 257 14.03 -8.87 -6.36
N VAL C 258 14.44 -8.88 -7.62
CA VAL C 258 15.85 -9.09 -7.94
C VAL C 258 16.38 -8.19 -9.06
N ASP C 259 17.69 -8.23 -9.28
CA ASP C 259 18.34 -7.42 -10.31
C ASP C 259 18.48 -8.16 -11.62
N VAL C 260 18.62 -9.48 -11.55
CA VAL C 260 18.78 -10.31 -12.74
C VAL C 260 18.12 -11.67 -12.56
N ILE C 261 17.67 -12.24 -13.66
CA ILE C 261 17.00 -13.53 -13.62
C ILE C 261 17.77 -14.62 -14.38
N ASN C 262 17.77 -15.82 -13.83
CA ASN C 262 18.44 -16.97 -14.46
C ASN C 262 17.38 -17.74 -15.23
N ILE C 263 17.53 -17.81 -16.56
CA ILE C 263 16.59 -18.55 -17.40
C ILE C 263 17.13 -19.95 -17.71
N LYS C 264 16.28 -20.96 -17.56
CA LYS C 264 16.64 -22.36 -17.86
C LYS C 264 15.51 -22.96 -18.67
N LEU C 265 15.82 -23.48 -19.86
CA LEU C 265 14.80 -24.10 -20.70
C LEU C 265 14.12 -25.25 -19.96
N MET C 266 14.85 -25.90 -19.08
CA MET C 266 14.31 -27.03 -18.32
C MET C 266 13.36 -26.54 -17.22
N LYS C 267 13.44 -25.25 -16.92
CA LYS C 267 12.57 -24.66 -15.91
C LYS C 267 11.29 -24.12 -16.51
N CYS C 268 11.41 -23.38 -17.60
CA CYS C 268 10.24 -22.76 -18.24
C CYS C 268 9.49 -23.62 -19.26
N GLY C 269 10.16 -24.62 -19.83
CA GLY C 269 9.48 -25.48 -20.79
C GLY C 269 9.83 -25.25 -22.25
N GLY C 270 11.05 -24.80 -22.50
CA GLY C 270 11.46 -24.58 -23.88
C GLY C 270 11.70 -23.14 -24.28
N ILE C 271 12.28 -22.98 -25.47
CA ILE C 271 12.60 -21.67 -26.03
C ILE C 271 11.41 -20.72 -26.09
N HIS C 272 10.27 -21.24 -26.50
CA HIS C 272 9.05 -20.45 -26.62
C HIS C 272 8.69 -19.75 -25.31
N GLU C 273 8.82 -20.49 -24.20
CA GLU C 273 8.52 -19.96 -22.88
C GLU C 273 9.68 -19.10 -22.37
N ALA C 274 10.89 -19.46 -22.76
CA ALA C 274 12.08 -18.72 -22.35
C ALA C 274 12.10 -17.32 -22.95
N LEU C 275 11.59 -17.20 -24.17
CA LEU C 275 11.55 -15.90 -24.83
C LEU C 275 10.61 -14.96 -24.06
N LYS C 276 9.53 -15.51 -23.54
CA LYS C 276 8.58 -14.71 -22.78
C LYS C 276 9.25 -14.09 -21.55
N ILE C 277 10.05 -14.90 -20.86
CA ILE C 277 10.75 -14.43 -19.67
C ILE C 277 11.69 -13.27 -19.98
N ASN C 278 12.50 -13.45 -21.01
CA ASN C 278 13.44 -12.40 -21.38
C ASN C 278 12.73 -11.12 -21.81
N GLN C 279 11.61 -11.25 -22.51
CA GLN C 279 10.85 -10.09 -22.97
C GLN C 279 10.35 -9.31 -21.78
N ILE C 280 9.78 -10.02 -20.82
CA ILE C 280 9.26 -9.41 -19.61
C ILE C 280 10.38 -8.74 -18.82
N CYS C 281 11.51 -9.41 -18.72
CA CYS C 281 12.64 -8.84 -17.98
C CYS C 281 13.22 -7.63 -18.68
N GLU C 282 13.46 -7.76 -19.98
CA GLU C 282 14.01 -6.66 -20.76
C GLU C 282 13.17 -5.40 -20.62
N THR C 283 11.86 -5.56 -20.69
CA THR C 283 10.98 -4.41 -20.56
C THR C 283 11.10 -3.80 -19.17
N ALA C 284 11.27 -4.65 -18.16
CA ALA C 284 11.40 -4.19 -16.79
C ALA C 284 12.82 -3.75 -16.44
N GLY C 285 13.72 -3.80 -17.42
CA GLY C 285 15.10 -3.40 -17.18
C GLY C 285 15.89 -4.42 -16.36
N ILE C 286 15.50 -5.68 -16.49
CA ILE C 286 16.14 -6.78 -15.79
C ILE C 286 16.84 -7.70 -16.81
N GLU C 287 18.16 -7.75 -16.75
CA GLU C 287 18.90 -8.60 -17.67
C GLU C 287 18.69 -10.05 -17.26
N CYS C 288 19.04 -10.97 -18.15
CA CYS C 288 18.89 -12.38 -17.88
C CYS C 288 20.18 -13.13 -18.16
N MET C 289 20.32 -14.29 -17.52
CA MET C 289 21.48 -15.15 -17.72
C MET C 289 20.91 -16.50 -18.09
N ILE C 290 21.47 -17.11 -19.13
CA ILE C 290 21.00 -18.41 -19.55
C ILE C 290 21.75 -19.43 -18.70
N GLY C 291 21.01 -20.37 -18.11
CA GLY C 291 21.63 -21.36 -17.25
C GLY C 291 21.38 -22.77 -17.75
N CYS C 292 21.77 -23.76 -16.95
CA CYS C 292 21.58 -25.15 -17.33
C CYS C 292 21.43 -26.09 -16.14
N MET C 293 20.97 -27.29 -16.44
CA MET C 293 20.78 -28.34 -15.46
C MET C 293 21.87 -29.38 -15.73
N ALA C 294 22.66 -29.71 -14.72
CA ALA C 294 23.72 -30.69 -14.90
C ALA C 294 23.23 -31.95 -15.63
N GLU C 295 21.91 -32.18 -15.62
CA GLU C 295 21.33 -33.34 -16.27
C GLU C 295 21.03 -33.19 -17.76
N GLU C 296 21.61 -32.19 -18.41
CA GLU C 296 21.38 -32.02 -19.84
C GLU C 296 22.70 -32.01 -20.59
N THR C 297 22.68 -32.52 -21.82
CA THR C 297 23.88 -32.63 -22.64
C THR C 297 23.93 -31.64 -23.80
N THR C 298 24.68 -32.02 -24.83
CA THR C 298 24.87 -31.21 -26.03
C THR C 298 23.61 -30.53 -26.55
N ILE C 299 22.54 -31.28 -26.74
CA ILE C 299 21.30 -30.69 -27.25
C ILE C 299 20.88 -29.49 -26.40
N GLY C 300 20.57 -29.74 -25.15
CA GLY C 300 20.14 -28.68 -24.25
C GLY C 300 21.05 -27.46 -24.23
N ILE C 301 22.35 -27.68 -24.07
CA ILE C 301 23.29 -26.58 -24.04
C ILE C 301 23.33 -25.82 -25.36
N THR C 302 23.19 -26.55 -26.46
CA THR C 302 23.20 -25.95 -27.79
C THR C 302 21.97 -25.05 -27.96
N ALA C 303 20.80 -25.62 -27.70
CA ALA C 303 19.55 -24.87 -27.79
C ALA C 303 19.63 -23.56 -27.01
N ALA C 304 20.05 -23.65 -25.76
CA ALA C 304 20.18 -22.48 -24.90
C ALA C 304 21.24 -21.50 -25.42
N ALA C 305 22.32 -22.04 -25.97
CA ALA C 305 23.40 -21.21 -26.50
C ALA C 305 22.89 -20.34 -27.65
N HIS C 306 22.00 -20.90 -28.47
CA HIS C 306 21.44 -20.18 -29.61
C HIS C 306 20.48 -19.09 -29.16
N LEU C 307 19.63 -19.42 -28.20
CA LEU C 307 18.67 -18.46 -27.67
C LEU C 307 19.42 -17.27 -27.09
N ALA C 308 20.42 -17.55 -26.26
CA ALA C 308 21.23 -16.52 -25.62
C ALA C 308 22.02 -15.66 -26.59
N ALA C 309 22.56 -16.29 -27.63
CA ALA C 309 23.33 -15.54 -28.62
C ALA C 309 22.42 -14.59 -29.38
N ALA C 310 21.23 -15.08 -29.70
CA ALA C 310 20.24 -14.32 -30.46
C ALA C 310 19.64 -13.12 -29.71
N GLN C 311 19.41 -13.28 -28.42
CA GLN C 311 18.79 -12.25 -27.59
C GLN C 311 19.74 -11.29 -26.87
N LYS C 312 19.58 -10.00 -27.13
CA LYS C 312 20.44 -8.97 -26.55
C LYS C 312 20.38 -8.85 -25.03
N ASN C 313 19.21 -9.08 -24.45
CA ASN C 313 19.03 -8.94 -23.01
C ASN C 313 19.65 -10.04 -22.18
N ILE C 314 19.92 -11.19 -22.80
CA ILE C 314 20.56 -12.28 -22.08
C ILE C 314 22.05 -11.96 -22.16
N THR C 315 22.53 -11.18 -21.19
CA THR C 315 23.92 -10.73 -21.16
C THR C 315 24.90 -11.65 -20.44
N ARG C 316 24.41 -12.72 -19.85
CA ARG C 316 25.28 -13.66 -19.14
C ARG C 316 24.97 -15.09 -19.54
N ALA C 317 25.98 -15.95 -19.43
CA ALA C 317 25.80 -17.36 -19.79
C ALA C 317 26.50 -18.28 -18.81
N ASP C 318 25.82 -19.37 -18.46
CA ASP C 318 26.34 -20.37 -17.55
C ASP C 318 25.95 -21.69 -18.19
N LEU C 319 26.57 -21.98 -19.33
CA LEU C 319 26.32 -23.20 -20.07
C LEU C 319 27.59 -24.05 -20.02
N ASP C 320 27.71 -24.83 -18.94
CA ASP C 320 28.88 -25.67 -18.74
C ASP C 320 28.52 -27.11 -18.41
N ALA C 321 27.38 -27.57 -18.89
CA ALA C 321 26.93 -28.94 -18.63
C ALA C 321 27.60 -29.99 -19.52
N THR C 322 28.51 -29.55 -20.39
CA THR C 322 29.19 -30.48 -21.28
C THR C 322 30.67 -30.60 -20.93
N PHE C 323 31.16 -29.65 -20.15
CA PHE C 323 32.56 -29.67 -19.75
C PHE C 323 32.88 -30.83 -18.81
N GLY C 324 31.83 -31.47 -18.29
CA GLY C 324 32.02 -32.58 -17.37
C GLY C 324 31.50 -33.90 -17.90
N LEU C 325 31.18 -33.93 -19.18
CA LEU C 325 30.68 -35.16 -19.80
C LEU C 325 31.85 -35.96 -20.34
N GLU C 326 31.74 -37.29 -20.30
CA GLU C 326 32.79 -38.15 -20.81
C GLU C 326 32.54 -38.44 -22.28
N THR C 327 31.28 -38.30 -22.67
CA THR C 327 30.89 -38.56 -24.06
C THR C 327 29.74 -37.63 -24.48
N ALA C 328 29.31 -37.77 -25.73
CA ALA C 328 28.22 -36.96 -26.27
C ALA C 328 27.29 -37.88 -27.05
N PRO C 329 25.98 -37.85 -26.74
CA PRO C 329 24.96 -38.68 -27.40
C PRO C 329 24.59 -38.26 -28.82
N VAL C 330 25.38 -37.35 -29.39
CA VAL C 330 25.11 -36.86 -30.74
C VAL C 330 26.30 -36.07 -31.25
N THR C 331 26.34 -35.85 -32.57
CA THR C 331 27.44 -35.09 -33.17
C THR C 331 27.02 -33.65 -33.44
N GLY C 332 27.92 -32.72 -33.16
CA GLY C 332 27.63 -31.31 -33.37
C GLY C 332 27.27 -30.60 -32.08
N GLY C 333 26.76 -29.38 -32.21
CA GLY C 333 26.38 -28.61 -31.04
C GLY C 333 27.59 -28.12 -30.27
N VAL C 334 27.37 -27.71 -29.02
CA VAL C 334 28.45 -27.21 -28.18
C VAL C 334 29.46 -28.31 -27.92
N SER C 335 30.73 -27.93 -27.85
CA SER C 335 31.81 -28.88 -27.61
C SER C 335 31.96 -29.28 -26.16
N LEU C 336 32.44 -30.50 -25.93
CA LEU C 336 32.64 -31.01 -24.58
C LEU C 336 33.91 -30.37 -24.02
N GLU C 337 34.64 -29.68 -24.89
CA GLU C 337 35.87 -29.00 -24.48
C GLU C 337 35.56 -27.94 -23.45
N ALA C 338 36.39 -27.85 -22.42
CA ALA C 338 36.22 -26.86 -21.38
C ALA C 338 36.71 -25.51 -21.88
N LYS C 339 35.86 -24.80 -22.61
CA LYS C 339 36.22 -23.50 -23.15
C LYS C 339 35.13 -22.46 -22.88
N PRO C 340 35.52 -21.23 -22.54
CA PRO C 340 34.57 -20.14 -22.26
C PRO C 340 33.87 -19.65 -23.52
N LEU C 341 34.63 -19.57 -24.61
CA LEU C 341 34.08 -19.10 -25.88
C LEU C 341 33.32 -20.18 -26.65
N LEU C 342 32.01 -20.02 -26.76
CA LEU C 342 31.18 -20.96 -27.49
C LEU C 342 30.72 -20.27 -28.78
N GLU C 343 31.20 -20.76 -29.92
CA GLU C 343 30.83 -20.18 -31.20
C GLU C 343 29.81 -21.05 -31.92
N LEU C 344 28.82 -20.41 -32.54
CA LEU C 344 27.77 -21.13 -33.25
C LEU C 344 28.01 -21.09 -34.76
N GLY C 345 27.99 -22.26 -35.39
CA GLY C 345 28.21 -22.35 -36.82
C GLY C 345 27.10 -21.76 -37.66
N GLU C 346 27.10 -22.09 -38.95
CA GLU C 346 26.09 -21.59 -39.88
C GLU C 346 25.10 -22.69 -40.26
N ALA C 347 25.24 -23.84 -39.63
CA ALA C 347 24.36 -24.97 -39.91
C ALA C 347 22.91 -24.64 -39.59
N ALA C 348 21.99 -25.27 -40.30
CA ALA C 348 20.56 -25.05 -40.10
C ALA C 348 20.09 -25.62 -38.77
N GLY C 349 19.28 -24.84 -38.04
CA GLY C 349 18.77 -25.29 -36.76
C GLY C 349 19.84 -25.30 -35.69
N LEU C 350 20.00 -26.44 -35.03
CA LEU C 350 21.00 -26.58 -33.97
C LEU C 350 22.38 -26.97 -34.51
N GLY C 351 22.41 -27.52 -35.72
CA GLY C 351 23.67 -27.93 -36.32
C GLY C 351 24.10 -29.23 -35.66
N ILE C 352 23.12 -30.02 -35.26
CA ILE C 352 23.34 -31.29 -34.60
C ILE C 352 22.79 -32.46 -35.41
N SER C 353 23.46 -33.60 -35.30
CA SER C 353 23.07 -34.83 -35.99
C SER C 353 23.65 -36.04 -35.25
N HIS C 354 23.07 -37.22 -35.47
CA HIS C 354 23.54 -38.44 -34.82
C HIS C 354 25.06 -38.50 -34.71
N MET D 1 22.25 -12.52 -44.81
CA MET D 1 21.79 -11.41 -45.68
C MET D 1 22.50 -10.11 -45.31
N LYS D 2 22.44 -9.15 -46.22
CA LYS D 2 23.03 -7.85 -45.99
C LYS D 2 22.20 -6.82 -46.72
N ILE D 3 21.59 -5.91 -45.97
CA ILE D 3 20.78 -4.88 -46.59
C ILE D 3 21.68 -4.03 -47.49
N LYS D 4 21.30 -3.94 -48.75
CA LYS D 4 22.06 -3.19 -49.74
C LYS D 4 21.63 -1.73 -49.83
N GLN D 5 20.33 -1.50 -49.95
CA GLN D 5 19.80 -0.15 -50.08
C GLN D 5 18.40 -0.03 -49.51
N VAL D 6 18.01 1.20 -49.20
CA VAL D 6 16.69 1.45 -48.65
C VAL D 6 16.08 2.64 -49.39
N HIS D 7 14.89 2.43 -49.95
CA HIS D 7 14.19 3.49 -50.66
C HIS D 7 12.86 3.75 -49.98
N VAL D 8 12.39 4.99 -50.08
CA VAL D 8 11.12 5.35 -49.47
C VAL D 8 10.36 6.35 -50.35
N ARG D 9 9.04 6.36 -50.22
CA ARG D 9 8.23 7.29 -50.99
C ARG D 9 6.97 7.65 -50.24
N ALA D 10 6.51 8.88 -50.43
CA ALA D 10 5.29 9.32 -49.81
C ALA D 10 4.19 8.66 -50.61
N SER D 11 3.09 8.33 -49.94
CA SER D 11 1.95 7.71 -50.59
C SER D 11 0.73 8.45 -50.09
N LYS D 12 -0.13 8.88 -51.01
CA LYS D 12 -1.34 9.59 -50.62
C LYS D 12 -2.52 9.03 -51.39
N ILE D 13 -3.40 8.35 -50.65
CA ILE D 13 -4.57 7.71 -51.23
C ILE D 13 -5.85 8.24 -50.61
N LYS D 14 -6.71 8.82 -51.45
CA LYS D 14 -7.97 9.38 -51.00
C LYS D 14 -8.91 8.32 -50.46
N LEU D 15 -9.63 8.64 -49.40
CA LEU D 15 -10.58 7.69 -48.81
C LEU D 15 -11.92 7.86 -49.54
N LYS D 16 -12.69 6.78 -49.65
CA LYS D 16 -13.98 6.82 -50.32
C LYS D 16 -14.94 7.75 -49.58
N GLU D 17 -14.66 7.97 -48.30
CA GLU D 17 -15.48 8.84 -47.47
C GLU D 17 -14.70 9.23 -46.22
N THR D 18 -14.93 10.44 -45.74
CA THR D 18 -14.25 10.93 -44.55
C THR D 18 -14.71 10.15 -43.33
N PHE D 19 -13.78 9.86 -42.43
CA PHE D 19 -14.10 9.13 -41.20
C PHE D 19 -13.95 10.07 -40.02
N THR D 20 -14.92 10.02 -39.09
CA THR D 20 -14.89 10.89 -37.92
C THR D 20 -14.92 10.17 -36.58
N ILE D 21 -13.91 10.44 -35.75
CA ILE D 21 -13.85 9.87 -34.41
C ILE D 21 -13.77 11.08 -33.47
N ALA D 22 -13.86 10.84 -32.16
CA ALA D 22 -13.83 11.94 -31.20
C ALA D 22 -12.62 12.89 -31.35
N LEU D 23 -11.47 12.34 -31.73
CA LEU D 23 -10.23 13.11 -31.87
C LEU D 23 -10.10 13.97 -33.12
N GLY D 24 -10.90 13.68 -34.14
CA GLY D 24 -10.83 14.44 -35.37
C GLY D 24 -11.30 13.63 -36.57
N THR D 25 -11.00 14.11 -37.77
CA THR D 25 -11.43 13.43 -38.99
C THR D 25 -10.27 13.19 -39.95
N ILE D 26 -10.47 12.25 -40.87
CA ILE D 26 -9.45 11.94 -41.87
C ILE D 26 -10.15 11.75 -43.21
N GLU D 27 -9.52 12.21 -44.28
CA GLU D 27 -10.11 12.08 -45.61
C GLU D 27 -9.13 11.46 -46.61
N SER D 28 -7.89 11.26 -46.17
CA SER D 28 -6.88 10.68 -47.04
C SER D 28 -5.87 9.84 -46.26
N ALA D 29 -5.48 8.70 -46.82
CA ALA D 29 -4.50 7.84 -46.17
C ALA D 29 -3.12 8.26 -46.66
N ASP D 30 -2.41 9.03 -45.85
CA ASP D 30 -1.08 9.50 -46.20
C ASP D 30 -0.04 8.72 -45.41
N SER D 31 0.81 7.98 -46.12
CA SER D 31 1.80 7.15 -45.44
C SER D 31 3.13 7.09 -46.17
N ALA D 32 4.14 6.58 -45.46
CA ALA D 32 5.48 6.43 -46.00
C ALA D 32 5.68 4.95 -46.34
N ILE D 33 6.02 4.65 -47.59
CA ILE D 33 6.23 3.28 -48.03
C ILE D 33 7.71 3.05 -48.29
N VAL D 34 8.26 2.02 -47.67
CA VAL D 34 9.67 1.70 -47.79
C VAL D 34 9.93 0.39 -48.53
N GLU D 35 11.07 0.34 -49.20
CA GLU D 35 11.51 -0.84 -49.93
C GLU D 35 12.92 -1.14 -49.47
N ILE D 36 13.13 -2.31 -48.90
CA ILE D 36 14.48 -2.64 -48.47
C ILE D 36 14.97 -3.79 -49.33
N GLU D 37 16.10 -3.58 -49.98
CA GLU D 37 16.68 -4.59 -50.87
C GLU D 37 18.00 -5.11 -50.33
N THR D 38 18.19 -6.43 -50.42
CA THR D 38 19.40 -7.07 -49.95
C THR D 38 20.41 -7.17 -51.09
N GLU D 39 21.69 -7.29 -50.74
CA GLU D 39 22.75 -7.42 -51.74
C GLU D 39 22.36 -8.48 -52.74
N GLU D 40 21.81 -9.58 -52.24
CA GLU D 40 21.39 -10.71 -53.05
C GLU D 40 20.17 -10.44 -53.94
N GLY D 41 19.48 -9.33 -53.71
CA GLY D 41 18.33 -9.02 -54.54
C GLY D 41 16.93 -9.22 -53.98
N LEU D 42 16.80 -9.54 -52.70
CA LEU D 42 15.47 -9.72 -52.13
C LEU D 42 14.92 -8.35 -51.76
N VAL D 43 13.63 -8.15 -51.95
CA VAL D 43 13.01 -6.87 -51.64
C VAL D 43 11.87 -6.97 -50.62
N GLY D 44 12.01 -6.22 -49.53
CA GLY D 44 11.00 -6.23 -48.50
C GLY D 44 10.25 -4.90 -48.46
N TYR D 45 8.96 -4.96 -48.18
CA TYR D 45 8.12 -3.76 -48.13
C TYR D 45 7.66 -3.43 -46.72
N GLY D 46 7.75 -2.14 -46.37
CA GLY D 46 7.33 -1.68 -45.05
C GLY D 46 6.54 -0.40 -45.19
N GLU D 47 5.74 -0.08 -44.18
CA GLU D 47 4.95 1.14 -44.23
C GLU D 47 4.87 1.86 -42.89
N GLY D 48 4.83 3.18 -42.96
CA GLY D 48 4.71 4.01 -41.77
C GLY D 48 3.53 4.95 -41.96
N GLY D 49 2.39 4.59 -41.36
CA GLY D 49 1.18 5.41 -41.48
C GLY D 49 0.92 6.16 -40.20
N PRO D 50 1.41 7.40 -40.08
CA PRO D 50 1.26 8.24 -38.89
C PRO D 50 -0.08 8.95 -38.70
N GLY D 51 -0.61 8.86 -37.48
CA GLY D 51 -1.86 9.52 -37.15
C GLY D 51 -1.52 10.68 -36.23
N ILE D 52 -1.52 11.89 -36.79
CA ILE D 52 -1.14 13.07 -36.01
C ILE D 52 -1.92 13.23 -34.70
N PHE D 53 -3.20 12.90 -34.68
CA PHE D 53 -3.94 13.03 -33.42
C PHE D 53 -3.87 11.80 -32.51
N ILE D 54 -2.94 10.89 -32.83
CA ILE D 54 -2.73 9.69 -32.01
C ILE D 54 -1.32 9.73 -31.41
N THR D 55 -0.31 9.80 -32.27
CA THR D 55 1.09 9.81 -31.85
C THR D 55 1.78 11.14 -32.06
N GLY D 56 1.17 12.01 -32.86
CA GLY D 56 1.76 13.31 -33.14
C GLY D 56 2.69 13.28 -34.35
N GLU D 57 2.91 12.08 -34.88
CA GLU D 57 3.79 11.95 -36.03
C GLU D 57 3.14 12.49 -37.29
N THR D 58 3.99 12.92 -38.21
CA THR D 58 3.56 13.49 -39.48
C THR D 58 4.24 12.77 -40.63
N LEU D 59 3.70 12.93 -41.84
CA LEU D 59 4.29 12.29 -43.00
C LEU D 59 5.71 12.81 -43.23
N ALA D 60 5.90 14.13 -43.17
CA ALA D 60 7.23 14.70 -43.39
C ALA D 60 8.23 14.22 -42.35
N GLY D 61 7.82 14.16 -41.09
CA GLY D 61 8.73 13.69 -40.06
C GLY D 61 9.08 12.22 -40.24
N THR D 62 8.08 11.41 -40.56
CA THR D 62 8.28 9.97 -40.75
C THR D 62 9.22 9.70 -41.93
N LEU D 63 9.06 10.46 -43.00
CA LEU D 63 9.90 10.31 -44.18
C LEU D 63 11.35 10.66 -43.84
N GLU D 64 11.55 11.75 -43.11
CA GLU D 64 12.92 12.14 -42.75
C GLU D 64 13.56 11.12 -41.81
N THR D 65 12.78 10.61 -40.85
CA THR D 65 13.31 9.64 -39.90
C THR D 65 13.64 8.33 -40.59
N ILE D 66 12.75 7.87 -41.47
CA ILE D 66 12.98 6.64 -42.21
C ILE D 66 14.28 6.69 -43.00
N GLU D 67 14.58 7.82 -43.62
CA GLU D 67 15.82 7.96 -44.39
C GLU D 67 17.02 7.81 -43.48
N LEU D 68 16.95 8.42 -42.30
CA LEU D 68 18.04 8.32 -41.35
C LEU D 68 18.24 6.85 -40.97
N PHE D 69 17.16 6.13 -40.70
CA PHE D 69 17.28 4.70 -40.34
C PHE D 69 17.90 3.92 -41.48
N GLY D 70 17.49 4.26 -42.71
CA GLY D 70 17.98 3.58 -43.89
C GLY D 70 19.48 3.60 -44.04
N GLN D 71 20.08 4.77 -43.91
CA GLN D 71 21.52 4.90 -44.03
C GLN D 71 22.23 4.09 -42.94
N ALA D 72 21.64 4.09 -41.74
CA ALA D 72 22.22 3.39 -40.61
C ALA D 72 22.13 1.86 -40.64
N ILE D 73 21.16 1.31 -41.36
CA ILE D 73 21.02 -0.14 -41.39
C ILE D 73 21.62 -0.83 -42.62
N ILE D 74 22.23 -0.06 -43.51
CA ILE D 74 22.84 -0.66 -44.69
C ILE D 74 23.96 -1.59 -44.23
N GLY D 75 23.95 -2.81 -44.73
CA GLY D 75 24.98 -3.76 -44.36
C GLY D 75 24.53 -4.72 -43.27
N LEU D 76 23.53 -4.32 -42.49
CA LEU D 76 23.04 -5.18 -41.42
C LEU D 76 22.21 -6.33 -41.96
N ASN D 77 22.11 -7.39 -41.17
CA ASN D 77 21.33 -8.56 -41.55
C ASN D 77 19.90 -8.35 -41.04
N PRO D 78 18.90 -8.46 -41.92
CA PRO D 78 17.50 -8.28 -41.56
C PRO D 78 17.10 -9.17 -40.40
N PHE D 79 17.73 -10.33 -40.28
CA PHE D 79 17.40 -11.24 -39.19
C PHE D 79 17.85 -10.72 -37.84
N ASN D 80 18.80 -9.78 -37.85
CA ASN D 80 19.27 -9.20 -36.61
C ASN D 80 18.34 -8.04 -36.25
N ILE D 81 17.07 -8.37 -36.07
CA ILE D 81 16.04 -7.39 -35.74
C ILE D 81 16.32 -6.73 -34.39
N GLU D 82 17.03 -7.46 -33.53
CA GLU D 82 17.41 -6.94 -32.21
C GLU D 82 18.28 -5.71 -32.40
N LYS D 83 19.31 -5.83 -33.22
CA LYS D 83 20.21 -4.71 -33.49
C LYS D 83 19.54 -3.60 -34.30
N ILE D 84 18.69 -4.00 -35.25
CA ILE D 84 18.00 -3.03 -36.08
C ILE D 84 17.18 -2.09 -35.17
N HIS D 85 16.47 -2.64 -34.20
CA HIS D 85 15.70 -1.78 -33.31
C HIS D 85 16.62 -0.99 -32.38
N GLU D 86 17.74 -1.61 -32.03
CA GLU D 86 18.73 -0.96 -31.16
C GLU D 86 19.22 0.30 -31.86
N VAL D 87 19.58 0.14 -33.14
CA VAL D 87 20.06 1.23 -33.96
C VAL D 87 19.01 2.33 -34.13
N MET D 88 17.79 1.94 -34.45
CA MET D 88 16.73 2.94 -34.62
C MET D 88 16.45 3.67 -33.32
N ASP D 89 16.48 2.94 -32.20
CA ASP D 89 16.24 3.56 -30.90
C ASP D 89 17.33 4.54 -30.52
N LYS D 90 18.55 4.29 -30.96
CA LYS D 90 19.68 5.17 -30.67
C LYS D 90 19.50 6.47 -31.47
N ILE D 91 18.99 6.34 -32.69
CA ILE D 91 18.78 7.49 -33.55
C ILE D 91 17.62 8.38 -33.11
N SER D 92 16.46 7.77 -32.91
CA SER D 92 15.28 8.53 -32.51
C SER D 92 14.65 8.06 -31.21
N ALA D 93 14.37 9.01 -30.32
CA ALA D 93 13.75 8.69 -29.04
C ALA D 93 12.27 8.34 -29.19
N PHE D 94 11.67 8.75 -30.32
CA PHE D 94 10.26 8.46 -30.55
C PHE D 94 9.83 8.66 -32.00
N ALA D 95 9.48 7.57 -32.67
CA ALA D 95 9.00 7.59 -34.06
C ALA D 95 8.52 6.18 -34.43
N PRO D 96 7.48 5.69 -33.74
CA PRO D 96 6.93 4.35 -33.99
C PRO D 96 6.54 4.05 -35.45
N ALA D 97 6.07 5.06 -36.17
CA ALA D 97 5.68 4.89 -37.56
C ALA D 97 6.88 4.63 -38.45
N ALA D 98 7.94 5.41 -38.25
CA ALA D 98 9.16 5.23 -39.05
C ALA D 98 9.82 3.90 -38.67
N LYS D 99 9.85 3.60 -37.37
CA LYS D 99 10.43 2.34 -36.90
C LYS D 99 9.65 1.15 -37.44
N ALA D 100 8.33 1.25 -37.39
CA ALA D 100 7.49 0.16 -37.90
C ALA D 100 7.73 -0.05 -39.39
N ALA D 101 7.97 1.03 -40.13
CA ALA D 101 8.21 0.94 -41.55
C ALA D 101 9.43 0.05 -41.82
N ILE D 102 10.53 0.34 -41.14
CA ILE D 102 11.75 -0.45 -41.29
C ILE D 102 11.52 -1.88 -40.79
N ASP D 103 10.90 -1.99 -39.62
CA ASP D 103 10.60 -3.27 -38.98
C ASP D 103 9.83 -4.21 -39.91
N ILE D 104 8.67 -3.76 -40.39
CA ILE D 104 7.85 -4.57 -41.28
C ILE D 104 8.60 -5.04 -42.52
N ALA D 105 9.38 -4.15 -43.13
CA ALA D 105 10.14 -4.50 -44.32
C ALA D 105 11.14 -5.61 -43.98
N CYS D 106 11.73 -5.52 -42.79
CA CYS D 106 12.69 -6.51 -42.36
C CYS D 106 12.03 -7.87 -42.16
N TYR D 107 10.83 -7.89 -41.60
CA TYR D 107 10.12 -9.16 -41.40
C TYR D 107 9.68 -9.74 -42.74
N ASP D 108 9.46 -8.86 -43.73
CA ASP D 108 9.07 -9.31 -45.06
C ASP D 108 10.30 -10.03 -45.64
N LEU D 109 11.48 -9.42 -45.50
CA LEU D 109 12.72 -9.99 -45.99
C LEU D 109 13.03 -11.32 -45.30
N MET D 110 12.78 -11.38 -43.99
CA MET D 110 13.02 -12.60 -43.24
C MET D 110 12.16 -13.73 -43.83
N GLY D 111 10.88 -13.43 -44.01
CA GLY D 111 9.97 -14.42 -44.55
C GLY D 111 10.36 -14.89 -45.94
N GLN D 112 11.00 -14.01 -46.69
CA GLN D 112 11.41 -14.34 -48.04
C GLN D 112 12.72 -15.12 -48.07
N LYS D 113 13.57 -14.90 -47.08
CA LYS D 113 14.83 -15.62 -47.02
C LYS D 113 14.57 -17.06 -46.58
N ALA D 114 13.60 -17.22 -45.68
CA ALA D 114 13.24 -18.54 -45.17
C ALA D 114 12.19 -19.19 -46.06
N GLN D 115 11.74 -18.46 -47.08
CA GLN D 115 10.73 -18.96 -48.00
C GLN D 115 9.51 -19.51 -47.26
N LEU D 116 8.90 -18.66 -46.43
CA LEU D 116 7.73 -19.05 -45.65
C LEU D 116 6.82 -17.84 -45.47
N PRO D 117 5.52 -18.08 -45.32
CA PRO D 117 4.59 -16.97 -45.11
C PRO D 117 4.98 -16.34 -43.77
N LEU D 118 4.88 -15.02 -43.65
CA LEU D 118 5.26 -14.36 -42.41
C LEU D 118 4.57 -14.93 -41.16
N TYR D 119 3.31 -15.28 -41.29
CA TYR D 119 2.57 -15.80 -40.13
C TYR D 119 3.14 -17.11 -39.58
N GLN D 120 3.93 -17.82 -40.39
CA GLN D 120 4.54 -19.06 -39.95
C GLN D 120 5.73 -18.76 -39.05
N LEU D 121 6.48 -17.73 -39.41
CA LEU D 121 7.65 -17.34 -38.63
C LEU D 121 7.26 -16.68 -37.32
N LEU D 122 6.05 -16.11 -37.28
CA LEU D 122 5.58 -15.40 -36.10
C LEU D 122 4.74 -16.21 -35.11
N GLY D 123 4.61 -17.51 -35.33
CA GLY D 123 3.83 -18.32 -34.40
C GLY D 123 3.02 -19.42 -35.05
N GLY D 124 2.53 -19.16 -36.25
CA GLY D 124 1.76 -20.15 -37.00
C GLY D 124 0.50 -20.73 -36.39
N TYR D 125 -0.16 -19.99 -35.50
CA TYR D 125 -1.37 -20.50 -34.88
C TYR D 125 -2.54 -20.58 -35.87
N ASP D 126 -2.48 -19.75 -36.91
CA ASP D 126 -3.54 -19.74 -37.92
C ASP D 126 -3.01 -19.07 -39.18
N ASN D 127 -3.75 -19.18 -40.28
CA ASN D 127 -3.33 -18.59 -41.55
C ASN D 127 -4.35 -17.60 -42.09
N GLN D 128 -5.25 -17.16 -41.22
CA GLN D 128 -6.29 -16.20 -41.59
C GLN D 128 -6.74 -15.43 -40.36
N VAL D 129 -7.48 -14.36 -40.59
CA VAL D 129 -7.99 -13.54 -39.49
C VAL D 129 -9.35 -12.97 -39.87
N ILE D 130 -10.24 -12.89 -38.89
CA ILE D 130 -11.56 -12.32 -39.10
C ILE D 130 -11.49 -10.92 -38.50
N THR D 131 -12.01 -9.94 -39.22
CA THR D 131 -11.95 -8.58 -38.72
C THR D 131 -13.30 -7.91 -38.64
N ASP D 132 -13.43 -6.98 -37.69
CA ASP D 132 -14.67 -6.24 -37.54
C ASP D 132 -14.53 -5.13 -38.57
N ILE D 133 -15.51 -4.23 -38.59
CA ILE D 133 -15.44 -3.06 -39.45
C ILE D 133 -15.93 -1.91 -38.58
N THR D 134 -15.29 -0.76 -38.70
CA THR D 134 -15.65 0.38 -37.88
C THR D 134 -16.63 1.34 -38.56
N LEU D 135 -17.56 1.86 -37.76
CA LEU D 135 -18.53 2.83 -38.22
C LEU D 135 -18.12 4.17 -37.60
N GLY D 136 -17.93 5.18 -38.44
CA GLY D 136 -17.54 6.48 -37.93
C GLY D 136 -18.71 7.19 -37.28
N ILE D 137 -18.41 8.20 -36.47
CA ILE D 137 -19.45 8.96 -35.80
C ILE D 137 -20.36 9.65 -36.81
N ASP D 138 -21.67 9.56 -36.55
CA ASP D 138 -22.67 10.17 -37.41
C ASP D 138 -24.00 10.13 -36.67
N GLU D 139 -25.07 10.53 -37.34
CA GLU D 139 -26.39 10.51 -36.75
C GLU D 139 -26.80 9.07 -36.49
N PRO D 140 -27.51 8.81 -35.38
CA PRO D 140 -27.96 7.46 -35.06
C PRO D 140 -28.65 6.82 -36.25
N ASN D 141 -29.41 7.63 -36.98
CA ASN D 141 -30.12 7.16 -38.15
C ASN D 141 -29.11 6.69 -39.20
N VAL D 142 -28.11 7.53 -39.45
CA VAL D 142 -27.07 7.24 -40.43
C VAL D 142 -26.24 6.01 -40.06
N MET D 143 -25.80 5.94 -38.81
CA MET D 143 -25.00 4.81 -38.35
C MET D 143 -25.81 3.52 -38.36
N ALA D 144 -27.10 3.62 -38.01
CA ALA D 144 -27.97 2.45 -38.00
C ALA D 144 -28.02 1.82 -39.39
N GLN D 145 -28.19 2.66 -40.41
CA GLN D 145 -28.26 2.21 -41.80
C GLN D 145 -26.94 1.57 -42.25
N LYS D 146 -25.84 2.25 -42.00
CA LYS D 146 -24.53 1.73 -42.39
C LYS D 146 -24.30 0.35 -41.80
N ALA D 147 -24.69 0.18 -40.53
CA ALA D 147 -24.52 -1.10 -39.86
C ALA D 147 -25.15 -2.24 -40.67
N VAL D 148 -26.39 -2.05 -41.08
CA VAL D 148 -27.08 -3.07 -41.86
C VAL D 148 -26.33 -3.32 -43.17
N GLU D 149 -25.74 -2.27 -43.73
CA GLU D 149 -24.98 -2.39 -44.96
C GLU D 149 -23.80 -3.33 -44.73
N LYS D 150 -23.02 -3.02 -43.70
CA LYS D 150 -21.85 -3.83 -43.35
C LYS D 150 -22.23 -5.28 -43.06
N VAL D 151 -23.27 -5.46 -42.25
CA VAL D 151 -23.74 -6.80 -41.90
C VAL D 151 -24.05 -7.60 -43.16
N LYS D 152 -24.70 -6.96 -44.12
CA LYS D 152 -25.06 -7.62 -45.36
C LYS D 152 -23.80 -8.11 -46.07
N LEU D 153 -22.69 -7.39 -45.86
CA LEU D 153 -21.43 -7.76 -46.47
C LEU D 153 -20.81 -8.96 -45.76
N GLY D 154 -21.43 -9.38 -44.67
CA GLY D 154 -20.92 -10.53 -43.94
C GLY D 154 -20.27 -10.24 -42.60
N PHE D 155 -20.28 -8.98 -42.18
CA PHE D 155 -19.67 -8.59 -40.91
C PHE D 155 -20.57 -8.93 -39.73
N ASP D 156 -20.04 -9.74 -38.81
CA ASP D 156 -20.78 -10.16 -37.62
C ASP D 156 -20.38 -9.33 -36.40
N THR D 157 -19.28 -8.59 -36.52
CA THR D 157 -18.80 -7.74 -35.44
C THR D 157 -18.63 -6.31 -35.95
N LEU D 158 -19.22 -5.35 -35.25
CA LEU D 158 -19.14 -3.95 -35.64
C LEU D 158 -18.51 -3.08 -34.56
N LYS D 159 -17.59 -2.21 -34.97
CA LYS D 159 -16.91 -1.31 -34.06
C LYS D 159 -17.65 0.02 -34.17
N ILE D 160 -18.23 0.47 -33.06
CA ILE D 160 -18.98 1.71 -33.06
C ILE D 160 -18.26 2.89 -32.42
N LYS D 161 -17.98 3.91 -33.23
CA LYS D 161 -17.30 5.11 -32.75
C LYS D 161 -18.34 6.02 -32.12
N VAL D 162 -18.01 6.54 -30.94
CA VAL D 162 -18.88 7.44 -30.19
C VAL D 162 -17.99 8.52 -29.57
N GLY D 163 -18.59 9.54 -28.97
CA GLY D 163 -17.78 10.57 -28.33
C GLY D 163 -18.27 12.01 -28.22
N THR D 164 -19.36 12.36 -28.90
CA THR D 164 -19.84 13.75 -28.82
C THR D 164 -20.50 14.07 -27.49
N GLY D 165 -21.02 13.04 -26.83
CA GLY D 165 -21.68 13.23 -25.54
C GLY D 165 -22.49 12.00 -25.20
N ILE D 166 -22.40 11.54 -23.95
CA ILE D 166 -23.12 10.35 -23.52
C ILE D 166 -24.56 10.28 -24.05
N GLU D 167 -25.29 11.38 -23.97
CA GLU D 167 -26.68 11.41 -24.43
C GLU D 167 -26.82 10.91 -25.86
N ALA D 168 -26.15 11.58 -26.80
CA ALA D 168 -26.22 11.20 -28.21
C ALA D 168 -25.46 9.91 -28.48
N ASP D 169 -24.44 9.62 -27.67
CA ASP D 169 -23.66 8.40 -27.86
C ASP D 169 -24.51 7.17 -27.59
N ILE D 170 -25.37 7.26 -26.59
CA ILE D 170 -26.24 6.15 -26.24
C ILE D 170 -27.30 5.95 -27.32
N ALA D 171 -27.79 7.05 -27.89
CA ALA D 171 -28.81 6.98 -28.93
C ALA D 171 -28.28 6.28 -30.18
N ARG D 172 -27.00 6.49 -30.47
CA ARG D 172 -26.36 5.87 -31.63
C ARG D 172 -26.32 4.37 -31.42
N VAL D 173 -25.89 3.95 -30.24
CA VAL D 173 -25.80 2.52 -29.91
C VAL D 173 -27.16 1.85 -29.92
N LYS D 174 -28.15 2.48 -29.28
CA LYS D 174 -29.49 1.91 -29.23
C LYS D 174 -30.08 1.72 -30.62
N ALA D 175 -30.00 2.77 -31.44
CA ALA D 175 -30.52 2.72 -32.80
C ALA D 175 -29.87 1.60 -33.61
N ILE D 176 -28.54 1.50 -33.53
CA ILE D 176 -27.81 0.48 -34.26
C ILE D 176 -28.22 -0.93 -33.81
N ARG D 177 -28.39 -1.10 -32.50
CA ARG D 177 -28.78 -2.40 -31.97
C ARG D 177 -30.16 -2.82 -32.45
N GLU D 178 -31.07 -1.86 -32.57
CA GLU D 178 -32.43 -2.16 -33.03
C GLU D 178 -32.42 -2.59 -34.48
N ALA D 179 -31.55 -1.98 -35.27
CA ALA D 179 -31.44 -2.26 -36.70
C ALA D 179 -30.85 -3.61 -37.05
N VAL D 180 -29.80 -4.02 -36.35
CA VAL D 180 -29.15 -5.29 -36.65
C VAL D 180 -29.53 -6.50 -35.80
N GLY D 181 -30.16 -6.27 -34.65
CA GLY D 181 -30.55 -7.38 -33.80
C GLY D 181 -29.42 -7.79 -32.88
N PHE D 182 -29.70 -8.75 -31.99
CA PHE D 182 -28.72 -9.22 -31.02
C PHE D 182 -27.76 -10.30 -31.51
N ASP D 183 -27.74 -10.54 -32.81
CA ASP D 183 -26.84 -11.55 -33.36
C ASP D 183 -25.50 -10.92 -33.68
N ILE D 184 -25.52 -9.62 -33.98
CA ILE D 184 -24.31 -8.89 -34.31
C ILE D 184 -23.59 -8.45 -33.03
N LYS D 185 -22.29 -8.69 -32.99
CA LYS D 185 -21.47 -8.32 -31.84
C LYS D 185 -21.09 -6.85 -31.98
N LEU D 186 -21.30 -6.08 -30.92
CA LEU D 186 -20.98 -4.65 -30.95
C LEU D 186 -19.95 -4.23 -29.91
N ARG D 187 -18.88 -3.60 -30.37
CA ARG D 187 -17.84 -3.10 -29.48
C ARG D 187 -17.80 -1.59 -29.70
N LEU D 188 -17.65 -0.84 -28.62
CA LEU D 188 -17.62 0.61 -28.71
C LEU D 188 -16.21 1.16 -28.56
N ASP D 189 -15.99 2.36 -29.06
CA ASP D 189 -14.70 3.04 -28.96
C ASP D 189 -14.98 4.52 -28.82
N ALA D 190 -14.74 5.06 -27.61
CA ALA D 190 -14.98 6.46 -27.31
C ALA D 190 -13.79 7.36 -27.65
N ASN D 191 -12.64 6.76 -27.88
CA ASN D 191 -11.43 7.50 -28.17
C ASN D 191 -11.17 8.61 -27.17
N GLN D 192 -11.23 8.26 -25.88
CA GLN D 192 -10.94 9.18 -24.78
C GLN D 192 -11.96 10.27 -24.53
N ALA D 193 -13.13 10.18 -25.13
CA ALA D 193 -14.15 11.22 -24.98
C ALA D 193 -14.79 11.42 -23.61
N TRP D 194 -14.89 10.37 -22.80
CA TRP D 194 -15.58 10.50 -21.52
C TRP D 194 -14.76 10.66 -20.23
N THR D 195 -15.43 11.17 -19.20
CA THR D 195 -14.82 11.31 -17.88
C THR D 195 -15.13 9.96 -17.26
N PRO D 196 -14.39 9.56 -16.22
CA PRO D 196 -14.63 8.26 -15.57
C PRO D 196 -16.09 7.98 -15.19
N LYS D 197 -16.70 8.86 -14.40
CA LYS D 197 -18.08 8.61 -13.98
C LYS D 197 -19.09 8.63 -15.14
N ASP D 198 -18.87 9.52 -16.11
CA ASP D 198 -19.77 9.58 -17.26
C ASP D 198 -19.63 8.28 -18.05
N ALA D 199 -18.41 7.76 -18.12
CA ALA D 199 -18.15 6.52 -18.84
C ALA D 199 -18.91 5.39 -18.15
N VAL D 200 -18.86 5.38 -16.82
CA VAL D 200 -19.56 4.36 -16.05
C VAL D 200 -21.07 4.50 -16.29
N LYS D 201 -21.56 5.73 -16.21
CA LYS D 201 -22.97 6.01 -16.42
C LYS D 201 -23.44 5.55 -17.80
N ALA D 202 -22.67 5.87 -18.83
CA ALA D 202 -23.01 5.48 -20.20
C ALA D 202 -22.99 3.96 -20.36
N ILE D 203 -21.95 3.31 -19.85
CA ILE D 203 -21.85 1.86 -19.98
C ILE D 203 -23.01 1.13 -19.32
N GLN D 204 -23.46 1.62 -18.17
CA GLN D 204 -24.57 0.99 -17.46
C GLN D 204 -25.88 1.23 -18.21
N ALA D 205 -26.00 2.41 -18.80
CA ALA D 205 -27.19 2.77 -19.56
C ALA D 205 -27.34 1.85 -20.76
N LEU D 206 -26.24 1.24 -21.18
CA LEU D 206 -26.26 0.34 -22.33
C LEU D 206 -26.28 -1.13 -21.91
N ALA D 207 -26.62 -1.36 -20.65
CA ALA D 207 -26.68 -2.72 -20.11
C ALA D 207 -27.56 -3.62 -20.97
N ASP D 208 -28.75 -3.14 -21.29
CA ASP D 208 -29.70 -3.90 -22.09
C ASP D 208 -29.44 -3.75 -23.58
N TYR D 209 -28.18 -3.81 -23.98
CA TYR D 209 -27.85 -3.68 -25.41
C TYR D 209 -26.68 -4.58 -25.78
N GLN D 210 -26.36 -5.49 -24.86
CA GLN D 210 -25.29 -6.46 -25.06
C GLN D 210 -24.05 -5.90 -25.76
N ILE D 211 -23.27 -5.10 -25.05
CA ILE D 211 -22.06 -4.51 -25.61
C ILE D 211 -20.87 -5.40 -25.27
N GLU D 212 -20.19 -5.92 -26.30
CA GLU D 212 -19.04 -6.78 -26.09
C GLU D 212 -17.99 -6.11 -25.22
N LEU D 213 -17.60 -4.90 -25.61
CA LEU D 213 -16.57 -4.17 -24.87
C LEU D 213 -16.58 -2.69 -25.23
N VAL D 214 -15.90 -1.91 -24.39
CA VAL D 214 -15.77 -0.47 -24.60
C VAL D 214 -14.29 -0.15 -24.68
N GLU D 215 -13.89 0.54 -25.75
CA GLU D 215 -12.51 0.88 -25.99
C GLU D 215 -12.17 2.29 -25.51
N GLN D 216 -11.07 2.40 -24.77
CA GLN D 216 -10.54 3.66 -24.25
C GLN D 216 -11.58 4.74 -23.96
N PRO D 217 -12.39 4.57 -22.91
CA PRO D 217 -13.42 5.55 -22.55
C PRO D 217 -12.91 6.89 -22.02
N VAL D 218 -11.74 6.88 -21.36
CA VAL D 218 -11.17 8.09 -20.78
C VAL D 218 -9.83 8.47 -21.43
N LYS D 219 -9.36 9.68 -21.13
CA LYS D 219 -8.09 10.17 -21.68
C LYS D 219 -6.91 9.23 -21.45
N ARG D 220 -5.99 9.20 -22.40
CA ARG D 220 -4.84 8.32 -22.34
C ARG D 220 -3.99 8.38 -21.07
N ARG D 221 -3.77 9.57 -20.51
CA ARG D 221 -2.95 9.68 -19.32
C ARG D 221 -3.68 9.43 -17.99
N ASP D 222 -5.00 9.36 -18.02
CA ASP D 222 -5.78 9.13 -16.81
C ASP D 222 -5.92 7.63 -16.51
N LEU D 223 -4.83 7.01 -16.07
CA LEU D 223 -4.82 5.59 -15.76
C LEU D 223 -5.67 5.25 -14.54
N GLU D 224 -5.70 6.14 -13.57
CA GLU D 224 -6.50 5.91 -12.37
C GLU D 224 -7.96 5.89 -12.79
N GLY D 225 -8.32 6.78 -13.71
CA GLY D 225 -9.70 6.86 -14.17
C GLY D 225 -10.09 5.69 -15.06
N LEU D 226 -9.14 5.18 -15.85
CA LEU D 226 -9.43 4.06 -16.72
C LEU D 226 -9.64 2.83 -15.84
N LYS D 227 -8.82 2.69 -14.79
CA LYS D 227 -8.94 1.56 -13.88
C LYS D 227 -10.28 1.62 -13.14
N TYR D 228 -10.73 2.83 -12.84
CA TYR D 228 -12.00 3.04 -12.15
C TYR D 228 -13.14 2.48 -13.01
N VAL D 229 -13.18 2.88 -14.27
CA VAL D 229 -14.22 2.40 -15.16
C VAL D 229 -14.21 0.88 -15.20
N THR D 230 -13.04 0.31 -15.43
CA THR D 230 -12.89 -1.14 -15.48
C THR D 230 -13.37 -1.82 -14.19
N SER D 231 -13.03 -1.24 -13.05
CA SER D 231 -13.44 -1.83 -11.78
C SER D 231 -14.91 -1.54 -11.42
N GLN D 232 -15.54 -0.63 -12.17
CA GLN D 232 -16.92 -0.28 -11.89
C GLN D 232 -17.98 -0.96 -12.76
N VAL D 233 -17.57 -1.59 -13.85
CA VAL D 233 -18.55 -2.25 -14.71
C VAL D 233 -18.14 -3.67 -15.07
N ASN D 234 -19.14 -4.51 -15.31
CA ASN D 234 -18.90 -5.90 -15.66
C ASN D 234 -18.50 -5.98 -17.13
N THR D 235 -18.72 -4.90 -17.86
CA THR D 235 -18.38 -4.86 -19.27
C THR D 235 -16.86 -4.88 -19.42
N THR D 236 -16.42 -5.48 -20.52
CA THR D 236 -15.00 -5.57 -20.81
C THR D 236 -14.48 -4.22 -21.27
N ILE D 237 -13.36 -3.78 -20.67
CA ILE D 237 -12.77 -2.50 -21.03
C ILE D 237 -11.42 -2.72 -21.71
N MET D 238 -11.23 -2.03 -22.82
CA MET D 238 -9.99 -2.16 -23.58
C MET D 238 -9.22 -0.85 -23.61
N ALA D 239 -7.90 -0.96 -23.52
CA ALA D 239 -7.03 0.19 -23.57
C ALA D 239 -6.47 0.29 -24.99
N ASP D 240 -6.42 1.51 -25.52
CA ASP D 240 -5.85 1.73 -26.84
C ASP D 240 -4.76 2.79 -26.70
N GLU D 241 -5.16 4.05 -26.70
CA GLU D 241 -4.19 5.13 -26.59
C GLU D 241 -3.37 5.09 -25.30
N SER D 242 -3.90 4.46 -24.26
CA SER D 242 -3.18 4.33 -22.99
C SER D 242 -2.04 3.31 -23.06
N CYS D 243 -1.97 2.57 -24.17
CA CYS D 243 -0.92 1.57 -24.33
C CYS D 243 -0.29 1.60 -25.72
N PHE D 244 0.90 2.17 -25.80
CA PHE D 244 1.62 2.26 -27.07
C PHE D 244 2.61 1.10 -27.19
N ASP D 245 3.44 0.93 -26.16
CA ASP D 245 4.49 -0.09 -26.16
C ASP D 245 4.45 -1.09 -25.01
N ALA D 246 5.50 -1.91 -24.96
CA ALA D 246 5.64 -2.95 -23.93
C ALA D 246 5.75 -2.34 -22.54
N GLN D 247 6.42 -1.19 -22.44
CA GLN D 247 6.56 -0.51 -21.15
C GLN D 247 5.17 -0.17 -20.62
N ASP D 248 4.35 0.43 -21.47
CA ASP D 248 2.98 0.79 -21.07
C ASP D 248 2.22 -0.44 -20.65
N ALA D 249 2.33 -1.49 -21.46
CA ALA D 249 1.65 -2.75 -21.19
C ALA D 249 2.02 -3.28 -19.81
N LEU D 250 3.30 -3.23 -19.49
CA LEU D 250 3.78 -3.72 -18.21
C LEU D 250 3.13 -2.90 -17.09
N GLU D 251 3.03 -1.59 -17.27
CA GLU D 251 2.42 -0.75 -16.25
C GLU D 251 0.93 -1.07 -16.08
N LEU D 252 0.22 -1.23 -17.20
CA LEU D 252 -1.20 -1.55 -17.18
C LEU D 252 -1.48 -2.91 -16.54
N VAL D 253 -0.62 -3.89 -16.79
CA VAL D 253 -0.80 -5.22 -16.20
C VAL D 253 -0.55 -5.15 -14.70
N LYS D 254 0.45 -4.37 -14.30
CA LYS D 254 0.78 -4.25 -12.89
C LYS D 254 -0.35 -3.61 -12.08
N LYS D 255 -1.02 -2.64 -12.68
CA LYS D 255 -2.11 -1.92 -12.02
C LYS D 255 -3.50 -2.50 -12.24
N GLY D 256 -3.62 -3.51 -13.09
CA GLY D 256 -4.92 -4.11 -13.36
C GLY D 256 -5.85 -3.07 -13.96
N THR D 257 -5.28 -2.20 -14.79
CA THR D 257 -6.01 -1.10 -15.42
C THR D 257 -7.15 -1.45 -16.37
N VAL D 258 -6.95 -2.44 -17.23
CA VAL D 258 -7.97 -2.83 -18.20
C VAL D 258 -8.11 -4.34 -18.33
N ASP D 259 -9.07 -4.78 -19.12
CA ASP D 259 -9.33 -6.21 -19.35
C ASP D 259 -8.65 -6.71 -20.63
N VAL D 260 -8.54 -5.83 -21.62
CA VAL D 260 -7.94 -6.18 -22.91
C VAL D 260 -7.15 -4.97 -23.44
N ILE D 261 -6.14 -5.24 -24.26
CA ILE D 261 -5.32 -4.19 -24.83
C ILE D 261 -5.29 -4.23 -26.37
N ASN D 262 -5.37 -3.05 -26.97
CA ASN D 262 -5.34 -2.88 -28.42
C ASN D 262 -3.89 -2.67 -28.85
N ILE D 263 -3.42 -3.50 -29.78
CA ILE D 263 -2.05 -3.39 -30.30
C ILE D 263 -2.07 -2.81 -31.71
N LYS D 264 -1.18 -1.86 -31.97
CA LYS D 264 -1.05 -1.24 -33.29
C LYS D 264 0.42 -1.15 -33.64
N LEU D 265 0.81 -1.75 -34.76
CA LEU D 265 2.20 -1.70 -35.16
C LEU D 265 2.68 -0.25 -35.22
N MET D 266 1.77 0.65 -35.62
CA MET D 266 2.10 2.07 -35.72
C MET D 266 2.24 2.76 -34.37
N LYS D 267 1.81 2.11 -33.30
CA LYS D 267 1.94 2.67 -31.95
C LYS D 267 3.23 2.21 -31.27
N CYS D 268 3.60 0.94 -31.49
CA CYS D 268 4.77 0.34 -30.87
C CYS D 268 6.09 0.35 -31.63
N GLY D 269 6.04 0.59 -32.93
CA GLY D 269 7.28 0.62 -33.69
C GLY D 269 7.59 -0.65 -34.46
N GLY D 270 6.58 -1.49 -34.68
CA GLY D 270 6.80 -2.69 -35.45
C GLY D 270 6.39 -4.01 -34.83
N ILE D 271 6.53 -5.07 -35.62
CA ILE D 271 6.19 -6.41 -35.19
C ILE D 271 7.04 -6.87 -33.99
N HIS D 272 8.31 -6.48 -33.96
CA HIS D 272 9.20 -6.87 -32.87
C HIS D 272 8.68 -6.38 -31.51
N GLU D 273 8.17 -5.15 -31.49
CA GLU D 273 7.66 -4.57 -30.25
C GLU D 273 6.25 -5.06 -29.95
N ALA D 274 5.47 -5.31 -31.00
CA ALA D 274 4.12 -5.79 -30.83
C ALA D 274 4.16 -7.17 -30.17
N LEU D 275 5.17 -7.97 -30.51
CA LEU D 275 5.33 -9.29 -29.92
C LEU D 275 5.54 -9.18 -28.42
N LYS D 276 6.33 -8.21 -27.98
CA LYS D 276 6.58 -8.02 -26.55
C LYS D 276 5.26 -7.73 -25.84
N ILE D 277 4.51 -6.78 -26.37
CA ILE D 277 3.23 -6.40 -25.79
C ILE D 277 2.33 -7.62 -25.60
N ASN D 278 2.11 -8.37 -26.67
CA ASN D 278 1.27 -9.55 -26.60
C ASN D 278 1.74 -10.57 -25.56
N GLN D 279 3.06 -10.82 -25.50
CA GLN D 279 3.59 -11.78 -24.53
C GLN D 279 3.32 -11.31 -23.10
N ILE D 280 3.53 -10.02 -22.86
CA ILE D 280 3.30 -9.45 -21.54
C ILE D 280 1.83 -9.62 -21.16
N CYS D 281 0.94 -9.36 -22.14
CA CYS D 281 -0.49 -9.49 -21.90
C CYS D 281 -0.88 -10.94 -21.66
N GLU D 282 -0.43 -11.82 -22.55
CA GLU D 282 -0.75 -13.24 -22.43
C GLU D 282 -0.34 -13.78 -21.06
N THR D 283 0.84 -13.40 -20.61
CA THR D 283 1.35 -13.84 -19.31
C THR D 283 0.41 -13.36 -18.20
N ALA D 284 -0.06 -12.13 -18.31
CA ALA D 284 -0.97 -11.57 -17.31
C ALA D 284 -2.42 -12.00 -17.52
N GLY D 285 -2.68 -12.72 -18.60
CA GLY D 285 -4.05 -13.18 -18.86
C GLY D 285 -4.94 -12.13 -19.52
N ILE D 286 -4.31 -11.20 -20.23
CA ILE D 286 -5.01 -10.13 -20.94
C ILE D 286 -4.97 -10.42 -22.44
N GLU D 287 -6.13 -10.59 -23.07
CA GLU D 287 -6.15 -10.85 -24.50
C GLU D 287 -5.86 -9.56 -25.24
N CYS D 288 -5.45 -9.66 -26.50
CA CYS D 288 -5.12 -8.49 -27.30
C CYS D 288 -5.93 -8.43 -28.59
N MET D 289 -6.12 -7.22 -29.11
CA MET D 289 -6.82 -7.01 -30.36
C MET D 289 -5.87 -6.25 -31.25
N ILE D 290 -5.65 -6.74 -32.46
CA ILE D 290 -4.77 -6.03 -33.38
C ILE D 290 -5.62 -4.90 -33.99
N GLY D 291 -5.05 -3.71 -34.09
CA GLY D 291 -5.77 -2.58 -34.64
C GLY D 291 -4.99 -1.91 -35.76
N CYS D 292 -5.43 -0.72 -36.17
CA CYS D 292 -4.76 0.00 -37.25
C CYS D 292 -5.10 1.48 -37.27
N MET D 293 -4.29 2.23 -38.01
CA MET D 293 -4.49 3.66 -38.19
C MET D 293 -5.21 3.82 -39.54
N ALA D 294 -6.00 4.87 -39.69
CA ALA D 294 -6.70 5.10 -40.94
C ALA D 294 -5.72 5.51 -42.02
N GLU D 295 -4.52 5.91 -41.61
CA GLU D 295 -3.49 6.35 -42.53
C GLU D 295 -2.69 5.21 -43.19
N GLU D 296 -2.77 4.01 -42.65
CA GLU D 296 -2.02 2.91 -43.26
C GLU D 296 -2.82 2.18 -44.33
N THR D 297 -2.09 1.48 -45.20
CA THR D 297 -2.72 0.78 -46.31
C THR D 297 -2.37 -0.71 -46.33
N THR D 298 -2.36 -1.28 -47.53
CA THR D 298 -2.09 -2.70 -47.74
C THR D 298 -0.92 -3.29 -46.96
N ILE D 299 0.21 -2.61 -46.97
CA ILE D 299 1.40 -3.09 -46.27
C ILE D 299 1.23 -3.19 -44.75
N GLY D 300 0.83 -2.08 -44.12
CA GLY D 300 0.65 -2.10 -42.68
C GLY D 300 -0.37 -3.13 -42.24
N ILE D 301 -1.50 -3.13 -42.92
CA ILE D 301 -2.58 -4.06 -42.61
C ILE D 301 -2.15 -5.51 -42.81
N THR D 302 -1.48 -5.78 -43.92
CA THR D 302 -1.02 -7.13 -44.21
C THR D 302 -0.06 -7.60 -43.11
N ALA D 303 0.90 -6.76 -42.75
CA ALA D 303 1.86 -7.12 -41.71
C ALA D 303 1.11 -7.41 -40.41
N ALA D 304 0.10 -6.60 -40.11
CA ALA D 304 -0.69 -6.77 -38.90
C ALA D 304 -1.50 -8.06 -38.97
N ALA D 305 -2.05 -8.35 -40.13
CA ALA D 305 -2.86 -9.54 -40.31
C ALA D 305 -2.07 -10.82 -40.03
N HIS D 306 -0.82 -10.87 -40.52
CA HIS D 306 0.02 -12.05 -40.31
C HIS D 306 0.35 -12.25 -38.83
N LEU D 307 0.68 -11.17 -38.14
CA LEU D 307 1.00 -11.25 -36.72
C LEU D 307 -0.21 -11.72 -35.93
N ALA D 308 -1.39 -11.23 -36.30
CA ALA D 308 -2.61 -11.61 -35.61
C ALA D 308 -2.94 -13.08 -35.82
N ALA D 309 -2.71 -13.56 -37.04
CA ALA D 309 -2.98 -14.95 -37.38
C ALA D 309 -2.01 -15.85 -36.65
N ALA D 310 -0.76 -15.40 -36.53
CA ALA D 310 0.29 -16.18 -35.89
C ALA D 310 0.25 -16.22 -34.37
N GLN D 311 -0.53 -15.34 -33.75
CA GLN D 311 -0.59 -15.29 -32.29
C GLN D 311 -1.94 -15.64 -31.68
N LYS D 312 -1.91 -16.63 -30.80
CA LYS D 312 -3.11 -17.10 -30.13
C LYS D 312 -3.76 -16.05 -29.23
N ASN D 313 -2.96 -15.31 -28.48
CA ASN D 313 -3.49 -14.31 -27.55
C ASN D 313 -4.13 -13.11 -28.26
N ILE D 314 -3.77 -12.89 -29.52
CA ILE D 314 -4.36 -11.79 -30.29
C ILE D 314 -5.65 -12.40 -30.85
N THR D 315 -6.70 -12.30 -30.04
CA THR D 315 -8.00 -12.88 -30.34
C THR D 315 -9.03 -12.04 -31.07
N ARG D 316 -8.78 -10.75 -31.21
CA ARG D 316 -9.72 -9.89 -31.92
C ARG D 316 -8.94 -9.11 -32.98
N ALA D 317 -9.65 -8.65 -34.00
CA ALA D 317 -8.98 -7.89 -35.05
C ALA D 317 -9.82 -6.73 -35.55
N ASP D 318 -9.17 -5.59 -35.70
CA ASP D 318 -9.81 -4.39 -36.20
C ASP D 318 -8.87 -3.86 -37.28
N LEU D 319 -8.85 -4.56 -38.41
CA LEU D 319 -7.99 -4.21 -39.54
C LEU D 319 -8.85 -3.86 -40.75
N ASP D 320 -9.50 -2.70 -40.67
CA ASP D 320 -10.41 -2.24 -41.72
C ASP D 320 -9.92 -1.06 -42.55
N ALA D 321 -8.63 -0.72 -42.41
CA ALA D 321 -8.09 0.42 -43.13
C ALA D 321 -8.15 0.33 -44.67
N THR D 322 -7.99 -0.86 -45.23
CA THR D 322 -8.03 -0.98 -46.69
C THR D 322 -9.42 -0.82 -47.27
N PHE D 323 -10.45 -1.07 -46.46
CA PHE D 323 -11.83 -0.97 -46.95
C PHE D 323 -12.23 0.40 -47.48
N GLY D 324 -11.56 1.45 -47.03
CA GLY D 324 -11.92 2.78 -47.47
C GLY D 324 -11.00 3.41 -48.50
N LEU D 325 -9.99 2.68 -48.95
CA LEU D 325 -9.03 3.19 -49.92
C LEU D 325 -9.59 3.20 -51.34
N GLU D 326 -9.35 4.27 -52.09
CA GLU D 326 -9.82 4.33 -53.47
C GLU D 326 -9.04 3.33 -54.31
N THR D 327 -7.74 3.20 -53.98
CA THR D 327 -6.84 2.28 -54.67
C THR D 327 -5.73 1.80 -53.73
N ALA D 328 -5.04 0.74 -54.15
CA ALA D 328 -3.94 0.18 -53.37
C ALA D 328 -2.62 0.74 -53.88
N PRO D 329 -1.71 1.09 -52.98
CA PRO D 329 -0.42 1.65 -53.39
C PRO D 329 0.59 0.58 -53.81
N VAL D 330 0.22 -0.68 -53.62
CA VAL D 330 1.11 -1.78 -53.95
C VAL D 330 0.30 -3.00 -54.42
N THR D 331 0.97 -4.02 -54.93
CA THR D 331 0.29 -5.23 -55.42
C THR D 331 0.39 -6.40 -54.44
N GLY D 332 -0.70 -7.16 -54.32
CA GLY D 332 -0.70 -8.29 -53.42
C GLY D 332 -1.05 -7.88 -51.99
N GLY D 333 -1.11 -8.84 -51.09
CA GLY D 333 -1.44 -8.55 -49.70
C GLY D 333 -2.93 -8.47 -49.47
N VAL D 334 -3.32 -8.04 -48.27
CA VAL D 334 -4.74 -7.93 -47.93
C VAL D 334 -5.46 -7.05 -48.95
N SER D 335 -6.63 -7.52 -49.38
CA SER D 335 -7.45 -6.86 -50.38
C SER D 335 -8.19 -5.60 -49.96
N LEU D 336 -8.57 -4.79 -50.96
CA LEU D 336 -9.31 -3.56 -50.75
C LEU D 336 -10.77 -3.89 -50.50
N GLU D 337 -11.15 -5.12 -50.81
CA GLU D 337 -12.51 -5.59 -50.65
C GLU D 337 -12.95 -5.49 -49.19
N ALA D 338 -14.14 -4.94 -48.96
CA ALA D 338 -14.67 -4.83 -47.62
C ALA D 338 -15.28 -6.16 -47.20
N LYS D 339 -14.44 -7.01 -46.62
CA LYS D 339 -14.87 -8.34 -46.17
C LYS D 339 -14.32 -8.67 -44.78
N PRO D 340 -15.07 -9.43 -43.98
CA PRO D 340 -14.61 -9.79 -42.63
C PRO D 340 -13.46 -10.79 -42.62
N LEU D 341 -13.44 -11.70 -43.58
CA LEU D 341 -12.39 -12.71 -43.64
C LEU D 341 -11.13 -12.27 -44.38
N LEU D 342 -10.00 -12.35 -43.70
CA LEU D 342 -8.72 -11.99 -44.29
C LEU D 342 -7.89 -13.26 -44.34
N GLU D 343 -7.88 -13.90 -45.52
CA GLU D 343 -7.13 -15.14 -45.70
C GLU D 343 -5.73 -14.86 -46.19
N LEU D 344 -4.73 -15.36 -45.47
CA LEU D 344 -3.34 -15.17 -45.85
C LEU D 344 -2.96 -16.37 -46.73
N GLY D 345 -2.22 -16.08 -47.81
CA GLY D 345 -1.83 -17.13 -48.72
C GLY D 345 -0.62 -17.93 -48.29
N GLU D 346 0.09 -18.48 -49.27
CA GLU D 346 1.29 -19.28 -49.04
C GLU D 346 2.55 -18.54 -49.46
N ALA D 347 2.37 -17.37 -50.08
CA ALA D 347 3.51 -16.58 -50.55
C ALA D 347 4.46 -16.26 -49.41
N ALA D 348 5.75 -16.23 -49.70
CA ALA D 348 6.77 -15.91 -48.69
C ALA D 348 6.63 -14.48 -48.22
N GLY D 349 6.95 -14.23 -46.95
CA GLY D 349 6.84 -12.89 -46.41
C GLY D 349 5.41 -12.37 -46.42
N LEU D 350 5.22 -11.18 -46.96
CA LEU D 350 3.90 -10.55 -47.03
C LEU D 350 3.18 -10.86 -48.34
N GLY D 351 3.95 -11.30 -49.34
CA GLY D 351 3.38 -11.62 -50.63
C GLY D 351 2.98 -10.34 -51.35
N ILE D 352 3.77 -9.30 -51.13
CA ILE D 352 3.51 -7.99 -51.71
C ILE D 352 4.64 -7.58 -52.66
N SER D 353 4.28 -6.90 -53.76
CA SER D 353 5.25 -6.45 -54.73
C SER D 353 4.81 -5.11 -55.32
N HIS D 354 5.71 -4.43 -56.02
CA HIS D 354 5.41 -3.13 -56.61
C HIS D 354 5.92 -3.01 -58.05
N MET E 1 7.82 50.41 -12.56
CA MET E 1 6.60 50.62 -11.74
C MET E 1 6.95 50.30 -10.28
N LYS E 2 6.56 51.20 -9.37
CA LYS E 2 6.86 51.02 -7.95
C LYS E 2 5.69 51.40 -7.06
N ILE E 3 5.41 50.56 -6.05
CA ILE E 3 4.32 50.84 -5.11
C ILE E 3 4.76 52.02 -4.24
N LYS E 4 3.91 53.04 -4.18
CA LYS E 4 4.20 54.24 -3.40
C LYS E 4 3.64 54.17 -2.00
N GLN E 5 2.37 53.79 -1.88
CA GLN E 5 1.69 53.67 -0.61
C GLN E 5 0.56 52.64 -0.67
N VAL E 6 0.18 52.12 0.49
CA VAL E 6 -0.87 51.12 0.59
C VAL E 6 -1.87 51.57 1.65
N HIS E 7 -3.13 51.71 1.27
CA HIS E 7 -4.18 52.13 2.20
C HIS E 7 -5.24 51.04 2.36
N VAL E 8 -5.74 50.87 3.57
CA VAL E 8 -6.77 49.87 3.79
C VAL E 8 -7.88 50.48 4.64
N ARG E 9 -9.12 50.08 4.38
CA ARG E 9 -10.25 50.58 5.13
C ARG E 9 -11.25 49.44 5.36
N ALA E 10 -12.01 49.55 6.46
CA ALA E 10 -13.00 48.53 6.79
C ALA E 10 -14.32 48.85 6.08
N SER E 11 -14.97 47.82 5.59
CA SER E 11 -16.25 47.96 4.93
C SER E 11 -17.23 46.97 5.58
N LYS E 12 -18.34 47.47 6.09
CA LYS E 12 -19.34 46.61 6.72
C LYS E 12 -20.66 46.82 6.01
N ILE E 13 -21.10 45.82 5.27
CA ILE E 13 -22.32 45.94 4.50
C ILE E 13 -23.36 44.90 4.89
N LYS E 14 -24.56 45.38 5.22
CA LYS E 14 -25.64 44.50 5.61
C LYS E 14 -26.13 43.68 4.42
N LEU E 15 -26.49 42.41 4.66
CA LEU E 15 -27.00 41.56 3.60
C LEU E 15 -28.52 41.70 3.56
N LYS E 16 -29.13 41.54 2.40
CA LYS E 16 -30.58 41.68 2.30
C LYS E 16 -31.30 40.65 3.16
N GLU E 17 -30.68 39.48 3.32
CA GLU E 17 -31.28 38.44 4.15
C GLU E 17 -30.23 37.51 4.77
N THR E 18 -30.46 37.13 6.01
CA THR E 18 -29.53 36.24 6.70
C THR E 18 -29.40 34.96 5.88
N PHE E 19 -28.18 34.46 5.76
CA PHE E 19 -27.96 33.24 5.01
C PHE E 19 -27.56 32.15 5.97
N THR E 20 -28.25 31.02 5.89
CA THR E 20 -27.94 29.89 6.75
C THR E 20 -27.32 28.73 5.98
N ILE E 21 -26.19 28.25 6.49
CA ILE E 21 -25.54 27.08 5.91
C ILE E 21 -25.37 26.14 7.09
N ALA E 22 -24.84 24.94 6.88
CA ALA E 22 -24.68 23.99 7.97
C ALA E 22 -23.75 24.51 9.08
N LEU E 23 -22.79 25.34 8.70
CA LEU E 23 -21.81 25.91 9.65
C LEU E 23 -22.31 27.06 10.50
N GLY E 24 -23.39 27.71 10.06
CA GLY E 24 -23.94 28.83 10.81
C GLY E 24 -24.64 29.83 9.91
N THR E 25 -24.74 31.07 10.37
CA THR E 25 -25.41 32.11 9.61
C THR E 25 -24.49 33.29 9.35
N ILE E 26 -24.85 34.08 8.34
CA ILE E 26 -24.10 35.28 8.01
C ILE E 26 -25.14 36.38 7.76
N GLU E 27 -24.92 37.53 8.37
CA GLU E 27 -25.85 38.65 8.24
C GLU E 27 -25.23 39.93 7.71
N SER E 28 -23.90 39.97 7.67
CA SER E 28 -23.20 41.16 7.22
C SER E 28 -21.96 40.77 6.44
N ALA E 29 -21.63 41.56 5.43
CA ALA E 29 -20.44 41.33 4.62
C ALA E 29 -19.43 42.36 5.12
N ASP E 30 -18.56 41.92 6.03
CA ASP E 30 -17.54 42.79 6.60
C ASP E 30 -16.21 42.44 5.94
N SER E 31 -15.68 43.38 5.16
CA SER E 31 -14.42 43.12 4.49
C SER E 31 -13.44 44.26 4.60
N ALA E 32 -12.19 44.00 4.23
CA ALA E 32 -11.14 44.99 4.23
C ALA E 32 -10.89 45.37 2.77
N ILE E 33 -10.92 46.67 2.48
CA ILE E 33 -10.70 47.14 1.12
C ILE E 33 -9.39 47.90 1.06
N VAL E 34 -8.49 47.42 0.20
CA VAL E 34 -7.17 48.01 0.04
C VAL E 34 -7.00 48.74 -1.28
N GLU E 35 -6.24 49.83 -1.23
CA GLU E 35 -5.90 50.63 -2.42
C GLU E 35 -4.38 50.72 -2.44
N ILE E 36 -3.78 50.27 -3.52
CA ILE E 36 -2.33 50.30 -3.66
C ILE E 36 -2.01 51.33 -4.74
N GLU E 37 -1.29 52.38 -4.38
CA GLU E 37 -0.96 53.40 -5.37
C GLU E 37 0.50 53.31 -5.75
N THR E 38 0.78 53.53 -7.03
CA THR E 38 2.15 53.51 -7.53
C THR E 38 2.67 54.94 -7.59
N GLU E 39 3.97 55.08 -7.75
CA GLU E 39 4.58 56.41 -7.82
C GLU E 39 4.05 57.22 -9.00
N GLU E 40 3.75 56.54 -10.11
CA GLU E 40 3.25 57.18 -11.31
C GLU E 40 1.79 57.61 -11.16
N GLY E 41 1.11 57.07 -10.16
CA GLY E 41 -0.28 57.44 -9.95
C GLY E 41 -1.33 56.38 -10.18
N LEU E 42 -0.95 55.20 -10.65
CA LEU E 42 -1.93 54.14 -10.87
C LEU E 42 -2.38 53.61 -9.51
N VAL E 43 -3.66 53.29 -9.39
CA VAL E 43 -4.18 52.76 -8.14
C VAL E 43 -4.85 51.42 -8.37
N GLY E 44 -4.51 50.43 -7.52
CA GLY E 44 -5.11 49.12 -7.65
C GLY E 44 -6.02 48.84 -6.46
N TYR E 45 -7.15 48.17 -6.71
CA TYR E 45 -8.09 47.84 -5.64
C TYR E 45 -8.07 46.36 -5.29
N GLY E 46 -8.07 46.07 -3.98
CA GLY E 46 -8.06 44.71 -3.51
C GLY E 46 -9.05 44.56 -2.36
N GLU E 47 -9.32 43.32 -1.97
CA GLU E 47 -10.26 43.09 -0.88
C GLU E 47 -9.99 41.79 -0.14
N GLY E 48 -10.21 41.83 1.17
CA GLY E 48 -10.05 40.65 2.01
C GLY E 48 -11.38 40.46 2.69
N GLY E 49 -12.13 39.44 2.28
CA GLY E 49 -13.43 39.18 2.89
C GLY E 49 -13.37 37.85 3.61
N PRO E 50 -12.99 37.84 4.89
CA PRO E 50 -12.88 36.62 5.70
C PRO E 50 -14.18 35.96 6.18
N GLY E 51 -14.20 34.64 6.10
CA GLY E 51 -15.34 33.87 6.57
C GLY E 51 -14.86 33.14 7.81
N ILE E 52 -15.21 33.67 8.98
CA ILE E 52 -14.78 33.09 10.25
C ILE E 52 -15.08 31.61 10.43
N PHE E 53 -16.23 31.11 9.96
CA PHE E 53 -16.46 29.69 10.17
C PHE E 53 -15.85 28.81 9.08
N ILE E 54 -15.00 29.41 8.25
CA ILE E 54 -14.29 28.69 7.21
C ILE E 54 -12.79 28.70 7.50
N THR E 55 -12.23 29.90 7.66
CA THR E 55 -10.80 30.05 7.91
C THR E 55 -10.46 30.61 9.29
N GLY E 56 -11.47 31.05 10.02
CA GLY E 56 -11.22 31.60 11.35
C GLY E 56 -10.78 33.05 11.30
N GLU E 57 -10.62 33.60 10.11
CA GLU E 57 -10.19 35.00 9.99
C GLU E 57 -11.27 35.99 10.38
N THR E 58 -10.84 37.12 10.91
CA THR E 58 -11.75 38.16 11.35
C THR E 58 -11.42 39.46 10.63
N LEU E 59 -12.32 40.43 10.66
CA LEU E 59 -12.01 41.67 9.99
C LEU E 59 -10.86 42.39 10.71
N ALA E 60 -10.90 42.40 12.04
CA ALA E 60 -9.83 43.08 12.77
C ALA E 60 -8.45 42.48 12.48
N GLY E 61 -8.35 41.15 12.46
CA GLY E 61 -7.06 40.53 12.16
C GLY E 61 -6.60 40.70 10.73
N THR E 62 -7.54 40.73 9.80
CA THR E 62 -7.19 40.90 8.40
C THR E 62 -6.69 42.33 8.18
N LEU E 63 -7.33 43.29 8.84
CA LEU E 63 -6.91 44.69 8.72
C LEU E 63 -5.49 44.89 9.26
N GLU E 64 -5.19 44.28 10.41
CA GLU E 64 -3.86 44.41 11.00
C GLU E 64 -2.81 43.79 10.06
N THR E 65 -3.11 42.59 9.57
CA THR E 65 -2.20 41.87 8.66
C THR E 65 -1.92 42.62 7.36
N ILE E 66 -2.97 43.16 6.75
CA ILE E 66 -2.83 43.92 5.51
C ILE E 66 -1.91 45.11 5.76
N GLU E 67 -2.10 45.78 6.89
CA GLU E 67 -1.25 46.92 7.25
C GLU E 67 0.21 46.49 7.32
N LEU E 68 0.47 45.32 7.90
CA LEU E 68 1.83 44.81 8.02
C LEU E 68 2.39 44.51 6.62
N PHE E 69 1.56 43.90 5.76
CA PHE E 69 1.97 43.59 4.40
C PHE E 69 2.27 44.89 3.64
N GLY E 70 1.38 45.87 3.81
CA GLY E 70 1.51 47.15 3.15
C GLY E 70 2.82 47.85 3.42
N GLN E 71 3.24 47.86 4.68
CA GLN E 71 4.48 48.51 5.02
C GLN E 71 5.71 47.72 4.60
N ALA E 72 5.51 46.48 4.17
CA ALA E 72 6.64 45.66 3.73
C ALA E 72 6.86 45.65 2.22
N ILE E 73 5.89 46.11 1.45
CA ILE E 73 6.03 46.08 -0.01
C ILE E 73 6.21 47.44 -0.68
N ILE E 74 6.49 48.46 0.11
CA ILE E 74 6.70 49.79 -0.46
C ILE E 74 7.91 49.73 -1.39
N GLY E 75 7.76 50.23 -2.61
CA GLY E 75 8.88 50.20 -3.55
C GLY E 75 8.95 49.01 -4.48
N LEU E 76 8.15 47.98 -4.22
CA LEU E 76 8.16 46.80 -5.06
C LEU E 76 7.35 47.03 -6.35
N ASN E 77 7.65 46.24 -7.37
CA ASN E 77 6.94 46.33 -8.66
C ASN E 77 5.75 45.38 -8.54
N PRO E 78 4.53 45.87 -8.78
CA PRO E 78 3.31 45.05 -8.70
C PRO E 78 3.42 43.76 -9.53
N PHE E 79 4.21 43.80 -10.60
CA PHE E 79 4.39 42.64 -11.46
C PHE E 79 5.23 41.55 -10.80
N ASN E 80 6.02 41.94 -9.80
CA ASN E 80 6.85 40.96 -9.08
C ASN E 80 5.94 40.26 -8.05
N ILE E 81 4.91 39.61 -8.56
CA ILE E 81 3.92 38.91 -7.74
C ILE E 81 4.58 37.76 -6.99
N GLU E 82 5.70 37.30 -7.52
CA GLU E 82 6.45 36.23 -6.90
C GLU E 82 7.08 36.76 -5.58
N LYS E 83 7.70 37.94 -5.63
CA LYS E 83 8.29 38.47 -4.40
C LYS E 83 7.19 38.97 -3.45
N ILE E 84 6.12 39.54 -3.99
CA ILE E 84 5.03 40.03 -3.13
C ILE E 84 4.51 38.88 -2.25
N HIS E 85 4.26 37.72 -2.83
CA HIS E 85 3.81 36.60 -2.02
C HIS E 85 4.91 36.05 -1.09
N GLU E 86 6.16 36.09 -1.55
CA GLU E 86 7.29 35.64 -0.74
C GLU E 86 7.34 36.44 0.56
N VAL E 87 7.28 37.76 0.41
CA VAL E 87 7.32 38.69 1.52
C VAL E 87 6.16 38.47 2.49
N MET E 88 4.95 38.32 1.96
CA MET E 88 3.76 38.10 2.77
C MET E 88 3.80 36.77 3.50
N ASP E 89 4.33 35.73 2.83
CA ASP E 89 4.39 34.41 3.46
C ASP E 89 5.45 34.36 4.57
N LYS E 90 6.45 35.23 4.49
CA LYS E 90 7.48 35.26 5.52
C LYS E 90 6.96 36.01 6.73
N ILE E 91 6.05 36.95 6.48
CA ILE E 91 5.43 37.74 7.53
C ILE E 91 4.35 36.94 8.26
N SER E 92 3.48 36.27 7.52
CA SER E 92 2.40 35.50 8.11
C SER E 92 2.27 34.07 7.58
N ALA E 93 2.17 33.12 8.51
CA ALA E 93 2.03 31.71 8.14
C ALA E 93 0.64 31.39 7.59
N PHE E 94 -0.36 32.18 7.96
CA PHE E 94 -1.73 31.94 7.52
C PHE E 94 -2.57 33.20 7.61
N ALA E 95 -3.01 33.72 6.46
CA ALA E 95 -3.85 34.91 6.41
C ALA E 95 -4.31 35.06 4.97
N PRO E 96 -5.02 34.05 4.45
CA PRO E 96 -5.48 34.13 3.05
C PRO E 96 -6.25 35.37 2.64
N ALA E 97 -7.16 35.87 3.50
CA ALA E 97 -7.91 37.06 3.14
C ALA E 97 -7.02 38.29 2.98
N ALA E 98 -6.09 38.50 3.91
CA ALA E 98 -5.20 39.66 3.83
C ALA E 98 -4.28 39.51 2.63
N LYS E 99 -3.79 38.29 2.39
CA LYS E 99 -2.88 38.06 1.28
C LYS E 99 -3.63 38.26 -0.04
N ALA E 100 -4.89 37.84 -0.09
CA ALA E 100 -5.71 38.01 -1.29
C ALA E 100 -5.96 39.50 -1.54
N ALA E 101 -6.13 40.28 -0.47
CA ALA E 101 -6.39 41.71 -0.62
C ALA E 101 -5.24 42.39 -1.37
N ILE E 102 -4.02 42.14 -0.92
CA ILE E 102 -2.84 42.72 -1.55
C ILE E 102 -2.69 42.18 -2.97
N ASP E 103 -2.77 40.86 -3.11
CA ASP E 103 -2.63 40.19 -4.40
C ASP E 103 -3.61 40.72 -5.46
N ILE E 104 -4.88 40.86 -5.10
CA ILE E 104 -5.86 41.34 -6.06
C ILE E 104 -5.53 42.76 -6.53
N ALA E 105 -5.20 43.63 -5.59
CA ALA E 105 -4.86 45.00 -5.94
C ALA E 105 -3.65 45.02 -6.87
N CYS E 106 -2.73 44.07 -6.67
CA CYS E 106 -1.54 44.02 -7.52
C CYS E 106 -1.93 43.62 -8.94
N TYR E 107 -2.78 42.62 -9.08
CA TYR E 107 -3.20 42.24 -10.42
C TYR E 107 -3.99 43.38 -11.07
N ASP E 108 -4.76 44.12 -10.27
CA ASP E 108 -5.51 45.25 -10.80
C ASP E 108 -4.52 46.22 -11.43
N LEU E 109 -3.44 46.52 -10.70
CA LEU E 109 -2.38 47.41 -11.18
C LEU E 109 -1.67 46.88 -12.43
N MET E 110 -1.43 45.57 -12.51
CA MET E 110 -0.78 44.99 -13.69
C MET E 110 -1.69 45.20 -14.89
N GLY E 111 -2.99 45.03 -14.68
CA GLY E 111 -3.93 45.23 -15.76
C GLY E 111 -3.95 46.68 -16.20
N GLN E 112 -3.91 47.60 -15.25
CA GLN E 112 -3.93 49.02 -15.57
C GLN E 112 -2.67 49.43 -16.31
N LYS E 113 -1.52 48.93 -15.86
CA LYS E 113 -0.25 49.24 -16.50
C LYS E 113 -0.21 48.70 -17.93
N ALA E 114 -0.64 47.45 -18.09
CA ALA E 114 -0.66 46.80 -19.41
C ALA E 114 -1.76 47.35 -20.29
N GLN E 115 -2.76 47.97 -19.65
CA GLN E 115 -3.92 48.53 -20.35
C GLN E 115 -4.70 47.39 -20.99
N LEU E 116 -4.94 46.37 -20.18
CA LEU E 116 -5.66 45.17 -20.60
C LEU E 116 -6.57 44.69 -19.48
N PRO E 117 -7.76 44.18 -19.85
CA PRO E 117 -8.64 43.69 -18.78
C PRO E 117 -7.92 42.50 -18.15
N LEU E 118 -8.13 42.28 -16.85
CA LEU E 118 -7.44 41.21 -16.15
C LEU E 118 -7.62 39.83 -16.79
N TYR E 119 -8.81 39.51 -17.26
CA TYR E 119 -9.03 38.21 -17.87
C TYR E 119 -8.08 37.92 -19.05
N GLN E 120 -7.62 38.96 -19.74
CA GLN E 120 -6.70 38.76 -20.87
C GLN E 120 -5.31 38.37 -20.32
N LEU E 121 -4.89 39.03 -19.26
CA LEU E 121 -3.60 38.73 -18.65
C LEU E 121 -3.55 37.33 -18.04
N LEU E 122 -4.68 36.88 -17.51
CA LEU E 122 -4.75 35.59 -16.84
C LEU E 122 -5.01 34.32 -17.69
N GLY E 123 -5.17 34.49 -19.00
CA GLY E 123 -5.40 33.30 -19.82
C GLY E 123 -6.21 33.58 -21.07
N GLY E 124 -7.08 34.59 -20.99
CA GLY E 124 -7.91 34.98 -22.13
C GLY E 124 -8.91 34.02 -22.75
N TYR E 125 -9.26 32.94 -22.06
CA TYR E 125 -10.17 31.97 -22.65
C TYR E 125 -11.59 32.50 -22.92
N ASP E 126 -12.06 33.42 -22.07
CA ASP E 126 -13.40 34.01 -22.23
C ASP E 126 -13.41 35.39 -21.58
N ASN E 127 -14.47 36.16 -21.82
CA ASN E 127 -14.60 37.50 -21.24
C ASN E 127 -15.87 37.60 -20.41
N GLN E 128 -16.36 36.47 -19.92
CA GLN E 128 -17.57 36.44 -19.11
C GLN E 128 -17.68 35.13 -18.38
N VAL E 129 -18.57 35.09 -17.40
CA VAL E 129 -18.78 33.87 -16.64
C VAL E 129 -20.25 33.77 -16.26
N ILE E 130 -20.78 32.54 -16.29
CA ILE E 130 -22.16 32.27 -15.93
C ILE E 130 -22.09 31.72 -14.51
N THR E 131 -22.83 32.33 -13.60
CA THR E 131 -22.82 31.88 -12.22
C THR E 131 -24.13 31.32 -11.76
N ASP E 132 -24.05 30.41 -10.78
CA ASP E 132 -25.25 29.83 -10.21
C ASP E 132 -25.68 30.82 -9.14
N ILE E 133 -26.68 30.45 -8.36
CA ILE E 133 -27.10 31.27 -7.23
C ILE E 133 -27.41 30.27 -6.13
N THR E 134 -26.89 30.55 -4.94
CA THR E 134 -27.08 29.68 -3.79
C THR E 134 -28.39 29.99 -3.06
N LEU E 135 -29.04 28.95 -2.56
CA LEU E 135 -30.27 29.07 -1.78
C LEU E 135 -29.91 28.59 -0.39
N GLY E 136 -30.08 29.46 0.61
CA GLY E 136 -29.76 29.11 1.99
C GLY E 136 -30.70 28.07 2.57
N ILE E 137 -30.27 27.41 3.62
CA ILE E 137 -31.07 26.38 4.27
C ILE E 137 -32.39 26.90 4.82
N ASP E 138 -33.48 26.23 4.46
CA ASP E 138 -34.81 26.62 4.94
C ASP E 138 -35.77 25.45 4.77
N GLU E 139 -37.06 25.67 5.03
CA GLU E 139 -38.05 24.61 4.88
C GLU E 139 -38.16 24.23 3.41
N PRO E 140 -38.42 22.94 3.13
CA PRO E 140 -38.55 22.46 1.75
C PRO E 140 -39.43 23.36 0.88
N ASN E 141 -40.66 23.61 1.32
CA ASN E 141 -41.56 24.44 0.54
C ASN E 141 -41.04 25.86 0.35
N VAL E 142 -40.34 26.40 1.34
CA VAL E 142 -39.81 27.75 1.22
C VAL E 142 -38.66 27.77 0.22
N MET E 143 -37.75 26.80 0.33
CA MET E 143 -36.63 26.74 -0.60
C MET E 143 -37.14 26.53 -2.01
N ALA E 144 -38.11 25.63 -2.16
CA ALA E 144 -38.70 25.36 -3.48
C ALA E 144 -39.28 26.62 -4.09
N GLN E 145 -39.95 27.42 -3.27
CA GLN E 145 -40.55 28.66 -3.74
C GLN E 145 -39.49 29.65 -4.21
N LYS E 146 -38.43 29.81 -3.41
CA LYS E 146 -37.34 30.71 -3.76
C LYS E 146 -36.63 30.18 -5.01
N ALA E 147 -36.62 28.86 -5.18
CA ALA E 147 -35.98 28.25 -6.34
C ALA E 147 -36.72 28.69 -7.58
N VAL E 148 -38.04 28.78 -7.48
CA VAL E 148 -38.85 29.21 -8.62
C VAL E 148 -38.59 30.68 -8.91
N GLU E 149 -38.41 31.47 -7.85
CA GLU E 149 -38.12 32.90 -8.00
C GLU E 149 -36.79 33.11 -8.75
N LYS E 150 -35.75 32.38 -8.33
CA LYS E 150 -34.44 32.53 -8.96
C LYS E 150 -34.43 32.08 -10.43
N VAL E 151 -35.13 30.99 -10.73
CA VAL E 151 -35.20 30.52 -12.10
C VAL E 151 -35.85 31.56 -12.99
N LYS E 152 -36.84 32.28 -12.45
CA LYS E 152 -37.54 33.32 -13.21
C LYS E 152 -36.60 34.49 -13.47
N LEU E 153 -35.62 34.66 -12.59
CA LEU E 153 -34.63 35.71 -12.73
C LEU E 153 -33.66 35.36 -13.86
N GLY E 154 -33.72 34.11 -14.31
CA GLY E 154 -32.85 33.67 -15.39
C GLY E 154 -31.79 32.64 -15.03
N PHE E 155 -31.79 32.18 -13.79
CA PHE E 155 -30.80 31.19 -13.36
C PHE E 155 -31.16 29.77 -13.78
N ASP E 156 -30.23 29.11 -14.47
CA ASP E 156 -30.44 27.73 -14.94
C ASP E 156 -29.74 26.73 -14.03
N THR E 157 -28.94 27.23 -13.09
CA THR E 157 -28.22 26.37 -12.15
C THR E 157 -28.40 26.89 -10.74
N LEU E 158 -28.88 26.05 -9.84
CA LEU E 158 -29.08 26.45 -8.46
C LEU E 158 -28.21 25.66 -7.49
N LYS E 159 -27.56 26.36 -6.55
CA LYS E 159 -26.73 25.71 -5.53
C LYS E 159 -27.58 25.61 -4.28
N ILE E 160 -27.90 24.38 -3.90
CA ILE E 160 -28.75 24.09 -2.75
C ILE E 160 -27.96 23.76 -1.49
N LYS E 161 -28.15 24.57 -0.45
CA LYS E 161 -27.48 24.34 0.82
C LYS E 161 -28.30 23.31 1.60
N VAL E 162 -27.62 22.34 2.19
CA VAL E 162 -28.28 21.31 2.98
C VAL E 162 -27.41 21.01 4.20
N GLY E 163 -27.94 20.21 5.14
CA GLY E 163 -27.14 19.87 6.30
C GLY E 163 -27.74 19.84 7.69
N THR E 164 -29.06 19.69 7.82
CA THR E 164 -29.65 19.64 9.16
C THR E 164 -30.04 18.22 9.51
N GLY E 165 -29.88 17.32 8.54
CA GLY E 165 -30.23 15.92 8.74
C GLY E 165 -30.66 15.40 7.39
N ILE E 166 -30.19 14.20 7.02
CA ILE E 166 -30.50 13.67 5.70
C ILE E 166 -31.98 13.56 5.42
N GLU E 167 -32.79 13.33 6.45
CA GLU E 167 -34.23 13.23 6.25
C GLU E 167 -34.74 14.55 5.69
N ALA E 168 -34.48 15.63 6.40
CA ALA E 168 -34.92 16.94 5.94
C ALA E 168 -34.16 17.40 4.69
N ASP E 169 -32.86 17.11 4.63
CA ASP E 169 -32.08 17.51 3.46
C ASP E 169 -32.63 16.90 2.17
N ILE E 170 -33.03 15.63 2.24
CA ILE E 170 -33.60 14.93 1.08
C ILE E 170 -34.93 15.55 0.66
N ALA E 171 -35.76 15.89 1.65
CA ALA E 171 -37.06 16.49 1.38
C ALA E 171 -36.88 17.86 0.72
N ARG E 172 -35.85 18.59 1.14
CA ARG E 172 -35.59 19.90 0.56
C ARG E 172 -35.29 19.78 -0.93
N VAL E 173 -34.41 18.85 -1.29
CA VAL E 173 -34.04 18.64 -2.68
C VAL E 173 -35.23 18.17 -3.53
N LYS E 174 -35.98 17.19 -3.04
CA LYS E 174 -37.14 16.68 -3.77
C LYS E 174 -38.12 17.82 -4.02
N ALA E 175 -38.42 18.60 -3.00
CA ALA E 175 -39.36 19.70 -3.16
C ALA E 175 -38.84 20.67 -4.23
N ILE E 176 -37.57 21.04 -4.15
CA ILE E 176 -36.99 21.95 -5.13
C ILE E 176 -37.07 21.41 -6.57
N ARG E 177 -36.74 20.14 -6.75
CA ARG E 177 -36.78 19.56 -8.09
C ARG E 177 -38.19 19.56 -8.67
N GLU E 178 -39.16 19.09 -7.90
CA GLU E 178 -40.54 19.05 -8.36
C GLU E 178 -41.04 20.45 -8.73
N ALA E 179 -40.57 21.45 -8.00
CA ALA E 179 -40.99 22.82 -8.24
C ALA E 179 -40.41 23.44 -9.52
N VAL E 180 -39.15 23.16 -9.82
CA VAL E 180 -38.52 23.74 -11.00
C VAL E 180 -38.42 22.82 -12.21
N GLY E 181 -38.61 21.52 -12.02
CA GLY E 181 -38.52 20.60 -13.14
C GLY E 181 -37.09 20.18 -13.40
N PHE E 182 -36.88 19.33 -14.40
CA PHE E 182 -35.54 18.82 -14.71
C PHE E 182 -34.68 19.61 -15.70
N ASP E 183 -35.16 20.76 -16.15
CA ASP E 183 -34.37 21.56 -17.09
C ASP E 183 -33.34 22.38 -16.33
N ILE E 184 -33.47 22.40 -15.00
CA ILE E 184 -32.58 23.16 -14.14
C ILE E 184 -31.50 22.30 -13.51
N LYS E 185 -30.26 22.80 -13.49
CA LYS E 185 -29.17 22.05 -12.88
C LYS E 185 -29.14 22.33 -11.38
N LEU E 186 -29.08 21.27 -10.59
CA LEU E 186 -29.04 21.40 -9.15
C LEU E 186 -27.76 20.82 -8.56
N ARG E 187 -27.01 21.66 -7.85
CA ARG E 187 -25.81 21.17 -7.17
C ARG E 187 -26.07 21.35 -5.67
N LEU E 188 -25.72 20.35 -4.89
CA LEU E 188 -25.92 20.39 -3.45
C LEU E 188 -24.61 20.75 -2.73
N ASP E 189 -24.74 21.34 -1.55
CA ASP E 189 -23.57 21.70 -0.74
C ASP E 189 -23.96 21.48 0.72
N ALA E 190 -23.37 20.46 1.34
CA ALA E 190 -23.67 20.13 2.73
C ALA E 190 -22.77 20.78 3.75
N ASN E 191 -21.78 21.52 3.27
CA ASN E 191 -20.82 22.18 4.17
C ASN E 191 -20.41 21.29 5.36
N GLN E 192 -19.92 20.09 5.05
CA GLN E 192 -19.41 19.13 6.04
C GLN E 192 -20.41 18.49 7.02
N ALA E 193 -21.70 18.68 6.80
CA ALA E 193 -22.70 18.16 7.73
C ALA E 193 -22.92 16.64 7.86
N TRP E 194 -22.59 15.87 6.83
CA TRP E 194 -22.86 14.44 6.88
C TRP E 194 -21.68 13.49 7.15
N THR E 195 -22.00 12.33 7.70
CA THR E 195 -20.99 11.30 7.92
C THR E 195 -20.88 10.66 6.54
N PRO E 196 -19.77 9.96 6.25
CA PRO E 196 -19.57 9.31 4.95
C PRO E 196 -20.72 8.39 4.54
N LYS E 197 -21.24 7.61 5.49
CA LYS E 197 -22.33 6.68 5.19
C LYS E 197 -23.65 7.40 4.94
N ASP E 198 -23.97 8.39 5.77
CA ASP E 198 -25.20 9.13 5.56
C ASP E 198 -25.10 9.85 4.21
N ALA E 199 -23.89 10.28 3.86
CA ALA E 199 -23.67 10.98 2.61
C ALA E 199 -24.09 10.08 1.44
N VAL E 200 -23.56 8.86 1.44
CA VAL E 200 -23.90 7.89 0.42
C VAL E 200 -25.40 7.63 0.42
N LYS E 201 -25.98 7.46 1.60
CA LYS E 201 -27.41 7.21 1.70
C LYS E 201 -28.23 8.32 1.06
N ALA E 202 -27.94 9.57 1.43
CA ALA E 202 -28.70 10.69 0.87
C ALA E 202 -28.51 10.75 -0.64
N ILE E 203 -27.27 10.75 -1.09
CA ILE E 203 -26.97 10.83 -2.52
C ILE E 203 -27.72 9.75 -3.30
N GLN E 204 -27.79 8.54 -2.74
CA GLN E 204 -28.48 7.44 -3.41
C GLN E 204 -29.99 7.65 -3.38
N ALA E 205 -30.48 8.28 -2.31
CA ALA E 205 -31.90 8.54 -2.18
C ALA E 205 -32.35 9.60 -3.20
N LEU E 206 -31.40 10.37 -3.71
CA LEU E 206 -31.71 11.40 -4.70
C LEU E 206 -31.28 10.97 -6.09
N ALA E 207 -31.07 9.67 -6.29
CA ALA E 207 -30.62 9.16 -7.58
C ALA E 207 -31.56 9.54 -8.72
N ASP E 208 -32.86 9.52 -8.46
CA ASP E 208 -33.85 9.84 -9.48
C ASP E 208 -34.12 11.34 -9.60
N TYR E 209 -33.37 12.17 -8.88
CA TYR E 209 -33.60 13.61 -8.94
C TYR E 209 -32.57 14.40 -9.74
N GLN E 210 -31.67 13.67 -10.41
CA GLN E 210 -30.67 14.27 -11.28
C GLN E 210 -29.80 15.35 -10.64
N ILE E 211 -29.00 14.94 -9.65
CA ILE E 211 -28.11 15.86 -8.94
C ILE E 211 -26.81 16.01 -9.74
N GLU E 212 -26.45 17.25 -10.07
CA GLU E 212 -25.23 17.50 -10.82
C GLU E 212 -23.97 17.13 -10.04
N LEU E 213 -23.91 17.54 -8.79
CA LEU E 213 -22.76 17.25 -7.94
C LEU E 213 -23.10 17.55 -6.48
N VAL E 214 -22.26 17.05 -5.57
CA VAL E 214 -22.45 17.27 -4.15
C VAL E 214 -21.15 17.85 -3.64
N GLU E 215 -21.22 19.04 -3.05
CA GLU E 215 -20.07 19.75 -2.52
C GLU E 215 -19.80 19.42 -1.04
N GLN E 216 -18.53 19.17 -0.72
CA GLN E 216 -18.06 18.86 0.65
C GLN E 216 -19.11 18.18 1.54
N PRO E 217 -19.39 16.89 1.29
CA PRO E 217 -20.38 16.14 2.09
C PRO E 217 -19.96 15.87 3.52
N VAL E 218 -18.65 15.74 3.74
CA VAL E 218 -18.12 15.41 5.05
C VAL E 218 -17.16 16.44 5.63
N LYS E 219 -16.80 16.24 6.90
CA LYS E 219 -15.88 17.13 7.60
C LYS E 219 -14.63 17.34 6.77
N ARG E 220 -14.11 18.57 6.78
CA ARG E 220 -12.93 18.92 5.99
C ARG E 220 -11.70 18.04 6.20
N ARG E 221 -11.47 17.59 7.42
CA ARG E 221 -10.29 16.78 7.71
C ARG E 221 -10.47 15.29 7.39
N ASP E 222 -11.71 14.86 7.20
CA ASP E 222 -11.99 13.45 6.91
C ASP E 222 -11.75 13.11 5.44
N LEU E 223 -10.49 13.15 5.01
CA LEU E 223 -10.17 12.85 3.62
C LEU E 223 -10.45 11.40 3.24
N GLU E 224 -10.36 10.49 4.20
CA GLU E 224 -10.66 9.09 3.92
C GLU E 224 -12.16 8.97 3.68
N GLY E 225 -12.92 9.70 4.47
CA GLY E 225 -14.37 9.67 4.35
C GLY E 225 -14.86 10.36 3.09
N LEU E 226 -14.15 11.41 2.67
CA LEU E 226 -14.54 12.13 1.47
C LEU E 226 -14.28 11.23 0.27
N LYS E 227 -13.14 10.54 0.28
CA LYS E 227 -12.79 9.64 -0.81
C LYS E 227 -13.80 8.49 -0.87
N TYR E 228 -14.24 8.04 0.30
CA TYR E 228 -15.22 6.95 0.39
C TYR E 228 -16.47 7.35 -0.37
N VAL E 229 -16.98 8.54 -0.09
CA VAL E 229 -18.17 9.02 -0.76
C VAL E 229 -17.94 9.03 -2.27
N THR E 230 -16.81 9.61 -2.67
CA THR E 230 -16.44 9.71 -4.08
C THR E 230 -16.37 8.37 -4.83
N SER E 231 -15.86 7.34 -4.16
CA SER E 231 -15.72 6.04 -4.77
C SER E 231 -16.96 5.17 -4.63
N GLN E 232 -17.97 5.67 -3.92
CA GLN E 232 -19.19 4.91 -3.70
C GLN E 232 -20.40 5.38 -4.51
N VAL E 233 -20.31 6.57 -5.10
CA VAL E 233 -21.42 7.09 -5.89
C VAL E 233 -20.96 7.56 -7.25
N ASN E 234 -21.86 7.50 -8.23
CA ASN E 234 -21.54 7.94 -9.58
C ASN E 234 -21.70 9.44 -9.66
N THR E 235 -22.30 10.00 -8.62
CA THR E 235 -22.51 11.44 -8.57
C THR E 235 -21.17 12.14 -8.32
N THR E 236 -20.96 13.23 -9.03
CA THR E 236 -19.75 14.04 -8.94
C THR E 236 -19.60 14.61 -7.54
N ILE E 237 -18.42 14.48 -6.95
CA ILE E 237 -18.17 15.01 -5.60
C ILE E 237 -17.15 16.13 -5.66
N MET E 238 -17.49 17.26 -5.02
CA MET E 238 -16.61 18.42 -4.98
C MET E 238 -16.06 18.73 -3.59
N ALA E 239 -14.79 19.07 -3.54
CA ALA E 239 -14.16 19.45 -2.28
C ALA E 239 -14.18 20.97 -2.18
N ASP E 240 -14.45 21.48 -0.98
CA ASP E 240 -14.41 22.92 -0.77
C ASP E 240 -13.56 23.16 0.46
N GLU E 241 -14.14 23.03 1.66
CA GLU E 241 -13.34 23.24 2.86
C GLU E 241 -12.12 22.30 2.92
N SER E 242 -12.20 21.16 2.24
CA SER E 242 -11.08 20.22 2.24
C SER E 242 -9.91 20.71 1.37
N CYS E 243 -10.13 21.79 0.63
CA CYS E 243 -9.07 22.33 -0.21
C CYS E 243 -8.91 23.84 -0.13
N PHE E 244 -7.94 24.29 0.67
CA PHE E 244 -7.62 25.70 0.85
C PHE E 244 -6.63 26.20 -0.21
N ASP E 245 -5.53 25.47 -0.36
CA ASP E 245 -4.48 25.88 -1.28
C ASP E 245 -3.94 24.81 -2.21
N ALA E 246 -2.89 25.17 -2.94
CA ALA E 246 -2.23 24.28 -3.89
C ALA E 246 -1.71 23.04 -3.19
N GLN E 247 -1.23 23.19 -1.96
CA GLN E 247 -0.72 22.03 -1.25
C GLN E 247 -1.86 21.06 -0.96
N ASP E 248 -3.01 21.57 -0.55
CA ASP E 248 -4.15 20.70 -0.29
C ASP E 248 -4.57 20.02 -1.59
N ALA E 249 -4.52 20.77 -2.69
CA ALA E 249 -4.89 20.24 -3.99
C ALA E 249 -4.00 19.08 -4.41
N LEU E 250 -2.69 19.23 -4.21
CA LEU E 250 -1.77 18.16 -4.58
C LEU E 250 -2.11 16.90 -3.78
N GLU E 251 -2.39 17.07 -2.49
CA GLU E 251 -2.73 15.94 -1.65
C GLU E 251 -4.01 15.24 -2.14
N LEU E 252 -5.01 16.01 -2.53
CA LEU E 252 -6.26 15.42 -3.01
C LEU E 252 -6.08 14.69 -4.36
N VAL E 253 -5.35 15.29 -5.28
CA VAL E 253 -5.16 14.63 -6.58
C VAL E 253 -4.42 13.32 -6.33
N LYS E 254 -3.38 13.39 -5.51
CA LYS E 254 -2.56 12.25 -5.17
C LYS E 254 -3.39 11.11 -4.60
N LYS E 255 -4.39 11.47 -3.80
CA LYS E 255 -5.27 10.49 -3.17
C LYS E 255 -6.50 10.12 -4.00
N GLY E 256 -6.85 10.96 -4.97
CA GLY E 256 -8.03 10.69 -5.78
C GLY E 256 -9.27 10.91 -4.93
N THR E 257 -9.17 11.88 -4.02
CA THR E 257 -10.25 12.18 -3.09
C THR E 257 -11.56 12.71 -3.65
N VAL E 258 -11.50 13.53 -4.71
CA VAL E 258 -12.70 14.12 -5.28
C VAL E 258 -12.64 14.24 -6.81
N ASP E 259 -13.78 14.61 -7.41
CA ASP E 259 -13.88 14.76 -8.86
C ASP E 259 -13.72 16.22 -9.29
N VAL E 260 -14.04 17.14 -8.40
CA VAL E 260 -13.95 18.58 -8.69
C VAL E 260 -13.49 19.34 -7.46
N ILE E 261 -12.86 20.49 -7.66
CA ILE E 261 -12.40 21.30 -6.53
C ILE E 261 -12.90 22.74 -6.59
N ASN E 262 -13.43 23.22 -5.46
CA ASN E 262 -13.94 24.59 -5.32
C ASN E 262 -12.79 25.53 -4.95
N ILE E 263 -12.54 26.52 -5.80
CA ILE E 263 -11.48 27.50 -5.57
C ILE E 263 -12.05 28.83 -5.06
N LYS E 264 -11.44 29.40 -4.02
CA LYS E 264 -11.86 30.69 -3.49
C LYS E 264 -10.60 31.51 -3.26
N LEU E 265 -10.59 32.75 -3.73
CA LEU E 265 -9.42 33.59 -3.54
C LEU E 265 -9.18 33.82 -2.05
N MET E 266 -10.26 33.86 -1.26
CA MET E 266 -10.13 34.08 0.17
C MET E 266 -9.64 32.84 0.92
N LYS E 267 -9.61 31.69 0.26
CA LYS E 267 -9.11 30.49 0.91
C LYS E 267 -7.63 30.31 0.64
N CYS E 268 -7.20 30.62 -0.58
CA CYS E 268 -5.82 30.44 -0.99
C CYS E 268 -4.87 31.65 -0.90
N GLY E 269 -5.40 32.83 -0.72
CA GLY E 269 -4.54 34.01 -0.64
C GLY E 269 -4.38 34.79 -1.95
N GLY E 270 -5.34 34.68 -2.85
CA GLY E 270 -5.24 35.45 -4.07
C GLY E 270 -5.14 34.71 -5.39
N ILE E 271 -5.21 35.50 -6.46
CA ILE E 271 -5.14 34.99 -7.82
C ILE E 271 -3.87 34.18 -8.08
N HIS E 272 -2.73 34.67 -7.61
CA HIS E 272 -1.47 33.98 -7.83
C HIS E 272 -1.50 32.55 -7.29
N GLU E 273 -2.16 32.36 -6.15
CA GLU E 273 -2.24 31.05 -5.53
C GLU E 273 -3.36 30.22 -6.18
N ALA E 274 -4.44 30.90 -6.56
CA ALA E 274 -5.57 30.24 -7.21
C ALA E 274 -5.12 29.59 -8.52
N LEU E 275 -4.31 30.30 -9.29
CA LEU E 275 -3.78 29.76 -10.53
C LEU E 275 -3.04 28.45 -10.30
N LYS E 276 -2.28 28.37 -9.21
CA LYS E 276 -1.55 27.14 -8.90
C LYS E 276 -2.52 25.97 -8.71
N ILE E 277 -3.58 26.21 -7.95
CA ILE E 277 -4.56 25.16 -7.70
C ILE E 277 -5.16 24.68 -9.02
N ASN E 278 -5.53 25.61 -9.88
CA ASN E 278 -6.13 25.24 -11.17
C ASN E 278 -5.17 24.46 -12.09
N GLN E 279 -3.89 24.83 -12.08
CA GLN E 279 -2.92 24.13 -12.94
C GLN E 279 -2.76 22.69 -12.44
N ILE E 280 -2.65 22.53 -11.14
CA ILE E 280 -2.53 21.23 -10.53
C ILE E 280 -3.75 20.36 -10.87
N CYS E 281 -4.95 20.90 -10.63
CA CYS E 281 -6.17 20.16 -10.93
C CYS E 281 -6.32 19.82 -12.42
N GLU E 282 -6.04 20.80 -13.27
CA GLU E 282 -6.16 20.61 -14.71
C GLU E 282 -5.27 19.45 -15.16
N THR E 283 -4.03 19.44 -14.65
CA THR E 283 -3.07 18.41 -15.00
C THR E 283 -3.58 17.04 -14.57
N ALA E 284 -4.35 17.00 -13.49
CA ALA E 284 -4.90 15.75 -12.97
C ALA E 284 -6.29 15.44 -13.52
N GLY E 285 -6.77 16.24 -14.47
CA GLY E 285 -8.09 15.97 -15.04
C GLY E 285 -9.22 16.28 -14.07
N ILE E 286 -8.97 17.23 -13.18
CA ILE E 286 -9.95 17.64 -12.20
C ILE E 286 -10.38 19.07 -12.53
N GLU E 287 -11.66 19.25 -12.86
CA GLU E 287 -12.19 20.59 -13.16
C GLU E 287 -12.38 21.36 -11.87
N CYS E 288 -12.38 22.69 -11.97
CA CYS E 288 -12.56 23.54 -10.81
C CYS E 288 -13.75 24.50 -10.95
N MET E 289 -14.34 24.85 -9.82
CA MET E 289 -15.43 25.81 -9.79
C MET E 289 -14.91 26.98 -8.95
N ILE E 290 -15.10 28.19 -9.44
CA ILE E 290 -14.69 29.37 -8.69
C ILE E 290 -15.84 29.68 -7.73
N GLY E 291 -15.50 29.90 -6.46
CA GLY E 291 -16.52 30.19 -5.46
C GLY E 291 -16.23 31.49 -4.73
N CYS E 292 -16.92 31.72 -3.61
CA CYS E 292 -16.74 32.94 -2.85
C CYS E 292 -17.31 32.87 -1.45
N MET E 293 -16.92 33.85 -0.64
CA MET E 293 -17.40 33.99 0.73
C MET E 293 -18.57 34.95 0.66
N ALA E 294 -19.50 34.88 1.60
CA ALA E 294 -20.62 35.79 1.59
C ALA E 294 -20.12 37.19 1.96
N GLU E 295 -19.01 37.24 2.68
CA GLU E 295 -18.43 38.50 3.14
C GLU E 295 -17.70 39.32 2.07
N GLU E 296 -17.70 38.85 0.84
CA GLU E 296 -17.04 39.57 -0.23
C GLU E 296 -17.95 40.51 -0.99
N THR E 297 -17.35 41.53 -1.61
CA THR E 297 -18.11 42.49 -2.37
C THR E 297 -17.64 42.51 -3.83
N THR E 298 -17.99 43.58 -4.52
CA THR E 298 -17.64 43.77 -5.93
C THR E 298 -16.16 43.51 -6.25
N ILE E 299 -15.28 43.92 -5.36
CA ILE E 299 -13.85 43.75 -5.60
C ILE E 299 -13.44 42.27 -5.67
N GLY E 300 -13.70 41.53 -4.61
CA GLY E 300 -13.36 40.10 -4.58
C GLY E 300 -14.03 39.30 -5.68
N ILE E 301 -15.32 39.55 -5.87
CA ILE E 301 -16.10 38.85 -6.87
C ILE E 301 -15.64 39.13 -8.30
N THR E 302 -15.38 40.40 -8.61
CA THR E 302 -14.93 40.78 -9.93
C THR E 302 -13.56 40.13 -10.19
N ALA E 303 -12.69 40.12 -9.19
CA ALA E 303 -11.37 39.51 -9.38
C ALA E 303 -11.51 38.01 -9.67
N ALA E 304 -12.40 37.35 -8.91
CA ALA E 304 -12.64 35.92 -9.08
C ALA E 304 -13.23 35.63 -10.44
N ALA E 305 -14.10 36.52 -10.92
CA ALA E 305 -14.73 36.36 -12.23
C ALA E 305 -13.73 36.47 -13.39
N HIS E 306 -12.76 37.38 -13.26
CA HIS E 306 -11.74 37.55 -14.31
C HIS E 306 -10.86 36.30 -14.39
N LEU E 307 -10.57 35.71 -13.24
CA LEU E 307 -9.75 34.51 -13.18
C LEU E 307 -10.51 33.33 -13.81
N ALA E 308 -11.78 33.18 -13.44
CA ALA E 308 -12.60 32.10 -13.96
C ALA E 308 -12.84 32.27 -15.48
N ALA E 309 -13.03 33.49 -15.94
CA ALA E 309 -13.24 33.70 -17.36
C ALA E 309 -11.98 33.36 -18.15
N ALA E 310 -10.82 33.68 -17.58
CA ALA E 310 -9.54 33.46 -18.23
C ALA E 310 -9.06 32.01 -18.35
N GLN E 311 -9.43 31.17 -17.40
CA GLN E 311 -8.98 29.78 -17.37
C GLN E 311 -9.98 28.75 -17.84
N LYS E 312 -9.56 27.97 -18.82
CA LYS E 312 -10.41 26.93 -19.40
C LYS E 312 -10.87 25.89 -18.37
N ASN E 313 -9.97 25.46 -17.50
CA ASN E 313 -10.33 24.43 -16.51
C ASN E 313 -11.27 24.88 -15.39
N ILE E 314 -11.54 26.17 -15.27
CA ILE E 314 -12.49 26.63 -14.25
C ILE E 314 -13.80 26.69 -15.01
N THR E 315 -14.48 25.55 -15.03
CA THR E 315 -15.70 25.35 -15.78
C THR E 315 -17.01 25.69 -15.08
N ARG E 316 -16.95 25.94 -13.78
CA ARG E 316 -18.16 26.28 -13.04
C ARG E 316 -17.92 27.53 -12.21
N ALA E 317 -18.99 28.22 -11.86
CA ALA E 317 -18.90 29.43 -11.07
C ALA E 317 -20.04 29.56 -10.06
N ASP E 318 -19.67 30.00 -8.87
CA ASP E 318 -20.61 30.24 -7.78
C ASP E 318 -20.19 31.61 -7.21
N LEU E 319 -20.41 32.66 -7.99
CA LEU E 319 -20.05 34.03 -7.59
C LEU E 319 -21.31 34.87 -7.39
N ASP E 320 -21.95 34.65 -6.25
CA ASP E 320 -23.22 35.30 -5.93
C ASP E 320 -23.23 36.18 -4.68
N ALA E 321 -22.06 36.56 -4.18
CA ALA E 321 -22.01 37.39 -2.99
C ALA E 321 -22.60 38.79 -3.18
N THR E 322 -22.38 39.39 -4.36
CA THR E 322 -22.92 40.73 -4.59
C THR E 322 -24.44 40.76 -4.62
N PHE E 323 -25.07 39.63 -4.98
CA PHE E 323 -26.54 39.61 -5.06
C PHE E 323 -27.22 39.89 -3.71
N GLY E 324 -26.52 39.65 -2.61
CA GLY E 324 -27.12 39.87 -1.31
C GLY E 324 -26.71 41.17 -0.61
N LEU E 325 -25.85 41.95 -1.24
CA LEU E 325 -25.39 43.21 -0.65
C LEU E 325 -26.41 44.34 -0.76
N GLU E 326 -26.58 45.11 0.31
CA GLU E 326 -27.52 46.23 0.29
C GLU E 326 -26.89 47.38 -0.51
N THR E 327 -25.57 47.41 -0.55
CA THR E 327 -24.85 48.46 -1.27
C THR E 327 -23.51 47.97 -1.84
N ALA E 328 -22.96 48.73 -2.78
CA ALA E 328 -21.66 48.44 -3.40
C ALA E 328 -20.68 49.50 -2.89
N PRO E 329 -19.45 49.09 -2.49
CA PRO E 329 -18.42 49.99 -1.97
C PRO E 329 -17.63 50.80 -2.99
N VAL E 330 -17.68 50.37 -4.24
CA VAL E 330 -16.97 51.05 -5.31
C VAL E 330 -17.83 50.94 -6.56
N THR E 331 -17.54 51.76 -7.57
CA THR E 331 -18.29 51.71 -8.83
C THR E 331 -17.60 50.72 -9.74
N GLY E 332 -18.30 50.28 -10.79
CA GLY E 332 -17.72 49.34 -11.74
C GLY E 332 -17.74 47.90 -11.26
N GLY E 333 -17.09 47.01 -12.03
CA GLY E 333 -17.05 45.61 -11.68
C GLY E 333 -18.39 44.90 -11.78
N VAL E 334 -18.48 43.71 -11.18
CA VAL E 334 -19.71 42.95 -11.17
C VAL E 334 -20.73 43.71 -10.33
N SER E 335 -21.92 43.93 -10.86
CA SER E 335 -22.95 44.68 -10.15
C SER E 335 -23.74 43.88 -9.12
N LEU E 336 -24.57 44.61 -8.37
CA LEU E 336 -25.40 44.03 -7.33
C LEU E 336 -26.57 43.26 -7.91
N GLU E 337 -26.82 43.44 -9.21
CA GLU E 337 -27.94 42.78 -9.84
C GLU E 337 -27.84 41.26 -9.79
N ALA E 338 -28.91 40.61 -9.32
CA ALA E 338 -28.95 39.16 -9.26
C ALA E 338 -29.22 38.65 -10.68
N LYS E 339 -28.16 38.25 -11.37
CA LYS E 339 -28.26 37.75 -12.73
C LYS E 339 -27.18 36.70 -12.92
N PRO E 340 -27.45 35.68 -13.75
CA PRO E 340 -26.48 34.62 -14.01
C PRO E 340 -25.27 35.00 -14.83
N LEU E 341 -25.45 35.94 -15.76
CA LEU E 341 -24.35 36.36 -16.63
C LEU E 341 -23.52 37.51 -16.08
N LEU E 342 -22.24 37.25 -15.91
CA LEU E 342 -21.33 38.28 -15.43
C LEU E 342 -20.41 38.61 -16.62
N GLU E 343 -20.70 39.72 -17.29
CA GLU E 343 -19.92 40.14 -18.44
C GLU E 343 -18.84 41.10 -18.00
N LEU E 344 -17.60 40.78 -18.34
CA LEU E 344 -16.47 41.64 -17.98
C LEU E 344 -16.25 42.58 -19.16
N GLY E 345 -16.05 43.86 -18.88
CA GLY E 345 -15.87 44.82 -19.95
C GLY E 345 -14.49 44.80 -20.59
N GLU E 346 -14.15 45.91 -21.23
CA GLU E 346 -12.88 46.09 -21.90
C GLU E 346 -11.96 46.97 -21.05
N ALA E 347 -12.48 47.45 -19.93
CA ALA E 347 -11.70 48.30 -19.03
C ALA E 347 -10.47 47.58 -18.52
N ALA E 348 -9.40 48.32 -18.31
CA ALA E 348 -8.14 47.75 -17.82
C ALA E 348 -8.27 47.19 -16.40
N GLY E 349 -7.49 46.14 -16.13
CA GLY E 349 -7.51 45.52 -14.82
C GLY E 349 -8.88 45.01 -14.41
N LEU E 350 -9.30 45.34 -13.20
CA LEU E 350 -10.60 44.89 -12.72
C LEU E 350 -11.76 45.67 -13.31
N GLY E 351 -11.52 46.91 -13.73
CA GLY E 351 -12.60 47.71 -14.29
C GLY E 351 -13.43 48.33 -13.17
N ILE E 352 -12.77 48.56 -12.04
CA ILE E 352 -13.40 49.14 -10.86
C ILE E 352 -12.89 50.57 -10.66
N SER E 353 -13.77 51.48 -10.25
CA SER E 353 -13.42 52.88 -10.04
C SER E 353 -12.81 53.50 -11.29
N MET F 1 -6.62 42.19 -29.87
CA MET F 1 -5.45 41.79 -30.71
C MET F 1 -5.78 40.51 -31.46
N LYS F 2 -5.41 40.44 -32.73
CA LYS F 2 -5.70 39.25 -33.52
C LYS F 2 -4.54 38.82 -34.42
N ILE F 3 -4.29 37.52 -34.46
CA ILE F 3 -3.22 36.98 -35.31
C ILE F 3 -3.69 37.09 -36.76
N LYS F 4 -2.83 37.64 -37.63
CA LYS F 4 -3.17 37.79 -39.04
C LYS F 4 -2.46 36.77 -39.92
N GLN F 5 -1.18 36.56 -39.66
CA GLN F 5 -0.43 35.59 -40.46
C GLN F 5 0.68 34.91 -39.68
N VAL F 6 0.98 33.67 -40.05
CA VAL F 6 2.03 32.91 -39.40
C VAL F 6 2.99 32.39 -40.47
N HIS F 7 4.27 32.74 -40.33
CA HIS F 7 5.28 32.29 -41.28
C HIS F 7 6.32 31.49 -40.52
N VAL F 8 6.74 30.36 -41.09
CA VAL F 8 7.76 29.55 -40.45
C VAL F 8 8.88 29.33 -41.46
N ARG F 9 10.11 29.28 -40.97
CA ARG F 9 11.27 29.07 -41.84
C ARG F 9 12.24 28.11 -41.18
N ALA F 10 13.06 27.46 -42.00
CA ALA F 10 14.07 26.57 -41.47
C ALA F 10 15.21 27.48 -41.07
N SER F 11 16.00 27.03 -40.11
CA SER F 11 17.15 27.78 -39.64
C SER F 11 18.28 26.79 -39.43
N LYS F 12 19.36 27.00 -40.16
CA LYS F 12 20.55 26.15 -40.05
C LYS F 12 21.73 27.02 -39.66
N ILE F 13 22.28 26.75 -38.47
CA ILE F 13 23.43 27.47 -37.94
C ILE F 13 24.48 26.45 -37.54
N LYS F 14 25.68 26.58 -38.10
CA LYS F 14 26.76 25.66 -37.78
C LYS F 14 27.30 25.89 -36.37
N LEU F 15 27.67 24.80 -35.70
CA LEU F 15 28.22 24.90 -34.36
C LEU F 15 29.74 25.04 -34.43
N LYS F 16 30.31 25.83 -33.53
CA LYS F 16 31.75 26.03 -33.50
C LYS F 16 32.47 24.70 -33.30
N GLU F 17 31.81 23.76 -32.62
CA GLU F 17 32.40 22.45 -32.39
C GLU F 17 31.33 21.40 -32.18
N THR F 18 31.64 20.15 -32.53
CA THR F 18 30.70 19.06 -32.36
C THR F 18 30.54 18.72 -30.88
N PHE F 19 29.28 18.68 -30.42
CA PHE F 19 29.02 18.38 -29.03
C PHE F 19 28.63 16.91 -28.91
N THR F 20 29.10 16.26 -27.85
CA THR F 20 28.82 14.85 -27.62
C THR F 20 28.29 14.54 -26.22
N ILE F 21 27.26 13.71 -26.16
CA ILE F 21 26.68 13.28 -24.89
C ILE F 21 26.41 11.79 -25.03
N ALA F 22 25.98 11.16 -23.96
CA ALA F 22 25.71 9.73 -23.98
C ALA F 22 24.77 9.30 -25.10
N LEU F 23 23.80 10.15 -25.43
CA LEU F 23 22.80 9.84 -26.46
C LEU F 23 23.24 9.98 -27.92
N GLY F 24 24.31 10.73 -28.16
CA GLY F 24 24.78 10.91 -29.52
C GLY F 24 25.47 12.24 -29.71
N THR F 25 25.66 12.63 -30.97
CA THR F 25 26.35 13.89 -31.26
C THR F 25 25.53 14.84 -32.12
N ILE F 26 25.94 16.11 -32.13
CA ILE F 26 25.28 17.14 -32.92
C ILE F 26 26.35 18.13 -33.38
N GLU F 27 26.26 18.58 -34.63
CA GLU F 27 27.25 19.53 -35.13
C GLU F 27 26.65 20.79 -35.76
N SER F 28 25.32 20.87 -35.78
CA SER F 28 24.66 22.03 -36.37
C SER F 28 23.33 22.26 -35.66
N ALA F 29 22.96 23.52 -35.48
CA ALA F 29 21.71 23.85 -34.82
C ALA F 29 20.64 24.13 -35.87
N ASP F 30 19.89 23.09 -36.21
CA ASP F 30 18.84 23.21 -37.21
C ASP F 30 17.49 23.27 -36.51
N SER F 31 16.85 24.43 -36.58
CA SER F 31 15.57 24.59 -35.92
C SER F 31 14.56 25.28 -36.83
N ALA F 32 13.33 25.40 -36.33
CA ALA F 32 12.27 26.04 -37.07
C ALA F 32 12.04 27.39 -36.40
N ILE F 33 12.00 28.44 -37.18
CA ILE F 33 11.77 29.76 -36.61
C ILE F 33 10.44 30.30 -37.14
N VAL F 34 9.61 30.76 -36.20
CA VAL F 34 8.29 31.27 -36.55
C VAL F 34 8.14 32.76 -36.29
N GLU F 35 7.35 33.41 -37.14
CA GLU F 35 7.04 34.82 -37.03
C GLU F 35 5.52 34.91 -37.10
N ILE F 36 4.93 35.46 -36.06
CA ILE F 36 3.48 35.61 -36.00
C ILE F 36 3.20 37.11 -36.06
N GLU F 37 2.46 37.54 -37.07
CA GLU F 37 2.14 38.94 -37.20
C GLU F 37 0.66 39.18 -36.91
N THR F 38 0.36 40.28 -36.23
CA THR F 38 -1.02 40.60 -35.89
C THR F 38 -1.60 41.54 -36.94
N GLU F 39 -2.89 41.80 -36.82
CA GLU F 39 -3.59 42.67 -37.75
C GLU F 39 -3.04 44.09 -37.69
N GLU F 40 -2.57 44.48 -36.50
CA GLU F 40 -2.03 45.82 -36.27
C GLU F 40 -0.56 45.94 -36.68
N GLY F 41 0.08 44.81 -37.01
CA GLY F 41 1.47 44.87 -37.43
C GLY F 41 2.54 44.40 -36.45
N LEU F 42 2.16 44.04 -35.22
CA LEU F 42 3.15 43.55 -34.27
C LEU F 42 3.63 42.18 -34.73
N VAL F 43 4.93 41.90 -34.59
CA VAL F 43 5.49 40.62 -34.99
C VAL F 43 6.14 39.92 -33.81
N GLY F 44 5.69 38.70 -33.53
CA GLY F 44 6.24 37.92 -32.44
C GLY F 44 7.10 36.79 -32.99
N TYR F 45 8.20 36.48 -32.30
CA TYR F 45 9.11 35.44 -32.74
C TYR F 45 9.09 34.20 -31.86
N GLY F 46 9.09 33.02 -32.50
CA GLY F 46 9.10 31.76 -31.78
C GLY F 46 10.11 30.84 -32.43
N GLU F 47 10.44 29.74 -31.75
CA GLU F 47 11.38 28.78 -32.30
C GLU F 47 11.06 27.37 -31.82
N GLY F 48 11.36 26.39 -32.67
CA GLY F 48 11.14 25.01 -32.32
C GLY F 48 12.47 24.31 -32.56
N GLY F 49 13.09 23.81 -31.51
CA GLY F 49 14.35 23.10 -31.65
C GLY F 49 14.12 21.62 -31.45
N PRO F 50 14.06 20.82 -32.54
CA PRO F 50 13.83 19.37 -32.43
C PRO F 50 15.07 18.53 -32.11
N GLY F 51 15.06 17.86 -30.96
CA GLY F 51 16.18 17.01 -30.58
C GLY F 51 15.76 15.57 -30.83
N ILE F 52 16.09 15.06 -32.01
CA ILE F 52 15.68 13.72 -32.38
C ILE F 52 15.99 12.61 -31.38
N PHE F 53 17.14 12.67 -30.70
CA PHE F 53 17.45 11.62 -29.74
C PHE F 53 16.91 11.88 -28.34
N ILE F 54 16.20 12.98 -28.17
CA ILE F 54 15.60 13.34 -26.89
C ILE F 54 14.07 13.17 -26.97
N THR F 55 13.48 13.82 -27.97
CA THR F 55 12.03 13.78 -28.16
C THR F 55 11.57 13.08 -29.44
N GLY F 56 12.51 12.75 -30.32
CA GLY F 56 12.15 12.08 -31.56
C GLY F 56 11.66 13.04 -32.63
N GLU F 57 11.63 14.33 -32.31
CA GLU F 57 11.18 15.32 -33.26
C GLU F 57 12.24 15.68 -34.28
N THR F 58 11.79 15.93 -35.50
CA THR F 58 12.65 16.27 -36.59
C THR F 58 12.33 17.69 -37.05
N LEU F 59 13.21 18.26 -37.86
CA LEU F 59 12.95 19.60 -38.36
C LEU F 59 11.80 19.53 -39.38
N ALA F 60 11.79 18.49 -40.21
CA ALA F 60 10.75 18.35 -41.23
C ALA F 60 9.36 18.23 -40.63
N GLY F 61 9.24 17.36 -39.64
CA GLY F 61 7.96 17.16 -38.98
C GLY F 61 7.55 18.41 -38.22
N THR F 62 8.52 19.08 -37.61
CA THR F 62 8.25 20.29 -36.84
C THR F 62 7.76 21.41 -37.75
N LEU F 63 8.37 21.55 -38.92
CA LEU F 63 7.97 22.59 -39.89
C LEU F 63 6.55 22.29 -40.40
N GLU F 64 6.23 21.02 -40.61
CA GLU F 64 4.90 20.64 -41.10
C GLU F 64 3.82 20.95 -40.07
N THR F 65 4.09 20.59 -38.82
CA THR F 65 3.14 20.80 -37.72
C THR F 65 2.92 22.29 -37.43
N ILE F 66 3.99 23.07 -37.48
CA ILE F 66 3.86 24.50 -37.21
C ILE F 66 2.93 25.13 -38.24
N GLU F 67 3.11 24.75 -39.50
CA GLU F 67 2.29 25.26 -40.60
C GLU F 67 0.82 24.99 -40.33
N LEU F 68 0.53 23.78 -39.83
CA LEU F 68 -0.84 23.39 -39.49
C LEU F 68 -1.37 24.27 -38.37
N PHE F 69 -0.57 24.46 -37.33
CA PHE F 69 -0.96 25.28 -36.20
C PHE F 69 -1.24 26.71 -36.68
N GLY F 70 -0.30 27.24 -37.45
CA GLY F 70 -0.41 28.59 -37.97
C GLY F 70 -1.76 28.90 -38.59
N GLN F 71 -2.18 28.06 -39.53
CA GLN F 71 -3.47 28.27 -40.17
C GLN F 71 -4.62 28.18 -39.18
N ALA F 72 -4.48 27.28 -38.21
CA ALA F 72 -5.52 27.07 -37.20
C ALA F 72 -5.71 28.23 -36.23
N ILE F 73 -4.67 29.00 -35.96
CA ILE F 73 -4.79 30.09 -35.01
C ILE F 73 -5.02 31.49 -35.59
N ILE F 74 -5.09 31.61 -36.91
CA ILE F 74 -5.32 32.92 -37.53
C ILE F 74 -6.64 33.46 -36.96
N GLY F 75 -6.65 34.73 -36.56
CA GLY F 75 -7.86 35.30 -36.02
C GLY F 75 -8.02 35.18 -34.51
N LEU F 76 -7.05 34.58 -33.83
CA LEU F 76 -7.12 34.45 -32.37
C LEU F 76 -6.26 35.50 -31.67
N ASN F 77 -6.60 35.79 -30.42
CA ASN F 77 -5.86 36.76 -29.65
C ASN F 77 -4.69 36.01 -29.01
N PRO F 78 -3.46 36.53 -29.16
CA PRO F 78 -2.26 35.91 -28.58
C PRO F 78 -2.40 35.73 -27.07
N PHE F 79 -3.19 36.60 -26.44
CA PHE F 79 -3.40 36.53 -24.99
C PHE F 79 -4.23 35.32 -24.57
N ASN F 80 -5.01 34.79 -25.52
CA ASN F 80 -5.83 33.61 -25.26
C ASN F 80 -4.95 32.38 -25.49
N ILE F 81 -3.89 32.29 -24.69
CA ILE F 81 -2.94 31.21 -24.77
C ILE F 81 -3.62 29.89 -24.37
N GLU F 82 -4.72 30.03 -23.64
CA GLU F 82 -5.50 28.89 -23.21
C GLU F 82 -6.09 28.19 -24.43
N LYS F 83 -6.72 28.98 -25.30
CA LYS F 83 -7.34 28.40 -26.49
C LYS F 83 -6.28 27.94 -27.49
N ILE F 84 -5.20 28.70 -27.59
CA ILE F 84 -4.11 28.37 -28.52
C ILE F 84 -3.55 26.98 -28.22
N HIS F 85 -3.30 26.67 -26.95
CA HIS F 85 -2.79 25.34 -26.66
C HIS F 85 -3.89 24.32 -26.87
N GLU F 86 -5.14 24.69 -26.59
CA GLU F 86 -6.23 23.75 -26.80
C GLU F 86 -6.31 23.39 -28.29
N VAL F 87 -6.17 24.39 -29.15
CA VAL F 87 -6.23 24.19 -30.59
C VAL F 87 -5.07 23.30 -31.08
N MET F 88 -3.87 23.57 -30.57
CA MET F 88 -2.69 22.80 -30.98
C MET F 88 -2.77 21.37 -30.45
N ASP F 89 -3.29 21.21 -29.24
CA ASP F 89 -3.38 19.88 -28.65
C ASP F 89 -4.41 19.02 -29.37
N LYS F 90 -5.43 19.64 -29.93
CA LYS F 90 -6.44 18.86 -30.65
C LYS F 90 -5.87 18.45 -32.02
N ILE F 91 -5.07 19.32 -32.62
CA ILE F 91 -4.47 19.00 -33.90
C ILE F 91 -3.41 17.90 -33.75
N SER F 92 -2.51 18.06 -32.79
CA SER F 92 -1.44 17.09 -32.57
C SER F 92 -1.32 16.53 -31.15
N ALA F 93 -1.24 15.20 -31.06
CA ALA F 93 -1.11 14.54 -29.77
C ALA F 93 0.28 14.70 -29.14
N PHE F 94 1.27 15.05 -29.96
CA PHE F 94 2.64 15.20 -29.45
C PHE F 94 3.54 15.91 -30.48
N ALA F 95 3.96 17.12 -30.14
CA ALA F 95 4.84 17.92 -30.98
C ALA F 95 5.31 19.12 -30.15
N PRO F 96 6.00 18.84 -29.03
CA PRO F 96 6.47 19.92 -28.17
C PRO F 96 7.26 21.02 -28.84
N ALA F 97 8.12 20.67 -29.78
CA ALA F 97 8.92 21.68 -30.44
C ALA F 97 8.06 22.62 -31.27
N ALA F 98 7.11 22.06 -32.01
CA ALA F 98 6.22 22.86 -32.84
C ALA F 98 5.30 23.69 -31.94
N LYS F 99 4.83 23.08 -30.87
CA LYS F 99 3.95 23.83 -29.97
C LYS F 99 4.71 24.94 -29.29
N ALA F 100 5.95 24.67 -28.89
CA ALA F 100 6.75 25.70 -28.22
C ALA F 100 6.95 26.90 -29.16
N ALA F 101 7.22 26.63 -30.43
CA ALA F 101 7.45 27.69 -31.40
C ALA F 101 6.28 28.68 -31.44
N ILE F 102 5.08 28.14 -31.50
CA ILE F 102 3.88 28.96 -31.54
C ILE F 102 3.72 29.66 -30.19
N ASP F 103 3.84 28.89 -29.12
CA ASP F 103 3.72 29.42 -27.76
C ASP F 103 4.67 30.59 -27.52
N ILE F 104 5.95 30.39 -27.80
CA ILE F 104 6.93 31.45 -27.59
C ILE F 104 6.62 32.75 -28.34
N ALA F 105 6.17 32.65 -29.60
CA ALA F 105 5.85 33.84 -30.38
C ALA F 105 4.61 34.56 -29.79
N CYS F 106 3.68 33.80 -29.26
CA CYS F 106 2.48 34.40 -28.66
C CYS F 106 2.84 35.19 -27.41
N TYR F 107 3.73 34.65 -26.58
CA TYR F 107 4.16 35.35 -25.37
C TYR F 107 4.95 36.60 -25.75
N ASP F 108 5.73 36.52 -26.82
CA ASP F 108 6.51 37.67 -27.28
C ASP F 108 5.50 38.76 -27.64
N LEU F 109 4.47 38.37 -28.38
CA LEU F 109 3.41 39.30 -28.77
C LEU F 109 2.71 39.89 -27.54
N MET F 110 2.48 39.07 -26.53
CA MET F 110 1.82 39.56 -25.32
C MET F 110 2.65 40.68 -24.70
N GLY F 111 3.96 40.46 -24.62
CA GLY F 111 4.85 41.46 -24.05
C GLY F 111 4.87 42.73 -24.87
N GLN F 112 4.83 42.59 -26.19
CA GLN F 112 4.85 43.75 -27.07
C GLN F 112 3.56 44.54 -26.96
N LYS F 113 2.43 43.85 -26.80
CA LYS F 113 1.14 44.53 -26.68
C LYS F 113 1.03 45.26 -25.34
N ALA F 114 1.48 44.61 -24.28
CA ALA F 114 1.44 45.23 -22.95
C ALA F 114 2.60 46.18 -22.76
N GLN F 115 3.53 46.17 -23.72
CA GLN F 115 4.71 47.03 -23.65
C GLN F 115 5.50 46.76 -22.38
N LEU F 116 5.81 45.48 -22.18
CA LEU F 116 6.55 45.02 -21.02
C LEU F 116 7.51 43.91 -21.38
N PRO F 117 8.67 43.86 -20.69
CA PRO F 117 9.65 42.81 -20.95
C PRO F 117 8.91 41.53 -20.59
N LEU F 118 9.14 40.43 -21.31
CA LEU F 118 8.43 39.19 -21.02
C LEU F 118 8.55 38.72 -19.56
N TYR F 119 9.74 38.84 -18.96
CA TYR F 119 9.92 38.39 -17.58
C TYR F 119 8.96 39.08 -16.60
N GLN F 120 8.49 40.29 -16.93
CA GLN F 120 7.54 40.98 -16.06
C GLN F 120 6.17 40.32 -16.09
N LEU F 121 5.73 39.89 -17.26
CA LEU F 121 4.42 39.23 -17.36
C LEU F 121 4.45 37.85 -16.71
N LEU F 122 5.60 37.20 -16.74
CA LEU F 122 5.73 35.84 -16.20
C LEU F 122 5.96 35.66 -14.71
N GLY F 123 6.11 36.75 -13.95
CA GLY F 123 6.34 36.59 -12.52
C GLY F 123 7.17 37.70 -11.92
N GLY F 124 8.01 38.33 -12.75
CA GLY F 124 8.85 39.43 -12.34
C GLY F 124 9.80 39.26 -11.17
N TYR F 125 10.17 38.03 -10.81
CA TYR F 125 11.06 37.80 -9.68
C TYR F 125 12.49 38.36 -9.86
N ASP F 126 12.96 38.46 -11.11
CA ASP F 126 14.30 38.97 -11.38
C ASP F 126 14.32 39.39 -12.86
N ASN F 127 15.38 40.08 -13.27
CA ASN F 127 15.51 40.53 -14.66
C ASN F 127 16.78 39.99 -15.30
N GLN F 128 17.30 38.91 -14.75
CA GLN F 128 18.53 38.31 -15.25
C GLN F 128 18.62 36.87 -14.75
N VAL F 129 19.52 36.11 -15.35
CA VAL F 129 19.71 34.73 -14.95
C VAL F 129 21.16 34.34 -15.17
N ILE F 130 21.71 33.57 -14.23
CA ILE F 130 23.09 33.12 -14.35
C ILE F 130 23.04 31.68 -14.81
N THR F 131 23.77 31.37 -15.88
CA THR F 131 23.75 30.01 -16.39
C THR F 131 25.10 29.31 -16.31
N ASP F 132 25.05 28.00 -16.20
CA ASP F 132 26.27 27.21 -16.18
C ASP F 132 26.65 27.10 -17.64
N ILE F 133 27.71 26.34 -17.92
CA ILE F 133 28.08 26.08 -19.30
C ILE F 133 28.40 24.61 -19.29
N THR F 134 27.98 23.92 -20.35
CA THR F 134 28.18 22.50 -20.45
C THR F 134 29.50 22.13 -21.12
N LEU F 135 30.07 21.02 -20.68
CA LEU F 135 31.30 20.49 -21.23
C LEU F 135 30.93 19.11 -21.77
N GLY F 136 31.10 18.93 -23.07
CA GLY F 136 30.76 17.66 -23.69
C GLY F 136 31.73 16.53 -23.40
N ILE F 137 31.23 15.31 -23.41
CA ILE F 137 32.04 14.13 -23.14
C ILE F 137 33.32 14.16 -23.94
N ASP F 138 34.43 13.81 -23.29
CA ASP F 138 35.75 13.77 -23.92
C ASP F 138 36.73 13.18 -22.89
N GLU F 139 38.03 13.26 -23.20
CA GLU F 139 39.04 12.73 -22.28
C GLU F 139 39.20 13.61 -21.06
N PRO F 140 39.40 13.00 -19.88
CA PRO F 140 39.56 13.73 -18.61
C PRO F 140 40.40 15.00 -18.76
N ASN F 141 41.59 14.86 -19.31
CA ASN F 141 42.48 16.00 -19.50
C ASN F 141 41.92 17.06 -20.44
N VAL F 142 41.17 16.62 -21.45
CA VAL F 142 40.57 17.54 -22.41
C VAL F 142 39.45 18.35 -21.73
N MET F 143 38.61 17.65 -20.97
CA MET F 143 37.51 18.29 -20.25
C MET F 143 38.04 19.21 -19.16
N ALA F 144 38.93 18.68 -18.31
CA ALA F 144 39.51 19.46 -17.24
C ALA F 144 40.22 20.68 -17.80
N GLN F 145 40.64 20.58 -19.06
CA GLN F 145 41.33 21.66 -19.74
C GLN F 145 40.28 22.74 -20.07
N LYS F 146 39.17 22.32 -20.65
CA LYS F 146 38.10 23.25 -21.01
C LYS F 146 37.55 23.90 -19.74
N ALA F 147 37.51 23.13 -18.67
CA ALA F 147 37.01 23.61 -17.39
C ALA F 147 37.66 24.93 -17.01
N VAL F 148 38.99 24.97 -17.06
CA VAL F 148 39.75 26.16 -16.73
C VAL F 148 39.41 27.34 -17.64
N GLU F 149 39.18 27.04 -18.91
CA GLU F 149 38.87 28.08 -19.88
C GLU F 149 37.56 28.78 -19.53
N LYS F 150 36.52 27.99 -19.30
CA LYS F 150 35.22 28.54 -18.95
C LYS F 150 35.27 29.25 -17.61
N VAL F 151 36.00 28.68 -16.65
CA VAL F 151 36.12 29.31 -15.34
C VAL F 151 36.72 30.70 -15.52
N LYS F 152 37.71 30.80 -16.42
CA LYS F 152 38.35 32.08 -16.68
C LYS F 152 37.37 33.05 -17.33
N LEU F 153 36.32 32.49 -17.96
CA LEU F 153 35.31 33.32 -18.58
C LEU F 153 34.31 33.84 -17.55
N GLY F 154 34.45 33.40 -16.30
CA GLY F 154 33.56 33.85 -15.24
C GLY F 154 32.57 32.82 -14.76
N PHE F 155 32.52 31.68 -15.44
CA PHE F 155 31.59 30.60 -15.07
C PHE F 155 31.92 29.96 -13.74
N ASP F 156 31.01 30.10 -12.78
CA ASP F 156 31.20 29.52 -11.45
C ASP F 156 30.55 28.14 -11.32
N THR F 157 29.80 27.74 -12.34
CA THR F 157 29.14 26.43 -12.34
C THR F 157 29.37 25.72 -13.66
N LEU F 158 29.76 24.45 -13.61
CA LEU F 158 30.01 23.69 -14.81
C LEU F 158 29.14 22.45 -14.89
N LYS F 159 28.60 22.22 -16.08
CA LYS F 159 27.74 21.08 -16.38
C LYS F 159 28.65 20.06 -17.06
N ILE F 160 28.88 18.92 -16.42
CA ILE F 160 29.77 17.89 -16.94
C ILE F 160 29.03 16.66 -17.45
N LYS F 161 29.26 16.33 -18.73
CA LYS F 161 28.62 15.17 -19.35
C LYS F 161 29.40 13.88 -19.14
N VAL F 162 28.70 12.82 -18.77
CA VAL F 162 29.34 11.53 -18.55
C VAL F 162 28.47 10.43 -19.15
N GLY F 163 28.98 9.20 -19.24
CA GLY F 163 28.19 8.13 -19.79
C GLY F 163 28.86 6.88 -20.35
N THR F 164 30.04 7.02 -20.96
CA THR F 164 30.73 5.87 -21.55
C THR F 164 31.11 4.75 -20.57
N GLY F 165 30.69 4.88 -19.31
CA GLY F 165 31.00 3.86 -18.32
C GLY F 165 31.55 4.45 -17.02
N ILE F 166 30.96 4.04 -15.91
CA ILE F 166 31.36 4.51 -14.58
C ILE F 166 32.86 4.71 -14.42
N GLU F 167 33.65 3.88 -15.12
CA GLU F 167 35.11 3.96 -15.05
C GLU F 167 35.66 5.32 -15.46
N ALA F 168 35.67 5.56 -16.77
CA ALA F 168 36.17 6.81 -17.33
C ALA F 168 35.47 8.05 -16.79
N ASP F 169 34.21 7.91 -16.40
CA ASP F 169 33.45 9.05 -15.88
C ASP F 169 34.05 9.55 -14.58
N ILE F 170 34.22 8.65 -13.61
CA ILE F 170 34.79 9.01 -12.33
C ILE F 170 36.14 9.69 -12.57
N ALA F 171 36.91 9.13 -13.49
CA ALA F 171 38.21 9.69 -13.84
C ALA F 171 38.03 11.09 -14.39
N ARG F 172 37.01 11.27 -15.23
CA ARG F 172 36.70 12.56 -15.82
C ARG F 172 36.38 13.59 -14.74
N VAL F 173 35.41 13.26 -13.90
CA VAL F 173 34.99 14.15 -12.81
C VAL F 173 36.17 14.50 -11.91
N LYS F 174 36.90 13.48 -11.46
CA LYS F 174 38.06 13.68 -10.59
C LYS F 174 39.07 14.64 -11.21
N ALA F 175 39.36 14.45 -12.49
CA ALA F 175 40.32 15.30 -13.20
C ALA F 175 39.89 16.75 -13.18
N ILE F 176 38.68 17.01 -13.66
CA ILE F 176 38.12 18.36 -13.71
C ILE F 176 38.19 19.03 -12.35
N ARG F 177 37.70 18.33 -11.33
CA ARG F 177 37.68 18.87 -9.97
C ARG F 177 39.08 19.29 -9.53
N GLU F 178 40.02 18.36 -9.64
CA GLU F 178 41.41 18.60 -9.26
C GLU F 178 42.11 19.55 -10.22
N ALA F 179 41.33 20.28 -11.03
CA ALA F 179 41.90 21.20 -12.01
C ALA F 179 41.36 22.62 -11.87
N VAL F 180 40.15 22.75 -11.34
CA VAL F 180 39.53 24.07 -11.18
C VAL F 180 39.39 24.50 -9.72
N GLY F 181 39.37 23.52 -8.83
CA GLY F 181 39.24 23.81 -7.42
C GLY F 181 37.92 23.32 -6.86
N PHE F 182 37.62 23.70 -5.63
CA PHE F 182 36.37 23.29 -4.97
C PHE F 182 35.38 24.44 -4.82
N ASP F 183 35.73 25.62 -5.33
CA ASP F 183 34.83 26.76 -5.25
C ASP F 183 33.92 26.77 -6.47
N ILE F 184 34.23 25.92 -7.45
CA ILE F 184 33.46 25.81 -8.68
C ILE F 184 32.42 24.71 -8.51
N LYS F 185 31.14 25.03 -8.71
CA LYS F 185 30.11 24.01 -8.59
C LYS F 185 30.11 23.12 -9.83
N LEU F 186 30.05 21.82 -9.60
CA LEU F 186 30.05 20.87 -10.69
C LEU F 186 28.78 20.01 -10.64
N ARG F 187 28.01 20.05 -11.72
CA ARG F 187 26.81 19.22 -11.80
C ARG F 187 27.06 18.23 -12.91
N LEU F 188 26.67 16.98 -12.70
CA LEU F 188 26.88 15.94 -13.70
C LEU F 188 25.57 15.57 -14.39
N ASP F 189 25.68 15.06 -15.60
CA ASP F 189 24.53 14.63 -16.39
C ASP F 189 24.97 13.39 -17.16
N ALA F 190 24.41 12.24 -16.83
CA ALA F 190 24.76 10.98 -17.49
C ALA F 190 23.80 10.59 -18.60
N ASN F 191 22.88 11.49 -18.95
CA ASN F 191 21.91 11.21 -19.99
C ASN F 191 21.51 9.72 -20.11
N GLN F 192 20.94 9.19 -19.03
CA GLN F 192 20.45 7.81 -18.97
C GLN F 192 21.48 6.69 -19.15
N ALA F 193 22.76 7.03 -19.05
CA ALA F 193 23.81 6.04 -19.28
C ALA F 193 23.99 4.87 -18.31
N TRP F 194 23.55 5.03 -17.05
CA TRP F 194 23.75 3.97 -16.07
C TRP F 194 22.53 3.17 -15.62
N THR F 195 22.81 2.02 -15.00
CA THR F 195 21.78 1.16 -14.45
C THR F 195 21.67 1.59 -12.98
N PRO F 196 20.54 1.32 -12.34
CA PRO F 196 20.35 1.72 -10.93
C PRO F 196 21.55 1.51 -10.00
N LYS F 197 21.91 0.25 -9.76
CA LYS F 197 23.02 -0.05 -8.86
C LYS F 197 24.38 0.49 -9.31
N ASP F 198 24.61 0.59 -10.61
CA ASP F 198 25.88 1.12 -11.10
C ASP F 198 25.89 2.63 -10.89
N ALA F 199 24.71 3.23 -10.90
CA ALA F 199 24.58 4.66 -10.71
C ALA F 199 24.89 5.04 -9.27
N VAL F 200 24.41 4.23 -8.34
CA VAL F 200 24.66 4.49 -6.92
C VAL F 200 26.16 4.35 -6.67
N LYS F 201 26.75 3.29 -7.24
CA LYS F 201 28.19 3.03 -7.09
C LYS F 201 29.01 4.23 -7.58
N ALA F 202 28.76 4.63 -8.82
CA ALA F 202 29.49 5.74 -9.41
C ALA F 202 29.28 7.06 -8.67
N ILE F 203 28.05 7.33 -8.25
CA ILE F 203 27.75 8.57 -7.55
C ILE F 203 28.37 8.60 -6.15
N GLN F 204 28.46 7.45 -5.50
CA GLN F 204 29.05 7.41 -4.17
C GLN F 204 30.57 7.44 -4.25
N ALA F 205 31.10 7.22 -5.44
CA ALA F 205 32.54 7.23 -5.65
C ALA F 205 33.05 8.67 -5.74
N LEU F 206 32.14 9.61 -5.96
CA LEU F 206 32.49 11.01 -6.06
C LEU F 206 32.10 11.76 -4.79
N ALA F 207 31.80 11.01 -3.75
CA ALA F 207 31.40 11.58 -2.46
C ALA F 207 32.39 12.66 -2.00
N ASP F 208 33.68 12.38 -2.16
CA ASP F 208 34.72 13.33 -1.75
C ASP F 208 35.13 14.26 -2.89
N TYR F 209 34.20 14.57 -3.78
CA TYR F 209 34.49 15.46 -4.91
C TYR F 209 33.48 16.58 -5.06
N GLN F 210 32.61 16.70 -4.05
CA GLN F 210 31.58 17.74 -4.03
C GLN F 210 30.76 17.86 -5.31
N ILE F 211 29.85 16.92 -5.51
CA ILE F 211 28.99 16.94 -6.70
C ILE F 211 27.68 17.64 -6.34
N GLU F 212 27.39 18.73 -7.03
CA GLU F 212 26.17 19.48 -6.76
C GLU F 212 24.93 18.63 -6.98
N LEU F 213 24.90 17.92 -8.11
CA LEU F 213 23.77 17.07 -8.43
C LEU F 213 24.07 16.18 -9.63
N VAL F 214 23.29 15.12 -9.78
CA VAL F 214 23.45 14.22 -10.91
C VAL F 214 22.12 14.20 -11.66
N GLU F 215 22.21 14.52 -12.95
CA GLU F 215 21.07 14.58 -13.85
C GLU F 215 20.81 13.26 -14.57
N GLN F 216 19.54 12.84 -14.54
CA GLN F 216 19.07 11.62 -15.19
C GLN F 216 20.14 10.52 -15.30
N PRO F 217 20.36 9.78 -14.19
CA PRO F 217 21.36 8.71 -14.18
C PRO F 217 20.91 7.42 -14.88
N VAL F 218 19.61 7.14 -14.89
CA VAL F 218 19.09 5.92 -15.51
C VAL F 218 18.17 6.19 -16.71
N LYS F 219 17.67 5.11 -17.31
CA LYS F 219 16.76 5.18 -18.46
C LYS F 219 15.52 6.00 -18.11
N ARG F 220 15.11 6.89 -19.02
CA ARG F 220 13.94 7.74 -18.80
C ARG F 220 12.68 7.01 -18.38
N ARG F 221 12.48 5.79 -18.89
CA ARG F 221 11.28 5.03 -18.56
C ARG F 221 11.43 4.22 -17.28
N ASP F 222 12.66 4.06 -16.80
CA ASP F 222 12.90 3.31 -15.57
C ASP F 222 12.71 4.22 -14.36
N LEU F 223 11.46 4.58 -14.09
CA LEU F 223 11.16 5.44 -12.95
C LEU F 223 11.44 4.76 -11.62
N GLU F 224 11.29 3.43 -11.59
CA GLU F 224 11.56 2.69 -10.38
C GLU F 224 13.05 2.79 -10.06
N GLY F 225 13.88 2.63 -11.08
CA GLY F 225 15.32 2.72 -10.88
C GLY F 225 15.78 4.12 -10.53
N LEU F 226 15.14 5.12 -11.11
CA LEU F 226 15.49 6.50 -10.85
C LEU F 226 15.23 6.79 -9.37
N LYS F 227 14.08 6.33 -8.87
CA LYS F 227 13.72 6.54 -7.47
C LYS F 227 14.71 5.81 -6.56
N TYR F 228 15.11 4.61 -6.99
CA TYR F 228 16.07 3.81 -6.24
C TYR F 228 17.34 4.63 -6.00
N VAL F 229 17.90 5.16 -7.07
CA VAL F 229 19.11 5.98 -6.97
C VAL F 229 18.88 7.14 -6.02
N THR F 230 17.83 7.91 -6.26
CA THR F 230 17.51 9.05 -5.40
C THR F 230 17.41 8.65 -3.93
N SER F 231 16.84 7.48 -3.67
CA SER F 231 16.68 7.01 -2.30
C SER F 231 17.86 6.21 -1.76
N GLN F 232 19.01 6.33 -2.42
CA GLN F 232 20.20 5.59 -1.98
C GLN F 232 21.40 6.51 -1.73
N VAL F 233 21.38 7.68 -2.37
CA VAL F 233 22.46 8.64 -2.21
C VAL F 233 21.92 9.94 -1.64
N ASN F 234 22.74 10.62 -0.86
CA ASN F 234 22.32 11.89 -0.27
C ASN F 234 22.46 12.97 -1.34
N THR F 235 23.17 12.64 -2.42
CA THR F 235 23.38 13.57 -3.52
C THR F 235 22.05 13.92 -4.17
N THR F 236 21.95 15.14 -4.69
CA THR F 236 20.74 15.59 -5.35
C THR F 236 20.61 14.98 -6.74
N ILE F 237 19.46 14.35 -6.98
CA ILE F 237 19.18 13.72 -8.27
C ILE F 237 18.12 14.50 -9.03
N MET F 238 18.45 14.85 -10.27
CA MET F 238 17.56 15.62 -11.12
C MET F 238 17.02 14.80 -12.28
N ALA F 239 15.74 14.97 -12.57
CA ALA F 239 15.10 14.28 -13.68
C ALA F 239 15.08 15.19 -14.89
N ASP F 240 15.43 14.65 -16.05
CA ASP F 240 15.40 15.40 -17.29
C ASP F 240 14.52 14.65 -18.28
N GLU F 241 15.09 13.69 -19.00
CA GLU F 241 14.31 12.95 -19.99
C GLU F 241 13.11 12.23 -19.38
N SER F 242 13.13 12.00 -18.06
CA SER F 242 12.04 11.34 -17.37
C SER F 242 10.87 12.30 -17.14
N CYS F 243 11.04 13.58 -17.48
CA CYS F 243 9.98 14.56 -17.29
C CYS F 243 9.85 15.52 -18.46
N PHE F 244 8.86 15.26 -19.31
CA PHE F 244 8.58 16.09 -20.47
C PHE F 244 7.57 17.20 -20.18
N ASP F 245 6.41 16.82 -19.62
CA ASP F 245 5.33 17.75 -19.34
C ASP F 245 4.85 17.78 -17.90
N ALA F 246 3.79 18.54 -17.66
CA ALA F 246 3.22 18.67 -16.32
C ALA F 246 2.72 17.33 -15.78
N GLN F 247 2.15 16.51 -16.65
CA GLN F 247 1.66 15.21 -16.21
C GLN F 247 2.80 14.31 -15.73
N ASP F 248 3.95 14.38 -16.38
CA ASP F 248 5.10 13.58 -15.95
C ASP F 248 5.53 14.08 -14.58
N ALA F 249 5.61 15.40 -14.44
CA ALA F 249 6.01 16.02 -13.19
C ALA F 249 5.09 15.59 -12.06
N LEU F 250 3.79 15.53 -12.34
CA LEU F 250 2.83 15.12 -11.32
C LEU F 250 3.09 13.69 -10.86
N GLU F 251 3.43 12.80 -11.79
CA GLU F 251 3.70 11.42 -11.40
C GLU F 251 5.00 11.34 -10.60
N LEU F 252 5.97 12.15 -10.95
CA LEU F 252 7.25 12.14 -10.25
C LEU F 252 7.09 12.64 -8.82
N VAL F 253 6.31 13.71 -8.62
CA VAL F 253 6.09 14.21 -7.27
C VAL F 253 5.29 13.18 -6.48
N LYS F 254 4.32 12.54 -7.12
CA LYS F 254 3.52 11.54 -6.44
C LYS F 254 4.37 10.41 -5.91
N LYS F 255 5.26 9.90 -6.75
CA LYS F 255 6.14 8.80 -6.37
C LYS F 255 7.37 9.22 -5.58
N GLY F 256 7.72 10.51 -5.62
CA GLY F 256 8.90 10.98 -4.91
C GLY F 256 10.16 10.49 -5.59
N THR F 257 10.10 10.37 -6.92
CA THR F 257 11.20 9.89 -7.74
C THR F 257 12.51 10.66 -7.77
N VAL F 258 12.46 11.98 -7.67
CA VAL F 258 13.68 12.79 -7.71
C VAL F 258 13.63 14.02 -6.81
N ASP F 259 14.77 14.69 -6.70
CA ASP F 259 14.89 15.89 -5.89
C ASP F 259 14.65 17.18 -6.66
N VAL F 260 15.11 17.21 -7.92
CA VAL F 260 14.95 18.41 -8.76
C VAL F 260 14.51 18.02 -10.18
N ILE F 261 13.90 18.95 -10.91
CA ILE F 261 13.45 18.67 -12.27
C ILE F 261 13.94 19.67 -13.31
N ASN F 262 14.40 19.16 -14.45
CA ASN F 262 14.90 19.97 -15.55
C ASN F 262 13.75 20.30 -16.49
N ILE F 263 13.47 21.58 -16.67
CA ILE F 263 12.41 22.02 -17.57
C ILE F 263 12.99 22.53 -18.90
N LYS F 264 12.43 22.06 -20.01
CA LYS F 264 12.87 22.54 -21.33
C LYS F 264 11.62 22.89 -22.12
N LEU F 265 11.57 24.10 -22.67
CA LEU F 265 10.42 24.52 -23.45
C LEU F 265 10.17 23.53 -24.60
N MET F 266 11.25 22.97 -25.17
CA MET F 266 11.11 22.03 -26.28
C MET F 266 10.69 20.62 -25.86
N LYS F 267 10.56 20.38 -24.55
CA LYS F 267 10.10 19.09 -24.07
C LYS F 267 8.63 19.18 -23.67
N CYS F 268 8.24 20.35 -23.17
CA CYS F 268 6.87 20.55 -22.69
C CYS F 268 5.91 21.29 -23.61
N GLY F 269 6.45 21.88 -24.69
CA GLY F 269 5.60 22.59 -25.62
C GLY F 269 5.38 24.07 -25.35
N GLY F 270 6.35 24.72 -24.71
CA GLY F 270 6.21 26.13 -24.47
C GLY F 270 6.10 26.63 -23.04
N ILE F 271 6.18 27.94 -22.90
CA ILE F 271 6.11 28.62 -21.61
C ILE F 271 4.84 28.26 -20.82
N HIS F 272 3.71 28.20 -21.52
CA HIS F 272 2.45 27.89 -20.86
C HIS F 272 2.48 26.58 -20.11
N GLU F 273 3.16 25.60 -20.68
CA GLU F 273 3.26 24.29 -20.05
C GLU F 273 4.41 24.28 -19.02
N ALA F 274 5.46 25.05 -19.29
CA ALA F 274 6.60 25.11 -18.36
C ALA F 274 6.13 25.68 -17.02
N LEU F 275 5.24 26.66 -17.09
CA LEU F 275 4.70 27.27 -15.89
C LEU F 275 4.01 26.20 -15.06
N LYS F 276 3.21 25.37 -15.71
CA LYS F 276 2.52 24.28 -15.02
C LYS F 276 3.49 23.38 -14.28
N ILE F 277 4.53 22.94 -14.99
CA ILE F 277 5.54 22.06 -14.40
C ILE F 277 6.15 22.69 -13.14
N ASN F 278 6.54 23.95 -13.26
CA ASN F 278 7.17 24.66 -12.16
C ASN F 278 6.25 24.81 -10.95
N GLN F 279 4.98 25.08 -11.19
CA GLN F 279 4.02 25.24 -10.11
C GLN F 279 3.82 23.93 -9.37
N ILE F 280 3.73 22.84 -10.12
CA ILE F 280 3.55 21.54 -9.52
C ILE F 280 4.78 21.25 -8.62
N CYS F 281 5.97 21.50 -9.15
CA CYS F 281 7.19 21.27 -8.41
C CYS F 281 7.32 22.16 -7.16
N GLU F 282 7.15 23.46 -7.34
CA GLU F 282 7.23 24.40 -6.23
C GLU F 282 6.29 23.95 -5.10
N THR F 283 5.08 23.54 -5.48
CA THR F 283 4.11 23.11 -4.49
C THR F 283 4.58 21.85 -3.78
N ALA F 284 5.33 20.99 -4.48
CA ALA F 284 5.83 19.76 -3.88
C ALA F 284 7.21 19.92 -3.24
N GLY F 285 7.75 21.14 -3.25
CA GLY F 285 9.04 21.39 -2.65
C GLY F 285 10.23 20.93 -3.49
N ILE F 286 10.03 20.94 -4.80
CA ILE F 286 11.04 20.53 -5.79
C ILE F 286 11.44 21.74 -6.62
N GLU F 287 12.69 22.16 -6.56
CA GLU F 287 13.12 23.30 -7.36
C GLU F 287 13.31 22.82 -8.80
N CYS F 288 13.37 23.76 -9.73
CA CYS F 288 13.53 23.43 -11.14
C CYS F 288 14.71 24.13 -11.78
N MET F 289 15.28 23.47 -12.78
CA MET F 289 16.38 24.05 -13.54
C MET F 289 15.85 24.22 -14.96
N ILE F 290 16.15 25.35 -15.59
CA ILE F 290 15.71 25.55 -16.97
C ILE F 290 16.86 25.04 -17.85
N GLY F 291 16.52 24.26 -18.88
CA GLY F 291 17.54 23.72 -19.76
C GLY F 291 17.27 24.08 -21.22
N CYS F 292 17.99 23.45 -22.13
CA CYS F 292 17.81 23.73 -23.55
C CYS F 292 18.27 22.58 -24.41
N MET F 293 17.93 22.65 -25.70
CA MET F 293 18.34 21.63 -26.66
C MET F 293 19.53 22.25 -27.38
N ALA F 294 20.43 21.43 -27.89
CA ALA F 294 21.58 21.95 -28.60
C ALA F 294 21.11 22.58 -29.92
N GLU F 295 19.95 22.14 -30.41
CA GLU F 295 19.38 22.65 -31.66
C GLU F 295 18.67 23.99 -31.53
N GLU F 296 18.60 24.53 -30.32
CA GLU F 296 17.94 25.80 -30.11
C GLU F 296 18.90 26.95 -30.32
N THR F 297 18.36 28.14 -30.54
CA THR F 297 19.21 29.30 -30.71
C THR F 297 18.73 30.50 -29.90
N THR F 298 19.02 31.69 -30.41
CA THR F 298 18.65 32.92 -29.73
C THR F 298 17.21 33.01 -29.21
N ILE F 299 16.25 32.65 -30.05
CA ILE F 299 14.85 32.74 -29.64
C ILE F 299 14.46 31.80 -28.49
N GLY F 300 14.73 30.51 -28.63
CA GLY F 300 14.38 29.57 -27.58
C GLY F 300 15.10 29.86 -26.28
N ILE F 301 16.36 30.26 -26.39
CA ILE F 301 17.16 30.57 -25.21
C ILE F 301 16.65 31.82 -24.50
N THR F 302 16.32 32.86 -25.27
CA THR F 302 15.82 34.10 -24.70
C THR F 302 14.49 33.89 -23.98
N ALA F 303 13.60 33.11 -24.60
CA ALA F 303 12.31 32.84 -23.97
C ALA F 303 12.52 32.09 -22.65
N ALA F 304 13.41 31.11 -22.67
CA ALA F 304 13.69 30.33 -21.47
C ALA F 304 14.28 31.22 -20.38
N ALA F 305 15.09 32.19 -20.78
CA ALA F 305 15.72 33.11 -19.82
C ALA F 305 14.70 34.03 -19.15
N HIS F 306 13.71 34.51 -19.90
CA HIS F 306 12.70 35.39 -19.33
C HIS F 306 11.87 34.59 -18.34
N LEU F 307 11.58 33.34 -18.68
CA LEU F 307 10.81 32.49 -17.78
C LEU F 307 11.59 32.20 -16.50
N ALA F 308 12.87 31.84 -16.66
CA ALA F 308 13.72 31.52 -15.53
C ALA F 308 13.90 32.71 -14.60
N ALA F 309 14.09 33.87 -15.18
CA ALA F 309 14.27 35.09 -14.40
C ALA F 309 12.99 35.40 -13.60
N ALA F 310 11.85 35.28 -14.27
CA ALA F 310 10.58 35.61 -13.65
C ALA F 310 10.07 34.75 -12.51
N GLN F 311 10.39 33.45 -12.54
CA GLN F 311 9.93 32.49 -11.54
C GLN F 311 10.92 32.13 -10.44
N LYS F 312 10.49 32.32 -9.19
CA LYS F 312 11.34 32.03 -8.05
C LYS F 312 11.83 30.58 -7.92
N ASN F 313 10.99 29.60 -8.24
CA ASN F 313 11.38 28.20 -8.10
C ASN F 313 12.30 27.65 -9.20
N ILE F 314 12.58 28.45 -10.21
CA ILE F 314 13.51 28.01 -11.24
C ILE F 314 14.82 28.61 -10.74
N THR F 315 15.49 27.85 -9.87
CA THR F 315 16.72 28.27 -9.20
C THR F 315 18.04 27.97 -9.88
N ARG F 316 17.99 27.26 -11.01
CA ARG F 316 19.19 26.92 -11.75
C ARG F 316 18.92 27.13 -13.23
N ALA F 317 19.96 27.32 -14.01
CA ALA F 317 19.79 27.53 -15.43
C ALA F 317 20.93 26.91 -16.22
N ASP F 318 20.57 26.25 -17.32
CA ASP F 318 21.52 25.61 -18.22
C ASP F 318 21.11 26.07 -19.62
N LEU F 319 21.36 27.36 -19.89
CA LEU F 319 21.01 28.01 -21.15
C LEU F 319 22.26 28.46 -21.90
N ASP F 320 22.93 27.50 -22.51
CA ASP F 320 24.19 27.75 -23.19
C ASP F 320 24.21 27.40 -24.68
N ALA F 321 23.04 27.15 -25.26
CA ALA F 321 22.96 26.80 -26.67
C ALA F 321 23.50 27.90 -27.60
N THR F 322 23.41 29.17 -27.21
CA THR F 322 23.91 30.24 -28.06
C THR F 322 25.43 30.37 -28.08
N PHE F 323 26.11 29.85 -27.06
CA PHE F 323 27.56 29.96 -26.99
C PHE F 323 28.30 29.18 -28.08
N GLY F 324 27.63 28.19 -28.66
CA GLY F 324 28.26 27.40 -29.69
C GLY F 324 27.91 27.78 -31.11
N LEU F 325 27.06 28.80 -31.30
CA LEU F 325 26.64 29.22 -32.63
C LEU F 325 27.69 30.00 -33.43
N GLU F 326 27.85 29.63 -34.70
CA GLU F 326 28.80 30.32 -35.56
C GLU F 326 28.31 31.72 -35.90
N THR F 327 26.99 31.90 -35.94
CA THR F 327 26.42 33.20 -36.25
C THR F 327 25.01 33.28 -35.66
N ALA F 328 24.50 34.49 -35.50
CA ALA F 328 23.18 34.70 -34.93
C ALA F 328 22.08 34.66 -35.97
N PRO F 329 21.05 33.82 -35.76
CA PRO F 329 19.95 33.72 -36.72
C PRO F 329 19.04 34.93 -36.66
N VAL F 330 19.15 35.69 -35.57
CA VAL F 330 18.31 36.86 -35.40
C VAL F 330 19.03 38.00 -34.69
N THR F 331 18.36 39.15 -34.61
CA THR F 331 18.89 40.33 -33.94
C THR F 331 18.30 40.49 -32.54
N GLY F 332 19.15 40.88 -31.58
CA GLY F 332 18.70 41.06 -30.21
C GLY F 332 18.62 39.76 -29.42
N GLY F 333 17.98 39.81 -28.26
CA GLY F 333 17.85 38.64 -27.43
C GLY F 333 19.15 38.30 -26.72
N VAL F 334 19.27 37.05 -26.28
CA VAL F 334 20.47 36.60 -25.59
C VAL F 334 21.62 36.47 -26.59
N SER F 335 22.77 37.06 -26.24
CA SER F 335 23.96 37.05 -27.10
C SER F 335 24.61 35.69 -27.24
N LEU F 336 25.50 35.57 -28.23
CA LEU F 336 26.23 34.35 -28.45
C LEU F 336 27.46 34.34 -27.55
N GLU F 337 27.75 35.50 -26.96
CA GLU F 337 28.90 35.63 -26.06
C GLU F 337 28.81 34.62 -24.92
N ALA F 338 29.84 33.82 -24.76
CA ALA F 338 29.88 32.82 -23.70
C ALA F 338 30.15 33.56 -22.39
N LYS F 339 29.10 33.74 -21.61
CA LYS F 339 29.18 34.42 -20.31
C LYS F 339 28.08 33.81 -19.45
N PRO F 340 28.29 33.77 -18.13
CA PRO F 340 27.30 33.21 -17.19
C PRO F 340 26.10 34.11 -16.96
N LEU F 341 26.30 35.42 -17.04
CA LEU F 341 25.21 36.34 -16.79
C LEU F 341 24.40 36.68 -18.03
N LEU F 342 23.12 36.36 -18.00
CA LEU F 342 22.22 36.67 -19.11
C LEU F 342 21.30 37.73 -18.54
N GLU F 343 21.58 38.99 -18.85
CA GLU F 343 20.78 40.10 -18.37
C GLU F 343 19.71 40.45 -19.39
N LEU F 344 18.47 40.52 -18.92
CA LEU F 344 17.36 40.85 -19.80
C LEU F 344 17.13 42.36 -19.73
N GLY F 345 16.92 42.97 -20.88
CA GLY F 345 16.71 44.40 -20.94
C GLY F 345 15.27 44.77 -20.73
N GLU F 346 14.95 46.05 -20.99
CA GLU F 346 13.59 46.56 -20.84
C GLU F 346 12.78 46.51 -22.12
N ALA F 347 13.36 45.94 -23.18
CA ALA F 347 12.66 45.83 -24.46
C ALA F 347 11.39 45.00 -24.24
N ALA F 348 10.30 45.40 -24.88
CA ALA F 348 9.03 44.68 -24.76
C ALA F 348 9.15 43.28 -25.34
N GLY F 349 8.43 42.32 -24.76
CA GLY F 349 8.50 40.96 -25.25
C GLY F 349 9.88 40.33 -25.09
N LEU F 350 10.40 39.76 -26.18
CA LEU F 350 11.72 39.12 -26.17
C LEU F 350 12.82 40.07 -26.62
N GLY F 351 12.43 41.20 -27.21
CA GLY F 351 13.39 42.17 -27.71
C GLY F 351 14.12 41.67 -28.94
N ILE F 352 13.49 40.75 -29.67
CA ILE F 352 14.08 40.13 -30.86
C ILE F 352 13.45 40.65 -32.15
N SER F 353 14.25 40.74 -33.20
CA SER F 353 13.77 41.22 -34.50
C SER F 353 14.58 40.55 -35.59
N HIS F 354 14.11 40.68 -36.83
CA HIS F 354 14.77 40.08 -38.00
C HIS F 354 16.29 40.10 -37.93
N MET G 1 9.75 -48.65 17.18
CA MET G 1 9.12 -49.04 15.88
C MET G 1 9.95 -48.54 14.71
N LYS G 2 10.31 -49.45 13.80
CA LYS G 2 11.12 -49.10 12.63
C LYS G 2 10.49 -49.58 11.32
N ILE G 3 10.74 -48.81 10.26
CA ILE G 3 10.23 -49.17 8.94
C ILE G 3 11.15 -50.23 8.36
N LYS G 4 10.60 -51.39 8.02
CA LYS G 4 11.41 -52.47 7.47
C LYS G 4 11.51 -52.42 5.95
N GLN G 5 10.36 -52.53 5.29
CA GLN G 5 10.31 -52.53 3.83
C GLN G 5 9.23 -51.63 3.29
N VAL G 6 9.47 -51.08 2.10
CA VAL G 6 8.52 -50.21 1.43
C VAL G 6 8.19 -50.82 0.08
N HIS G 7 6.93 -51.22 -0.09
CA HIS G 7 6.49 -51.82 -1.34
C HIS G 7 5.47 -50.92 -2.03
N VAL G 8 5.63 -50.76 -3.35
CA VAL G 8 4.72 -49.93 -4.13
C VAL G 8 4.39 -50.58 -5.47
N ARG G 9 3.11 -50.49 -5.85
CA ARG G 9 2.64 -51.07 -7.10
C ARG G 9 1.59 -50.13 -7.72
N ALA G 10 0.92 -50.60 -8.78
CA ALA G 10 -0.08 -49.77 -9.44
C ALA G 10 -1.48 -50.40 -9.43
N SER G 11 -2.49 -49.54 -9.53
CA SER G 11 -3.87 -50.00 -9.52
C SER G 11 -4.71 -49.27 -10.57
N LYS G 12 -5.47 -50.03 -11.36
CA LYS G 12 -6.33 -49.47 -12.39
C LYS G 12 -7.77 -49.96 -12.22
N ILE G 13 -8.67 -49.03 -11.92
CA ILE G 13 -10.07 -49.37 -11.75
C ILE G 13 -10.93 -48.55 -12.69
N LYS G 14 -11.56 -49.22 -13.64
CA LYS G 14 -12.42 -48.55 -14.61
C LYS G 14 -13.63 -47.94 -13.92
N LEU G 15 -14.10 -46.81 -14.44
CA LEU G 15 -15.25 -46.14 -13.86
C LEU G 15 -16.53 -46.57 -14.57
N LYS G 16 -17.61 -46.73 -13.80
CA LYS G 16 -18.89 -47.14 -14.37
C LYS G 16 -19.33 -46.12 -15.42
N GLU G 17 -18.90 -44.88 -15.23
CA GLU G 17 -19.22 -43.80 -16.15
C GLU G 17 -18.06 -42.80 -16.15
N THR G 18 -17.61 -42.42 -17.34
CA THR G 18 -16.51 -41.47 -17.46
C THR G 18 -16.94 -40.09 -16.94
N PHE G 19 -15.98 -39.36 -16.36
CA PHE G 19 -16.27 -38.03 -15.83
C PHE G 19 -15.61 -36.93 -16.65
N THR G 20 -16.33 -35.82 -16.80
CA THR G 20 -15.82 -34.67 -17.56
C THR G 20 -15.87 -33.37 -16.78
N ILE G 21 -14.75 -32.65 -16.80
CA ILE G 21 -14.65 -31.35 -16.13
C ILE G 21 -14.08 -30.39 -17.17
N ALA G 22 -13.89 -29.13 -16.78
CA ALA G 22 -13.35 -28.14 -17.70
C ALA G 22 -11.95 -28.51 -18.16
N LEU G 23 -11.17 -29.10 -17.24
CA LEU G 23 -9.80 -29.49 -17.53
C LEU G 23 -9.70 -30.72 -18.44
N GLY G 24 -10.83 -31.39 -18.65
CA GLY G 24 -10.83 -32.57 -19.50
C GLY G 24 -11.72 -33.67 -18.98
N THR G 25 -11.39 -34.92 -19.33
CA THR G 25 -12.16 -36.07 -18.87
C THR G 25 -11.25 -37.19 -18.43
N ILE G 26 -11.84 -38.19 -17.77
CA ILE G 26 -11.09 -39.34 -17.29
C ILE G 26 -12.06 -40.49 -17.06
N GLU G 27 -11.62 -41.71 -17.35
CA GLU G 27 -12.46 -42.89 -17.17
C GLU G 27 -11.69 -44.03 -16.51
N SER G 28 -10.40 -43.83 -16.30
CA SER G 28 -9.56 -44.84 -15.68
C SER G 28 -8.87 -44.29 -14.42
N ALA G 29 -9.28 -44.79 -13.26
CA ALA G 29 -8.70 -44.34 -12.01
C ALA G 29 -7.43 -45.13 -11.72
N ASP G 30 -6.29 -44.57 -12.10
CA ASP G 30 -5.01 -45.24 -11.88
C ASP G 30 -4.24 -44.56 -10.76
N SER G 31 -3.98 -45.32 -9.70
CA SER G 31 -3.25 -44.80 -8.54
C SER G 31 -2.24 -45.83 -8.05
N ALA G 32 -1.19 -45.36 -7.39
CA ALA G 32 -0.16 -46.24 -6.86
C ALA G 32 -0.48 -46.62 -5.42
N ILE G 33 -0.50 -47.92 -5.15
CA ILE G 33 -0.79 -48.43 -3.81
C ILE G 33 0.52 -48.66 -3.06
N VAL G 34 0.61 -48.13 -1.84
CA VAL G 34 1.81 -48.28 -1.03
C VAL G 34 1.56 -49.11 0.23
N GLU G 35 2.58 -49.88 0.60
CA GLU G 35 2.51 -50.72 1.79
C GLU G 35 3.82 -50.64 2.55
N ILE G 36 3.76 -50.09 3.75
CA ILE G 36 4.94 -49.96 4.59
C ILE G 36 4.86 -50.99 5.72
N GLU G 37 5.89 -51.83 5.84
CA GLU G 37 5.92 -52.84 6.88
C GLU G 37 7.02 -52.56 7.89
N THR G 38 6.65 -52.57 9.16
CA THR G 38 7.60 -52.30 10.23
C THR G 38 8.40 -53.56 10.54
N GLU G 39 9.56 -53.36 11.15
CA GLU G 39 10.43 -54.47 11.49
C GLU G 39 9.72 -55.50 12.37
N GLU G 40 8.54 -55.15 12.88
CA GLU G 40 7.77 -56.04 13.73
C GLU G 40 6.67 -56.78 12.97
N GLY G 41 6.32 -56.30 11.79
CA GLY G 41 5.28 -56.95 11.01
C GLY G 41 4.06 -56.11 10.68
N LEU G 42 3.99 -54.91 11.24
CA LEU G 42 2.85 -54.02 10.99
C LEU G 42 2.87 -53.51 9.55
N VAL G 43 1.68 -53.41 8.95
CA VAL G 43 1.53 -52.95 7.58
C VAL G 43 0.63 -51.72 7.47
N GLY G 44 1.12 -50.67 6.82
CA GLY G 44 0.35 -49.45 6.64
C GLY G 44 0.00 -49.23 5.18
N TYR G 45 -1.27 -48.96 4.91
CA TYR G 45 -1.73 -48.74 3.54
C TYR G 45 -1.78 -47.27 3.14
N GLY G 46 -1.16 -46.96 2.00
CA GLY G 46 -1.16 -45.61 1.48
C GLY G 46 -1.48 -45.61 0.00
N GLU G 47 -1.79 -44.44 -0.54
CA GLU G 47 -2.12 -44.33 -1.96
C GLU G 47 -1.72 -42.98 -2.55
N GLY G 48 -1.53 -42.95 -3.87
CA GLY G 48 -1.14 -41.74 -4.54
C GLY G 48 -1.77 -41.65 -5.92
N GLY G 49 -2.90 -40.95 -6.03
CA GLY G 49 -3.57 -40.80 -7.30
C GLY G 49 -3.21 -39.49 -7.96
N PRO G 50 -2.24 -39.49 -8.89
CA PRO G 50 -1.79 -38.28 -9.58
C PRO G 50 -2.74 -37.76 -10.67
N GLY G 51 -2.92 -36.45 -10.72
CA GLY G 51 -3.78 -35.84 -11.72
C GLY G 51 -2.89 -35.08 -12.69
N ILE G 52 -2.56 -35.73 -13.80
CA ILE G 52 -1.71 -35.17 -14.84
C ILE G 52 -2.06 -33.72 -15.20
N PHE G 53 -3.35 -33.43 -15.30
CA PHE G 53 -3.77 -32.08 -15.67
C PHE G 53 -4.06 -31.20 -14.47
N ILE G 54 -3.60 -31.64 -13.30
CA ILE G 54 -3.78 -30.90 -12.06
C ILE G 54 -2.40 -30.52 -11.55
N THR G 55 -1.58 -31.53 -11.28
CA THR G 55 -0.24 -31.32 -10.76
C THR G 55 0.84 -31.73 -11.77
N GLY G 56 0.40 -32.32 -12.89
CA GLY G 56 1.35 -32.76 -13.90
C GLY G 56 2.09 -34.04 -13.54
N GLU G 57 1.63 -34.70 -12.48
CA GLU G 57 2.27 -35.94 -12.03
C GLU G 57 1.79 -37.16 -12.80
N THR G 58 2.73 -38.06 -13.07
CA THR G 58 2.42 -39.29 -13.81
C THR G 58 2.71 -40.51 -12.94
N LEU G 59 2.09 -41.65 -13.27
CA LEU G 59 2.32 -42.86 -12.51
C LEU G 59 3.79 -43.27 -12.63
N ALA G 60 4.32 -43.21 -13.84
CA ALA G 60 5.72 -43.57 -14.06
C ALA G 60 6.62 -42.71 -13.18
N GLY G 61 6.20 -41.47 -12.96
CA GLY G 61 6.97 -40.57 -12.14
C GLY G 61 6.68 -40.81 -10.66
N THR G 62 5.40 -40.95 -10.34
CA THR G 62 4.98 -41.19 -8.95
C THR G 62 5.60 -42.48 -8.42
N LEU G 63 5.67 -43.50 -9.26
CA LEU G 63 6.25 -44.78 -8.86
C LEU G 63 7.76 -44.66 -8.63
N GLU G 64 8.46 -44.06 -9.57
CA GLU G 64 9.92 -43.90 -9.43
C GLU G 64 10.28 -43.04 -8.22
N THR G 65 9.36 -42.16 -7.82
CA THR G 65 9.59 -41.28 -6.68
C THR G 65 9.30 -42.05 -5.39
N ILE G 66 8.10 -42.62 -5.31
CA ILE G 66 7.68 -43.40 -4.15
C ILE G 66 8.72 -44.47 -3.83
N GLU G 67 9.49 -44.85 -4.85
CA GLU G 67 10.53 -45.86 -4.69
C GLU G 67 11.79 -45.23 -4.15
N LEU G 68 12.07 -44.00 -4.58
CA LEU G 68 13.26 -43.30 -4.10
C LEU G 68 13.06 -42.92 -2.64
N PHE G 69 11.80 -42.73 -2.25
CA PHE G 69 11.46 -42.37 -0.88
C PHE G 69 11.51 -43.59 0.02
N GLY G 70 10.84 -44.66 -0.39
CA GLY G 70 10.83 -45.88 0.40
C GLY G 70 12.21 -46.24 0.92
N GLN G 71 13.19 -46.26 0.02
CA GLN G 71 14.56 -46.59 0.39
C GLN G 71 15.17 -45.63 1.39
N ALA G 72 14.85 -44.35 1.25
CA ALA G 72 15.40 -43.34 2.15
C ALA G 72 14.84 -43.43 3.57
N ILE G 73 13.60 -43.86 3.71
CA ILE G 73 12.97 -43.96 5.03
C ILE G 73 13.07 -45.34 5.67
N ILE G 74 14.04 -46.14 5.23
CA ILE G 74 14.22 -47.47 5.80
C ILE G 74 14.97 -47.35 7.12
N GLY G 75 14.37 -47.84 8.19
CA GLY G 75 15.01 -47.78 9.49
C GLY G 75 14.57 -46.58 10.31
N LEU G 76 13.50 -45.93 9.88
CA LEU G 76 12.97 -44.78 10.60
C LEU G 76 11.66 -45.13 11.28
N ASN G 77 11.27 -44.32 12.25
CA ASN G 77 10.03 -44.55 12.98
C ASN G 77 8.88 -43.86 12.25
N PRO G 78 7.75 -44.57 12.05
CA PRO G 78 6.58 -44.02 11.38
C PRO G 78 6.00 -42.80 12.10
N PHE G 79 6.34 -42.65 13.38
CA PHE G 79 5.87 -41.52 14.19
C PHE G 79 6.70 -40.26 13.96
N ASN G 80 7.91 -40.43 13.45
CA ASN G 80 8.78 -39.30 13.17
C ASN G 80 8.35 -38.76 11.80
N ILE G 81 7.09 -38.34 11.72
CA ILE G 81 6.55 -37.82 10.47
C ILE G 81 7.24 -36.52 10.08
N GLU G 82 7.97 -35.95 11.03
CA GLU G 82 8.71 -34.72 10.79
C GLU G 82 9.92 -35.05 9.92
N LYS G 83 10.71 -36.02 10.34
CA LYS G 83 11.89 -36.38 9.55
C LYS G 83 11.53 -37.02 8.21
N ILE G 84 10.45 -37.79 8.19
CA ILE G 84 10.02 -38.45 6.96
C ILE G 84 9.79 -37.41 5.87
N HIS G 85 8.93 -36.44 6.14
CA HIS G 85 8.65 -35.38 5.17
C HIS G 85 9.91 -34.57 4.86
N GLU G 86 10.77 -34.42 5.86
CA GLU G 86 12.03 -33.69 5.68
C GLU G 86 12.91 -34.40 4.66
N VAL G 87 13.00 -35.73 4.80
CA VAL G 87 13.81 -36.53 3.90
C VAL G 87 13.20 -36.54 2.50
N MET G 88 11.87 -36.69 2.44
CA MET G 88 11.20 -36.69 1.14
C MET G 88 11.40 -35.37 0.40
N ASP G 89 11.21 -34.25 1.09
CA ASP G 89 11.39 -32.95 0.45
C ASP G 89 12.83 -32.74 0.01
N LYS G 90 13.77 -33.35 0.73
CA LYS G 90 15.19 -33.23 0.40
C LYS G 90 15.47 -33.90 -0.95
N ILE G 91 14.71 -34.96 -1.25
CA ILE G 91 14.88 -35.71 -2.49
C ILE G 91 14.12 -35.09 -3.68
N SER G 92 12.82 -34.87 -3.51
CA SER G 92 11.99 -34.31 -4.58
C SER G 92 11.48 -32.91 -4.23
N ALA G 93 11.68 -31.97 -5.15
CA ALA G 93 11.25 -30.58 -4.94
C ALA G 93 9.75 -30.43 -5.15
N PHE G 94 9.14 -31.43 -5.78
CA PHE G 94 7.71 -31.41 -6.03
C PHE G 94 7.26 -32.79 -6.48
N ALA G 95 6.36 -33.38 -5.69
CA ALA G 95 5.82 -34.70 -5.97
C ALA G 95 4.81 -35.03 -4.86
N PRO G 96 3.73 -34.24 -4.77
CA PRO G 96 2.67 -34.40 -3.77
C PRO G 96 2.00 -35.77 -3.71
N ALA G 97 1.72 -36.38 -4.87
CA ALA G 97 1.07 -37.68 -4.88
C ALA G 97 1.97 -38.76 -4.31
N ALA G 98 3.27 -38.68 -4.59
CA ALA G 98 4.22 -39.65 -4.09
C ALA G 98 4.36 -39.52 -2.58
N LYS G 99 4.35 -38.27 -2.11
CA LYS G 99 4.50 -38.03 -0.68
C LYS G 99 3.23 -38.35 0.12
N ALA G 100 2.07 -38.13 -0.48
CA ALA G 100 0.80 -38.43 0.19
C ALA G 100 0.67 -39.94 0.40
N ALA G 101 1.16 -40.71 -0.57
CA ALA G 101 1.10 -42.16 -0.49
C ALA G 101 1.89 -42.63 0.72
N ILE G 102 3.14 -42.18 0.82
CA ILE G 102 4.00 -42.54 1.94
C ILE G 102 3.42 -42.01 3.25
N ASP G 103 3.16 -40.71 3.27
CA ASP G 103 2.60 -40.04 4.45
C ASP G 103 1.39 -40.79 5.00
N ILE G 104 0.42 -41.08 4.14
CA ILE G 104 -0.79 -41.75 4.58
C ILE G 104 -0.54 -43.12 5.22
N ALA G 105 0.40 -43.87 4.66
CA ALA G 105 0.70 -45.20 5.19
C ALA G 105 1.23 -45.05 6.61
N CYS G 106 2.07 -44.03 6.81
CA CYS G 106 2.65 -43.79 8.13
C CYS G 106 1.57 -43.50 9.17
N TYR G 107 0.64 -42.61 8.84
CA TYR G 107 -0.43 -42.31 9.78
C TYR G 107 -1.23 -43.58 10.05
N ASP G 108 -1.42 -44.39 9.02
CA ASP G 108 -2.16 -45.65 9.20
C ASP G 108 -1.42 -46.49 10.23
N LEU G 109 -0.09 -46.53 10.12
CA LEU G 109 0.73 -47.27 11.05
C LEU G 109 0.66 -46.70 12.46
N MET G 110 0.65 -45.37 12.55
CA MET G 110 0.56 -44.72 13.86
C MET G 110 -0.71 -45.18 14.53
N GLY G 111 -1.80 -45.21 13.77
CA GLY G 111 -3.07 -45.65 14.31
C GLY G 111 -3.02 -47.10 14.72
N GLN G 112 -2.24 -47.89 13.98
CA GLN G 112 -2.08 -49.32 14.27
C GLN G 112 -1.36 -49.49 15.60
N LYS G 113 -0.13 -48.97 15.66
CA LYS G 113 0.71 -49.04 16.85
C LYS G 113 0.02 -48.50 18.10
N ALA G 114 -0.76 -47.44 17.95
CA ALA G 114 -1.45 -46.84 19.09
C ALA G 114 -2.79 -47.52 19.33
N GLN G 115 -3.19 -48.38 18.39
CA GLN G 115 -4.45 -49.10 18.51
C GLN G 115 -5.66 -48.18 18.68
N LEU G 116 -5.88 -47.32 17.68
CA LEU G 116 -7.02 -46.42 17.71
C LEU G 116 -7.27 -45.85 16.33
N PRO G 117 -8.53 -45.53 16.03
CA PRO G 117 -8.89 -44.97 14.72
C PRO G 117 -7.98 -43.78 14.39
N LEU G 118 -7.75 -43.52 13.11
CA LEU G 118 -6.91 -42.40 12.72
C LEU G 118 -7.52 -41.06 13.13
N TYR G 119 -8.84 -40.95 12.99
CA TYR G 119 -9.51 -39.70 13.34
C TYR G 119 -9.32 -39.32 14.80
N GLN G 120 -9.02 -40.30 15.65
CA GLN G 120 -8.80 -40.07 17.08
C GLN G 120 -7.44 -39.42 17.31
N LEU G 121 -6.45 -39.90 16.58
CA LEU G 121 -5.10 -39.39 16.70
C LEU G 121 -4.95 -38.01 16.06
N LEU G 122 -5.81 -37.70 15.10
CA LEU G 122 -5.74 -36.42 14.39
C LEU G 122 -6.64 -35.32 14.93
N GLY G 123 -7.37 -35.55 16.02
CA GLY G 123 -8.22 -34.51 16.56
C GLY G 123 -9.49 -34.99 17.25
N GLY G 124 -10.03 -36.10 16.76
CA GLY G 124 -11.24 -36.68 17.34
C GLY G 124 -12.51 -35.85 17.45
N TYR G 125 -12.64 -34.82 16.64
CA TYR G 125 -13.83 -33.97 16.71
C TYR G 125 -15.11 -34.71 16.32
N ASP G 126 -15.00 -35.71 15.47
CA ASP G 126 -16.16 -36.49 15.03
C ASP G 126 -15.72 -37.85 14.49
N ASN G 127 -16.68 -38.76 14.33
CA ASN G 127 -16.39 -40.10 13.83
C ASN G 127 -16.97 -40.35 12.45
N GLN G 128 -17.63 -39.35 11.89
CA GLN G 128 -18.24 -39.47 10.57
C GLN G 128 -18.14 -38.16 9.79
N VAL G 129 -18.47 -38.24 8.50
CA VAL G 129 -18.44 -37.07 7.62
C VAL G 129 -19.47 -37.22 6.52
N ILE G 130 -20.27 -36.19 6.30
CA ILE G 130 -21.28 -36.22 5.25
C ILE G 130 -20.70 -35.59 3.99
N THR G 131 -20.57 -36.38 2.95
CA THR G 131 -20.01 -35.89 1.69
C THR G 131 -21.09 -35.52 0.69
N ASP G 132 -20.66 -34.86 -0.38
CA ASP G 132 -21.54 -34.45 -1.46
C ASP G 132 -21.21 -35.37 -2.64
N ILE G 133 -21.95 -35.21 -3.73
CA ILE G 133 -21.69 -36.02 -4.91
C ILE G 133 -21.47 -35.12 -6.12
N THR G 134 -20.38 -35.38 -6.84
CA THR G 134 -20.01 -34.60 -8.02
C THR G 134 -20.85 -34.96 -9.25
N LEU G 135 -21.05 -33.98 -10.12
CA LEU G 135 -21.81 -34.18 -11.35
C LEU G 135 -21.01 -33.66 -12.52
N GLY G 136 -20.46 -34.57 -13.32
CA GLY G 136 -19.66 -34.21 -14.48
C GLY G 136 -20.38 -33.31 -15.47
N ILE G 137 -19.66 -32.86 -16.49
CA ILE G 137 -20.22 -31.97 -17.51
C ILE G 137 -21.14 -32.73 -18.48
N ASP G 138 -22.30 -32.15 -18.75
CA ASP G 138 -23.27 -32.75 -19.66
C ASP G 138 -24.45 -31.79 -19.87
N GLU G 139 -25.35 -32.16 -20.78
CA GLU G 139 -26.52 -31.34 -21.06
C GLU G 139 -27.36 -31.07 -19.82
N PRO G 140 -27.94 -29.86 -19.73
CA PRO G 140 -28.77 -29.43 -18.60
C PRO G 140 -29.92 -30.37 -18.27
N ASN G 141 -30.38 -31.13 -19.26
CA ASN G 141 -31.48 -32.06 -19.03
C ASN G 141 -30.96 -33.38 -18.47
N VAL G 142 -29.73 -33.73 -18.84
CA VAL G 142 -29.11 -34.96 -18.38
C VAL G 142 -28.69 -34.89 -16.92
N MET G 143 -27.73 -34.01 -16.61
CA MET G 143 -27.26 -33.87 -15.25
C MET G 143 -28.40 -33.47 -14.31
N ALA G 144 -29.49 -32.98 -14.88
CA ALA G 144 -30.65 -32.59 -14.08
C ALA G 144 -31.34 -33.88 -13.66
N GLN G 145 -31.08 -34.93 -14.43
CA GLN G 145 -31.64 -36.25 -14.16
C GLN G 145 -30.77 -36.95 -13.12
N LYS G 146 -29.47 -36.73 -13.21
CA LYS G 146 -28.53 -37.31 -12.27
C LYS G 146 -28.78 -36.68 -10.90
N ALA G 147 -29.35 -35.48 -10.92
CA ALA G 147 -29.65 -34.74 -9.70
C ALA G 147 -30.67 -35.51 -8.87
N VAL G 148 -31.89 -35.62 -9.39
CA VAL G 148 -32.95 -36.35 -8.70
C VAL G 148 -32.50 -37.79 -8.47
N GLU G 149 -31.58 -38.24 -9.31
CA GLU G 149 -31.02 -39.58 -9.24
C GLU G 149 -30.21 -39.74 -7.96
N LYS G 150 -29.31 -38.78 -7.72
CA LYS G 150 -28.46 -38.80 -6.55
C LYS G 150 -29.19 -38.33 -5.29
N VAL G 151 -30.24 -37.53 -5.47
CA VAL G 151 -31.00 -37.02 -4.34
C VAL G 151 -31.74 -38.17 -3.65
N LYS G 152 -32.34 -39.05 -4.44
CA LYS G 152 -33.07 -40.19 -3.90
C LYS G 152 -32.10 -41.16 -3.23
N LEU G 153 -30.82 -41.06 -3.57
CA LEU G 153 -29.79 -41.91 -3.00
C LEU G 153 -29.43 -41.44 -1.60
N GLY G 154 -30.07 -40.38 -1.15
CA GLY G 154 -29.81 -39.83 0.18
C GLY G 154 -29.04 -38.51 0.16
N PHE G 155 -28.29 -38.28 -0.91
CA PHE G 155 -27.50 -37.06 -1.05
C PHE G 155 -28.32 -35.78 -0.93
N ASP G 156 -27.81 -34.87 -0.10
CA ASP G 156 -28.46 -33.59 0.14
C ASP G 156 -27.65 -32.44 -0.44
N THR G 157 -26.44 -32.74 -0.90
CA THR G 157 -25.56 -31.74 -1.48
C THR G 157 -24.94 -32.24 -2.78
N LEU G 158 -25.10 -31.45 -3.84
CA LEU G 158 -24.57 -31.82 -5.15
C LEU G 158 -23.51 -30.86 -5.66
N LYS G 159 -22.39 -31.40 -6.12
CA LYS G 159 -21.29 -30.61 -6.65
C LYS G 159 -21.40 -30.60 -8.18
N ILE G 160 -21.95 -29.52 -8.72
CA ILE G 160 -22.16 -29.37 -10.16
C ILE G 160 -20.95 -28.86 -10.92
N LYS G 161 -20.45 -29.65 -11.86
CA LYS G 161 -19.30 -29.25 -12.67
C LYS G 161 -19.77 -28.37 -13.83
N VAL G 162 -19.05 -27.27 -14.06
CA VAL G 162 -19.39 -26.35 -15.15
C VAL G 162 -18.11 -25.89 -15.85
N GLY G 163 -18.25 -25.06 -16.88
CA GLY G 163 -17.08 -24.58 -17.57
C GLY G 163 -17.03 -24.73 -19.07
N THR G 164 -18.18 -24.56 -19.73
CA THR G 164 -18.25 -24.66 -21.18
C THR G 164 -18.62 -23.29 -21.75
N GLY G 165 -19.29 -22.50 -20.91
CA GLY G 165 -19.70 -21.18 -21.30
C GLY G 165 -20.82 -20.76 -20.37
N ILE G 166 -20.67 -19.61 -19.71
CA ILE G 166 -21.69 -19.14 -18.77
C ILE G 166 -23.07 -19.32 -19.38
N GLU G 167 -23.14 -19.31 -20.70
CA GLU G 167 -24.41 -19.50 -21.41
C GLU G 167 -24.99 -20.84 -20.97
N ALA G 168 -24.32 -21.91 -21.38
CA ALA G 168 -24.73 -23.27 -21.06
C ALA G 168 -24.70 -23.53 -19.55
N ASP G 169 -23.61 -23.12 -18.92
CA ASP G 169 -23.46 -23.31 -17.47
C ASP G 169 -24.70 -22.87 -16.73
N ILE G 170 -25.11 -21.62 -16.95
CA ILE G 170 -26.30 -21.10 -16.27
C ILE G 170 -27.50 -22.00 -16.57
N ALA G 171 -27.54 -22.52 -17.80
CA ALA G 171 -28.63 -23.40 -18.22
C ALA G 171 -28.68 -24.67 -17.38
N ARG G 172 -27.53 -25.30 -17.19
CA ARG G 172 -27.42 -26.51 -16.41
C ARG G 172 -27.97 -26.33 -15.00
N VAL G 173 -27.38 -25.41 -14.25
CA VAL G 173 -27.79 -25.14 -12.88
C VAL G 173 -29.30 -24.99 -12.75
N LYS G 174 -29.87 -24.06 -13.51
CA LYS G 174 -31.30 -23.81 -13.47
C LYS G 174 -32.14 -25.08 -13.62
N ALA G 175 -31.76 -25.93 -14.58
CA ALA G 175 -32.47 -27.18 -14.82
C ALA G 175 -32.45 -28.03 -13.56
N ILE G 176 -31.28 -28.10 -12.93
CA ILE G 176 -31.09 -28.89 -11.73
C ILE G 176 -31.84 -28.34 -10.52
N ARG G 177 -31.80 -27.01 -10.35
CA ARG G 177 -32.47 -26.39 -9.22
C ARG G 177 -33.98 -26.65 -9.23
N GLU G 178 -34.60 -26.51 -10.39
CA GLU G 178 -36.04 -26.73 -10.51
C GLU G 178 -36.33 -28.23 -10.55
N ALA G 179 -35.31 -29.02 -10.85
CA ALA G 179 -35.45 -30.46 -10.92
C ALA G 179 -35.37 -31.13 -9.55
N VAL G 180 -34.81 -30.43 -8.56
CA VAL G 180 -34.68 -31.00 -7.22
C VAL G 180 -35.15 -30.11 -6.09
N GLY G 181 -35.72 -28.95 -6.43
CA GLY G 181 -36.21 -28.05 -5.40
C GLY G 181 -35.10 -27.35 -4.63
N PHE G 182 -35.49 -26.32 -3.90
CA PHE G 182 -34.55 -25.52 -3.10
C PHE G 182 -34.16 -26.18 -1.78
N ASP G 183 -34.55 -27.44 -1.60
CA ASP G 183 -34.21 -28.16 -0.37
C ASP G 183 -32.78 -28.66 -0.43
N ILE G 184 -32.35 -29.08 -1.62
CA ILE G 184 -31.00 -29.60 -1.81
C ILE G 184 -29.97 -28.46 -1.89
N LYS G 185 -28.78 -28.73 -1.38
CA LYS G 185 -27.71 -27.76 -1.38
C LYS G 185 -26.90 -27.91 -2.67
N LEU G 186 -26.70 -26.80 -3.37
CA LEU G 186 -25.95 -26.84 -4.61
C LEU G 186 -24.70 -25.97 -4.59
N ARG G 187 -23.57 -26.58 -4.94
CA ARG G 187 -22.30 -25.87 -4.99
C ARG G 187 -21.68 -26.08 -6.37
N LEU G 188 -21.29 -24.99 -7.01
CA LEU G 188 -20.70 -25.03 -8.35
C LEU G 188 -19.18 -25.12 -8.33
N ASP G 189 -18.63 -25.71 -9.39
CA ASP G 189 -17.18 -25.84 -9.54
C ASP G 189 -16.84 -25.65 -11.01
N ALA G 190 -16.28 -24.50 -11.35
CA ALA G 190 -15.93 -24.18 -12.73
C ALA G 190 -14.56 -24.66 -13.17
N ASN G 191 -13.72 -25.03 -12.22
CA ASN G 191 -12.37 -25.51 -12.53
C ASN G 191 -11.52 -24.55 -13.37
N GLN G 192 -11.62 -23.26 -13.08
CA GLN G 192 -10.85 -22.22 -13.77
C GLN G 192 -11.30 -21.89 -15.18
N ALA G 193 -12.56 -22.18 -15.50
CA ALA G 193 -13.07 -21.94 -16.84
C ALA G 193 -13.51 -20.51 -17.16
N TRP G 194 -13.90 -19.74 -16.13
CA TRP G 194 -14.37 -18.39 -16.38
C TRP G 194 -13.37 -17.26 -16.15
N THR G 195 -13.68 -16.12 -16.75
CA THR G 195 -12.88 -14.92 -16.60
C THR G 195 -13.46 -14.29 -15.34
N PRO G 196 -12.69 -13.43 -14.68
CA PRO G 196 -13.22 -12.80 -13.45
C PRO G 196 -14.57 -12.14 -13.66
N LYS G 197 -14.71 -11.36 -14.72
CA LYS G 197 -15.98 -10.69 -14.96
C LYS G 197 -17.06 -11.67 -15.38
N ASP G 198 -16.68 -12.73 -16.08
CA ASP G 198 -17.66 -13.74 -16.49
C ASP G 198 -18.18 -14.47 -15.25
N ALA G 199 -17.28 -14.68 -14.28
CA ALA G 199 -17.63 -15.35 -13.05
C ALA G 199 -18.71 -14.57 -12.31
N VAL G 200 -18.46 -13.29 -12.08
CA VAL G 200 -19.42 -12.44 -11.40
C VAL G 200 -20.73 -12.38 -12.16
N LYS G 201 -20.65 -12.37 -13.48
CA LYS G 201 -21.84 -12.30 -14.32
C LYS G 201 -22.69 -13.55 -14.11
N ALA G 202 -22.08 -14.71 -14.27
CA ALA G 202 -22.76 -15.97 -14.09
C ALA G 202 -23.34 -16.11 -12.68
N ILE G 203 -22.52 -15.83 -11.67
CA ILE G 203 -22.95 -15.94 -10.28
C ILE G 203 -24.21 -15.12 -10.00
N GLN G 204 -24.25 -13.89 -10.50
CA GLN G 204 -25.41 -13.04 -10.28
C GLN G 204 -26.61 -13.58 -11.07
N ALA G 205 -26.33 -14.19 -12.22
CA ALA G 205 -27.38 -14.76 -13.06
C ALA G 205 -27.86 -16.08 -12.46
N LEU G 206 -27.55 -16.28 -11.18
CA LEU G 206 -27.96 -17.49 -10.47
C LEU G 206 -28.36 -17.12 -9.03
N ALA G 207 -28.40 -15.83 -8.76
CA ALA G 207 -28.76 -15.31 -7.43
C ALA G 207 -30.06 -15.92 -6.90
N ASP G 208 -31.10 -15.93 -7.73
CA ASP G 208 -32.39 -16.48 -7.33
C ASP G 208 -32.39 -18.01 -7.25
N TYR G 209 -31.26 -18.63 -7.59
CA TYR G 209 -31.15 -20.08 -7.57
C TYR G 209 -30.47 -20.63 -6.32
N GLN G 210 -30.37 -19.79 -5.30
CA GLN G 210 -29.76 -20.19 -4.03
C GLN G 210 -28.53 -21.08 -4.20
N ILE G 211 -27.41 -20.48 -4.57
CA ILE G 211 -26.16 -21.22 -4.74
C ILE G 211 -25.38 -21.12 -3.43
N GLU G 212 -24.74 -22.20 -3.03
CA GLU G 212 -23.96 -22.20 -1.78
C GLU G 212 -22.60 -21.54 -2.00
N LEU G 213 -21.81 -22.13 -2.88
CA LEU G 213 -20.49 -21.61 -3.17
C LEU G 213 -20.05 -21.92 -4.59
N VAL G 214 -19.02 -21.22 -5.04
CA VAL G 214 -18.46 -21.42 -6.38
C VAL G 214 -16.97 -21.71 -6.22
N GLU G 215 -16.55 -22.86 -6.71
CA GLU G 215 -15.17 -23.28 -6.61
C GLU G 215 -14.30 -22.82 -7.79
N GLN G 216 -13.06 -22.43 -7.48
CA GLN G 216 -12.06 -21.98 -8.45
C GLN G 216 -12.64 -21.49 -9.78
N PRO G 217 -13.34 -20.34 -9.77
CA PRO G 217 -13.93 -19.77 -10.99
C PRO G 217 -12.96 -19.28 -12.06
N VAL G 218 -11.75 -18.92 -11.66
CA VAL G 218 -10.75 -18.39 -12.59
C VAL G 218 -9.45 -19.19 -12.58
N LYS G 219 -8.56 -18.89 -13.52
CA LYS G 219 -7.27 -19.57 -13.60
C LYS G 219 -6.58 -19.57 -12.23
N ARG G 220 -5.77 -20.59 -11.98
CA ARG G 220 -5.08 -20.74 -10.69
C ARG G 220 -4.01 -19.70 -10.38
N ARG G 221 -3.34 -19.18 -11.41
CA ARG G 221 -2.30 -18.18 -11.20
C ARG G 221 -2.90 -16.77 -11.13
N ASP G 222 -4.18 -16.62 -11.45
CA ASP G 222 -4.82 -15.31 -11.40
C ASP G 222 -5.44 -15.04 -10.03
N LEU G 223 -4.59 -14.81 -9.04
CA LEU G 223 -5.06 -14.56 -7.69
C LEU G 223 -5.82 -13.25 -7.57
N GLU G 224 -5.46 -12.27 -8.39
CA GLU G 224 -6.14 -10.98 -8.38
C GLU G 224 -7.58 -11.13 -8.87
N GLY G 225 -7.74 -11.86 -9.97
CA GLY G 225 -9.07 -12.07 -10.52
C GLY G 225 -9.92 -12.84 -9.52
N LEU G 226 -9.29 -13.77 -8.80
CA LEU G 226 -9.99 -14.57 -7.81
C LEU G 226 -10.49 -13.67 -6.69
N LYS G 227 -9.61 -12.81 -6.17
CA LYS G 227 -10.01 -11.90 -5.11
C LYS G 227 -11.14 -11.03 -5.63
N TYR G 228 -11.04 -10.65 -6.90
CA TYR G 228 -12.07 -9.83 -7.54
C TYR G 228 -13.44 -10.50 -7.39
N VAL G 229 -13.54 -11.74 -7.85
CA VAL G 229 -14.78 -12.50 -7.76
C VAL G 229 -15.26 -12.56 -6.31
N THR G 230 -14.34 -12.86 -5.40
CA THR G 230 -14.65 -12.97 -3.98
C THR G 230 -15.21 -11.68 -3.39
N SER G 231 -14.62 -10.55 -3.77
CA SER G 231 -15.06 -9.26 -3.25
C SER G 231 -16.21 -8.65 -4.03
N GLN G 232 -16.65 -9.33 -5.09
CA GLN G 232 -17.74 -8.81 -5.91
C GLN G 232 -19.11 -9.43 -5.62
N VAL G 233 -19.12 -10.62 -5.03
CA VAL G 233 -20.39 -11.27 -4.72
C VAL G 233 -20.48 -11.71 -3.27
N ASN G 234 -21.71 -11.90 -2.79
CA ASN G 234 -21.94 -12.33 -1.40
C ASN G 234 -21.82 -13.86 -1.36
N THR G 235 -21.74 -14.46 -2.55
CA THR G 235 -21.62 -15.90 -2.68
C THR G 235 -20.24 -16.36 -2.20
N THR G 236 -20.23 -17.46 -1.46
CA THR G 236 -18.99 -18.02 -0.94
C THR G 236 -18.13 -18.51 -2.11
N ILE G 237 -16.86 -18.11 -2.12
CA ILE G 237 -15.93 -18.53 -3.17
C ILE G 237 -14.87 -19.43 -2.55
N MET G 238 -14.59 -20.54 -3.21
CA MET G 238 -13.60 -21.48 -2.70
C MET G 238 -12.44 -21.64 -3.66
N ALA G 239 -11.24 -21.68 -3.10
CA ALA G 239 -10.03 -21.87 -3.89
C ALA G 239 -9.70 -23.35 -3.91
N ASP G 240 -9.21 -23.83 -5.05
CA ASP G 240 -8.82 -25.24 -5.17
C ASP G 240 -7.45 -25.32 -5.81
N GLU G 241 -7.39 -25.21 -7.14
CA GLU G 241 -6.11 -25.27 -7.82
C GLU G 241 -5.18 -24.13 -7.41
N SER G 242 -5.75 -23.04 -6.90
CA SER G 242 -4.96 -21.89 -6.47
C SER G 242 -4.25 -22.14 -5.15
N CYS G 243 -4.56 -23.27 -4.52
CA CYS G 243 -3.93 -23.60 -3.25
C CYS G 243 -3.49 -25.07 -3.18
N PHE G 244 -2.20 -25.29 -3.30
CA PHE G 244 -1.65 -26.65 -3.24
C PHE G 244 -1.17 -26.97 -1.82
N ASP G 245 -0.31 -26.11 -1.28
CA ASP G 245 0.24 -26.34 0.05
C ASP G 245 -0.02 -25.23 1.08
N ALA G 246 0.63 -25.37 2.23
CA ALA G 246 0.50 -24.41 3.33
C ALA G 246 0.95 -23.02 2.89
N GLN G 247 2.05 -22.98 2.15
CA GLN G 247 2.58 -21.71 1.66
C GLN G 247 1.54 -21.00 0.80
N ASP G 248 0.93 -21.72 -0.13
CA ASP G 248 -0.08 -21.09 -0.97
C ASP G 248 -1.21 -20.59 -0.08
N ALA G 249 -1.54 -21.39 0.94
CA ALA G 249 -2.62 -21.04 1.85
C ALA G 249 -2.27 -19.75 2.59
N LEU G 250 -1.00 -19.62 2.95
CA LEU G 250 -0.50 -18.45 3.66
C LEU G 250 -0.71 -17.22 2.77
N GLU G 251 -0.27 -17.30 1.52
CA GLU G 251 -0.42 -16.19 0.61
C GLU G 251 -1.88 -15.83 0.43
N LEU G 252 -2.75 -16.83 0.33
CA LEU G 252 -4.18 -16.59 0.16
C LEU G 252 -4.82 -15.91 1.36
N VAL G 253 -4.41 -16.26 2.58
CA VAL G 253 -4.99 -15.63 3.75
C VAL G 253 -4.53 -14.17 3.85
N LYS G 254 -3.28 -13.90 3.48
CA LYS G 254 -2.75 -12.53 3.53
C LYS G 254 -3.43 -11.60 2.54
N LYS G 255 -3.82 -12.13 1.38
CA LYS G 255 -4.47 -11.33 0.36
C LYS G 255 -6.00 -11.35 0.48
N GLY G 256 -6.53 -12.18 1.37
CA GLY G 256 -7.97 -12.28 1.52
C GLY G 256 -8.59 -12.70 0.19
N THR G 257 -7.91 -13.59 -0.51
CA THR G 257 -8.35 -14.05 -1.83
C THR G 257 -9.68 -14.82 -1.88
N VAL G 258 -9.89 -15.77 -0.97
CA VAL G 258 -11.11 -16.57 -0.97
C VAL G 258 -11.75 -16.73 0.41
N ASP G 259 -12.96 -17.31 0.42
CA ASP G 259 -13.70 -17.52 1.66
C ASP G 259 -13.46 -18.91 2.23
N VAL G 260 -13.18 -19.87 1.35
CA VAL G 260 -12.96 -21.24 1.76
C VAL G 260 -11.92 -21.89 0.87
N ILE G 261 -11.17 -22.84 1.42
CA ILE G 261 -10.13 -23.50 0.65
C ILE G 261 -10.38 -25.01 0.57
N ASN G 262 -10.13 -25.58 -0.60
CA ASN G 262 -10.31 -27.00 -0.84
C ASN G 262 -8.97 -27.68 -0.60
N ILE G 263 -8.96 -28.66 0.31
CA ILE G 263 -7.74 -29.40 0.64
C ILE G 263 -7.75 -30.81 0.03
N LYS G 264 -6.64 -31.17 -0.60
CA LYS G 264 -6.48 -32.49 -1.21
C LYS G 264 -5.12 -33.03 -0.80
N LEU G 265 -5.09 -34.21 -0.20
CA LEU G 265 -3.83 -34.81 0.22
C LEU G 265 -2.90 -34.96 -0.96
N MET G 266 -3.49 -35.19 -2.13
CA MET G 266 -2.72 -35.35 -3.37
C MET G 266 -2.13 -34.03 -3.86
N LYS G 267 -2.62 -32.92 -3.33
CA LYS G 267 -2.10 -31.60 -3.69
C LYS G 267 -0.98 -31.18 -2.76
N CYS G 268 -1.20 -31.34 -1.46
CA CYS G 268 -0.23 -30.92 -0.45
C CYS G 268 0.87 -31.93 -0.10
N GLY G 269 0.62 -33.21 -0.34
CA GLY G 269 1.64 -34.21 -0.05
C GLY G 269 1.40 -35.02 1.22
N GLY G 270 0.13 -35.21 1.59
CA GLY G 270 -0.14 -36.00 2.78
C GLY G 270 -0.85 -35.26 3.90
N ILE G 271 -1.27 -36.04 4.89
CA ILE G 271 -1.99 -35.52 6.05
C ILE G 271 -1.17 -34.50 6.83
N HIS G 272 0.12 -34.73 6.92
CA HIS G 272 1.01 -33.83 7.66
C HIS G 272 0.95 -32.41 7.10
N GLU G 273 0.91 -32.29 5.77
CA GLU G 273 0.85 -30.97 5.14
C GLU G 273 -0.57 -30.44 5.13
N ALA G 274 -1.54 -31.35 5.03
CA ALA G 274 -2.94 -30.96 5.03
C ALA G 274 -3.29 -30.34 6.37
N LEU G 275 -2.66 -30.82 7.43
CA LEU G 275 -2.93 -30.29 8.76
C LEU G 275 -2.44 -28.84 8.84
N LYS G 276 -1.28 -28.57 8.23
CA LYS G 276 -0.74 -27.22 8.23
C LYS G 276 -1.72 -26.26 7.58
N ILE G 277 -2.24 -26.67 6.42
CA ILE G 277 -3.19 -25.86 5.68
C ILE G 277 -4.43 -25.53 6.49
N ASN G 278 -5.03 -26.53 7.10
CA ASN G 278 -6.22 -26.29 7.90
C ASN G 278 -5.94 -25.36 9.07
N GLN G 279 -4.79 -25.53 9.71
CA GLN G 279 -4.42 -24.69 10.85
C GLN G 279 -4.34 -23.23 10.43
N ILE G 280 -3.65 -23.00 9.31
CA ILE G 280 -3.48 -21.66 8.78
C ILE G 280 -4.83 -21.05 8.44
N CYS G 281 -5.70 -21.86 7.83
CA CYS G 281 -7.02 -21.37 7.46
C CYS G 281 -7.90 -21.06 8.66
N GLU G 282 -7.96 -22.00 9.58
CA GLU G 282 -8.75 -21.84 10.79
C GLU G 282 -8.38 -20.56 11.56
N THR G 283 -7.09 -20.31 11.68
CA THR G 283 -6.61 -19.13 12.40
C THR G 283 -7.04 -17.87 11.65
N ALA G 284 -7.12 -17.95 10.33
CA ALA G 284 -7.51 -16.82 9.51
C ALA G 284 -9.04 -16.75 9.35
N GLY G 285 -9.75 -17.65 10.01
CA GLY G 285 -11.21 -17.66 9.91
C GLY G 285 -11.70 -18.16 8.57
N ILE G 286 -10.92 -19.03 7.94
CA ILE G 286 -11.25 -19.62 6.65
C ILE G 286 -11.49 -21.12 6.82
N GLU G 287 -12.72 -21.56 6.58
CA GLU G 287 -13.04 -22.98 6.70
C GLU G 287 -12.45 -23.73 5.53
N CYS G 288 -12.40 -25.05 5.64
CA CYS G 288 -11.84 -25.89 4.59
C CYS G 288 -12.78 -27.02 4.20
N MET G 289 -12.65 -27.49 2.96
CA MET G 289 -13.43 -28.61 2.48
C MET G 289 -12.41 -29.62 2.00
N ILE G 290 -12.56 -30.85 2.44
CA ILE G 290 -11.64 -31.91 2.05
C ILE G 290 -12.11 -32.38 0.67
N GLY G 291 -11.16 -32.58 -0.25
CA GLY G 291 -11.53 -33.00 -1.58
C GLY G 291 -10.78 -34.25 -2.03
N CYS G 292 -10.89 -34.58 -3.31
CA CYS G 292 -10.22 -35.76 -3.84
C CYS G 292 -9.91 -35.66 -5.32
N MET G 293 -9.09 -36.60 -5.77
CA MET G 293 -8.67 -36.71 -7.17
C MET G 293 -9.35 -37.96 -7.71
N ALA G 294 -10.16 -37.81 -8.75
CA ALA G 294 -10.86 -38.94 -9.33
C ALA G 294 -9.99 -40.19 -9.46
N GLU G 295 -8.67 -40.00 -9.51
CA GLU G 295 -7.73 -41.12 -9.64
C GLU G 295 -7.35 -41.83 -8.34
N GLU G 296 -7.98 -41.48 -7.22
CA GLU G 296 -7.65 -42.17 -5.98
C GLU G 296 -8.82 -43.04 -5.53
N THR G 297 -8.50 -44.13 -4.86
CA THR G 297 -9.51 -45.09 -4.42
C THR G 297 -9.77 -45.10 -2.91
N THR G 298 -10.20 -46.27 -2.43
CA THR G 298 -10.51 -46.49 -1.02
C THR G 298 -9.50 -45.90 -0.04
N ILE G 299 -8.22 -46.23 -0.22
CA ILE G 299 -7.20 -45.71 0.69
C ILE G 299 -7.24 -44.18 0.81
N GLY G 300 -6.96 -43.51 -0.31
CA GLY G 300 -6.96 -42.06 -0.33
C GLY G 300 -8.20 -41.43 0.26
N ILE G 301 -9.36 -41.93 -0.14
CA ILE G 301 -10.62 -41.39 0.38
C ILE G 301 -10.78 -41.63 1.88
N THR G 302 -10.29 -42.78 2.34
CA THR G 302 -10.39 -43.14 3.76
C THR G 302 -9.53 -42.21 4.61
N ALA G 303 -8.27 -42.07 4.23
CA ALA G 303 -7.34 -41.20 4.94
C ALA G 303 -7.91 -39.78 5.03
N ALA G 304 -8.42 -39.30 3.91
CA ALA G 304 -9.02 -37.97 3.86
C ALA G 304 -10.25 -37.89 4.74
N ALA G 305 -11.01 -38.97 4.79
CA ALA G 305 -12.22 -39.02 5.61
C ALA G 305 -11.91 -38.93 7.10
N HIS G 306 -10.80 -39.55 7.52
CA HIS G 306 -10.38 -39.53 8.91
C HIS G 306 -9.94 -38.12 9.31
N LEU G 307 -9.14 -37.51 8.43
CA LEU G 307 -8.66 -36.15 8.66
C LEU G 307 -9.84 -35.19 8.83
N ALA G 308 -10.76 -35.22 7.87
CA ALA G 308 -11.93 -34.35 7.89
C ALA G 308 -12.78 -34.55 9.13
N ALA G 309 -12.96 -35.80 9.53
CA ALA G 309 -13.77 -36.10 10.71
C ALA G 309 -13.11 -35.56 11.99
N ALA G 310 -11.79 -35.69 12.07
CA ALA G 310 -11.03 -35.25 13.23
C ALA G 310 -10.90 -33.74 13.41
N GLN G 311 -10.83 -33.01 12.30
CA GLN G 311 -10.65 -31.56 12.31
C GLN G 311 -11.93 -30.74 12.23
N LYS G 312 -12.16 -29.92 13.23
CA LYS G 312 -13.36 -29.09 13.28
C LYS G 312 -13.50 -28.08 12.14
N ASN G 313 -12.39 -27.53 11.68
CA ASN G 313 -12.44 -26.52 10.63
C ASN G 313 -12.74 -27.04 9.23
N ILE G 314 -12.68 -28.34 9.05
CA ILE G 314 -12.99 -28.94 7.75
C ILE G 314 -14.49 -29.22 7.83
N THR G 315 -15.28 -28.19 7.55
CA THR G 315 -16.73 -28.26 7.63
C THR G 315 -17.45 -28.84 6.41
N ARG G 316 -16.72 -29.07 5.33
CA ARG G 316 -17.30 -29.62 4.11
C ARG G 316 -16.49 -30.81 3.63
N ALA G 317 -17.13 -31.68 2.86
CA ALA G 317 -16.46 -32.88 2.34
C ALA G 317 -16.91 -33.19 0.92
N ASP G 318 -15.96 -33.54 0.07
CA ASP G 318 -16.22 -33.90 -1.31
C ASP G 318 -15.40 -35.14 -1.62
N LEU G 319 -15.73 -36.23 -0.94
CA LEU G 319 -15.05 -37.51 -1.12
C LEU G 319 -16.01 -38.49 -1.78
N ASP G 320 -16.07 -38.43 -3.10
CA ASP G 320 -16.96 -39.28 -3.88
C ASP G 320 -16.21 -40.05 -4.97
N ALA G 321 -14.93 -40.31 -4.75
CA ALA G 321 -14.10 -41.03 -5.72
C ALA G 321 -14.28 -42.55 -5.70
N THR G 322 -15.15 -43.04 -4.84
CA THR G 322 -15.38 -44.48 -4.73
C THR G 322 -16.74 -44.87 -5.28
N PHE G 323 -17.63 -43.89 -5.41
CA PHE G 323 -18.97 -44.15 -5.91
C PHE G 323 -18.96 -44.44 -7.41
N GLY G 324 -17.83 -44.19 -8.06
CA GLY G 324 -17.72 -44.43 -9.49
C GLY G 324 -16.76 -45.55 -9.81
N LEU G 325 -16.32 -46.25 -8.77
CA LEU G 325 -15.40 -47.36 -8.95
C LEU G 325 -16.19 -48.64 -9.13
N GLU G 326 -15.66 -49.56 -9.94
CA GLU G 326 -16.32 -50.85 -10.18
C GLU G 326 -15.81 -51.83 -9.13
N THR G 327 -14.55 -51.67 -8.76
CA THR G 327 -13.92 -52.53 -7.78
C THR G 327 -13.12 -51.75 -6.74
N ALA G 328 -12.54 -52.47 -5.79
CA ALA G 328 -11.73 -51.89 -4.72
C ALA G 328 -10.48 -52.76 -4.56
N PRO G 329 -9.28 -52.15 -4.62
CA PRO G 329 -8.00 -52.85 -4.49
C PRO G 329 -7.62 -53.25 -3.07
N VAL G 330 -8.52 -53.01 -2.12
CA VAL G 330 -8.25 -53.34 -0.73
C VAL G 330 -9.57 -53.54 0.02
N THR G 331 -9.52 -54.28 1.12
CA THR G 331 -10.71 -54.55 1.92
C THR G 331 -10.83 -53.52 3.04
N GLY G 332 -12.06 -53.04 3.27
CA GLY G 332 -12.27 -52.06 4.32
C GLY G 332 -12.17 -50.63 3.82
N GLY G 333 -12.35 -49.70 4.75
CA GLY G 333 -12.28 -48.29 4.39
C GLY G 333 -13.62 -47.78 3.89
N VAL G 334 -13.58 -46.74 3.07
CA VAL G 334 -14.79 -46.15 2.51
C VAL G 334 -15.48 -47.13 1.58
N SER G 335 -16.80 -47.20 1.69
CA SER G 335 -17.61 -48.09 0.86
C SER G 335 -17.78 -47.52 -0.54
N LEU G 336 -17.88 -48.40 -1.53
CA LEU G 336 -18.05 -47.96 -2.91
C LEU G 336 -19.50 -47.51 -3.11
N GLU G 337 -20.33 -47.80 -2.12
CA GLU G 337 -21.74 -47.42 -2.19
C GLU G 337 -21.88 -45.91 -2.27
N ALA G 338 -22.73 -45.45 -3.19
CA ALA G 338 -22.98 -44.03 -3.36
C ALA G 338 -23.85 -43.55 -2.19
N LYS G 339 -23.19 -43.17 -1.10
CA LYS G 339 -23.89 -42.69 0.08
C LYS G 339 -23.25 -41.41 0.61
N PRO G 340 -24.07 -40.46 1.10
CA PRO G 340 -23.57 -39.18 1.63
C PRO G 340 -22.96 -39.32 3.02
N LEU G 341 -23.52 -40.22 3.82
CA LEU G 341 -23.03 -40.44 5.18
C LEU G 341 -21.92 -41.48 5.26
N LEU G 342 -20.69 -41.00 5.45
CA LEU G 342 -19.55 -41.89 5.57
C LEU G 342 -19.22 -42.05 7.06
N GLU G 343 -19.35 -43.26 7.58
CA GLU G 343 -19.06 -43.52 8.99
C GLU G 343 -17.72 -44.22 9.17
N LEU G 344 -16.98 -43.80 10.19
CA LEU G 344 -15.68 -44.40 10.48
C LEU G 344 -15.83 -45.31 11.70
N GLY G 345 -15.33 -46.54 11.57
CA GLY G 345 -15.44 -47.51 12.66
C GLY G 345 -14.43 -47.30 13.78
N GLU G 346 -14.26 -48.32 14.61
CA GLU G 346 -13.33 -48.27 15.73
C GLU G 346 -12.02 -48.96 15.39
N ALA G 347 -11.89 -49.40 14.14
CA ALA G 347 -10.67 -50.07 13.70
C ALA G 347 -9.47 -49.17 13.87
N ALA G 348 -8.31 -49.77 14.14
CA ALA G 348 -7.08 -49.02 14.32
C ALA G 348 -6.59 -48.48 12.99
N GLY G 349 -6.04 -47.26 12.99
CA GLY G 349 -5.54 -46.66 11.77
C GLY G 349 -6.63 -46.40 10.76
N LEU G 350 -6.41 -46.84 9.52
CA LEU G 350 -7.38 -46.66 8.45
C LEU G 350 -8.49 -47.70 8.48
N GLY G 351 -8.25 -48.81 9.17
CA GLY G 351 -9.23 -49.87 9.26
C GLY G 351 -9.30 -50.56 7.92
N ILE G 352 -8.16 -50.57 7.23
CA ILE G 352 -8.04 -51.18 5.92
C ILE G 352 -7.08 -52.36 5.92
N SER G 353 -7.37 -53.35 5.09
CA SER G 353 -6.57 -54.56 4.95
C SER G 353 -6.73 -55.11 3.55
N HIS G 354 -5.85 -56.04 3.15
CA HIS G 354 -5.91 -56.64 1.82
C HIS G 354 -7.33 -57.04 1.46
N MET H 1 -12.57 -43.95 25.55
CA MET H 1 -11.90 -43.24 26.68
C MET H 1 -12.74 -42.04 27.12
N LYS H 2 -13.06 -41.99 28.40
CA LYS H 2 -13.86 -40.90 28.94
C LYS H 2 -13.25 -40.34 30.21
N ILE H 3 -13.26 -39.02 30.34
CA ILE H 3 -12.72 -38.37 31.53
C ILE H 3 -13.71 -38.61 32.67
N LYS H 4 -13.21 -39.12 33.78
CA LYS H 4 -14.06 -39.40 34.94
C LYS H 4 -14.13 -38.23 35.92
N GLN H 5 -12.98 -37.74 36.33
CA GLN H 5 -12.95 -36.63 37.28
C GLN H 5 -11.73 -35.75 37.07
N VAL H 6 -11.81 -34.55 37.59
CA VAL H 6 -10.73 -33.59 37.47
C VAL H 6 -10.44 -32.97 38.84
N HIS H 7 -9.19 -33.07 39.27
CA HIS H 7 -8.80 -32.49 40.55
C HIS H 7 -7.71 -31.46 40.33
N VAL H 8 -7.70 -30.44 41.18
CA VAL H 8 -6.70 -29.39 41.08
C VAL H 8 -6.20 -28.98 42.46
N ARG H 9 -4.96 -28.53 42.52
CA ARG H 9 -4.39 -28.08 43.79
C ARG H 9 -3.39 -26.97 43.54
N ALA H 10 -3.30 -26.05 44.49
CA ALA H 10 -2.34 -24.97 44.40
C ALA H 10 -0.99 -25.55 44.75
N SER H 11 0.06 -25.07 44.10
CA SER H 11 1.41 -25.51 44.36
C SER H 11 2.25 -24.25 44.57
N LYS H 12 2.98 -24.21 45.67
CA LYS H 12 3.82 -23.05 45.96
C LYS H 12 5.21 -23.54 46.34
N ILE H 13 6.15 -23.36 45.43
CA ILE H 13 7.51 -23.81 45.63
C ILE H 13 8.48 -22.62 45.60
N LYS H 14 9.15 -22.40 46.73
CA LYS H 14 10.10 -21.31 46.87
C LYS H 14 11.28 -21.46 45.91
N LEU H 15 11.73 -20.35 45.31
CA LEU H 15 12.86 -20.41 44.40
C LEU H 15 14.14 -20.28 45.23
N LYS H 16 15.22 -20.90 44.74
CA LYS H 16 16.50 -20.85 45.45
C LYS H 16 17.13 -19.47 45.44
N GLU H 17 16.56 -18.58 44.65
CA GLU H 17 17.04 -17.20 44.56
C GLU H 17 16.05 -16.42 43.72
N THR H 18 15.78 -15.18 44.12
CA THR H 18 14.85 -14.33 43.41
C THR H 18 15.40 -14.01 42.03
N PHE H 19 14.53 -13.92 41.03
CA PHE H 19 14.95 -13.60 39.67
C PHE H 19 14.39 -12.23 39.29
N THR H 20 15.19 -11.44 38.58
CA THR H 20 14.78 -10.09 38.18
C THR H 20 14.87 -9.81 36.68
N ILE H 21 13.73 -9.45 36.08
CA ILE H 21 13.69 -9.09 34.68
C ILE H 21 13.13 -7.66 34.66
N ALA H 22 13.15 -7.01 33.50
CA ALA H 22 12.66 -5.63 33.44
C ALA H 22 11.22 -5.43 33.97
N LEU H 23 10.37 -6.45 33.83
CA LEU H 23 8.97 -6.35 34.28
C LEU H 23 8.70 -6.52 35.77
N GLY H 24 9.65 -7.08 36.50
CA GLY H 24 9.45 -7.28 37.93
C GLY H 24 10.32 -8.42 38.44
N THR H 25 9.96 -8.96 39.60
CA THR H 25 10.73 -10.04 40.19
C THR H 25 9.84 -11.19 40.67
N ILE H 26 10.44 -12.36 40.85
CA ILE H 26 9.69 -13.52 41.33
C ILE H 26 10.53 -14.26 42.36
N GLU H 27 9.89 -14.65 43.47
CA GLU H 27 10.60 -15.36 44.52
C GLU H 27 10.04 -16.76 44.78
N SER H 28 8.90 -17.06 44.17
CA SER H 28 8.27 -18.36 44.37
C SER H 28 7.53 -18.81 43.12
N ALA H 29 7.54 -20.11 42.84
CA ALA H 29 6.84 -20.65 41.68
C ALA H 29 5.45 -21.06 42.16
N ASP H 30 4.46 -20.22 41.91
CA ASP H 30 3.09 -20.51 42.33
C ASP H 30 2.28 -20.95 41.11
N SER H 31 1.86 -22.21 41.10
CA SER H 31 1.11 -22.73 39.96
C SER H 31 -0.01 -23.64 40.39
N ALA H 32 -0.91 -23.93 39.45
CA ALA H 32 -2.03 -24.81 39.70
C ALA H 32 -1.72 -26.14 39.03
N ILE H 33 -1.81 -27.22 39.79
CA ILE H 33 -1.52 -28.55 39.25
C ILE H 33 -2.82 -29.33 39.12
N VAL H 34 -3.11 -29.77 37.91
CA VAL H 34 -4.32 -30.52 37.61
C VAL H 34 -4.02 -32.00 37.46
N GLU H 35 -5.02 -32.81 37.77
CA GLU H 35 -4.89 -34.26 37.66
C GLU H 35 -6.21 -34.73 37.03
N ILE H 36 -6.12 -35.26 35.82
CA ILE H 36 -7.32 -35.74 35.13
C ILE H 36 -7.30 -37.26 35.08
N GLU H 37 -8.39 -37.86 35.52
CA GLU H 37 -8.51 -39.32 35.55
C GLU H 37 -9.66 -39.82 34.69
N THR H 38 -9.41 -40.90 33.96
CA THR H 38 -10.43 -41.49 33.07
C THR H 38 -11.27 -42.55 33.80
N GLU H 39 -12.37 -42.93 33.17
CA GLU H 39 -13.26 -43.95 33.73
C GLU H 39 -12.48 -45.24 33.97
N GLU H 40 -11.52 -45.52 33.10
CA GLU H 40 -10.74 -46.74 33.22
C GLU H 40 -9.50 -46.61 34.11
N GLY H 41 -9.37 -45.47 34.79
CA GLY H 41 -8.25 -45.30 35.71
C GLY H 41 -6.93 -44.66 35.27
N LEU H 42 -6.87 -44.12 34.06
CA LEU H 42 -5.63 -43.48 33.64
C LEU H 42 -5.60 -42.07 34.23
N VAL H 43 -4.42 -41.63 34.66
CA VAL H 43 -4.25 -40.31 35.27
C VAL H 43 -3.33 -39.40 34.47
N GLY H 44 -3.84 -38.21 34.13
CA GLY H 44 -3.05 -37.26 33.38
C GLY H 44 -2.73 -36.03 34.21
N TYR H 45 -1.50 -35.55 34.12
CA TYR H 45 -1.06 -34.38 34.88
C TYR H 45 -0.86 -33.13 34.02
N GLY H 46 -1.38 -32.01 34.51
CA GLY H 46 -1.24 -30.74 33.80
C GLY H 46 -0.85 -29.65 34.79
N GLU H 47 -0.46 -28.50 34.28
CA GLU H 47 -0.07 -27.38 35.13
C GLU H 47 -0.33 -26.01 34.52
N GLY H 48 -0.74 -25.08 35.36
CA GLY H 48 -0.99 -23.71 34.93
C GLY H 48 -0.15 -22.78 35.77
N GLY H 49 0.95 -22.29 35.20
CA GLY H 49 1.83 -21.37 35.91
C GLY H 49 1.61 -19.96 35.41
N PRO H 50 0.74 -19.18 36.06
CA PRO H 50 0.47 -17.82 35.61
C PRO H 50 1.50 -16.77 36.01
N GLY H 51 1.82 -15.88 35.06
CA GLY H 51 2.77 -14.81 35.31
C GLY H 51 2.00 -13.52 35.27
N ILE H 52 1.68 -12.98 36.44
CA ILE H 52 0.89 -11.76 36.52
C ILE H 52 1.42 -10.61 35.66
N PHE H 53 2.73 -10.45 35.55
CA PHE H 53 3.24 -9.37 34.72
C PHE H 53 3.50 -9.73 33.26
N ILE H 54 2.98 -10.87 32.83
CA ILE H 54 3.12 -11.31 31.45
C ILE H 54 1.72 -11.40 30.82
N THR H 55 0.82 -12.10 31.50
CA THR H 55 -0.54 -12.28 30.99
C THR H 55 -1.63 -11.71 31.92
N GLY H 56 -1.25 -11.34 33.13
CA GLY H 56 -2.23 -10.80 34.05
C GLY H 56 -2.96 -11.85 34.88
N GLU H 57 -2.70 -13.12 34.58
CA GLU H 57 -3.35 -14.19 35.31
C GLU H 57 -2.79 -14.35 36.71
N THR H 58 -3.63 -14.80 37.61
CA THR H 58 -3.27 -15.02 39.00
C THR H 58 -3.53 -16.49 39.33
N LEU H 59 -2.99 -16.95 40.44
CA LEU H 59 -3.21 -18.33 40.85
C LEU H 59 -4.68 -18.53 41.20
N ALA H 60 -5.27 -17.56 41.92
CA ALA H 60 -6.68 -17.68 42.30
C ALA H 60 -7.61 -17.78 41.09
N GLY H 61 -7.41 -16.91 40.11
CA GLY H 61 -8.24 -16.96 38.92
C GLY H 61 -8.03 -18.23 38.12
N THR H 62 -6.78 -18.69 38.05
CA THR H 62 -6.44 -19.90 37.30
C THR H 62 -7.08 -21.14 37.95
N LEU H 63 -6.99 -21.22 39.27
CA LEU H 63 -7.59 -22.33 40.00
C LEU H 63 -9.11 -22.33 39.78
N GLU H 64 -9.73 -21.15 39.84
CA GLU H 64 -11.18 -21.08 39.65
C GLU H 64 -11.59 -21.44 38.22
N THR H 65 -10.82 -20.99 37.24
CA THR H 65 -11.14 -21.27 35.84
C THR H 65 -10.95 -22.76 35.54
N ILE H 66 -9.88 -23.33 36.09
CA ILE H 66 -9.61 -24.76 35.88
C ILE H 66 -10.77 -25.62 36.39
N GLU H 67 -11.31 -25.29 37.56
CA GLU H 67 -12.43 -26.06 38.10
C GLU H 67 -13.61 -25.98 37.14
N LEU H 68 -13.87 -24.78 36.61
CA LEU H 68 -14.98 -24.60 35.68
C LEU H 68 -14.76 -25.49 34.46
N PHE H 69 -13.53 -25.55 33.95
CA PHE H 69 -13.23 -26.39 32.79
C PHE H 69 -13.44 -27.86 33.16
N GLY H 70 -12.96 -28.23 34.35
CA GLY H 70 -13.08 -29.60 34.83
C GLY H 70 -14.50 -30.14 34.80
N GLN H 71 -15.43 -29.39 35.36
CA GLN H 71 -16.83 -29.83 35.37
C GLN H 71 -17.36 -30.02 33.94
N ALA H 72 -16.99 -29.09 33.06
CA ALA H 72 -17.44 -29.11 31.68
C ALA H 72 -16.88 -30.22 30.79
N ILE H 73 -15.69 -30.73 31.09
CA ILE H 73 -15.12 -31.77 30.24
C ILE H 73 -15.31 -33.22 30.74
N ILE H 74 -16.04 -33.38 31.84
CA ILE H 74 -16.29 -34.72 32.34
C ILE H 74 -17.11 -35.47 31.30
N GLY H 75 -16.69 -36.69 30.99
CA GLY H 75 -17.41 -37.48 30.01
C GLY H 75 -16.80 -37.40 28.63
N LEU H 76 -16.04 -36.34 28.36
CA LEU H 76 -15.41 -36.17 27.05
C LEU H 76 -14.17 -37.04 26.90
N ASN H 77 -13.83 -37.34 25.64
CA ASN H 77 -12.66 -38.15 25.32
C ASN H 77 -11.47 -37.21 25.20
N PRO H 78 -10.39 -37.48 25.95
CA PRO H 78 -9.17 -36.66 25.93
C PRO H 78 -8.63 -36.47 24.52
N PHE H 79 -8.87 -37.46 23.66
CA PHE H 79 -8.38 -37.39 22.29
C PHE H 79 -9.12 -36.34 21.47
N ASN H 80 -10.31 -35.96 21.93
CA ASN H 80 -11.09 -34.96 21.24
C ASN H 80 -10.62 -33.59 21.75
N ILE H 81 -9.33 -33.31 21.52
CA ILE H 81 -8.71 -32.07 21.96
C ILE H 81 -9.35 -30.87 21.26
N GLU H 82 -9.89 -31.11 20.06
CA GLU H 82 -10.56 -30.07 19.30
C GLU H 82 -11.75 -29.58 20.11
N LYS H 83 -12.56 -30.51 20.60
CA LYS H 83 -13.73 -30.14 21.41
C LYS H 83 -13.30 -29.65 22.79
N ILE H 84 -12.24 -30.23 23.34
CA ILE H 84 -11.75 -29.82 24.65
C ILE H 84 -11.49 -28.31 24.61
N HIS H 85 -10.77 -27.85 23.59
CA HIS H 85 -10.47 -26.43 23.48
C HIS H 85 -11.69 -25.60 23.12
N GLU H 86 -12.59 -26.18 22.34
CA GLU H 86 -13.81 -25.49 21.95
C GLU H 86 -14.62 -25.19 23.21
N VAL H 87 -14.67 -26.16 24.11
CA VAL H 87 -15.40 -26.04 25.36
C VAL H 87 -14.76 -25.03 26.31
N MET H 88 -13.44 -25.01 26.37
CA MET H 88 -12.76 -24.08 27.27
C MET H 88 -12.87 -22.66 26.72
N ASP H 89 -12.82 -22.51 25.40
CA ASP H 89 -12.94 -21.20 24.79
C ASP H 89 -14.34 -20.63 24.96
N LYS H 90 -15.35 -21.49 25.01
CA LYS H 90 -16.72 -21.02 25.18
C LYS H 90 -16.90 -20.49 26.60
N ILE H 91 -16.28 -21.17 27.56
CA ILE H 91 -16.37 -20.79 28.96
C ILE H 91 -15.57 -19.52 29.26
N SER H 92 -14.33 -19.47 28.82
CA SER H 92 -13.48 -18.32 29.08
C SER H 92 -12.85 -17.68 27.85
N ALA H 93 -13.01 -16.36 27.74
CA ALA H 93 -12.46 -15.60 26.63
C ALA H 93 -10.93 -15.51 26.72
N PHE H 94 -10.39 -15.61 27.93
CA PHE H 94 -8.94 -15.53 28.11
C PHE H 94 -8.46 -16.12 29.43
N ALA H 95 -7.65 -17.17 29.34
CA ALA H 95 -7.10 -17.85 30.52
C ALA H 95 -6.14 -18.93 30.04
N PRO H 96 -5.11 -18.54 29.27
CA PRO H 96 -4.12 -19.50 28.74
C PRO H 96 -3.48 -20.47 29.74
N ALA H 97 -3.22 -20.02 30.97
CA ALA H 97 -2.62 -20.89 31.98
C ALA H 97 -3.59 -21.99 32.39
N ALA H 98 -4.85 -21.62 32.61
CA ALA H 98 -5.86 -22.61 32.99
C ALA H 98 -6.12 -23.56 31.82
N LYS H 99 -6.19 -23.01 30.61
CA LYS H 99 -6.44 -23.84 29.44
C LYS H 99 -5.25 -24.77 29.22
N ALA H 100 -4.04 -24.25 29.43
CA ALA H 100 -2.84 -25.07 29.26
C ALA H 100 -2.87 -26.22 30.28
N ALA H 101 -3.32 -25.95 31.50
CA ALA H 101 -3.39 -26.98 32.54
C ALA H 101 -4.19 -28.19 32.04
N ILE H 102 -5.41 -27.94 31.59
CA ILE H 102 -6.26 -29.00 31.07
C ILE H 102 -5.63 -29.67 29.85
N ASP H 103 -5.19 -28.84 28.89
CA ASP H 103 -4.56 -29.29 27.66
C ASP H 103 -3.42 -30.27 27.90
N ILE H 104 -2.43 -29.86 28.70
CA ILE H 104 -1.28 -30.72 28.99
C ILE H 104 -1.69 -32.06 29.58
N ALA H 105 -2.65 -32.04 30.50
CA ALA H 105 -3.10 -33.27 31.14
C ALA H 105 -3.75 -34.19 30.11
N CYS H 106 -4.49 -33.60 29.17
CA CYS H 106 -5.14 -34.38 28.13
C CYS H 106 -4.10 -35.04 27.21
N TYR H 107 -3.00 -34.34 26.96
CA TYR H 107 -1.95 -34.92 26.11
C TYR H 107 -1.21 -36.02 26.87
N ASP H 108 -1.16 -35.88 28.20
CA ASP H 108 -0.51 -36.89 29.03
C ASP H 108 -1.37 -38.16 28.88
N LEU H 109 -2.68 -38.01 29.05
CA LEU H 109 -3.61 -39.12 28.93
C LEU H 109 -3.54 -39.75 27.54
N MET H 110 -3.51 -38.93 26.50
CA MET H 110 -3.42 -39.44 25.14
C MET H 110 -2.19 -40.33 25.04
N GLY H 111 -1.05 -39.78 25.46
CA GLY H 111 0.21 -40.52 25.40
C GLY H 111 0.18 -41.82 26.19
N GLN H 112 -0.70 -41.87 27.19
CA GLN H 112 -0.79 -43.06 28.02
C GLN H 112 -1.75 -44.08 27.44
N LYS H 113 -2.75 -43.63 26.70
CA LYS H 113 -3.70 -44.54 26.07
C LYS H 113 -2.98 -45.24 24.93
N ALA H 114 -2.27 -44.46 24.13
CA ALA H 114 -1.52 -45.00 22.99
C ALA H 114 -0.23 -45.68 23.45
N GLN H 115 0.06 -45.59 24.75
CA GLN H 115 1.26 -46.20 25.31
C GLN H 115 2.50 -45.75 24.53
N LEU H 116 2.70 -44.45 24.47
CA LEU H 116 3.83 -43.87 23.74
C LEU H 116 4.30 -42.59 24.42
N PRO H 117 5.60 -42.27 24.29
CA PRO H 117 6.12 -41.05 24.91
C PRO H 117 5.47 -39.89 24.16
N LEU H 118 5.03 -38.86 24.88
CA LEU H 118 4.37 -37.71 24.26
C LEU H 118 5.07 -37.16 23.01
N TYR H 119 6.40 -37.11 23.03
CA TYR H 119 7.14 -36.58 21.89
C TYR H 119 6.94 -37.36 20.59
N GLN H 120 6.57 -38.63 20.69
CA GLN H 120 6.35 -39.45 19.50
C GLN H 120 5.01 -39.08 18.87
N LEU H 121 4.02 -38.81 19.71
CA LEU H 121 2.70 -38.41 19.23
C LEU H 121 2.70 -36.99 18.67
N LEU H 122 3.66 -36.18 19.09
CA LEU H 122 3.73 -34.79 18.66
C LEU H 122 4.64 -34.49 17.46
N GLY H 123 5.24 -35.52 16.86
CA GLY H 123 6.10 -35.29 15.72
C GLY H 123 7.29 -36.22 15.66
N GLY H 124 7.76 -36.64 16.82
CA GLY H 124 8.88 -37.57 16.92
C GLY H 124 10.18 -37.22 16.24
N TYR H 125 10.47 -35.94 16.04
CA TYR H 125 11.72 -35.54 15.39
C TYR H 125 12.94 -35.83 16.27
N ASP H 126 12.72 -35.91 17.58
CA ASP H 126 13.82 -36.18 18.50
C ASP H 126 13.24 -36.65 19.83
N ASN H 127 14.12 -37.08 20.75
CA ASN H 127 13.70 -37.57 22.05
C ASN H 127 14.41 -36.83 23.17
N GLN H 128 15.01 -35.69 22.84
CA GLN H 128 15.72 -34.88 23.81
C GLN H 128 15.75 -33.42 23.34
N VAL H 129 16.12 -32.54 24.25
CA VAL H 129 16.21 -31.12 23.94
C VAL H 129 17.34 -30.49 24.74
N ILE H 130 18.06 -29.58 24.10
CA ILE H 130 19.15 -28.87 24.75
C ILE H 130 18.63 -27.48 25.06
N THR H 131 18.75 -27.06 26.31
CA THR H 131 18.26 -25.75 26.71
C THR H 131 19.32 -24.80 27.19
N ASP H 132 19.06 -23.50 27.04
CA ASP H 132 19.99 -22.49 27.51
C ASP H 132 19.64 -22.34 28.98
N ILE H 133 20.26 -21.37 29.63
CA ILE H 133 19.94 -21.07 31.02
C ILE H 133 19.93 -19.54 31.07
N THR H 134 18.94 -19.00 31.77
CA THR H 134 18.81 -17.55 31.87
C THR H 134 19.54 -16.97 33.07
N LEU H 135 20.07 -15.76 32.90
CA LEU H 135 20.76 -15.03 33.95
C LEU H 135 19.91 -13.78 34.24
N GLY H 136 19.47 -13.64 35.48
CA GLY H 136 18.66 -12.50 35.86
C GLY H 136 19.46 -11.21 35.91
N ILE H 137 18.76 -10.08 35.80
CA ILE H 137 19.42 -8.79 35.84
C ILE H 137 20.17 -8.57 37.15
N ASP H 138 21.40 -8.07 37.04
CA ASP H 138 22.23 -7.79 38.20
C ASP H 138 23.42 -6.97 37.73
N GLU H 139 24.33 -6.64 38.65
CA GLU H 139 25.51 -5.88 38.28
C GLU H 139 26.31 -6.65 37.23
N PRO H 140 26.95 -5.94 36.29
CA PRO H 140 27.74 -6.59 35.24
C PRO H 140 28.71 -7.63 35.78
N ASN H 141 29.50 -7.25 36.77
CA ASN H 141 30.46 -8.17 37.35
C ASN H 141 29.78 -9.36 38.02
N VAL H 142 28.60 -9.13 38.59
CA VAL H 142 27.85 -10.19 39.24
C VAL H 142 27.31 -11.19 38.22
N MET H 143 26.84 -10.68 37.08
CA MET H 143 26.30 -11.54 36.03
C MET H 143 27.44 -12.28 35.33
N ALA H 144 28.55 -11.57 35.12
CA ALA H 144 29.71 -12.17 34.47
C ALA H 144 30.14 -13.41 35.25
N GLN H 145 30.20 -13.28 36.57
CA GLN H 145 30.58 -14.39 37.43
C GLN H 145 29.67 -15.61 37.26
N LYS H 146 28.38 -15.43 37.50
CA LYS H 146 27.41 -16.51 37.37
C LYS H 146 27.44 -17.17 36.00
N ALA H 147 27.78 -16.42 34.97
CA ALA H 147 27.86 -16.96 33.62
C ALA H 147 28.90 -18.08 33.61
N VAL H 148 30.07 -17.80 34.18
CA VAL H 148 31.15 -18.77 34.24
C VAL H 148 30.70 -19.99 35.04
N GLU H 149 29.89 -19.75 36.07
CA GLU H 149 29.39 -20.84 36.90
C GLU H 149 28.50 -21.76 36.06
N LYS H 150 27.58 -21.17 35.30
CA LYS H 150 26.69 -21.97 34.46
C LYS H 150 27.44 -22.67 33.33
N VAL H 151 28.39 -21.98 32.71
CA VAL H 151 29.17 -22.58 31.64
C VAL H 151 29.92 -23.78 32.19
N LYS H 152 30.35 -23.67 33.44
CA LYS H 152 31.08 -24.74 34.10
C LYS H 152 30.15 -25.95 34.18
N LEU H 153 28.86 -25.68 34.35
CA LEU H 153 27.86 -26.73 34.44
C LEU H 153 27.55 -27.37 33.09
N GLY H 154 28.19 -26.84 32.03
CA GLY H 154 27.99 -27.40 30.71
C GLY H 154 27.10 -26.59 29.78
N PHE H 155 26.68 -25.40 30.21
CA PHE H 155 25.81 -24.56 29.39
C PHE H 155 26.63 -23.81 28.34
N ASP H 156 26.29 -24.05 27.07
CA ASP H 156 26.98 -23.42 25.95
C ASP H 156 26.21 -22.21 25.41
N THR H 157 24.98 -22.05 25.86
CA THR H 157 24.14 -20.93 25.44
C THR H 157 23.55 -20.27 26.69
N LEU H 158 23.68 -18.96 26.78
CA LEU H 158 23.17 -18.22 27.94
C LEU H 158 22.18 -17.15 27.52
N LYS H 159 21.10 -17.05 28.29
CA LYS H 159 20.07 -16.04 28.03
C LYS H 159 20.36 -14.90 29.00
N ILE H 160 20.67 -13.73 28.46
CA ILE H 160 21.00 -12.59 29.30
C ILE H 160 19.87 -11.57 29.39
N LYS H 161 19.37 -11.36 30.61
CA LYS H 161 18.30 -10.39 30.84
C LYS H 161 18.92 -9.01 31.00
N VAL H 162 18.27 -8.02 30.37
CA VAL H 162 18.72 -6.62 30.44
C VAL H 162 17.44 -5.76 30.51
N GLY H 163 17.61 -4.46 30.77
CA GLY H 163 16.43 -3.60 30.83
C GLY H 163 16.41 -2.40 31.76
N THR H 164 17.51 -2.10 32.44
CA THR H 164 17.52 -0.95 33.35
C THR H 164 17.99 0.31 32.65
N GLY H 165 18.53 0.15 31.45
CA GLY H 165 19.03 1.28 30.69
C GLY H 165 20.12 0.81 29.74
N ILE H 166 20.02 1.21 28.47
CA ILE H 166 20.99 0.80 27.47
C ILE H 166 22.44 0.87 27.95
N GLU H 167 22.79 1.96 28.63
CA GLU H 167 24.14 2.14 29.13
C GLU H 167 24.59 0.96 30.00
N ALA H 168 23.82 0.68 31.05
CA ALA H 168 24.15 -0.42 31.95
C ALA H 168 23.92 -1.78 31.30
N ASP H 169 22.92 -1.86 30.42
CA ASP H 169 22.62 -3.11 29.74
C ASP H 169 23.79 -3.55 28.88
N ILE H 170 24.44 -2.57 28.24
CA ILE H 170 25.58 -2.88 27.39
C ILE H 170 26.77 -3.35 28.24
N ALA H 171 27.01 -2.67 29.36
CA ALA H 171 28.10 -3.03 30.25
C ALA H 171 27.94 -4.46 30.76
N ARG H 172 26.70 -4.86 31.00
CA ARG H 172 26.41 -6.21 31.47
C ARG H 172 26.84 -7.22 30.42
N VAL H 173 26.44 -6.96 29.17
CA VAL H 173 26.79 -7.85 28.06
C VAL H 173 28.28 -7.93 27.82
N LYS H 174 28.95 -6.78 27.84
CA LYS H 174 30.39 -6.74 27.61
C LYS H 174 31.16 -7.50 28.69
N ALA H 175 30.76 -7.32 29.95
CA ALA H 175 31.42 -8.00 31.07
C ALA H 175 31.27 -9.51 30.94
N ILE H 176 30.07 -9.97 30.63
CA ILE H 176 29.80 -11.40 30.51
C ILE H 176 30.56 -12.00 29.33
N ARG H 177 30.63 -11.27 28.23
CA ARG H 177 31.34 -11.76 27.04
C ARG H 177 32.83 -11.85 27.32
N GLU H 178 33.37 -10.81 27.96
CA GLU H 178 34.79 -10.75 28.29
C GLU H 178 35.20 -11.88 29.24
N ALA H 179 34.24 -12.38 30.00
CA ALA H 179 34.51 -13.44 30.97
C ALA H 179 34.33 -14.87 30.49
N VAL H 180 33.47 -15.10 29.50
CA VAL H 180 33.24 -16.46 29.01
C VAL H 180 33.87 -16.82 27.66
N GLY H 181 34.30 -15.81 26.91
CA GLY H 181 34.90 -16.10 25.62
C GLY H 181 33.86 -16.17 24.51
N PHE H 182 34.31 -16.25 23.27
CA PHE H 182 33.42 -16.30 22.12
C PHE H 182 32.90 -17.67 21.74
N ASP H 183 33.12 -18.67 22.60
CA ASP H 183 32.64 -20.01 22.32
C ASP H 183 31.21 -20.14 22.84
N ILE H 184 30.89 -19.35 23.86
CA ILE H 184 29.56 -19.38 24.46
C ILE H 184 28.61 -18.48 23.68
N LYS H 185 27.48 -19.05 23.25
CA LYS H 185 26.49 -18.29 22.49
C LYS H 185 25.65 -17.46 23.46
N LEU H 186 25.46 -16.19 23.15
CA LEU H 186 24.70 -15.29 24.00
C LEU H 186 23.47 -14.71 23.31
N ARG H 187 22.33 -14.80 23.98
CA ARG H 187 21.09 -14.24 23.46
C ARG H 187 20.55 -13.30 24.54
N LEU H 188 20.14 -12.10 24.13
CA LEU H 188 19.64 -11.11 25.07
C LEU H 188 18.12 -11.07 25.07
N ASP H 189 17.55 -10.61 26.18
CA ASP H 189 16.10 -10.49 26.32
C ASP H 189 15.84 -9.23 27.15
N ALA H 190 15.36 -8.17 26.50
CA ALA H 190 15.09 -6.91 27.18
C ALA H 190 13.70 -6.84 27.83
N ASN H 191 12.86 -7.83 27.52
CA ASN H 191 11.50 -7.86 28.05
C ASN H 191 10.79 -6.52 27.88
N GLN H 192 10.81 -5.98 26.67
CA GLN H 192 10.11 -4.74 26.33
C GLN H 192 10.68 -3.44 26.90
N ALA H 193 11.87 -3.49 27.47
CA ALA H 193 12.46 -2.30 28.09
C ALA H 193 12.89 -1.14 27.21
N TRP H 194 13.18 -1.38 25.93
CA TRP H 194 13.67 -0.31 25.09
C TRP H 194 12.73 0.33 24.08
N THR H 195 13.08 1.56 23.65
CA THR H 195 12.33 2.26 22.62
C THR H 195 12.98 1.73 21.35
N PRO H 196 12.29 1.82 20.21
CA PRO H 196 12.86 1.32 18.95
C PRO H 196 14.28 1.85 18.64
N LYS H 197 14.43 3.16 18.56
CA LYS H 197 15.75 3.71 18.24
C LYS H 197 16.83 3.35 19.26
N ASP H 198 16.47 3.34 20.54
CA ASP H 198 17.42 2.97 21.58
C ASP H 198 17.80 1.50 21.42
N ALA H 199 16.83 0.67 21.03
CA ALA H 199 17.08 -0.75 20.83
C ALA H 199 18.08 -0.92 19.68
N VAL H 200 17.93 -0.10 18.64
CA VAL H 200 18.85 -0.18 17.51
C VAL H 200 20.24 0.22 17.97
N LYS H 201 20.32 1.36 18.65
CA LYS H 201 21.60 1.85 19.13
C LYS H 201 22.30 0.81 20.01
N ALA H 202 21.57 0.26 20.98
CA ALA H 202 22.14 -0.74 21.87
C ALA H 202 22.65 -1.95 21.09
N ILE H 203 21.83 -2.47 20.19
CA ILE H 203 22.21 -3.63 19.39
C ILE H 203 23.47 -3.39 18.56
N GLN H 204 23.56 -2.22 17.96
CA GLN H 204 24.73 -1.89 17.13
C GLN H 204 25.96 -1.81 18.02
N ALA H 205 25.77 -1.26 19.22
CA ALA H 205 26.87 -1.13 20.18
C ALA H 205 27.42 -2.51 20.53
N LEU H 206 26.55 -3.51 20.50
CA LEU H 206 26.97 -4.87 20.81
C LEU H 206 27.47 -5.63 19.59
N ALA H 207 27.72 -4.90 18.50
CA ALA H 207 28.20 -5.50 17.27
C ALA H 207 29.41 -6.39 17.50
N ASP H 208 30.43 -5.84 18.15
CA ASP H 208 31.66 -6.57 18.42
C ASP H 208 31.54 -7.47 19.64
N TYR H 209 30.38 -8.09 19.83
CA TYR H 209 30.18 -8.96 20.97
C TYR H 209 29.47 -10.26 20.59
N GLN H 210 29.28 -10.44 19.30
CA GLN H 210 28.66 -11.66 18.78
C GLN H 210 27.38 -12.07 19.52
N ILE H 211 26.32 -11.30 19.33
CA ILE H 211 25.03 -11.59 19.97
C ILE H 211 24.20 -12.45 19.04
N GLU H 212 23.83 -13.65 19.48
CA GLU H 212 23.02 -14.54 18.66
C GLU H 212 21.71 -13.87 18.25
N LEU H 213 20.99 -13.37 19.25
CA LEU H 213 19.70 -12.73 19.00
C LEU H 213 19.28 -11.86 20.17
N VAL H 214 18.27 -11.03 19.91
CA VAL H 214 17.72 -10.14 20.91
C VAL H 214 16.23 -10.43 21.00
N GLU H 215 15.75 -10.65 22.23
CA GLU H 215 14.36 -10.98 22.47
C GLU H 215 13.53 -9.78 22.92
N GLN H 216 12.37 -9.62 22.28
CA GLN H 216 11.40 -8.55 22.58
C GLN H 216 12.03 -7.27 23.14
N PRO H 217 12.70 -6.49 22.29
CA PRO H 217 13.34 -5.22 22.71
C PRO H 217 12.36 -4.09 23.02
N VAL H 218 11.20 -4.09 22.38
CA VAL H 218 10.20 -3.05 22.58
C VAL H 218 8.89 -3.56 23.16
N LYS H 219 8.03 -2.62 23.59
CA LYS H 219 6.73 -2.95 24.16
C LYS H 219 5.95 -3.93 23.28
N ARG H 220 5.22 -4.83 23.92
CA ARG H 220 4.44 -5.85 23.21
C ARG H 220 3.46 -5.33 22.16
N ARG H 221 2.84 -4.19 22.41
CA ARG H 221 1.86 -3.66 21.46
C ARG H 221 2.45 -2.80 20.34
N ASP H 222 3.74 -2.46 20.44
CA ASP H 222 4.38 -1.64 19.42
C ASP H 222 4.98 -2.47 18.29
N LEU H 223 4.11 -3.06 17.47
CA LEU H 223 4.52 -3.91 16.37
C LEU H 223 5.29 -3.16 15.30
N GLU H 224 4.95 -1.88 15.09
CA GLU H 224 5.66 -1.10 14.10
C GLU H 224 7.08 -0.87 14.59
N GLY H 225 7.22 -0.65 15.89
CA GLY H 225 8.53 -0.42 16.46
C GLY H 225 9.36 -1.69 16.47
N LEU H 226 8.72 -2.82 16.70
CA LEU H 226 9.42 -4.10 16.71
C LEU H 226 9.89 -4.39 15.30
N LYS H 227 9.03 -4.13 14.30
CA LYS H 227 9.42 -4.36 12.92
C LYS H 227 10.58 -3.45 12.53
N TYR H 228 10.56 -2.22 13.05
CA TYR H 228 11.62 -1.26 12.77
C TYR H 228 12.97 -1.80 13.26
N VAL H 229 13.00 -2.26 14.49
CA VAL H 229 14.24 -2.80 15.05
C VAL H 229 14.73 -3.95 14.20
N THR H 230 13.84 -4.85 13.84
CA THR H 230 14.19 -6.00 13.01
C THR H 230 14.73 -5.54 11.65
N SER H 231 14.15 -4.46 11.12
CA SER H 231 14.56 -3.95 9.81
C SER H 231 15.85 -3.12 9.84
N GLN H 232 16.24 -2.65 11.02
CA GLN H 232 17.44 -1.82 11.14
C GLN H 232 18.71 -2.54 11.54
N VAL H 233 18.62 -3.81 11.91
CA VAL H 233 19.81 -4.53 12.33
C VAL H 233 19.94 -5.90 11.70
N ASN H 234 21.17 -6.37 11.54
CA ASN H 234 21.43 -7.66 10.94
C ASN H 234 21.29 -8.73 12.02
N THR H 235 21.15 -8.29 13.26
CA THR H 235 20.99 -9.21 14.37
C THR H 235 19.59 -9.81 14.35
N THR H 236 19.50 -11.06 14.77
CA THR H 236 18.24 -11.77 14.80
C THR H 236 17.36 -11.20 15.90
N ILE H 237 16.09 -10.95 15.57
CA ILE H 237 15.16 -10.39 16.54
C ILE H 237 14.01 -11.37 16.78
N MET H 238 13.74 -11.62 18.06
CA MET H 238 12.70 -12.54 18.45
C MET H 238 11.56 -11.87 19.18
N ALA H 239 10.34 -12.31 18.87
CA ALA H 239 9.16 -11.81 19.52
C ALA H 239 8.80 -12.76 20.65
N ASP H 240 8.42 -12.21 21.80
CA ASP H 240 8.00 -13.02 22.94
C ASP H 240 6.63 -12.49 23.35
N GLU H 241 6.60 -11.45 24.18
CA GLU H 241 5.32 -10.91 24.64
C GLU H 241 4.42 -10.47 23.48
N SER H 242 5.00 -10.15 22.33
CA SER H 242 4.24 -9.73 21.16
C SER H 242 3.48 -10.88 20.49
N CYS H 243 3.79 -12.11 20.85
CA CYS H 243 3.11 -13.26 20.27
C CYS H 243 2.64 -14.25 21.33
N PHE H 244 1.36 -14.21 21.63
CA PHE H 244 0.78 -15.12 22.61
C PHE H 244 0.25 -16.36 21.91
N ASP H 245 -0.60 -16.14 20.90
CA ASP H 245 -1.25 -17.23 20.16
C ASP H 245 -1.05 -17.26 18.65
N ALA H 246 -1.70 -18.21 18.00
CA ALA H 246 -1.61 -18.40 16.55
C ALA H 246 -2.05 -17.17 15.76
N GLN H 247 -3.10 -16.49 16.24
CA GLN H 247 -3.56 -15.28 15.55
C GLN H 247 -2.46 -14.23 15.55
N ASP H 248 -1.82 -14.03 16.71
CA ASP H 248 -0.73 -13.05 16.79
C ASP H 248 0.37 -13.46 15.82
N ALA H 249 0.67 -14.76 15.81
CA ALA H 249 1.70 -15.30 14.95
C ALA H 249 1.38 -15.00 13.48
N LEU H 250 0.12 -15.16 13.13
CA LEU H 250 -0.30 -14.91 11.76
C LEU H 250 -0.08 -13.42 11.44
N GLU H 251 -0.41 -12.55 12.39
CA GLU H 251 -0.21 -11.13 12.17
C GLU H 251 1.27 -10.76 12.01
N LEU H 252 2.12 -11.36 12.84
CA LEU H 252 3.55 -11.09 12.79
C LEU H 252 4.16 -11.61 11.48
N VAL H 253 3.69 -12.76 11.00
CA VAL H 253 4.21 -13.32 9.75
C VAL H 253 3.75 -12.46 8.58
N LYS H 254 2.53 -11.95 8.64
CA LYS H 254 2.00 -11.11 7.57
C LYS H 254 2.80 -9.83 7.41
N LYS H 255 3.20 -9.27 8.55
CA LYS H 255 3.95 -8.01 8.58
C LYS H 255 5.46 -8.12 8.55
N GLY H 256 5.99 -9.33 8.69
CA GLY H 256 7.44 -9.51 8.68
C GLY H 256 8.07 -8.78 9.86
N THR H 257 7.38 -8.83 10.99
CA THR H 257 7.81 -8.15 12.21
C THR H 257 9.09 -8.64 12.87
N VAL H 258 9.28 -9.94 12.95
CA VAL H 258 10.47 -10.49 13.60
C VAL H 258 11.08 -11.62 12.78
N ASP H 259 12.22 -12.12 13.25
CA ASP H 259 12.93 -13.22 12.60
C ASP H 259 12.57 -14.56 13.26
N VAL H 260 12.37 -14.52 14.57
CA VAL H 260 12.05 -15.72 15.34
C VAL H 260 10.93 -15.40 16.33
N ILE H 261 10.20 -16.43 16.77
CA ILE H 261 9.11 -16.28 17.73
C ILE H 261 9.25 -17.27 18.90
N ASN H 262 9.02 -16.75 20.10
CA ASN H 262 9.09 -17.52 21.33
C ASN H 262 7.71 -18.10 21.62
N ILE H 263 7.64 -19.42 21.80
CA ILE H 263 6.40 -20.10 22.11
C ILE H 263 6.39 -20.51 23.58
N LYS H 264 5.27 -20.26 24.27
CA LYS H 264 5.13 -20.62 25.67
C LYS H 264 3.76 -21.24 25.85
N LEU H 265 3.71 -22.48 26.33
CA LEU H 265 2.42 -23.12 26.52
C LEU H 265 1.51 -22.25 27.38
N MET H 266 2.09 -21.55 28.35
CA MET H 266 1.32 -20.69 29.25
C MET H 266 0.81 -19.41 28.58
N LYS H 267 1.36 -19.06 27.43
CA LYS H 267 0.92 -17.88 26.69
C LYS H 267 -0.20 -18.24 25.72
N CYS H 268 -0.11 -19.44 25.13
CA CYS H 268 -1.09 -19.87 24.13
C CYS H 268 -2.25 -20.76 24.54
N GLY H 269 -2.20 -21.34 25.73
CA GLY H 269 -3.32 -22.17 26.15
C GLY H 269 -3.09 -23.67 25.98
N GLY H 270 -1.85 -24.07 25.74
CA GLY H 270 -1.58 -25.49 25.61
C GLY H 270 -0.81 -25.95 24.38
N ILE H 271 -0.56 -27.26 24.34
CA ILE H 271 0.15 -27.87 23.23
C ILE H 271 -0.65 -27.77 21.94
N HIS H 272 -1.97 -27.85 22.03
CA HIS H 272 -2.80 -27.78 20.83
C HIS H 272 -2.63 -26.44 20.10
N GLU H 273 -2.56 -25.37 20.88
CA GLU H 273 -2.39 -24.02 20.33
C GLU H 273 -0.93 -23.75 19.95
N ALA H 274 -0.01 -24.31 20.71
CA ALA H 274 1.41 -24.13 20.43
C ALA H 274 1.73 -24.71 19.06
N LEU H 275 1.13 -25.85 18.76
CA LEU H 275 1.32 -26.50 17.47
C LEU H 275 0.89 -25.58 16.34
N LYS H 276 -0.23 -24.89 16.50
CA LYS H 276 -0.71 -23.97 15.46
C LYS H 276 0.36 -22.91 15.17
N ILE H 277 0.89 -22.33 16.25
CA ILE H 277 1.92 -21.30 16.15
C ILE H 277 3.13 -21.77 15.37
N ASN H 278 3.68 -22.92 15.76
CA ASN H 278 4.86 -23.45 15.09
C ASN H 278 4.61 -23.74 13.60
N GLN H 279 3.43 -24.28 13.28
CA GLN H 279 3.09 -24.58 11.89
C GLN H 279 3.09 -23.28 11.08
N ILE H 280 2.40 -22.28 11.62
CA ILE H 280 2.31 -20.97 10.98
C ILE H 280 3.71 -20.42 10.76
N CYS H 281 4.55 -20.47 11.79
CA CYS H 281 5.91 -19.96 11.66
C CYS H 281 6.72 -20.76 10.66
N GLU H 282 6.69 -22.08 10.80
CA GLU H 282 7.44 -22.95 9.90
C GLU H 282 7.09 -22.64 8.45
N THR H 283 5.81 -22.51 8.17
CA THR H 283 5.33 -22.22 6.82
C THR H 283 5.89 -20.88 6.31
N ALA H 284 6.07 -19.92 7.22
CA ALA H 284 6.61 -18.61 6.85
C ALA H 284 8.13 -18.57 6.91
N GLY H 285 8.75 -19.67 7.31
CA GLY H 285 10.20 -19.69 7.39
C GLY H 285 10.76 -19.06 8.66
N ILE H 286 9.93 -19.00 9.69
CA ILE H 286 10.32 -18.42 10.97
C ILE H 286 10.51 -19.52 12.00
N GLU H 287 11.72 -19.69 12.50
CA GLU H 287 11.98 -20.73 13.50
C GLU H 287 11.39 -20.30 14.84
N CYS H 288 11.19 -21.26 15.73
CA CYS H 288 10.62 -20.97 17.03
C CYS H 288 11.50 -21.45 18.18
N MET H 289 11.30 -20.85 19.34
CA MET H 289 12.03 -21.23 20.53
C MET H 289 10.98 -21.53 21.59
N ILE H 290 11.11 -22.67 22.25
CA ILE H 290 10.16 -23.00 23.28
C ILE H 290 10.65 -22.26 24.54
N GLY H 291 9.74 -21.61 25.26
CA GLY H 291 10.11 -20.89 26.45
C GLY H 291 9.27 -21.30 27.63
N CYS H 292 9.41 -20.60 28.75
CA CYS H 292 8.65 -20.94 29.95
C CYS H 292 8.51 -19.77 30.91
N MET H 293 7.58 -19.92 31.86
CA MET H 293 7.33 -18.92 32.89
C MET H 293 8.11 -19.38 34.13
N ALA H 294 8.50 -18.42 34.97
CA ALA H 294 9.25 -18.79 36.18
C ALA H 294 8.32 -19.48 37.17
N GLU H 295 7.02 -19.27 37.01
CA GLU H 295 6.02 -19.85 37.90
C GLU H 295 5.70 -21.32 37.63
N GLU H 296 6.15 -21.85 36.48
CA GLU H 296 5.86 -23.26 36.20
C GLU H 296 6.96 -24.19 36.70
N THR H 297 6.60 -25.46 36.85
CA THR H 297 7.54 -26.42 37.38
C THR H 297 7.74 -27.65 36.49
N THR H 298 7.91 -28.81 37.11
CA THR H 298 8.14 -30.06 36.39
C THR H 298 7.14 -30.38 35.29
N ILE H 299 5.86 -30.27 35.58
CA ILE H 299 4.83 -30.59 34.60
C ILE H 299 4.85 -29.70 33.35
N GLY H 300 4.86 -28.38 33.56
CA GLY H 300 4.86 -27.45 32.43
C GLY H 300 6.09 -27.61 31.56
N ILE H 301 7.25 -27.67 32.21
CA ILE H 301 8.51 -27.80 31.50
C ILE H 301 8.61 -29.12 30.74
N THR H 302 8.21 -30.22 31.39
CA THR H 302 8.27 -31.53 30.75
C THR H 302 7.40 -31.55 29.50
N ALA H 303 6.19 -31.00 29.60
CA ALA H 303 5.29 -30.94 28.46
C ALA H 303 5.91 -30.12 27.32
N ALA H 304 6.52 -29.00 27.69
CA ALA H 304 7.16 -28.13 26.69
C ALA H 304 8.34 -28.83 26.05
N ALA H 305 9.07 -29.60 26.85
CA ALA H 305 10.25 -30.32 26.37
C ALA H 305 9.88 -31.36 25.31
N HIS H 306 8.77 -32.07 25.52
CA HIS H 306 8.34 -33.08 24.55
C HIS H 306 7.95 -32.41 23.24
N LEU H 307 7.19 -31.32 23.33
CA LEU H 307 6.78 -30.61 22.14
C LEU H 307 8.00 -30.15 21.35
N ALA H 308 8.98 -29.61 22.05
CA ALA H 308 10.20 -29.12 21.42
C ALA H 308 10.95 -30.23 20.71
N ALA H 309 11.15 -31.34 21.41
CA ALA H 309 11.87 -32.47 20.85
C ALA H 309 11.13 -33.00 19.63
N ALA H 310 9.80 -32.99 19.71
CA ALA H 310 8.96 -33.51 18.63
C ALA H 310 8.87 -32.66 17.37
N GLN H 311 9.15 -31.37 17.48
CA GLN H 311 9.04 -30.46 16.34
C GLN H 311 10.35 -29.95 15.78
N LYS H 312 10.53 -30.15 14.47
CA LYS H 312 11.73 -29.72 13.79
C LYS H 312 11.92 -28.20 13.82
N ASN H 313 10.83 -27.46 13.62
CA ASN H 313 10.91 -25.99 13.57
C ASN H 313 11.17 -25.31 14.91
N ILE H 314 10.99 -26.05 16.01
CA ILE H 314 11.27 -25.49 17.33
C ILE H 314 12.75 -25.83 17.57
N THR H 315 13.62 -24.98 17.06
CA THR H 315 15.06 -25.17 17.08
C THR H 315 15.85 -24.61 18.26
N ARG H 316 15.20 -23.88 19.16
CA ARG H 316 15.88 -23.33 20.32
C ARG H 316 15.07 -23.66 21.55
N ALA H 317 15.70 -23.67 22.72
CA ALA H 317 14.96 -23.98 23.94
C ALA H 317 15.44 -23.18 25.13
N ASP H 318 14.48 -22.63 25.86
CA ASP H 318 14.74 -21.86 27.06
C ASP H 318 13.79 -22.43 28.11
N LEU H 319 14.13 -23.61 28.61
CA LEU H 319 13.33 -24.31 29.60
C LEU H 319 14.15 -24.52 30.87
N ASP H 320 14.32 -23.44 31.63
CA ASP H 320 15.12 -23.46 32.84
C ASP H 320 14.39 -23.24 34.16
N ALA H 321 13.07 -23.28 34.13
CA ALA H 321 12.28 -23.06 35.34
C ALA H 321 12.58 -24.03 36.49
N THR H 322 12.77 -25.31 36.19
CA THR H 322 13.05 -26.28 37.25
C THR H 322 14.37 -26.04 37.99
N PHE H 323 15.35 -25.46 37.30
CA PHE H 323 16.66 -25.23 37.92
C PHE H 323 16.64 -24.38 39.18
N GLY H 324 15.65 -23.51 39.33
CA GLY H 324 15.59 -22.65 40.50
C GLY H 324 14.63 -23.13 41.59
N LEU H 325 14.00 -24.27 41.37
CA LEU H 325 13.05 -24.83 42.33
C LEU H 325 13.74 -25.51 43.51
N GLU H 326 13.25 -25.27 44.71
CA GLU H 326 13.82 -25.88 45.90
C GLU H 326 13.46 -27.37 45.92
N THR H 327 12.27 -27.67 45.40
CA THR H 327 11.77 -29.04 45.37
C THR H 327 10.79 -29.23 44.21
N ALA H 328 10.52 -30.48 43.84
CA ALA H 328 9.60 -30.79 42.76
C ALA H 328 8.22 -31.15 43.31
N PRO H 329 7.15 -30.60 42.71
CA PRO H 329 5.78 -30.87 43.16
C PRO H 329 5.29 -32.27 42.78
N VAL H 330 6.01 -32.94 41.87
CA VAL H 330 5.64 -34.28 41.44
C VAL H 330 6.87 -35.13 41.17
N THR H 331 6.63 -36.40 40.85
CA THR H 331 7.72 -37.34 40.58
C THR H 331 7.89 -37.62 39.10
N GLY H 332 9.14 -37.74 38.67
CA GLY H 332 9.41 -38.00 37.27
C GLY H 332 9.44 -36.72 36.46
N GLY H 333 9.65 -36.85 35.15
CA GLY H 333 9.71 -35.69 34.30
C GLY H 333 11.08 -35.06 34.32
N VAL H 334 11.20 -33.87 33.75
CA VAL H 334 12.47 -33.16 33.70
C VAL H 334 12.91 -32.89 35.14
N SER H 335 14.17 -33.20 35.45
CA SER H 335 14.69 -33.03 36.80
C SER H 335 15.07 -31.61 37.20
N LEU H 336 15.17 -31.42 38.51
CA LEU H 336 15.53 -30.13 39.09
C LEU H 336 16.98 -29.79 38.79
N GLU H 337 17.74 -30.78 38.32
CA GLU H 337 19.14 -30.57 38.02
C GLU H 337 19.38 -29.50 36.98
N ALA H 338 20.31 -28.60 37.27
CA ALA H 338 20.66 -27.53 36.33
C ALA H 338 21.59 -28.09 35.27
N LYS H 339 21.02 -28.67 34.22
CA LYS H 339 21.79 -29.26 33.14
C LYS H 339 21.23 -28.80 31.78
N PRO H 340 22.10 -28.61 30.78
CA PRO H 340 21.65 -28.17 29.45
C PRO H 340 20.90 -29.26 28.69
N LEU H 341 21.29 -30.51 28.89
CA LEU H 341 20.63 -31.60 28.20
C LEU H 341 19.40 -32.10 28.92
N LEU H 342 18.28 -32.18 28.19
CA LEU H 342 17.03 -32.68 28.74
C LEU H 342 16.66 -33.90 27.93
N GLU H 343 16.90 -35.07 28.51
CA GLU H 343 16.62 -36.33 27.83
C GLU H 343 15.26 -36.87 28.23
N LEU H 344 14.40 -37.07 27.24
CA LEU H 344 13.08 -37.61 27.48
C LEU H 344 13.22 -39.12 27.46
N GLY H 345 12.48 -39.80 28.34
CA GLY H 345 12.58 -41.25 28.40
C GLY H 345 11.60 -41.96 27.48
N GLU H 346 11.36 -43.23 27.78
CA GLU H 346 10.46 -44.06 27.00
C GLU H 346 9.09 -44.18 27.66
N ALA H 347 8.97 -43.63 28.87
CA ALA H 347 7.73 -43.67 29.62
C ALA H 347 6.59 -43.07 28.79
N ALA H 348 5.40 -43.64 28.92
CA ALA H 348 4.23 -43.14 28.19
C ALA H 348 3.85 -41.75 28.68
N GLY H 349 3.34 -40.93 27.78
CA GLY H 349 2.93 -39.58 28.15
C GLY H 349 4.10 -38.75 28.64
N LEU H 350 3.93 -38.11 29.80
CA LEU H 350 4.96 -37.27 30.40
C LEU H 350 5.89 -38.04 31.33
N GLY H 351 5.42 -39.22 31.76
CA GLY H 351 6.21 -40.05 32.66
C GLY H 351 6.25 -39.43 34.04
N ILE H 352 5.14 -38.79 34.41
CA ILE H 352 5.00 -38.11 35.69
C ILE H 352 3.95 -38.78 36.56
N SER H 353 4.17 -38.79 37.88
CA SER H 353 3.22 -39.38 38.82
C SER H 353 3.26 -38.62 40.13
N HIS H 354 2.23 -38.81 40.95
CA HIS H 354 2.15 -38.13 42.24
C HIS H 354 1.66 -39.10 43.32
N LEU I . 11.14 27.99 23.21
CA LEU I . 10.38 28.93 22.34
C LEU I . 10.24 28.39 20.92
O LEU I . 11.20 27.84 20.36
CB LEU I . 11.10 30.29 22.27
CG LEU I . 11.36 31.07 23.56
CD1 LEU I . 12.04 32.38 23.24
CD2 LEU I . 10.04 31.32 24.28
N TYR J . 9.05 28.55 20.33
CA TYR J . 8.78 28.12 18.96
C TYR J . 9.34 26.74 18.62
O TYR J . 9.30 25.86 19.50
CB TYR J . 9.35 29.15 17.97
CG TYR J . 8.80 30.55 18.14
CD1 TYR J . 9.65 31.66 18.07
CD2 TYR J . 7.43 30.79 18.33
CE1 TYR J . 9.15 32.96 18.18
CE2 TYR J . 6.92 32.09 18.43
CZ TYR J . 7.80 33.17 18.35
OH TYR J . 7.32 34.46 18.45
OXT TYR J . 9.81 26.57 17.47
MG MG K . 9.90 24.10 17.63
N LEU L . -26.51 -4.49 28.14
CA LEU L . -25.66 -5.60 28.70
C LEU L . -24.76 -6.21 27.63
O LEU L . -25.21 -6.51 26.53
CB LEU L . -26.55 -6.69 29.30
CG LEU L . -27.46 -6.29 30.47
CD1 LEU L . -28.29 -7.47 30.91
CD2 LEU L . -26.62 -5.78 31.62
N TYR M . -23.49 -6.41 27.97
CA TYR M . -22.53 -7.02 27.05
C TYR M . -22.62 -6.45 25.64
O TYR M . -22.86 -5.24 25.51
CB TYR M . -22.74 -8.54 26.99
CG TYR M . -22.61 -9.22 28.34
CD1 TYR M . -23.57 -10.13 28.76
CD2 TYR M . -21.52 -8.97 29.16
CE1 TYR M . -23.45 -10.79 29.98
CE2 TYR M . -21.38 -9.63 30.39
CZ TYR M . -22.36 -10.53 30.78
OH TYR M . -22.25 -11.18 32.00
OXT TYR M . -22.43 -7.23 24.68
MG MG N . -22.04 -5.91 22.86
N LEU O . 26.19 -24.35 -13.94
CA LEU O . 25.30 -25.50 -13.57
C LEU O . 24.34 -25.11 -12.43
O LEU O . 24.75 -24.44 -11.47
CB LEU O . 26.14 -26.70 -13.14
CG LEU O . 27.22 -27.19 -14.12
CD1 LEU O . 28.05 -28.29 -13.47
CD2 LEU O . 26.56 -27.71 -15.40
N TYR P . 23.08 -25.52 -12.54
CA TYR P . 22.08 -25.23 -11.51
C TYR P . 22.05 -23.76 -11.10
O TYR P . 22.62 -22.91 -11.83
CB TYR P . 22.34 -26.09 -10.28
CG TYR P . 22.13 -27.58 -10.51
CD1 TYR P . 23.01 -28.51 -9.96
CD2 TYR P . 21.07 -28.04 -11.28
CE1 TYR P . 22.83 -29.88 -10.16
CE2 TYR P . 20.87 -29.41 -11.48
CZ TYR P . 21.76 -30.32 -10.93
OH TYR P . 21.57 -31.66 -11.13
OXT TYR P . 21.44 -23.46 -10.06
MG MG Q . 21.63 -21.02 -9.95
N LEU R . -10.58 0.90 -37.12
CA LEU R . -9.68 2.09 -37.23
C LEU R . -9.51 2.80 -35.89
O LEU R . -10.46 2.92 -35.12
CB LEU R . -10.25 3.11 -38.23
CG LEU R . -10.39 2.71 -39.70
CD1 LEU R . -11.25 3.74 -40.41
CD2 LEU R . -9.02 2.63 -40.34
N TYR S . -8.29 3.28 -35.62
CA TYR S . -8.00 4.00 -34.39
C TYR S . -8.56 3.32 -33.16
O TYR S . -8.52 2.07 -33.11
CB TYR S . -8.55 5.42 -34.48
CG TYR S . -7.98 6.24 -35.62
CD1 TYR S . -8.80 7.02 -36.44
CD2 TYR S . -6.61 6.24 -35.88
CE1 TYR S . -8.27 7.78 -37.48
CE2 TYR S . -6.07 6.99 -36.92
CZ TYR S . -6.89 7.76 -37.71
OH TYR S . -6.36 8.50 -38.74
OXT TYR S . -9.03 4.04 -32.26
MG MG T . -9.28 2.62 -30.44
N LEU U . -22.02 30.82 -2.74
CA LEU U . -21.46 31.26 -1.43
C LEU U . -21.05 30.06 -0.57
O LEU U . -21.77 29.06 -0.50
CB LEU U . -22.52 32.05 -0.65
CG LEU U . -23.04 33.35 -1.26
CD1 LEU U . -24.16 33.92 -0.41
CD2 LEU U . -21.89 34.34 -1.37
N TYR V . -19.90 30.17 0.08
CA TYR V . -19.37 29.13 0.96
C TYR V . -19.40 27.74 0.32
O TYR V . -19.16 27.64 -0.90
CB TYR V . -20.17 29.10 2.27
CG TYR V . -20.10 30.38 3.06
CD1 TYR V . -21.22 30.87 3.73
CD2 TYR V . -18.91 31.10 3.18
CE1 TYR V . -21.17 32.04 4.49
CE2 TYR V . -18.84 32.28 3.94
CZ TYR V . -19.98 32.74 4.59
OH TYR V . -19.93 33.89 5.34
OXT TYR V . -19.63 26.76 1.06
MG MG W . -18.97 24.95 -0.47
N LEU X . 23.26 22.18 -21.98
CA LEU X . 22.74 21.43 -23.16
C LEU X . 22.21 20.05 -22.78
O LEU X . 22.85 19.32 -22.02
CB LEU X . 23.85 21.29 -24.22
CG LEU X . 24.38 22.62 -24.78
CD1 LEU X . 25.51 22.35 -25.76
CD2 LEU X . 23.26 23.35 -25.46
N TYR Y . 21.04 19.70 -23.31
CA TYR Y . 20.41 18.40 -23.05
C TYR Y . 20.42 17.99 -21.58
O TYR Y . 20.40 18.88 -20.71
CB TYR Y . 21.09 17.31 -23.87
CG TYR Y . 21.06 17.56 -25.37
CD1 TYR Y . 22.24 17.51 -26.11
CD2 TYR Y . 19.87 17.83 -26.04
CE1 TYR Y . 22.23 17.71 -27.49
CE2 TYR Y . 19.84 18.04 -27.42
CZ TYR Y . 21.04 17.98 -28.14
OH TYR Y . 21.07 18.18 -29.50
OXT TYR Y . 20.43 16.76 -21.32
MG MG Z . 20.02 16.46 -19.13
N LEU AA . -15.06 -34.66 -6.58
CA LEU AA . -13.89 -34.98 -7.46
C LEU AA . -13.30 -33.69 -8.03
O LEU AA . -14.04 -32.79 -8.43
CB LEU AA . -14.34 -35.89 -8.61
CG LEU AA . -15.14 -37.14 -8.22
CD1 LEU AA . -15.56 -37.89 -9.47
CD2 LEU AA . -14.30 -38.04 -7.31
N TYR BA . -11.98 -33.60 -8.06
CA TYR BA . -11.29 -32.43 -8.60
C TYR BA . -11.83 -31.11 -8.05
O TYR BA . -12.53 -31.14 -7.02
CB TYR BA . -11.39 -32.42 -10.14
CG TYR BA . -10.71 -33.59 -10.81
CD1 TYR BA . -11.29 -34.22 -11.91
CD2 TYR BA . -9.48 -34.07 -10.35
CE1 TYR BA . -10.68 -35.30 -12.53
CE2 TYR BA . -8.86 -35.15 -10.96
CZ TYR BA . -9.46 -35.76 -12.07
OH TYR BA . -8.85 -36.82 -12.69
OXT TYR BA . -11.55 -30.06 -8.68
MG MG CA . -12.35 -28.25 -7.25
N LEU DA . 13.73 -18.38 31.01
CA LEU DA . 12.57 -17.80 31.76
C LEU DA . 12.05 -16.52 31.12
O LEU DA . 12.83 -15.67 30.69
CB LEU DA . 12.97 -17.47 33.21
CG LEU DA . 13.41 -18.65 34.09
CD1 LEU DA . 14.01 -18.12 35.37
CD2 LEU DA . 12.20 -19.54 34.39
N TYR EA . 10.73 -16.39 31.04
CA TYR EA . 10.09 -15.21 30.47
C TYR EA . 10.69 -14.80 29.14
O TYR EA . 11.13 -15.68 28.39
CB TYR EA . 10.18 -14.05 31.48
CG TYR EA . 9.51 -14.32 32.80
CD1 TYR EA . 10.17 -14.08 34.01
CD2 TYR EA . 8.20 -14.82 32.85
CE1 TYR EA . 9.54 -14.33 35.23
CE2 TYR EA . 7.58 -15.08 34.07
CZ TYR EA . 8.24 -14.82 35.25
OH TYR EA . 7.62 -15.07 36.45
OXT TYR EA . 10.68 -13.58 28.86
MG MG FA . 11.22 -13.40 26.69
#